data_7TB8
#
_entry.id   7TB8
#
_cell.length_a   1.00
_cell.length_b   1.00
_cell.length_c   1.00
_cell.angle_alpha   90.00
_cell.angle_beta   90.00
_cell.angle_gamma   90.00
#
_symmetry.space_group_name_H-M   'P 1'
#
loop_
_entity.id
_entity.type
_entity.pdbx_description
1 polymer 'Spike glycoprotein'
2 polymer 'The heavy chain of SARS-CoV-2 antibody A19-61.1'
3 polymer 'The light chain of SARS-COV-2 antibody A19-61.1'
4 polymer 'The heavy chain of SARS-CoV-2 antiboddy antibody B1-182.1'
5 polymer 'The light chain of SARS-COV-2 antibody B1-182.1'
6 branched 2-acetamido-2-deoxy-beta-D-glucopyranose-(1-4)-2-acetamido-2-deoxy-beta-D-glucopyranose
7 branched 2-acetamido-2-deoxy-beta-D-glucopyranose-(1-3)-2-acetamido-2-deoxy-beta-D-glucopyranose
8 non-polymer 2-acetamido-2-deoxy-beta-D-glucopyranose
#
loop_
_entity_poly.entity_id
_entity_poly.type
_entity_poly.pdbx_seq_one_letter_code
_entity_poly.pdbx_strand_id
1 'polypeptide(L)'
;QCVNLTTRTQLPPAYTNSFTRGVYYPDKVFRSSVLHSTQDLFLPFFSNVTWFHAIHVSGTNGTKRFDNPVLPFNDGVYFA
STEKSNIIRGWIFGTTLDSKTQSLLIVNNATNVVIKVCEFQFCNDPFLGVYYHKNNKSWMESEFRVYSSANNCTFEYVSQ
PFLMDLEGKQGNFKNLREFVFKNIDGYFKIYSKHTPINLVRDLPQGFSALEPLVDLPIGINITRFQTLLALHRSYLTPGD
SSSGWTAGAAAYYVGYLQPRTFLLKYNENGTITDAVDCALDPLSETKCTLKSFTVEKGIYQTSNFRVQPTESIVRFPNIT
NLCPFGEVFNATRFASVYAWNRKRISNCVADYSVLYNSASFSTFKCYGVSPTKLNDLCFTNVYADSFVIRGDEVRQIAPG
QTGKIADYNYKLPDDFTGCVIAWNSNNLDSKVGGNYNYLYRLFRKSNLKPFERDISTEIYQAGSTPCNGVEGFNCYFPLQ
SYGFQPTNGVGYQPYRVVVLSFELLHAPATVCGPKKSTNLVKNKCVNFNFNGLTGTGVLTESNKKFLPFQQFGRDIADTT
DAVRDPQTLEILDITPCSFGGVSVITPGTNTSNQVAVLYQDVNCTEVPVAIHADQLTPTWRVYSTGSNVFQTRAGCLIGA
EHVNNSYECDIPIGAGICASYQTQTNSPGSASSVASQSIIAYTMSLGAENSVAYSNNSIAIPTNFTISVTTEILPVSMTK
TSVDCTMYICGDSTECSNLLLQYGSFCTQLNRALTGIAVEQDKNTQEVFAQVKQIYKTPPIKDFGGFNFSQILPDPSKPS
KRSFIEDLLFNKVTLADAGFIKQYGDCLGDIAARDLICAQKFNGLTVLPPLLTDEMIAQYTSALLAGTITSGWTFGAGAA
LQIPFAMQMAYRFNGIGVTQNVLYENQKLIANQFNSAIGKIQDSLSSTASALGKLQDVVNQNAQALNTLVKQLSSNFGAI
SSVLNDILSRLDPPEAEVQIDRLITGRLQSLQTYVTQQLIRAAEIRASANLAATKMSECVLGQSKRVDFCGKGYHLMSFP
QSAPHGVVFLHVTYVPAQEKNFTTAPAICHDGKAHFPREGVFVSNGTHWFVTQRNFYEPQIITTDNTFVSGNCDVVIGIV
NNTVYDPLQPELDSFKEELDKYFKNHTSPDVDLGDISGINASVVNIQKEIDRLNEVAKNLNESLIDLQELGKYEQ
;
A,B,C
2 'polypeptide(L)'
;QVQLVESGGGVVQPGRSLRLSCAASGFTFSSYAFHWVRQAPGKGLEWVAVISYDGSNQYYADSVKGRFTISRDNSKNTLY
LQMNSLRADDTAVYYCARDLAIAVAGTWHYYNGMDVWGQGTTVTVSS
;
D,F,J
3 'polypeptide(L)'
;DIQMTQSPSSVSASVGDRVIITCRASQGISSWLAWYQQKPGKAPKVLIYDASSLQSGVPSRFSGSGYGTDFTLTISSLQP
EDSATYYCQQAKSFPITFGQGTRLEIK
;
E,G,K
4 'polypeptide(L)'
;QMQLVQSGPEVKKPGTSVKVSCKASGFTFTSSAVQWVRQARGQRLEWIGWIVVGSGNTNYAQKFQERVTITRDMSTSTAY
MELSSLRSEDTAVYYCAAPYCSGGSCFDGFDIWGQGTMVTVSS
;
H
5 'polypeptide(L)'
;EIVLTQSPGTLSLSPGERATLSCRASQSVSSSYLAWYQQKPGQAPRLLIYGASSRATGFPDRFSGSGSGTDFTLTISRLE
PEDFAVYYCQQYGNSPWTFGQGTKVEIR
;
L
#
# COMPACT_ATOMS: atom_id res chain seq x y z
N GLN A 1 -61.88 6.75 0.51
CA GLN A 1 -62.51 7.57 -0.52
C GLN A 1 -61.48 8.06 -1.53
N CYS A 2 -61.59 7.60 -2.78
CA CYS A 2 -60.70 8.04 -3.85
C CYS A 2 -61.17 9.31 -4.53
N VAL A 3 -62.30 9.88 -4.09
CA VAL A 3 -62.90 11.13 -4.58
C VAL A 3 -62.75 11.33 -6.08
N ASN A 4 -61.52 11.48 -6.58
CA ASN A 4 -61.24 11.72 -7.99
C ASN A 4 -61.96 12.97 -8.49
N LEU A 5 -61.56 14.11 -7.94
CA LEU A 5 -62.14 15.39 -8.32
C LEU A 5 -61.85 15.71 -9.79
N THR A 6 -62.56 16.71 -10.30
CA THR A 6 -62.54 17.04 -11.73
C THR A 6 -62.49 18.55 -11.89
N THR A 7 -62.86 19.03 -13.08
CA THR A 7 -62.88 20.45 -13.43
C THR A 7 -61.49 21.09 -13.27
N ARG A 8 -60.57 20.62 -14.11
CA ARG A 8 -59.17 21.04 -14.06
C ARG A 8 -58.87 21.99 -15.22
N THR A 9 -58.34 23.16 -14.90
CA THR A 9 -58.01 24.16 -15.91
C THR A 9 -56.49 24.24 -16.10
N GLN A 10 -56.07 24.33 -17.35
CA GLN A 10 -54.66 24.24 -17.72
C GLN A 10 -54.08 25.62 -17.99
N LEU A 11 -52.89 25.86 -17.44
CA LEU A 11 -52.09 27.05 -17.72
C LEU A 11 -50.62 26.63 -17.72
N PRO A 12 -49.76 27.31 -18.48
CA PRO A 12 -48.35 26.93 -18.50
C PRO A 12 -47.69 27.23 -17.17
N PRO A 13 -46.66 26.48 -16.79
CA PRO A 13 -45.96 26.78 -15.53
C PRO A 13 -45.08 28.00 -15.68
N ALA A 14 -45.11 28.85 -14.66
CA ALA A 14 -44.34 30.09 -14.64
C ALA A 14 -43.07 29.91 -13.81
N TYR A 15 -42.01 30.56 -14.24
CA TYR A 15 -40.73 30.51 -13.55
C TYR A 15 -40.41 31.89 -12.98
N THR A 16 -39.48 31.91 -12.02
CA THR A 16 -38.93 33.14 -11.49
C THR A 16 -37.51 32.85 -11.01
N ASN A 17 -36.87 33.84 -10.39
CA ASN A 17 -35.44 33.80 -10.14
C ASN A 17 -35.16 33.69 -8.65
N SER A 18 -34.05 33.01 -8.31
CA SER A 18 -33.64 32.79 -6.92
C SER A 18 -32.62 33.85 -6.55
N PHE A 19 -33.08 34.89 -5.86
CA PHE A 19 -32.24 36.03 -5.50
C PHE A 19 -31.50 35.74 -4.21
N THR A 20 -30.38 35.03 -4.31
CA THR A 20 -29.51 34.71 -3.18
C THR A 20 -30.31 34.11 -2.02
N ARG A 21 -30.92 32.95 -2.29
CA ARG A 21 -31.77 32.30 -1.32
C ARG A 21 -31.49 30.80 -1.32
N GLY A 22 -31.77 30.16 -0.18
CA GLY A 22 -31.63 28.72 -0.08
C GLY A 22 -30.32 28.26 0.52
N VAL A 23 -29.91 28.87 1.63
CA VAL A 23 -28.67 28.53 2.31
C VAL A 23 -29.01 28.03 3.71
N TYR A 24 -28.44 26.88 4.08
CA TYR A 24 -28.66 26.29 5.38
C TYR A 24 -27.33 25.98 6.05
N TYR A 25 -27.35 25.85 7.36
CA TYR A 25 -26.15 25.50 8.11
C TYR A 25 -25.76 24.07 7.81
N PRO A 26 -24.56 23.81 7.30
CA PRO A 26 -24.22 22.43 6.91
C PRO A 26 -23.90 21.53 8.09
N ASP A 27 -23.47 22.06 9.22
CA ASP A 27 -22.99 21.26 10.33
C ASP A 27 -23.48 21.87 11.64
N LYS A 28 -23.06 21.28 12.75
CA LYS A 28 -23.40 21.75 14.09
C LYS A 28 -22.17 22.34 14.80
N VAL A 29 -21.35 23.08 14.07
CA VAL A 29 -20.10 23.61 14.57
C VAL A 29 -20.18 25.13 14.61
N PHE A 30 -19.73 25.71 15.72
CA PHE A 30 -19.80 27.15 15.92
C PHE A 30 -18.54 27.82 15.39
N ARG A 31 -18.71 28.98 14.76
CA ARG A 31 -17.60 29.76 14.22
C ARG A 31 -17.88 31.23 14.46
N SER A 32 -16.82 32.03 14.40
CA SER A 32 -16.94 33.45 14.71
C SER A 32 -15.99 34.26 13.85
N SER A 33 -16.55 35.17 13.05
CA SER A 33 -15.77 36.12 12.26
C SER A 33 -14.75 35.42 11.36
N VAL A 34 -15.21 34.38 10.66
CA VAL A 34 -14.35 33.58 9.81
C VAL A 34 -15.06 33.35 8.48
N LEU A 35 -14.28 33.07 7.45
CA LEU A 35 -14.78 32.63 6.16
C LEU A 35 -14.48 31.15 6.00
N HIS A 36 -15.50 30.35 5.68
CA HIS A 36 -15.35 28.91 5.61
C HIS A 36 -15.79 28.41 4.24
N SER A 37 -15.03 27.49 3.68
CA SER A 37 -15.34 26.93 2.37
C SER A 37 -15.91 25.52 2.55
N THR A 38 -17.11 25.29 2.01
CA THR A 38 -17.79 24.02 2.16
C THR A 38 -18.19 23.49 0.79
N GLN A 39 -18.34 22.17 0.70
CA GLN A 39 -18.69 21.49 -0.54
C GLN A 39 -19.84 20.54 -0.25
N ASP A 40 -21.04 20.87 -0.73
CA ASP A 40 -22.22 20.12 -0.37
C ASP A 40 -23.34 20.44 -1.35
N LEU A 41 -24.53 19.91 -1.10
CA LEU A 41 -25.67 20.10 -1.98
C LEU A 41 -26.38 21.41 -1.64
N PHE A 42 -26.41 22.33 -2.59
CA PHE A 42 -26.98 23.65 -2.37
C PHE A 42 -27.85 24.04 -3.55
N LEU A 43 -28.68 25.05 -3.35
CA LEU A 43 -29.47 25.64 -4.43
C LEU A 43 -28.63 26.72 -5.11
N PRO A 44 -28.27 26.56 -6.39
CA PRO A 44 -27.39 27.55 -7.03
C PRO A 44 -28.03 28.92 -7.12
N PHE A 45 -27.18 29.94 -7.10
CA PHE A 45 -27.65 31.31 -7.20
C PHE A 45 -28.26 31.57 -8.56
N PHE A 46 -29.30 32.42 -8.57
CA PHE A 46 -29.93 32.91 -9.80
C PHE A 46 -30.37 31.76 -10.70
N SER A 47 -31.02 30.77 -10.10
CA SER A 47 -31.57 29.65 -10.83
C SER A 47 -33.04 29.91 -11.12
N ASN A 48 -33.67 29.02 -11.88
CA ASN A 48 -35.08 29.14 -12.25
C ASN A 48 -35.91 28.31 -11.28
N VAL A 49 -36.64 28.99 -10.41
CA VAL A 49 -37.51 28.34 -9.43
C VAL A 49 -38.95 28.47 -9.91
N THR A 50 -39.70 27.37 -9.86
CA THR A 50 -41.04 27.39 -10.42
C THR A 50 -41.97 28.23 -9.54
N TRP A 51 -43.10 28.64 -10.12
CA TRP A 51 -44.08 29.49 -9.43
C TRP A 51 -45.45 28.84 -9.56
N PHE A 52 -45.79 27.99 -8.59
CA PHE A 52 -47.13 27.43 -8.55
C PHE A 52 -48.08 28.40 -7.84
N HIS A 53 -49.27 28.56 -8.41
CA HIS A 53 -50.27 29.44 -7.85
C HIS A 53 -51.60 28.70 -7.76
N ALA A 54 -52.45 29.17 -6.86
CA ALA A 54 -53.78 28.59 -6.66
C ALA A 54 -54.73 29.74 -6.34
N ILE A 55 -55.47 30.21 -7.35
CA ILE A 55 -56.40 31.32 -7.21
C ILE A 55 -57.61 31.06 -8.09
N HIS A 56 -58.79 31.44 -7.61
CA HIS A 56 -60.03 31.22 -8.34
C HIS A 56 -60.37 32.36 -9.30
N VAL A 57 -60.11 33.60 -8.91
CA VAL A 57 -60.40 34.77 -9.74
C VAL A 57 -61.87 34.79 -10.16
N THR A 63 -59.64 31.13 -12.19
CA THR A 63 -60.30 29.97 -12.79
C THR A 63 -59.80 28.68 -12.16
N LYS A 64 -60.34 28.33 -10.99
CA LYS A 64 -59.93 27.15 -10.24
C LYS A 64 -58.44 27.19 -9.96
N ARG A 65 -57.65 26.55 -10.83
CA ARG A 65 -56.19 26.53 -10.72
C ARG A 65 -55.73 25.92 -9.40
N PHE A 66 -56.46 24.90 -8.95
CA PHE A 66 -55.98 24.05 -7.88
C PHE A 66 -54.71 23.38 -8.34
N ASP A 67 -53.70 23.38 -7.47
CA ASP A 67 -52.35 22.99 -7.89
C ASP A 67 -51.84 21.89 -6.96
N ASN A 68 -52.04 20.63 -7.35
CA ASN A 68 -51.43 19.50 -6.64
C ASN A 68 -50.84 18.52 -7.65
N PRO A 69 -49.73 18.92 -8.32
CA PRO A 69 -49.06 17.97 -9.22
C PRO A 69 -48.32 16.87 -8.48
N VAL A 70 -47.54 16.09 -9.20
CA VAL A 70 -46.55 15.21 -8.61
C VAL A 70 -45.18 15.67 -9.08
N LEU A 71 -44.16 15.47 -8.25
CA LEU A 71 -42.81 15.88 -8.60
C LEU A 71 -41.85 14.75 -8.32
N PRO A 72 -40.69 14.74 -8.96
CA PRO A 72 -39.66 13.77 -8.59
C PRO A 72 -38.79 14.26 -7.45
N PHE A 73 -38.14 13.30 -6.78
CA PHE A 73 -37.18 13.57 -5.72
C PHE A 73 -35.86 12.96 -6.17
N ASN A 74 -34.91 13.81 -6.55
CA ASN A 74 -33.64 13.35 -7.09
C ASN A 74 -32.50 13.48 -6.09
N ASP A 75 -32.30 14.67 -5.54
CA ASP A 75 -31.29 14.89 -4.52
C ASP A 75 -31.79 15.71 -3.33
N GLY A 76 -32.83 16.51 -3.49
CA GLY A 76 -33.31 17.36 -2.42
C GLY A 76 -34.26 18.38 -3.00
N VAL A 77 -34.95 19.09 -2.11
CA VAL A 77 -35.96 20.05 -2.55
C VAL A 77 -35.86 21.31 -1.69
N TYR A 78 -35.93 22.46 -2.35
CA TYR A 78 -36.09 23.76 -1.68
C TYR A 78 -37.52 24.22 -1.91
N PHE A 79 -38.32 24.20 -0.86
CA PHE A 79 -39.72 24.61 -0.93
C PHE A 79 -39.84 25.99 -0.31
N ALA A 80 -40.69 26.84 -0.89
CA ALA A 80 -40.96 28.16 -0.33
C ALA A 80 -42.44 28.45 -0.51
N SER A 81 -43.07 28.99 0.52
CA SER A 81 -44.47 29.38 0.45
C SER A 81 -44.63 30.83 0.88
N THR A 82 -45.57 31.53 0.23
CA THR A 82 -45.86 32.91 0.58
C THR A 82 -47.36 33.08 0.58
N GLU A 83 -47.94 33.37 1.74
CA GLU A 83 -49.39 33.48 1.89
C GLU A 83 -49.69 34.11 3.25
N LYS A 84 -50.97 34.16 3.60
CA LYS A 84 -51.41 34.67 4.90
C LYS A 84 -52.46 33.81 5.58
N SER A 85 -53.13 32.89 4.87
CA SER A 85 -54.23 32.12 5.43
C SER A 85 -53.84 30.69 5.78
N ASN A 86 -52.55 30.34 5.65
CA ASN A 86 -52.08 28.97 5.90
C ASN A 86 -52.85 27.97 5.05
N ILE A 87 -52.93 28.25 3.74
CA ILE A 87 -53.67 27.39 2.83
C ILE A 87 -52.99 26.03 2.71
N ILE A 88 -51.65 26.01 2.76
CA ILE A 88 -50.92 24.76 2.63
C ILE A 88 -50.97 24.00 3.95
N ARG A 89 -50.94 22.67 3.86
CA ARG A 89 -51.00 21.81 5.04
C ARG A 89 -49.73 21.01 5.25
N GLY A 90 -49.29 20.24 4.25
CA GLY A 90 -48.13 19.41 4.47
C GLY A 90 -47.64 18.76 3.20
N TRP A 91 -46.84 17.72 3.39
CA TRP A 91 -46.15 17.06 2.29
C TRP A 91 -46.21 15.56 2.47
N ILE A 92 -46.11 14.84 1.35
CA ILE A 92 -46.22 13.39 1.34
C ILE A 92 -45.17 12.85 0.37
N PHE A 93 -44.46 11.82 0.82
CA PHE A 93 -43.22 11.37 0.19
C PHE A 93 -43.31 9.88 -0.04
N GLY A 94 -42.72 9.41 -1.13
CA GLY A 94 -42.67 7.97 -1.34
C GLY A 94 -42.24 7.62 -2.73
N THR A 95 -41.90 6.34 -2.91
CA THR A 95 -41.38 5.84 -4.18
C THR A 95 -42.48 5.32 -5.09
N THR A 96 -43.21 4.29 -4.66
CA THR A 96 -44.24 3.66 -5.48
C THR A 96 -45.62 4.24 -5.27
N LEU A 97 -45.95 4.68 -4.06
CA LEU A 97 -47.26 5.24 -3.74
C LEU A 97 -48.39 4.28 -4.07
N ASP A 98 -48.20 2.99 -3.77
CA ASP A 98 -49.25 2.00 -3.98
C ASP A 98 -49.45 1.13 -2.74
N SER A 99 -49.12 1.67 -1.56
CA SER A 99 -49.23 0.98 -0.28
C SER A 99 -48.36 -0.27 -0.20
N LYS A 100 -47.45 -0.47 -1.15
CA LYS A 100 -46.49 -1.57 -1.10
C LYS A 100 -45.12 -1.15 -0.59
N THR A 101 -44.83 0.15 -0.61
CA THR A 101 -43.57 0.68 -0.13
C THR A 101 -43.84 1.69 0.98
N GLN A 102 -43.01 1.68 2.01
CA GLN A 102 -43.20 2.58 3.14
C GLN A 102 -43.05 4.02 2.68
N SER A 103 -43.99 4.86 3.11
CA SER A 103 -44.06 6.25 2.66
C SER A 103 -44.03 7.18 3.88
N LEU A 104 -44.21 8.48 3.62
CA LEU A 104 -44.11 9.50 4.67
C LEU A 104 -45.22 10.51 4.46
N LEU A 105 -45.81 10.98 5.56
CA LEU A 105 -47.09 11.70 5.54
C LEU A 105 -47.04 12.93 6.45
N ILE A 106 -46.06 13.81 6.27
CA ILE A 106 -45.99 14.98 7.15
C ILE A 106 -47.24 15.83 6.94
N VAL A 107 -48.02 16.01 8.00
CA VAL A 107 -49.27 16.75 7.94
C VAL A 107 -49.33 17.71 9.12
N ASN A 108 -49.83 18.92 8.89
CA ASN A 108 -50.02 19.84 10.01
C ASN A 108 -51.19 19.44 10.87
N ASN A 109 -52.23 18.84 10.28
CA ASN A 109 -53.39 18.32 11.00
C ASN A 109 -54.13 19.43 11.74
N ALA A 110 -55.11 19.05 12.56
CA ALA A 110 -55.91 20.04 13.27
C ALA A 110 -55.16 20.66 14.44
N THR A 111 -54.48 19.84 15.24
CA THR A 111 -53.84 20.32 16.46
C THR A 111 -52.33 20.49 16.32
N ASN A 112 -51.62 19.41 15.98
CA ASN A 112 -50.17 19.41 15.98
C ASN A 112 -49.66 18.68 14.76
N VAL A 113 -48.37 18.88 14.46
CA VAL A 113 -47.74 18.19 13.35
C VAL A 113 -47.61 16.70 13.71
N VAL A 114 -48.06 15.85 12.81
CA VAL A 114 -48.04 14.40 12.97
C VAL A 114 -47.29 13.78 11.81
N ILE A 115 -46.50 12.76 12.08
CA ILE A 115 -45.67 12.09 11.09
C ILE A 115 -45.85 10.59 11.22
N LYS A 116 -45.99 9.90 10.10
CA LYS A 116 -46.10 8.45 10.09
C LYS A 116 -45.13 7.88 9.08
N VAL A 117 -44.89 6.57 9.18
CA VAL A 117 -44.11 5.82 8.19
C VAL A 117 -44.88 4.58 7.75
N CYS A 118 -46.16 4.50 8.10
CA CYS A 118 -47.01 3.41 7.67
C CYS A 118 -47.17 3.43 6.16
N GLU A 119 -47.50 2.27 5.58
CA GLU A 119 -47.89 2.23 4.19
C GLU A 119 -49.34 2.70 4.06
N PHE A 120 -49.59 3.59 3.10
CA PHE A 120 -50.91 4.15 2.89
C PHE A 120 -51.40 3.82 1.50
N GLN A 121 -52.70 3.52 1.39
CA GLN A 121 -53.33 3.20 0.11
C GLN A 121 -53.67 4.50 -0.61
N PHE A 122 -52.65 5.09 -1.23
CA PHE A 122 -52.82 6.37 -1.89
C PHE A 122 -53.74 6.23 -3.10
N CYS A 123 -54.80 7.03 -3.12
CA CYS A 123 -55.70 7.06 -4.27
C CYS A 123 -55.06 7.82 -5.42
N ASN A 124 -55.83 7.99 -6.50
CA ASN A 124 -55.33 8.76 -7.64
C ASN A 124 -55.06 10.21 -7.25
N ASP A 125 -55.96 10.80 -6.46
CA ASP A 125 -55.83 12.19 -6.01
C ASP A 125 -55.96 12.24 -4.50
N PRO A 126 -54.85 12.11 -3.78
CA PRO A 126 -54.88 12.31 -2.32
C PRO A 126 -54.76 13.78 -1.96
N PHE A 127 -55.66 14.26 -1.10
CA PHE A 127 -55.68 15.65 -0.69
C PHE A 127 -56.48 15.75 0.61
N LEU A 128 -56.44 16.93 1.22
CA LEU A 128 -57.20 17.22 2.44
C LEU A 128 -58.03 18.48 2.21
N GLY A 129 -59.03 18.68 3.07
CA GLY A 129 -59.87 19.87 3.00
C GLY A 129 -60.61 20.08 4.30
N VAL A 130 -61.25 21.25 4.39
CA VAL A 130 -62.06 21.60 5.56
C VAL A 130 -63.43 22.03 5.08
N TYR A 131 -64.42 21.84 5.96
CA TYR A 131 -65.81 22.17 5.66
C TYR A 131 -66.19 23.44 6.40
N TYR A 132 -67.27 24.08 5.95
CA TYR A 132 -67.71 25.35 6.49
C TYR A 132 -69.21 25.26 6.82
N HIS A 133 -69.55 25.56 8.07
CA HIS A 133 -70.94 25.56 8.51
C HIS A 133 -71.04 26.33 9.81
N LYS A 134 -72.28 26.67 10.18
CA LYS A 134 -72.56 27.38 11.41
C LYS A 134 -72.83 26.43 12.58
N ASN A 135 -72.94 25.12 12.33
CA ASN A 135 -73.20 24.17 13.40
C ASN A 135 -72.08 24.20 14.44
N ASN A 136 -70.83 24.23 13.99
CA ASN A 136 -69.68 24.32 14.87
C ASN A 136 -68.75 25.40 14.34
N LYS A 137 -68.22 26.22 15.24
CA LYS A 137 -67.33 27.31 14.83
C LYS A 137 -66.05 26.78 14.22
N SER A 138 -65.52 25.67 14.75
CA SER A 138 -64.29 25.10 14.24
C SER A 138 -64.47 24.60 12.81
N TRP A 139 -63.39 24.69 12.03
CA TRP A 139 -63.41 24.21 10.64
C TRP A 139 -62.77 22.82 10.60
N MET A 140 -63.59 21.83 10.93
CA MET A 140 -63.09 20.48 11.13
C MET A 140 -62.51 19.90 9.84
N GLU A 141 -61.47 19.09 10.00
CA GLU A 141 -60.81 18.41 8.89
C GLU A 141 -61.54 17.09 8.64
N SER A 142 -62.79 17.20 8.20
CA SER A 142 -63.58 16.01 7.89
C SER A 142 -63.08 15.29 6.64
N GLU A 143 -62.17 15.90 5.89
CA GLU A 143 -61.61 15.29 4.68
C GLU A 143 -60.34 14.54 5.06
N PHE A 144 -60.37 13.22 4.91
CA PHE A 144 -59.25 12.34 5.22
C PHE A 144 -59.01 11.38 4.07
N ARG A 145 -59.27 11.85 2.85
CA ARG A 145 -59.23 11.00 1.66
C ARG A 145 -57.83 10.97 1.06
N VAL A 146 -56.90 10.43 1.85
CA VAL A 146 -55.53 10.21 1.42
C VAL A 146 -55.22 8.72 1.27
N TYR A 147 -55.81 7.88 2.11
CA TYR A 147 -55.64 6.44 2.00
C TYR A 147 -56.87 5.75 2.57
N SER A 148 -56.87 4.42 2.49
CA SER A 148 -57.97 3.60 2.96
C SER A 148 -57.60 2.73 4.16
N SER A 149 -56.52 1.96 4.05
CA SER A 149 -56.11 1.08 5.13
C SER A 149 -54.58 1.04 5.21
N ALA A 150 -54.06 1.30 6.42
CA ALA A 150 -52.62 1.19 6.69
C ALA A 150 -52.38 -0.16 7.35
N ASN A 151 -51.83 -1.11 6.59
CA ASN A 151 -51.67 -2.47 7.09
C ASN A 151 -50.68 -2.54 8.26
N ASN A 152 -49.54 -1.88 8.13
CA ASN A 152 -48.54 -1.93 9.20
C ASN A 152 -47.75 -0.64 9.22
N CYS A 153 -47.07 -0.41 10.35
CA CYS A 153 -46.31 0.81 10.58
C CYS A 153 -44.93 0.45 11.11
N THR A 154 -44.00 1.41 11.01
CA THR A 154 -42.67 1.26 11.57
C THR A 154 -42.23 2.44 12.42
N PHE A 155 -42.82 3.62 12.26
CA PHE A 155 -42.49 4.78 13.07
C PHE A 155 -43.73 5.65 13.19
N GLU A 156 -43.68 6.58 14.14
CA GLU A 156 -44.77 7.53 14.35
C GLU A 156 -44.27 8.63 15.26
N TYR A 157 -44.67 9.88 14.96
CA TYR A 157 -44.19 11.04 15.69
C TYR A 157 -45.31 12.06 15.80
N VAL A 158 -45.30 12.80 16.90
CA VAL A 158 -46.12 14.01 17.08
C VAL A 158 -45.20 15.08 17.65
N SER A 159 -45.28 16.29 17.11
CA SER A 159 -44.40 17.35 17.57
C SER A 159 -45.16 18.67 17.66
N GLN A 160 -44.43 19.74 17.94
CA GLN A 160 -45.03 21.06 18.11
C GLN A 160 -45.23 21.71 16.75
N PRO A 161 -46.45 22.14 16.42
CA PRO A 161 -46.65 22.86 15.15
C PRO A 161 -46.08 24.27 15.22
N PHE A 162 -45.67 24.78 14.07
CA PHE A 162 -45.14 26.14 13.98
C PHE A 162 -46.25 27.16 14.19
N LEU A 163 -45.87 28.33 14.70
CA LEU A 163 -46.80 29.41 14.98
C LEU A 163 -46.68 30.50 13.91
N MET A 164 -47.81 31.13 13.62
CA MET A 164 -47.92 32.09 12.53
C MET A 164 -48.73 33.31 12.97
N ASP A 165 -49.07 34.16 11.99
CA ASP A 165 -49.90 35.32 12.25
C ASP A 165 -51.33 34.95 12.62
N LEU A 166 -51.78 33.75 12.25
CA LEU A 166 -53.14 33.27 12.54
C LEU A 166 -54.19 34.22 11.98
N GLU A 167 -54.00 34.62 10.72
CA GLU A 167 -54.89 35.55 10.05
C GLU A 167 -55.74 34.80 9.03
N GLY A 168 -57.06 34.87 9.20
CA GLY A 168 -57.98 34.26 8.26
C GLY A 168 -58.49 35.23 7.21
N LYS A 169 -57.58 36.00 6.62
CA LYS A 169 -57.92 37.02 5.64
C LYS A 169 -57.18 36.75 4.33
N GLN A 170 -57.34 37.68 3.38
CA GLN A 170 -56.70 37.59 2.08
C GLN A 170 -56.07 38.93 1.69
N GLY A 171 -55.35 39.54 2.62
CA GLY A 171 -54.65 40.79 2.37
C GLY A 171 -53.29 40.58 1.75
N ASN A 172 -52.43 41.58 1.89
CA ASN A 172 -51.07 41.47 1.39
C ASN A 172 -50.31 40.38 2.14
N PHE A 173 -49.46 39.67 1.41
CA PHE A 173 -48.77 38.51 1.97
C PHE A 173 -47.80 38.93 3.07
N LYS A 174 -47.85 38.21 4.18
CA LYS A 174 -46.97 38.48 5.31
C LYS A 174 -46.19 37.22 5.71
N ASN A 175 -46.81 36.05 5.52
CA ASN A 175 -46.23 34.79 5.95
C ASN A 175 -45.38 34.21 4.82
N LEU A 176 -44.06 34.14 5.05
CA LEU A 176 -43.13 33.53 4.11
C LEU A 176 -42.35 32.43 4.81
N ARG A 177 -42.41 31.23 4.25
CA ARG A 177 -41.81 30.03 4.84
C ARG A 177 -40.82 29.41 3.86
N GLU A 178 -39.64 29.04 4.35
CA GLU A 178 -38.66 28.28 3.58
C GLU A 178 -38.42 26.93 4.23
N PHE A 179 -38.24 25.91 3.38
CA PHE A 179 -37.98 24.56 3.83
C PHE A 179 -36.97 23.91 2.89
N VAL A 180 -36.15 23.02 3.44
CA VAL A 180 -35.21 22.22 2.65
C VAL A 180 -35.34 20.78 3.09
N PHE A 181 -35.56 19.88 2.13
CA PHE A 181 -35.71 18.46 2.38
C PHE A 181 -34.56 17.70 1.73
N LYS A 182 -33.90 16.84 2.50
CA LYS A 182 -32.76 16.07 2.04
C LYS A 182 -32.84 14.66 2.61
N ASN A 183 -32.19 13.71 1.94
CA ASN A 183 -32.22 12.30 2.35
C ASN A 183 -30.89 11.66 1.98
N ILE A 184 -30.08 11.34 2.98
CA ILE A 184 -28.79 10.67 2.77
C ILE A 184 -28.54 9.66 3.88
N ASP A 185 -27.97 8.52 3.51
CA ASP A 185 -27.50 7.51 4.48
C ASP A 185 -28.63 7.01 5.38
N GLY A 186 -29.79 6.78 4.79
CA GLY A 186 -30.94 6.35 5.58
C GLY A 186 -31.39 7.36 6.61
N TYR A 187 -31.02 8.63 6.42
CA TYR A 187 -31.32 9.70 7.35
C TYR A 187 -32.02 10.82 6.58
N PHE A 188 -33.19 11.23 7.05
CA PHE A 188 -34.01 12.23 6.37
C PHE A 188 -33.91 13.54 7.15
N LYS A 189 -33.36 14.57 6.52
CA LYS A 189 -33.09 15.85 7.17
C LYS A 189 -34.04 16.92 6.65
N ILE A 190 -34.58 17.72 7.58
CA ILE A 190 -35.46 18.83 7.25
C ILE A 190 -34.95 20.08 7.93
N TYR A 191 -34.70 21.12 7.13
CA TYR A 191 -34.36 22.46 7.61
C TYR A 191 -35.49 23.41 7.26
N SER A 192 -35.61 24.49 8.03
CA SER A 192 -36.72 25.41 7.80
C SER A 192 -36.38 26.78 8.35
N LYS A 193 -37.18 27.77 7.93
CA LYS A 193 -37.11 29.12 8.49
C LYS A 193 -38.37 29.88 8.12
N HIS A 194 -38.69 30.90 8.92
CA HIS A 194 -39.79 31.80 8.68
C HIS A 194 -39.26 33.23 8.59
N THR A 195 -39.79 33.99 7.62
CA THR A 195 -39.37 35.37 7.46
C THR A 195 -40.58 36.25 7.11
N PRO A 196 -40.94 37.21 7.96
CA PRO A 196 -42.03 38.13 7.62
C PRO A 196 -41.63 39.02 6.45
N ILE A 197 -42.57 39.20 5.52
CA ILE A 197 -42.34 39.99 4.32
C ILE A 197 -43.54 40.91 4.09
N ASN A 198 -43.35 41.85 3.16
CA ASN A 198 -44.42 42.74 2.71
C ASN A 198 -44.23 42.95 1.20
N LEU A 199 -44.90 42.11 0.41
CA LEU A 199 -44.82 42.19 -1.05
C LEU A 199 -46.01 41.48 -1.65
N VAL A 200 -46.38 41.93 -2.85
CA VAL A 200 -47.55 41.36 -3.52
C VAL A 200 -47.25 39.97 -4.07
N ARG A 201 -46.03 39.72 -4.56
CA ARG A 201 -45.68 38.47 -5.21
C ARG A 201 -44.17 38.39 -5.34
N ASP A 202 -43.71 37.31 -5.98
CA ASP A 202 -42.28 37.04 -6.18
C ASP A 202 -41.56 36.91 -4.85
N LEU A 203 -40.23 37.02 -4.86
CA LEU A 203 -39.42 36.89 -3.67
C LEU A 203 -38.56 38.14 -3.47
N PRO A 204 -38.29 38.52 -2.23
CA PRO A 204 -37.51 39.74 -2.00
C PRO A 204 -36.01 39.52 -2.17
N GLN A 205 -35.28 40.63 -2.19
CA GLN A 205 -33.81 40.60 -2.25
C GLN A 205 -33.29 40.60 -0.82
N GLY A 206 -32.83 39.45 -0.37
CA GLY A 206 -32.29 39.33 0.97
C GLY A 206 -31.61 38.00 1.18
N PHE A 207 -30.95 37.88 2.32
CA PHE A 207 -30.22 36.67 2.67
C PHE A 207 -30.53 36.27 4.10
N SER A 208 -30.69 34.96 4.32
CA SER A 208 -30.95 34.41 5.64
C SER A 208 -30.72 32.91 5.58
N ALA A 209 -30.10 32.36 6.61
CA ALA A 209 -29.75 30.95 6.61
C ALA A 209 -30.82 30.13 7.33
N LEU A 210 -30.96 28.87 6.89
CA LEU A 210 -31.98 27.97 7.40
C LEU A 210 -31.36 27.06 8.46
N GLU A 211 -31.92 27.09 9.66
CA GLU A 211 -31.53 26.34 10.84
C GLU A 211 -32.12 24.94 10.81
N PRO A 212 -31.36 23.92 11.20
CA PRO A 212 -31.88 22.55 11.18
C PRO A 212 -33.16 22.41 12.00
N LEU A 213 -34.12 21.68 11.46
CA LEU A 213 -35.42 21.50 12.08
C LEU A 213 -35.63 20.11 12.66
N VAL A 214 -35.35 19.05 11.89
CA VAL A 214 -35.58 17.70 12.39
C VAL A 214 -34.77 16.71 11.57
N ASP A 215 -34.42 15.59 12.20
CA ASP A 215 -33.75 14.47 11.56
C ASP A 215 -34.55 13.20 11.86
N LEU A 216 -34.69 12.35 10.85
CA LEU A 216 -35.49 11.13 10.97
C LEU A 216 -34.63 9.93 10.60
N PRO A 217 -34.53 8.91 11.46
CA PRO A 217 -33.82 7.66 11.11
C PRO A 217 -34.72 6.62 10.44
N ILE A 218 -35.48 7.07 9.43
CA ILE A 218 -36.46 6.19 8.81
C ILE A 218 -35.78 5.06 8.05
N GLY A 219 -34.70 5.36 7.33
CA GLY A 219 -34.03 4.36 6.53
C GLY A 219 -34.87 3.81 5.39
N ILE A 220 -35.61 4.67 4.70
CA ILE A 220 -36.49 4.25 3.61
C ILE A 220 -35.96 4.81 2.30
N ASN A 221 -36.63 4.48 1.20
CA ASN A 221 -36.26 4.96 -0.12
C ASN A 221 -37.30 5.98 -0.59
N ILE A 222 -36.83 7.13 -1.04
CA ILE A 222 -37.71 8.22 -1.48
C ILE A 222 -37.34 8.58 -2.92
N THR A 223 -38.36 8.66 -3.78
CA THR A 223 -38.17 9.07 -5.17
C THR A 223 -39.21 10.08 -5.65
N ARG A 224 -40.40 10.15 -5.05
CA ARG A 224 -41.47 10.98 -5.54
C ARG A 224 -42.07 11.82 -4.42
N PHE A 225 -42.58 12.99 -4.81
CA PHE A 225 -43.00 14.07 -3.93
C PHE A 225 -44.40 14.51 -4.31
N GLN A 226 -45.24 14.76 -3.30
CA GLN A 226 -46.53 15.39 -3.51
C GLN A 226 -46.80 16.35 -2.37
N THR A 227 -47.60 17.37 -2.64
CA THR A 227 -48.00 18.34 -1.63
C THR A 227 -49.45 18.09 -1.24
N LEU A 228 -49.81 18.53 -0.02
CA LEU A 228 -51.16 18.34 0.51
C LEU A 228 -51.66 19.69 0.99
N LEU A 229 -52.68 20.20 0.30
CA LEU A 229 -53.25 21.51 0.57
C LEU A 229 -54.71 21.34 0.98
N ALA A 230 -55.20 22.26 1.81
CA ALA A 230 -56.55 22.18 2.33
C ALA A 230 -57.55 22.80 1.37
N LEU A 231 -58.51 21.99 0.91
CA LEU A 231 -59.56 22.44 0.00
C LEU A 231 -60.68 23.04 0.83
N HIS A 232 -60.51 24.32 1.18
CA HIS A 232 -61.43 25.00 2.09
C HIS A 232 -62.73 25.34 1.36
N ARG A 233 -63.69 24.41 1.47
CA ARG A 233 -65.03 24.67 0.97
C ARG A 233 -65.71 25.72 1.84
N SER A 234 -66.51 26.57 1.21
CA SER A 234 -67.18 27.65 1.93
C SER A 234 -68.38 28.11 1.10
N TYR A 235 -69.07 29.13 1.60
CA TYR A 235 -70.22 29.70 0.91
C TYR A 235 -69.85 30.42 -0.38
N LEU A 236 -68.56 30.71 -0.61
CA LEU A 236 -68.15 31.37 -1.83
C LEU A 236 -68.42 30.50 -3.06
N THR A 237 -68.41 29.17 -2.88
CA THR A 237 -68.67 28.23 -3.98
C THR A 237 -69.77 27.28 -3.53
N PRO A 238 -71.02 27.74 -3.51
CA PRO A 238 -72.12 26.88 -3.10
C PRO A 238 -72.33 25.73 -4.07
N GLY A 239 -72.80 24.61 -3.53
CA GLY A 239 -73.04 23.41 -4.31
C GLY A 239 -72.55 22.20 -3.55
N ASP A 240 -72.55 21.06 -4.24
CA ASP A 240 -72.09 19.82 -3.63
C ASP A 240 -70.58 19.84 -3.47
N SER A 241 -70.07 18.89 -2.69
CA SER A 241 -68.65 18.84 -2.38
C SER A 241 -67.80 18.48 -3.60
N SER A 242 -68.30 17.57 -4.45
CA SER A 242 -67.48 17.04 -5.53
C SER A 242 -67.29 18.01 -6.69
N SER A 243 -68.04 19.09 -6.74
CA SER A 243 -67.90 20.01 -7.87
C SER A 243 -67.64 21.45 -7.46
N GLY A 244 -68.23 21.91 -6.35
CA GLY A 244 -68.03 23.28 -5.92
C GLY A 244 -67.00 23.44 -4.84
N TRP A 245 -65.79 23.87 -5.21
CA TRP A 245 -64.72 24.04 -4.23
C TRP A 245 -63.69 25.00 -4.79
N THR A 246 -63.12 25.82 -3.91
CA THR A 246 -62.12 26.80 -4.25
C THR A 246 -60.91 26.66 -3.35
N ALA A 247 -59.73 27.00 -3.88
CA ALA A 247 -58.48 26.88 -3.15
C ALA A 247 -58.00 28.21 -2.58
N GLY A 248 -58.81 29.25 -2.66
CA GLY A 248 -58.40 30.53 -2.10
C GLY A 248 -57.31 31.17 -2.94
N ALA A 249 -56.32 31.76 -2.26
CA ALA A 249 -55.24 32.47 -2.95
C ALA A 249 -53.93 32.06 -2.29
N ALA A 250 -53.20 31.15 -2.94
CA ALA A 250 -51.94 30.65 -2.41
C ALA A 250 -50.87 30.71 -3.49
N ALA A 251 -49.62 30.88 -3.05
CA ALA A 251 -48.49 31.00 -3.96
C ALA A 251 -47.28 30.32 -3.35
N TYR A 252 -46.56 29.55 -4.16
CA TYR A 252 -45.36 28.90 -3.66
C TYR A 252 -44.39 28.60 -4.80
N TYR A 253 -43.17 28.26 -4.41
CA TYR A 253 -42.03 28.12 -5.30
C TYR A 253 -41.26 26.84 -4.99
N VAL A 254 -40.87 26.11 -6.03
CA VAL A 254 -40.18 24.84 -5.89
C VAL A 254 -38.91 24.89 -6.71
N GLY A 255 -37.79 24.45 -6.11
CA GLY A 255 -36.51 24.39 -6.77
C GLY A 255 -35.81 23.05 -6.59
N TYR A 256 -34.50 23.02 -6.76
CA TYR A 256 -33.73 21.78 -6.66
C TYR A 256 -32.32 22.09 -6.18
N LEU A 257 -31.62 21.06 -5.73
CA LEU A 257 -30.28 21.19 -5.18
C LEU A 257 -29.27 20.45 -6.05
N GLN A 258 -28.09 21.02 -6.19
CA GLN A 258 -26.98 20.43 -6.91
C GLN A 258 -25.73 20.46 -6.05
N PRO A 259 -24.79 19.54 -6.28
CA PRO A 259 -23.54 19.54 -5.50
C PRO A 259 -22.64 20.69 -5.95
N ARG A 260 -22.50 21.69 -5.08
CA ARG A 260 -21.71 22.88 -5.36
C ARG A 260 -20.69 23.08 -4.23
N THR A 261 -19.91 24.15 -4.38
CA THR A 261 -18.96 24.59 -3.37
C THR A 261 -19.23 26.06 -3.06
N PHE A 262 -19.43 26.36 -1.79
CA PHE A 262 -19.79 27.70 -1.34
C PHE A 262 -18.73 28.23 -0.39
N LEU A 263 -18.66 29.55 -0.28
CA LEU A 263 -17.84 30.22 0.73
C LEU A 263 -18.77 31.04 1.61
N LEU A 264 -18.79 30.71 2.89
CA LEU A 264 -19.75 31.23 3.85
C LEU A 264 -19.05 32.18 4.81
N LYS A 265 -19.76 33.23 5.23
CA LYS A 265 -19.24 34.24 6.12
C LYS A 265 -20.02 34.24 7.43
N TYR A 266 -19.34 33.98 8.52
CA TYR A 266 -19.92 34.00 9.86
C TYR A 266 -19.55 35.31 10.55
N ASN A 267 -20.49 35.89 11.27
CA ASN A 267 -20.22 37.09 12.04
C ASN A 267 -19.77 36.71 13.45
N GLU A 268 -19.67 37.70 14.33
CA GLU A 268 -19.18 37.45 15.68
C GLU A 268 -20.10 36.54 16.49
N ASN A 269 -21.38 36.49 16.16
CA ASN A 269 -22.36 35.72 16.94
C ASN A 269 -22.61 34.33 16.36
N GLY A 270 -21.92 33.95 15.29
CA GLY A 270 -22.00 32.60 14.78
C GLY A 270 -23.07 32.34 13.74
N THR A 271 -23.82 33.35 13.32
CA THR A 271 -24.85 33.17 12.31
C THR A 271 -24.31 33.54 10.94
N ILE A 272 -24.71 32.75 9.93
CA ILE A 272 -24.28 32.98 8.56
C ILE A 272 -24.98 34.23 8.04
N THR A 273 -24.19 35.26 7.71
CA THR A 273 -24.75 36.51 7.21
C THR A 273 -24.54 36.73 5.72
N ASP A 274 -23.64 35.99 5.09
CA ASP A 274 -23.38 36.17 3.66
C ASP A 274 -22.74 34.91 3.10
N ALA A 275 -22.87 34.76 1.78
CA ALA A 275 -22.31 33.60 1.09
C ALA A 275 -21.96 34.01 -0.33
N VAL A 276 -21.05 33.24 -0.93
CA VAL A 276 -20.68 33.43 -2.33
C VAL A 276 -20.52 32.07 -2.98
N ASP A 277 -21.10 31.92 -4.17
CA ASP A 277 -20.95 30.73 -4.98
C ASP A 277 -19.57 30.71 -5.63
N CYS A 278 -19.20 29.56 -6.18
CA CYS A 278 -17.90 29.38 -6.79
C CYS A 278 -17.97 29.18 -8.31
N ALA A 279 -19.12 28.79 -8.85
CA ALA A 279 -19.24 28.51 -10.27
C ALA A 279 -20.25 29.44 -10.94
N LEU A 280 -20.40 30.65 -10.41
CA LEU A 280 -21.30 31.64 -11.00
C LEU A 280 -20.57 32.55 -11.98
N ASP A 281 -19.50 33.19 -11.53
CA ASP A 281 -18.74 34.16 -12.30
C ASP A 281 -17.25 33.87 -12.18
N PRO A 282 -16.44 34.39 -13.10
CA PRO A 282 -14.99 34.40 -12.85
C PRO A 282 -14.62 35.18 -11.61
N LEU A 283 -15.35 36.25 -11.30
CA LEU A 283 -15.09 37.01 -10.08
C LEU A 283 -15.37 36.17 -8.84
N SER A 284 -16.44 35.39 -8.86
CA SER A 284 -16.73 34.50 -7.74
C SER A 284 -15.66 33.42 -7.61
N GLU A 285 -15.17 32.91 -8.73
CA GLU A 285 -14.06 31.96 -8.70
C GLU A 285 -12.83 32.57 -8.06
N THR A 286 -12.51 33.83 -8.42
CA THR A 286 -11.37 34.51 -7.82
C THR A 286 -11.57 34.71 -6.33
N LYS A 287 -12.78 35.12 -5.91
CA LYS A 287 -13.05 35.31 -4.49
C LYS A 287 -12.89 34.02 -3.72
N CYS A 288 -13.39 32.91 -4.27
CA CYS A 288 -13.24 31.62 -3.60
C CYS A 288 -11.78 31.19 -3.53
N THR A 289 -11.01 31.46 -4.59
CA THR A 289 -9.59 31.13 -4.57
C THR A 289 -8.84 31.92 -3.50
N LEU A 290 -9.13 33.22 -3.40
CA LEU A 290 -8.43 34.07 -2.44
C LEU A 290 -8.95 33.94 -1.02
N LYS A 291 -10.08 33.24 -0.82
CA LYS A 291 -10.70 33.10 0.50
C LYS A 291 -11.00 34.45 1.12
N SER A 292 -11.53 35.37 0.30
CA SER A 292 -11.85 36.70 0.77
C SER A 292 -13.01 37.26 -0.04
N PHE A 293 -13.66 38.27 0.52
CA PHE A 293 -14.76 38.95 -0.14
C PHE A 293 -14.30 40.21 -0.89
N THR A 294 -13.01 40.50 -0.90
CA THR A 294 -12.47 41.67 -1.56
C THR A 294 -11.22 41.27 -2.33
N VAL A 295 -11.07 41.82 -3.54
CA VAL A 295 -9.93 41.56 -4.40
C VAL A 295 -9.32 42.89 -4.82
N GLU A 296 -7.99 42.96 -4.83
CA GLU A 296 -7.27 44.14 -5.26
C GLU A 296 -6.91 44.03 -6.74
N LYS A 297 -6.44 45.16 -7.28
CA LYS A 297 -6.01 45.19 -8.67
C LYS A 297 -4.88 44.19 -8.91
N GLY A 298 -5.01 43.40 -9.96
CA GLY A 298 -4.00 42.41 -10.28
C GLY A 298 -4.55 41.35 -11.22
N ILE A 299 -3.72 40.35 -11.47
CA ILE A 299 -4.08 39.22 -12.31
C ILE A 299 -3.89 37.95 -11.50
N TYR A 300 -4.89 37.07 -11.53
CA TYR A 300 -5.02 35.98 -10.58
C TYR A 300 -5.27 34.68 -11.33
N GLN A 301 -4.53 33.64 -11.00
CA GLN A 301 -4.69 32.35 -11.65
C GLN A 301 -5.63 31.48 -10.81
N THR A 302 -6.71 31.01 -11.41
CA THR A 302 -7.81 30.39 -10.68
C THR A 302 -7.99 28.92 -10.98
N SER A 303 -7.98 28.52 -12.25
CA SER A 303 -8.30 27.13 -12.59
C SER A 303 -7.59 26.74 -13.88
N ASN A 304 -7.92 25.54 -14.35
CA ASN A 304 -7.29 24.95 -15.51
C ASN A 304 -8.31 24.72 -16.63
N PHE A 305 -7.82 24.74 -17.85
CA PHE A 305 -8.58 24.49 -19.06
C PHE A 305 -8.08 23.19 -19.67
N ARG A 306 -9.02 22.32 -20.07
CA ARG A 306 -8.66 21.02 -20.62
C ARG A 306 -9.78 20.54 -21.53
N VAL A 307 -9.43 20.28 -22.79
CA VAL A 307 -10.39 19.76 -23.76
C VAL A 307 -10.64 18.29 -23.48
N GLN A 308 -11.91 17.86 -23.58
CA GLN A 308 -12.25 16.48 -23.27
C GLN A 308 -12.34 15.65 -24.54
N PRO A 309 -11.93 14.38 -24.47
CA PRO A 309 -12.01 13.52 -25.66
C PRO A 309 -13.43 13.02 -25.91
N THR A 310 -13.74 12.84 -27.19
CA THR A 310 -15.04 12.35 -27.62
C THR A 310 -14.88 11.02 -28.33
N GLU A 311 -15.66 10.02 -27.89
CA GLU A 311 -15.76 8.69 -28.48
C GLU A 311 -14.46 7.91 -28.47
N SER A 312 -14.55 6.59 -28.66
CA SER A 312 -13.40 5.71 -28.72
C SER A 312 -13.33 5.06 -30.10
N ILE A 313 -12.12 5.00 -30.66
CA ILE A 313 -11.93 4.56 -32.03
C ILE A 313 -10.76 3.58 -32.13
N VAL A 314 -10.39 3.26 -33.37
CA VAL A 314 -9.17 2.57 -33.79
C VAL A 314 -9.42 1.07 -33.89
N ARG A 315 -8.76 0.44 -34.86
CA ARG A 315 -9.04 -0.91 -35.32
C ARG A 315 -7.85 -1.83 -35.09
N PHE A 316 -7.93 -3.04 -35.65
CA PHE A 316 -6.93 -4.09 -35.56
C PHE A 316 -6.62 -4.58 -36.97
N PRO A 317 -5.64 -5.46 -37.17
CA PRO A 317 -5.37 -5.96 -38.53
C PRO A 317 -6.57 -6.68 -39.15
N ASN A 318 -6.44 -7.02 -40.43
CA ASN A 318 -7.57 -7.48 -41.23
C ASN A 318 -8.31 -8.69 -40.70
N ILE A 319 -7.72 -9.88 -40.85
CA ILE A 319 -8.41 -11.12 -40.55
C ILE A 319 -7.55 -12.15 -39.87
N THR A 320 -6.22 -12.02 -39.86
CA THR A 320 -5.29 -13.08 -39.49
C THR A 320 -5.62 -14.27 -40.41
N ASN A 321 -5.31 -15.50 -40.01
CA ASN A 321 -5.62 -16.68 -40.82
C ASN A 321 -6.88 -17.34 -40.26
N LEU A 322 -7.92 -17.43 -41.10
CA LEU A 322 -9.21 -17.95 -40.69
C LEU A 322 -9.45 -19.29 -41.38
N CYS A 323 -9.74 -20.32 -40.58
CA CYS A 323 -9.98 -21.66 -41.09
C CYS A 323 -11.46 -21.85 -41.38
N PRO A 324 -11.83 -22.26 -42.60
CA PRO A 324 -13.23 -22.59 -42.88
C PRO A 324 -13.63 -23.90 -42.23
N PHE A 325 -13.96 -23.84 -40.94
CA PHE A 325 -14.27 -25.02 -40.14
C PHE A 325 -15.40 -25.85 -40.74
N GLY A 326 -16.49 -25.45 -44.86
CA GLY A 326 -16.87 -26.28 -43.73
C GLY A 326 -16.54 -27.75 -43.93
N GLU A 327 -15.28 -28.02 -44.28
CA GLU A 327 -14.86 -29.39 -44.57
C GLU A 327 -14.96 -30.28 -43.35
N VAL A 328 -14.75 -29.72 -42.16
CA VAL A 328 -14.89 -30.48 -40.93
C VAL A 328 -16.34 -30.88 -40.69
N PHE A 329 -17.29 -30.03 -41.05
CA PHE A 329 -18.70 -30.26 -40.74
C PHE A 329 -19.49 -30.91 -41.87
N ASN A 330 -19.21 -30.57 -43.12
CA ASN A 330 -20.07 -31.01 -44.22
C ASN A 330 -20.11 -32.53 -44.31
N ALA A 331 -21.29 -33.04 -44.66
CA ALA A 331 -21.54 -34.48 -44.65
C ALA A 331 -21.08 -35.08 -45.97
N THR A 332 -19.81 -35.49 -46.03
CA THR A 332 -19.28 -36.28 -47.14
C THR A 332 -18.96 -37.70 -46.69
N ARG A 333 -18.14 -37.86 -45.66
CA ARG A 333 -17.89 -39.17 -45.06
C ARG A 333 -17.34 -38.94 -43.66
N PHE A 334 -18.07 -39.40 -42.65
CA PHE A 334 -17.63 -39.34 -41.27
C PHE A 334 -17.48 -40.73 -40.71
N ALA A 335 -16.37 -40.98 -40.03
CA ALA A 335 -16.04 -42.31 -39.57
C ALA A 335 -17.01 -42.79 -38.50
N SER A 336 -17.08 -44.11 -38.34
CA SER A 336 -18.01 -44.73 -37.41
C SER A 336 -17.60 -44.41 -35.97
N VAL A 337 -18.42 -44.91 -35.04
CA VAL A 337 -18.23 -44.59 -33.63
C VAL A 337 -16.91 -45.18 -33.11
N TYR A 338 -16.60 -46.41 -33.51
CA TYR A 338 -15.41 -47.07 -32.98
C TYR A 338 -14.13 -46.46 -33.53
N ALA A 339 -14.12 -46.09 -34.81
CA ALA A 339 -12.95 -45.52 -35.48
C ALA A 339 -13.08 -44.03 -35.69
N TRP A 340 -13.65 -43.32 -34.71
CA TRP A 340 -13.92 -41.90 -34.87
C TRP A 340 -12.64 -41.11 -35.10
N ASN A 341 -12.70 -40.16 -36.03
CA ASN A 341 -11.57 -39.31 -36.34
C ASN A 341 -11.41 -38.23 -35.27
N ARG A 342 -10.20 -37.68 -35.18
CA ARG A 342 -9.89 -36.62 -34.22
C ARG A 342 -8.97 -35.63 -34.91
N LYS A 343 -9.46 -34.41 -35.12
CA LYS A 343 -8.72 -33.37 -35.82
C LYS A 343 -8.16 -32.36 -34.81
N ARG A 344 -6.88 -32.03 -34.97
CA ARG A 344 -6.20 -31.04 -34.14
C ARG A 344 -6.20 -29.71 -34.87
N ILE A 345 -6.79 -28.69 -34.23
CA ILE A 345 -6.93 -27.36 -34.82
C ILE A 345 -6.18 -26.38 -33.93
N SER A 346 -5.29 -25.61 -34.54
CA SER A 346 -4.50 -24.58 -33.88
C SER A 346 -3.85 -23.71 -34.94
N ASN A 347 -3.28 -22.59 -34.51
CA ASN A 347 -2.52 -21.68 -35.37
C ASN A 347 -3.38 -21.09 -36.50
N CYS A 348 -4.67 -20.90 -36.25
CA CYS A 348 -5.53 -20.20 -37.20
C CYS A 348 -6.76 -19.69 -36.46
N VAL A 349 -7.16 -18.46 -36.81
CA VAL A 349 -8.27 -17.82 -36.11
C VAL A 349 -9.57 -18.54 -36.47
N ALA A 350 -10.37 -18.84 -35.45
CA ALA A 350 -11.62 -19.56 -35.63
C ALA A 350 -12.77 -18.55 -35.73
N ASP A 351 -13.58 -18.69 -36.77
CA ASP A 351 -14.75 -17.84 -36.98
C ASP A 351 -15.91 -18.42 -36.19
N TYR A 352 -15.90 -18.14 -34.87
CA TYR A 352 -16.88 -18.74 -33.98
C TYR A 352 -18.30 -18.28 -34.30
N SER A 353 -18.48 -17.01 -34.67
CA SER A 353 -19.81 -16.46 -34.86
C SER A 353 -20.67 -17.32 -35.79
N VAL A 354 -20.06 -17.82 -36.87
CA VAL A 354 -20.84 -18.54 -37.88
C VAL A 354 -21.47 -19.80 -37.31
N LEU A 355 -20.90 -20.36 -36.24
CA LEU A 355 -21.49 -21.57 -35.67
C LEU A 355 -22.53 -21.28 -34.59
N TYR A 356 -22.67 -20.03 -34.15
CA TYR A 356 -23.75 -19.77 -33.21
C TYR A 356 -24.63 -18.58 -33.60
N ASN A 357 -24.05 -17.54 -34.21
CA ASN A 357 -24.83 -16.36 -34.54
C ASN A 357 -25.74 -16.62 -35.73
N SER A 358 -25.24 -17.32 -36.76
CA SER A 358 -26.02 -17.64 -37.95
C SER A 358 -25.81 -19.13 -38.23
N ALA A 359 -26.65 -19.97 -37.63
CA ALA A 359 -26.55 -21.41 -37.80
C ALA A 359 -27.94 -22.01 -37.81
N SER A 360 -28.06 -23.17 -38.43
CA SER A 360 -29.32 -23.90 -38.53
C SER A 360 -29.21 -25.28 -37.88
N PHE A 361 -28.26 -25.45 -36.97
CA PHE A 361 -28.01 -26.72 -36.31
C PHE A 361 -28.67 -26.68 -34.94
N SER A 362 -29.59 -27.62 -34.69
CA SER A 362 -30.33 -27.64 -33.44
C SER A 362 -29.49 -28.25 -32.32
N THR A 363 -30.11 -28.36 -31.14
CA THR A 363 -29.51 -28.96 -29.95
C THR A 363 -28.14 -28.33 -29.65
N PHE A 364 -28.08 -27.01 -29.69
CA PHE A 364 -26.84 -26.27 -29.44
C PHE A 364 -26.61 -26.08 -27.93
N LYS A 365 -26.68 -27.17 -27.19
CA LYS A 365 -26.37 -27.18 -25.77
C LYS A 365 -24.94 -27.69 -25.61
N CYS A 366 -24.03 -26.80 -25.20
CA CYS A 366 -22.62 -27.16 -25.17
C CYS A 366 -21.99 -26.74 -23.84
N TYR A 367 -22.60 -27.21 -22.74
CA TYR A 367 -22.20 -26.87 -21.38
C TYR A 367 -20.68 -26.85 -21.21
N GLY A 368 -20.21 -25.92 -20.40
CA GLY A 368 -18.79 -25.76 -20.17
C GLY A 368 -18.25 -24.47 -20.72
N VAL A 369 -18.75 -24.07 -21.89
CA VAL A 369 -18.34 -22.84 -22.56
C VAL A 369 -19.59 -22.07 -22.95
N SER A 370 -19.66 -20.81 -22.54
CA SER A 370 -20.78 -19.96 -22.92
C SER A 370 -20.65 -19.53 -24.37
N PRO A 371 -21.71 -19.62 -25.17
CA PRO A 371 -21.63 -19.14 -26.56
C PRO A 371 -21.29 -17.66 -26.66
N THR A 372 -21.72 -16.85 -25.69
CA THR A 372 -21.39 -15.44 -25.68
C THR A 372 -19.91 -15.23 -25.42
N LYS A 373 -19.38 -14.12 -25.96
CA LYS A 373 -17.98 -13.71 -25.81
C LYS A 373 -16.99 -14.84 -26.10
N LEU A 374 -17.43 -15.83 -26.91
CA LEU A 374 -16.54 -16.91 -27.30
C LEU A 374 -15.42 -16.41 -28.22
N ASN A 375 -15.69 -15.38 -29.02
CA ASN A 375 -14.67 -14.84 -29.90
C ASN A 375 -13.59 -14.09 -29.14
N ASP A 376 -13.90 -13.54 -27.97
CA ASP A 376 -12.95 -12.78 -27.18
C ASP A 376 -12.19 -13.64 -26.18
N LEU A 377 -12.14 -14.95 -26.39
CA LEU A 377 -11.37 -15.87 -25.56
C LEU A 377 -10.71 -16.92 -26.45
N CYS A 378 -9.61 -17.48 -25.95
CA CYS A 378 -8.88 -18.49 -26.71
C CYS A 378 -8.03 -19.32 -25.77
N PHE A 379 -7.83 -20.59 -26.15
CA PHE A 379 -7.03 -21.53 -25.39
C PHE A 379 -5.85 -21.99 -26.25
N THR A 380 -5.10 -22.98 -25.75
CA THR A 380 -3.89 -23.41 -26.43
C THR A 380 -4.20 -24.28 -27.64
N ASN A 381 -5.19 -25.17 -27.54
CA ASN A 381 -5.46 -26.14 -28.59
C ASN A 381 -6.96 -26.28 -28.81
N VAL A 382 -7.31 -26.86 -29.96
CA VAL A 382 -8.68 -27.22 -30.29
C VAL A 382 -8.69 -28.65 -30.80
N TYR A 383 -9.66 -29.45 -30.35
CA TYR A 383 -9.80 -30.83 -30.79
C TYR A 383 -11.24 -31.05 -31.25
N ALA A 384 -11.38 -31.53 -32.49
CA ALA A 384 -12.69 -31.73 -33.11
C ALA A 384 -12.93 -33.21 -33.37
N ASP A 385 -14.12 -33.68 -33.02
CA ASP A 385 -14.50 -35.08 -33.14
C ASP A 385 -15.56 -35.25 -34.22
N SER A 386 -16.00 -36.49 -34.41
CA SER A 386 -17.03 -36.81 -35.40
C SER A 386 -17.65 -38.15 -35.04
N PHE A 387 -18.96 -38.18 -34.82
CA PHE A 387 -19.67 -39.38 -34.42
C PHE A 387 -21.02 -39.44 -35.12
N VAL A 388 -21.55 -40.65 -35.26
CA VAL A 388 -22.91 -40.88 -35.76
C VAL A 388 -23.64 -41.73 -34.74
N ILE A 389 -24.73 -41.21 -34.18
CA ILE A 389 -25.52 -41.91 -33.17
C ILE A 389 -26.99 -41.79 -33.54
N ARG A 390 -27.78 -42.77 -33.11
CA ARG A 390 -29.22 -42.71 -33.32
C ARG A 390 -29.82 -41.55 -32.54
N GLY A 391 -30.97 -41.07 -33.03
CA GLY A 391 -31.53 -39.84 -32.49
C GLY A 391 -31.89 -39.94 -31.02
N ASP A 392 -32.34 -41.10 -30.57
CA ASP A 392 -32.74 -41.25 -29.17
C ASP A 392 -31.55 -41.10 -28.23
N GLU A 393 -30.38 -41.62 -28.64
CA GLU A 393 -29.24 -41.71 -27.74
C GLU A 393 -28.37 -40.46 -27.74
N VAL A 394 -28.71 -39.43 -28.54
CA VAL A 394 -27.89 -38.23 -28.58
C VAL A 394 -27.89 -37.50 -27.25
N ARG A 395 -28.88 -37.76 -26.39
CA ARG A 395 -28.89 -37.18 -25.06
C ARG A 395 -27.75 -37.69 -24.20
N GLN A 396 -27.19 -38.86 -24.54
CA GLN A 396 -26.15 -39.46 -23.71
C GLN A 396 -24.83 -38.71 -23.75
N ILE A 397 -24.66 -37.73 -24.65
CA ILE A 397 -23.47 -36.91 -24.65
C ILE A 397 -23.52 -36.03 -23.41
N ALA A 398 -22.72 -36.39 -22.40
CA ALA A 398 -22.80 -35.79 -21.08
C ALA A 398 -21.61 -36.27 -20.25
N PRO A 399 -21.39 -35.75 -19.03
CA PRO A 399 -20.28 -36.27 -18.22
C PRO A 399 -20.50 -37.70 -17.76
N GLY A 400 -20.31 -38.65 -18.67
CA GLY A 400 -20.38 -40.06 -18.35
C GLY A 400 -21.75 -40.69 -18.50
N GLN A 401 -22.67 -40.37 -17.58
CA GLN A 401 -24.01 -40.97 -17.56
C GLN A 401 -23.94 -42.49 -17.62
N THR A 402 -24.83 -43.09 -18.40
CA THR A 402 -24.87 -44.54 -18.57
C THR A 402 -25.07 -44.84 -20.06
N GLY A 403 -25.34 -46.10 -20.38
CA GLY A 403 -25.58 -46.51 -21.74
C GLY A 403 -24.31 -46.84 -22.48
N LYS A 404 -24.48 -47.23 -23.75
CA LYS A 404 -23.35 -47.58 -24.60
C LYS A 404 -22.42 -46.39 -24.83
N ILE A 405 -22.95 -45.18 -24.81
CA ILE A 405 -22.15 -43.96 -24.97
C ILE A 405 -21.42 -43.68 -23.67
N ALA A 406 -20.13 -43.34 -23.77
CA ALA A 406 -19.23 -43.01 -22.68
C ALA A 406 -18.92 -44.20 -21.78
N ASP A 407 -19.35 -45.40 -22.16
CA ASP A 407 -18.93 -46.63 -21.49
C ASP A 407 -18.18 -47.56 -22.40
N TYR A 408 -18.73 -47.90 -23.56
CA TYR A 408 -18.00 -48.61 -24.61
C TYR A 408 -17.67 -47.74 -25.81
N ASN A 409 -18.47 -46.72 -26.08
CA ASN A 409 -18.15 -45.73 -27.11
C ASN A 409 -17.18 -44.71 -26.53
N TYR A 410 -16.98 -43.60 -27.23
CA TYR A 410 -16.09 -42.56 -26.75
C TYR A 410 -16.53 -42.04 -25.40
N LYS A 411 -15.58 -41.90 -24.47
CA LYS A 411 -15.86 -41.56 -23.09
C LYS A 411 -15.59 -40.08 -22.85
N LEU A 412 -16.58 -39.39 -22.26
CA LEU A 412 -16.41 -38.00 -21.90
C LEU A 412 -15.60 -37.89 -20.62
N PRO A 413 -14.51 -37.12 -20.60
CA PRO A 413 -13.69 -37.04 -19.39
C PRO A 413 -14.40 -36.31 -18.25
N ASP A 414 -13.97 -36.59 -17.03
CA ASP A 414 -14.41 -35.83 -15.89
C ASP A 414 -13.95 -34.38 -16.01
N ASP A 415 -14.83 -33.44 -15.61
CA ASP A 415 -14.56 -32.01 -15.71
C ASP A 415 -14.22 -31.61 -17.14
N PHE A 416 -14.96 -32.15 -18.10
CA PHE A 416 -14.71 -31.87 -19.51
C PHE A 416 -15.07 -30.44 -19.87
N THR A 417 -14.24 -29.81 -20.68
CA THR A 417 -14.43 -28.43 -21.13
C THR A 417 -14.49 -28.41 -22.65
N GLY A 418 -15.53 -27.80 -23.19
CA GLY A 418 -15.71 -27.70 -24.62
C GLY A 418 -17.16 -27.86 -25.00
N CYS A 419 -17.46 -27.47 -26.24
CA CYS A 419 -18.82 -27.59 -26.75
C CYS A 419 -19.04 -28.84 -27.58
N VAL A 420 -20.33 -29.20 -27.70
CA VAL A 420 -20.80 -30.32 -28.50
C VAL A 420 -21.96 -29.84 -29.35
N ILE A 421 -21.95 -30.16 -30.63
CA ILE A 421 -23.00 -29.77 -31.57
C ILE A 421 -23.51 -31.02 -32.27
N ALA A 422 -24.83 -31.23 -32.21
CA ALA A 422 -25.47 -32.39 -32.82
C ALA A 422 -26.49 -31.91 -33.85
N TRP A 423 -26.60 -32.64 -34.97
CA TRP A 423 -27.52 -32.25 -36.01
C TRP A 423 -28.00 -33.49 -36.78
N ASN A 424 -29.25 -33.44 -37.24
CA ASN A 424 -29.84 -34.56 -37.95
C ASN A 424 -29.16 -34.77 -39.29
N SER A 425 -29.06 -36.05 -39.69
CA SER A 425 -28.37 -36.46 -40.91
C SER A 425 -29.24 -37.39 -41.74
N ASN A 426 -30.48 -36.94 -41.99
CA ASN A 426 -31.42 -37.74 -42.78
C ASN A 426 -30.87 -38.10 -44.15
N ASN A 427 -30.18 -37.17 -44.80
CA ASN A 427 -29.61 -37.36 -46.12
C ASN A 427 -28.09 -37.22 -46.04
N LEU A 428 -27.44 -37.13 -47.21
CA LEU A 428 -26.00 -36.89 -47.30
C LEU A 428 -25.21 -38.03 -46.63
N ASP A 429 -25.23 -39.17 -47.32
CA ASP A 429 -24.56 -40.42 -46.88
C ASP A 429 -25.32 -41.09 -45.73
N SER A 430 -26.64 -41.13 -45.85
CA SER A 430 -27.48 -41.94 -44.97
C SER A 430 -28.70 -42.36 -45.79
N LYS A 431 -28.63 -43.54 -46.39
CA LYS A 431 -29.65 -44.04 -47.30
C LYS A 431 -30.44 -45.16 -46.65
N VAL A 432 -31.37 -45.72 -47.43
CA VAL A 432 -32.25 -46.78 -46.93
C VAL A 432 -31.45 -48.03 -46.64
N GLY A 433 -31.95 -48.84 -45.70
CA GLY A 433 -31.31 -50.08 -45.34
C GLY A 433 -30.12 -49.89 -44.42
N GLY A 434 -29.52 -51.01 -44.05
CA GLY A 434 -28.34 -50.99 -43.21
C GLY A 434 -27.07 -50.67 -43.97
N ASN A 435 -26.50 -49.50 -43.72
CA ASN A 435 -25.25 -49.13 -44.37
C ASN A 435 -24.11 -50.00 -43.87
N TYR A 436 -23.09 -50.15 -44.71
CA TYR A 436 -21.98 -51.03 -44.39
C TYR A 436 -21.22 -50.54 -43.15
N ASN A 437 -20.93 -49.25 -43.09
CA ASN A 437 -20.23 -48.67 -41.96
C ASN A 437 -21.24 -48.33 -40.86
N TYR A 438 -20.80 -47.54 -39.88
CA TYR A 438 -21.66 -47.08 -38.77
C TYR A 438 -22.20 -48.28 -37.98
N LEU A 439 -21.27 -48.96 -37.31
CA LEU A 439 -21.56 -50.16 -36.54
C LEU A 439 -21.24 -49.96 -35.08
N TYR A 440 -21.86 -50.78 -34.24
CA TYR A 440 -21.74 -50.66 -32.79
C TYR A 440 -20.32 -50.96 -32.32
N ARG A 441 -19.95 -50.37 -31.19
CA ARG A 441 -18.70 -50.66 -30.51
C ARG A 441 -19.06 -51.06 -29.08
N LEU A 442 -19.20 -52.35 -28.84
CA LEU A 442 -19.70 -52.88 -27.56
C LEU A 442 -18.77 -53.99 -27.08
N PHE A 443 -19.20 -54.68 -26.02
CA PHE A 443 -18.55 -55.88 -25.50
C PHE A 443 -17.10 -55.61 -25.12
N ARG A 444 -16.95 -54.74 -24.12
CA ARG A 444 -15.65 -54.35 -23.59
C ARG A 444 -15.51 -54.88 -22.17
N LYS A 445 -14.37 -55.51 -21.86
CA LYS A 445 -14.14 -56.02 -20.51
C LYS A 445 -13.89 -54.89 -19.52
N SER A 446 -13.45 -53.73 -20.00
CA SER A 446 -13.17 -52.57 -19.16
C SER A 446 -14.25 -51.50 -19.38
N ASN A 447 -14.14 -50.42 -18.61
CA ASN A 447 -15.03 -49.29 -18.73
C ASN A 447 -14.43 -48.15 -19.53
N LEU A 448 -13.27 -48.37 -20.17
CA LEU A 448 -12.59 -47.39 -21.00
C LEU A 448 -12.09 -46.20 -20.19
N LYS A 449 -11.26 -45.36 -20.81
CA LYS A 449 -10.63 -44.22 -20.16
C LYS A 449 -10.90 -42.97 -20.98
N PRO A 450 -10.83 -41.79 -20.35
CA PRO A 450 -11.08 -40.55 -21.09
C PRO A 450 -10.08 -40.33 -22.21
N PHE A 451 -10.59 -39.78 -23.32
CA PHE A 451 -9.84 -39.29 -24.47
C PHE A 451 -9.14 -40.37 -25.29
N GLU A 452 -9.18 -41.63 -24.86
CA GLU A 452 -8.51 -42.69 -25.58
C GLU A 452 -9.41 -43.23 -26.69
N ARG A 453 -8.80 -43.63 -27.79
CA ARG A 453 -9.51 -44.22 -28.92
C ARG A 453 -9.20 -45.71 -28.98
N ASP A 454 -10.25 -46.53 -29.07
CA ASP A 454 -10.10 -47.98 -29.19
C ASP A 454 -10.28 -48.35 -30.66
N ILE A 455 -9.17 -48.62 -31.33
CA ILE A 455 -9.17 -49.06 -32.72
C ILE A 455 -9.03 -50.57 -32.83
N SER A 456 -8.41 -51.20 -31.83
CA SER A 456 -8.16 -52.64 -31.83
C SER A 456 -9.48 -53.39 -31.72
N THR A 457 -9.76 -54.25 -32.69
CA THR A 457 -10.94 -55.09 -32.69
C THR A 457 -10.53 -56.54 -32.47
N GLU A 458 -11.32 -57.25 -31.66
CA GLU A 458 -11.01 -58.63 -31.33
C GLU A 458 -12.30 -59.33 -30.92
N ILE A 459 -12.28 -60.66 -31.02
CA ILE A 459 -13.44 -61.45 -30.62
C ILE A 459 -13.66 -61.32 -29.11
N TYR A 460 -14.88 -60.97 -28.73
CA TYR A 460 -15.21 -60.82 -27.31
C TYR A 460 -15.17 -62.17 -26.61
N GLN A 461 -14.83 -62.13 -25.32
CA GLN A 461 -14.71 -63.33 -24.51
C GLN A 461 -15.92 -63.44 -23.59
N ALA A 462 -16.64 -64.55 -23.68
CA ALA A 462 -17.80 -64.80 -22.83
C ALA A 462 -17.61 -66.01 -21.93
N GLY A 463 -16.38 -66.52 -21.85
CA GLY A 463 -16.10 -67.67 -21.00
C GLY A 463 -14.65 -67.67 -20.57
N SER A 464 -14.34 -68.60 -19.65
CA SER A 464 -12.98 -68.70 -19.14
C SER A 464 -12.01 -69.09 -20.25
N THR A 465 -12.39 -70.05 -21.10
CA THR A 465 -11.50 -70.48 -22.17
C THR A 465 -11.72 -69.63 -23.42
N PRO A 466 -10.68 -68.99 -23.95
CA PRO A 466 -10.82 -68.20 -25.18
C PRO A 466 -10.53 -69.00 -26.43
N CYS A 467 -11.34 -68.75 -27.46
CA CYS A 467 -11.18 -69.46 -28.72
C CYS A 467 -10.00 -68.91 -29.51
N ASN A 468 -9.54 -69.69 -30.49
CA ASN A 468 -8.36 -69.37 -31.26
C ASN A 468 -8.67 -68.81 -32.64
N GLY A 469 -9.93 -68.47 -32.92
CA GLY A 469 -10.29 -67.93 -34.21
C GLY A 469 -11.51 -68.59 -34.82
N VAL A 470 -12.22 -69.40 -34.03
CA VAL A 470 -13.42 -70.10 -34.48
C VAL A 470 -14.62 -69.42 -33.84
N GLU A 471 -15.65 -69.17 -34.66
CA GLU A 471 -16.86 -68.53 -34.19
C GLU A 471 -17.93 -69.58 -33.90
N GLY A 472 -18.60 -69.43 -32.76
CA GLY A 472 -19.54 -70.43 -32.29
C GLY A 472 -19.99 -70.16 -30.88
N PHE A 473 -19.91 -71.16 -30.02
CA PHE A 473 -20.27 -70.99 -28.61
C PHE A 473 -19.36 -69.96 -27.97
N ASN A 474 -19.96 -69.05 -27.21
CA ASN A 474 -19.24 -67.90 -26.63
C ASN A 474 -18.61 -67.12 -27.80
N CYS A 475 -17.53 -66.39 -27.53
CA CYS A 475 -16.75 -65.72 -28.57
C CYS A 475 -17.64 -64.84 -29.44
N TYR A 476 -18.54 -64.11 -28.80
CA TYR A 476 -19.54 -63.31 -29.51
C TYR A 476 -18.92 -62.08 -30.14
N PHE A 477 -19.57 -61.59 -31.19
CA PHE A 477 -19.07 -60.44 -31.93
C PHE A 477 -19.27 -59.16 -31.13
N PRO A 478 -18.23 -58.35 -30.92
CA PRO A 478 -18.39 -57.09 -30.18
C PRO A 478 -18.95 -55.94 -30.99
N LEU A 479 -19.37 -56.18 -32.25
CA LEU A 479 -19.83 -55.13 -33.12
C LEU A 479 -21.18 -55.49 -33.71
N GLN A 480 -21.91 -54.48 -34.16
CA GLN A 480 -23.20 -54.66 -34.82
C GLN A 480 -23.50 -53.43 -35.66
N SER A 481 -23.87 -53.64 -36.91
CA SER A 481 -24.22 -52.53 -37.79
C SER A 481 -25.50 -51.86 -37.31
N TYR A 482 -25.64 -50.57 -37.67
CA TYR A 482 -26.83 -49.81 -37.35
C TYR A 482 -27.90 -50.09 -38.40
N GLY A 483 -29.00 -50.70 -37.98
CA GLY A 483 -30.10 -50.98 -38.88
C GLY A 483 -31.06 -49.82 -39.03
N PHE A 484 -30.54 -48.68 -39.48
CA PHE A 484 -31.33 -47.45 -39.58
C PHE A 484 -31.88 -47.30 -41.00
N GLN A 485 -32.60 -46.21 -41.21
CA GLN A 485 -33.14 -45.84 -42.51
C GLN A 485 -33.65 -44.40 -42.42
N PRO A 486 -33.74 -43.70 -43.55
CA PRO A 486 -34.29 -42.34 -43.55
C PRO A 486 -35.81 -42.29 -43.46
N THR A 487 -36.48 -43.40 -43.12
CA THR A 487 -37.92 -43.45 -43.01
C THR A 487 -38.37 -43.87 -41.61
N ASN A 488 -37.54 -43.65 -40.60
CA ASN A 488 -37.90 -43.95 -39.22
C ASN A 488 -38.63 -42.76 -38.59
N GLY A 489 -38.82 -42.81 -37.28
CA GLY A 489 -39.50 -41.74 -36.57
C GLY A 489 -38.59 -40.57 -36.22
N VAL A 490 -38.65 -40.14 -34.96
CA VAL A 490 -37.85 -39.00 -34.51
C VAL A 490 -36.67 -39.49 -33.69
N GLY A 491 -36.86 -40.59 -32.96
CA GLY A 491 -35.82 -41.15 -32.12
C GLY A 491 -34.91 -42.17 -32.77
N TYR A 492 -35.02 -42.37 -34.08
CA TYR A 492 -34.21 -43.36 -34.77
C TYR A 492 -33.42 -42.80 -35.94
N GLN A 493 -33.63 -41.54 -36.31
CA GLN A 493 -32.91 -40.96 -37.44
C GLN A 493 -31.42 -40.82 -37.09
N PRO A 494 -30.53 -40.99 -38.06
CA PRO A 494 -29.11 -40.76 -37.80
C PRO A 494 -28.85 -39.32 -37.41
N TYR A 495 -27.92 -39.14 -36.47
CA TYR A 495 -27.57 -37.81 -35.96
C TYR A 495 -26.05 -37.72 -35.86
N ARG A 496 -25.48 -36.69 -36.47
CA ARG A 496 -24.04 -36.47 -36.40
C ARG A 496 -23.72 -35.55 -35.22
N VAL A 497 -22.72 -35.95 -34.44
CA VAL A 497 -22.29 -35.23 -33.25
C VAL A 497 -20.82 -34.87 -33.40
N VAL A 498 -20.51 -33.58 -33.26
CA VAL A 498 -19.15 -33.06 -33.38
C VAL A 498 -18.83 -32.31 -32.09
N VAL A 499 -17.70 -32.67 -31.47
CA VAL A 499 -17.29 -32.06 -30.20
C VAL A 499 -16.04 -31.23 -30.48
N LEU A 500 -16.07 -29.97 -30.05
CA LEU A 500 -14.92 -29.07 -30.12
C LEU A 500 -14.47 -28.78 -28.68
N SER A 501 -13.31 -29.30 -28.31
CA SER A 501 -12.81 -29.24 -26.94
C SER A 501 -11.53 -28.43 -26.90
N PHE A 502 -11.31 -27.74 -25.79
CA PHE A 502 -10.11 -26.95 -25.57
C PHE A 502 -9.17 -27.67 -24.61
N GLU A 503 -7.92 -27.22 -24.58
CA GLU A 503 -6.91 -27.74 -23.67
C GLU A 503 -6.39 -26.63 -22.78
N LEU A 504 -6.07 -26.95 -21.54
CA LEU A 504 -5.57 -26.00 -20.56
C LEU A 504 -4.26 -26.52 -19.98
N LEU A 505 -3.21 -25.70 -20.08
CA LEU A 505 -1.90 -26.04 -19.52
C LEU A 505 -1.09 -24.75 -19.40
N HIS A 506 0.20 -24.88 -19.14
CA HIS A 506 1.10 -23.75 -18.98
C HIS A 506 1.74 -23.29 -20.29
N ALA A 507 1.31 -23.86 -21.41
CA ALA A 507 1.86 -23.48 -22.69
C ALA A 507 1.47 -22.04 -23.04
N PRO A 508 2.27 -21.36 -23.87
CA PRO A 508 1.93 -19.99 -24.26
C PRO A 508 0.65 -19.95 -25.09
N ALA A 509 0.13 -18.73 -25.24
CA ALA A 509 -1.11 -18.52 -25.98
C ALA A 509 -0.88 -18.71 -27.47
N THR A 510 -1.98 -18.67 -28.22
CA THR A 510 -1.96 -18.86 -29.66
C THR A 510 -3.12 -18.08 -30.26
N VAL A 511 -3.52 -18.44 -31.48
CA VAL A 511 -4.59 -17.74 -32.16
C VAL A 511 -5.89 -17.75 -31.33
N CYS A 512 -6.76 -16.80 -31.64
CA CYS A 512 -8.01 -16.63 -30.91
C CYS A 512 -9.11 -16.34 -31.92
N GLY A 513 -10.24 -15.85 -31.42
CA GLY A 513 -11.37 -15.50 -32.28
C GLY A 513 -11.44 -14.01 -32.58
N PRO A 514 -9.39 -10.64 -31.01
CA PRO A 514 -10.11 -9.37 -30.81
C PRO A 514 -10.89 -8.92 -32.03
N LYS A 515 -10.16 -8.52 -33.09
CA LYS A 515 -10.78 -8.04 -34.32
C LYS A 515 -11.70 -6.85 -34.07
N LYS A 516 -11.39 -6.08 -33.03
CA LYS A 516 -12.16 -4.87 -32.74
C LYS A 516 -11.96 -3.87 -33.86
N SER A 517 -12.99 -3.67 -34.69
CA SER A 517 -12.90 -2.81 -35.86
C SER A 517 -13.75 -1.56 -35.64
N THR A 518 -13.11 -0.40 -35.79
CA THR A 518 -13.80 0.88 -35.71
C THR A 518 -13.11 1.83 -36.67
N ASN A 519 -13.91 2.70 -37.29
CA ASN A 519 -13.37 3.59 -38.31
C ASN A 519 -12.41 4.59 -37.69
N LEU A 520 -11.76 5.36 -38.56
CA LEU A 520 -10.71 6.30 -38.16
C LEU A 520 -11.20 7.73 -38.34
N VAL A 521 -11.11 8.52 -37.28
CA VAL A 521 -11.48 9.93 -37.30
C VAL A 521 -10.23 10.75 -37.03
N LYS A 522 -10.00 11.76 -37.86
CA LYS A 522 -8.80 12.59 -37.78
C LYS A 522 -9.16 14.03 -37.47
N ASN A 523 -8.18 14.76 -36.96
CA ASN A 523 -8.28 16.19 -36.66
C ASN A 523 -9.29 16.47 -35.54
N LYS A 524 -9.46 15.52 -34.62
CA LYS A 524 -10.34 15.70 -33.48
C LYS A 524 -9.72 15.03 -32.25
N CYS A 525 -10.01 15.60 -31.08
CA CYS A 525 -9.52 15.06 -29.82
C CYS A 525 -10.31 13.79 -29.50
N VAL A 526 -9.68 12.64 -29.66
CA VAL A 526 -10.34 11.36 -29.54
C VAL A 526 -9.51 10.46 -28.62
N ASN A 527 -10.16 9.45 -28.06
CA ASN A 527 -9.54 8.49 -27.16
C ASN A 527 -9.27 7.21 -27.96
N PHE A 528 -8.01 6.96 -28.28
CA PHE A 528 -7.62 5.91 -29.21
C PHE A 528 -6.96 4.73 -28.50
N ASN A 529 -7.07 3.57 -29.12
CA ASN A 529 -6.48 2.33 -28.61
C ASN A 529 -6.06 1.49 -29.81
N PHE A 530 -4.78 1.59 -30.18
CA PHE A 530 -4.24 0.80 -31.27
C PHE A 530 -3.90 -0.60 -30.80
N ASN A 531 -3.10 -1.33 -31.58
CA ASN A 531 -2.81 -2.74 -31.33
C ASN A 531 -2.62 -3.05 -29.84
N GLY A 532 -1.66 -2.39 -29.20
CA GLY A 532 -1.45 -2.60 -27.78
C GLY A 532 -1.28 -1.32 -26.99
N LEU A 533 -1.13 -0.21 -27.68
CA LEU A 533 -0.89 1.08 -27.04
C LEU A 533 -2.14 1.94 -27.09
N THR A 534 -2.44 2.57 -25.95
CA THR A 534 -3.64 3.39 -25.79
C THR A 534 -3.24 4.84 -25.55
N GLY A 535 -4.22 5.73 -25.62
CA GLY A 535 -3.97 7.12 -25.30
C GLY A 535 -5.10 7.99 -25.75
N THR A 536 -4.88 9.31 -25.68
CA THR A 536 -5.84 10.28 -26.17
C THR A 536 -5.08 11.40 -26.88
N GLY A 537 -5.74 12.01 -27.84
CA GLY A 537 -5.12 13.09 -28.60
C GLY A 537 -5.80 13.27 -29.94
N VAL A 538 -5.16 14.07 -30.78
CA VAL A 538 -5.65 14.33 -32.13
C VAL A 538 -4.73 13.62 -33.11
N LEU A 539 -5.33 12.92 -34.06
CA LEU A 539 -4.59 12.18 -35.07
C LEU A 539 -4.65 12.93 -36.39
N THR A 540 -3.49 13.08 -37.04
CA THR A 540 -3.43 13.74 -38.33
C THR A 540 -2.52 12.97 -39.28
N GLU A 541 -2.18 13.58 -40.41
CA GLU A 541 -1.33 12.95 -41.40
C GLU A 541 0.09 13.50 -41.29
N SER A 542 1.06 12.63 -41.54
CA SER A 542 2.47 12.94 -41.34
C SER A 542 3.26 12.64 -42.61
N ASN A 543 4.37 13.37 -42.77
CA ASN A 543 5.30 13.15 -43.87
C ASN A 543 6.52 12.36 -43.43
N LYS A 544 6.50 11.79 -42.23
CA LYS A 544 7.59 10.96 -41.74
C LYS A 544 7.47 9.56 -42.34
N LYS A 545 8.62 8.99 -42.69
CA LYS A 545 8.68 7.67 -43.31
C LYS A 545 9.30 6.67 -42.34
N PHE A 546 8.57 5.58 -42.08
CA PHE A 546 9.07 4.51 -41.24
C PHE A 546 9.90 3.55 -42.09
N LEU A 547 10.37 2.48 -41.46
CA LEU A 547 10.93 1.32 -42.12
C LEU A 547 9.90 0.20 -42.10
N PRO A 548 9.83 -0.66 -43.13
CA PRO A 548 8.67 -1.55 -43.23
C PRO A 548 8.69 -2.71 -42.25
N PHE A 549 9.09 -2.43 -41.01
CA PHE A 549 8.85 -3.32 -39.88
C PHE A 549 8.49 -2.57 -38.61
N GLN A 550 8.69 -1.25 -38.55
CA GLN A 550 8.44 -0.48 -37.35
C GLN A 550 6.96 -0.13 -37.24
N GLN A 551 6.48 -0.05 -35.99
CA GLN A 551 5.08 0.20 -35.71
C GLN A 551 4.81 1.65 -35.32
N PHE A 552 5.48 2.13 -34.27
CA PHE A 552 5.25 3.47 -33.75
C PHE A 552 6.60 4.16 -33.55
N GLY A 553 6.55 5.41 -33.06
CA GLY A 553 7.73 6.23 -32.94
C GLY A 553 7.83 6.88 -31.58
N ARG A 554 8.99 7.51 -31.34
CA ARG A 554 9.27 8.14 -30.06
C ARG A 554 10.14 9.38 -30.29
N ASP A 555 10.07 10.29 -29.32
CA ASP A 555 10.94 11.45 -29.23
C ASP A 555 11.84 11.26 -28.02
N ILE A 556 12.63 12.29 -27.67
CA ILE A 556 13.54 12.10 -26.55
C ILE A 556 12.76 12.45 -25.30
N ALA A 557 11.83 11.57 -24.92
CA ALA A 557 11.20 11.58 -23.61
C ALA A 557 10.87 10.15 -23.22
N ASP A 558 10.93 9.25 -24.21
CA ASP A 558 10.26 7.96 -24.18
C ASP A 558 8.75 8.12 -24.15
N THR A 559 8.23 9.03 -24.97
CA THR A 559 6.81 9.25 -25.16
C THR A 559 6.43 8.99 -26.61
N THR A 560 5.30 8.33 -26.81
CA THR A 560 4.86 7.99 -28.16
C THR A 560 4.51 9.26 -28.94
N ASP A 561 4.98 9.32 -30.17
CA ASP A 561 4.86 10.50 -31.02
C ASP A 561 4.07 10.21 -32.28
N ALA A 562 4.21 9.02 -32.87
CA ALA A 562 3.48 8.65 -34.07
C ALA A 562 3.09 7.19 -33.98
N VAL A 563 2.13 6.79 -34.84
CA VAL A 563 1.71 5.40 -34.96
C VAL A 563 1.51 5.08 -36.43
N ARG A 564 1.25 3.80 -36.71
CA ARG A 564 0.95 3.31 -38.04
C ARG A 564 -0.39 2.58 -38.01
N ASP A 565 -1.23 2.86 -38.98
CA ASP A 565 -2.55 2.24 -39.02
C ASP A 565 -2.43 0.79 -39.47
N PRO A 566 -2.92 -0.18 -38.69
CA PRO A 566 -2.75 -1.59 -39.06
C PRO A 566 -3.43 -1.99 -40.36
N GLN A 567 -4.43 -1.23 -40.83
CA GLN A 567 -5.23 -1.64 -41.98
C GLN A 567 -4.95 -0.84 -43.24
N THR A 568 -4.14 0.21 -43.18
CA THR A 568 -3.81 0.94 -44.39
C THR A 568 -2.35 1.35 -44.48
N LEU A 569 -1.52 1.04 -43.47
CA LEU A 569 -0.10 1.37 -43.47
C LEU A 569 0.13 2.85 -43.71
N GLU A 570 -0.48 3.67 -42.84
CA GLU A 570 -0.32 5.11 -42.88
C GLU A 570 0.23 5.59 -41.55
N ILE A 571 1.15 6.55 -41.62
CA ILE A 571 1.78 7.10 -40.42
C ILE A 571 0.97 8.29 -39.94
N LEU A 572 0.50 8.23 -38.70
CA LEU A 572 -0.31 9.28 -38.10
C LEU A 572 0.42 9.89 -36.91
N ASP A 573 0.41 11.21 -36.83
CA ASP A 573 0.99 11.89 -35.68
C ASP A 573 0.09 11.73 -34.45
N ILE A 574 0.61 12.13 -33.31
CA ILE A 574 -0.14 12.20 -32.06
C ILE A 574 0.18 13.53 -31.40
N THR A 575 -0.86 14.32 -31.12
CA THR A 575 -0.69 15.61 -30.47
C THR A 575 -1.67 15.68 -29.31
N PRO A 576 -1.23 16.08 -28.12
CA PRO A 576 -2.14 16.12 -26.97
C PRO A 576 -3.25 17.15 -27.16
N CYS A 577 -4.40 16.86 -26.58
CA CYS A 577 -5.51 17.81 -26.62
C CYS A 577 -5.17 19.04 -25.78
N SER A 578 -5.73 20.18 -26.20
CA SER A 578 -5.31 21.45 -25.64
C SER A 578 -5.58 21.54 -24.14
N PHE A 579 -4.65 22.17 -23.43
CA PHE A 579 -4.79 22.41 -22.00
C PHE A 579 -4.01 23.67 -21.66
N GLY A 580 -4.35 24.26 -20.52
CA GLY A 580 -3.69 25.48 -20.11
C GLY A 580 -4.26 26.00 -18.81
N GLY A 581 -3.85 27.22 -18.47
CA GLY A 581 -4.35 27.88 -17.28
C GLY A 581 -5.32 28.99 -17.58
N VAL A 582 -6.13 29.37 -16.59
CA VAL A 582 -7.11 30.44 -16.74
C VAL A 582 -6.80 31.51 -15.70
N SER A 583 -6.67 32.75 -16.16
CA SER A 583 -6.37 33.87 -15.26
C SER A 583 -7.44 34.94 -15.40
N VAL A 584 -7.75 35.59 -14.27
CA VAL A 584 -8.79 36.62 -14.21
C VAL A 584 -8.12 37.94 -13.91
N ILE A 585 -8.34 38.93 -14.77
CA ILE A 585 -7.80 40.27 -14.62
C ILE A 585 -8.93 41.16 -14.11
N THR A 586 -8.69 41.80 -12.96
CA THR A 586 -9.69 42.64 -12.32
C THR A 586 -9.07 43.98 -11.92
N PRO A 587 -9.86 45.06 -12.00
CA PRO A 587 -9.34 46.38 -11.58
C PRO A 587 -9.57 46.65 -10.11
N GLY A 588 -9.90 45.63 -9.34
CA GLY A 588 -10.28 45.79 -7.96
C GLY A 588 -11.79 45.73 -7.79
N THR A 589 -12.21 45.25 -6.62
CA THR A 589 -13.62 44.97 -6.38
C THR A 589 -14.40 46.21 -5.96
N ASN A 590 -13.72 47.29 -5.59
CA ASN A 590 -14.40 48.53 -5.24
C ASN A 590 -14.51 49.51 -6.40
N THR A 591 -13.50 49.54 -7.29
CA THR A 591 -13.57 50.41 -8.45
C THR A 591 -14.68 49.97 -9.40
N SER A 592 -14.81 48.67 -9.62
CA SER A 592 -15.83 48.12 -10.51
C SER A 592 -15.97 46.63 -10.23
N ASN A 593 -16.81 45.97 -11.04
CA ASN A 593 -17.03 44.54 -10.93
C ASN A 593 -16.81 43.82 -12.25
N GLN A 594 -16.21 44.47 -13.23
CA GLN A 594 -15.94 43.85 -14.52
C GLN A 594 -14.59 43.14 -14.48
N VAL A 595 -14.48 42.06 -15.25
CA VAL A 595 -13.27 41.25 -15.31
C VAL A 595 -12.96 40.90 -16.76
N ALA A 596 -11.71 40.54 -17.00
CA ALA A 596 -11.27 39.96 -18.26
C ALA A 596 -10.67 38.59 -17.98
N VAL A 597 -10.70 37.71 -18.98
CA VAL A 597 -10.26 36.34 -18.80
C VAL A 597 -9.19 36.02 -19.82
N LEU A 598 -8.07 35.49 -19.36
CA LEU A 598 -6.96 35.09 -20.20
C LEU A 598 -6.81 33.57 -20.14
N TYR A 599 -6.91 32.92 -21.30
CA TYR A 599 -6.68 31.50 -21.43
C TYR A 599 -5.28 31.31 -22.00
N GLN A 600 -4.40 30.67 -21.24
CA GLN A 600 -2.99 30.65 -21.62
C GLN A 600 -2.76 29.77 -22.83
N ASP A 601 -1.89 30.25 -23.73
CA ASP A 601 -1.40 29.62 -24.97
C ASP A 601 -2.44 28.75 -25.68
N VAL A 602 -3.58 29.34 -26.03
CA VAL A 602 -4.66 28.63 -26.72
C VAL A 602 -5.26 29.56 -27.77
N ASN A 603 -5.54 29.01 -28.95
CA ASN A 603 -6.34 29.74 -29.94
C ASN A 603 -7.69 30.18 -29.40
N CYS A 604 -8.09 31.39 -29.80
CA CYS A 604 -9.38 31.93 -29.42
C CYS A 604 -10.53 31.18 -30.06
N THR A 605 -10.27 30.31 -31.03
CA THR A 605 -11.33 29.58 -31.70
C THR A 605 -12.00 28.60 -30.74
N GLU A 606 -11.23 27.65 -30.20
CA GLU A 606 -11.79 26.60 -29.36
C GLU A 606 -11.76 26.97 -27.87
N VAL A 607 -12.22 28.18 -27.55
CA VAL A 607 -12.41 28.56 -26.15
C VAL A 607 -13.76 28.11 -25.62
N PRO A 608 -14.88 28.39 -26.29
CA PRO A 608 -16.18 28.04 -25.70
C PRO A 608 -16.50 26.56 -25.72
N VAL A 609 -15.85 25.78 -26.58
CA VAL A 609 -16.18 24.36 -26.70
C VAL A 609 -15.82 23.62 -25.42
N ALA A 610 -14.65 23.91 -24.85
CA ALA A 610 -14.20 23.22 -23.65
C ALA A 610 -14.06 24.19 -22.47
N TRP A 620 -20.73 33.18 -16.78
CA TRP A 620 -19.56 32.49 -17.31
C TRP A 620 -19.62 32.35 -18.83
N ARG A 621 -20.81 32.05 -19.36
CA ARG A 621 -20.94 31.85 -20.80
C ARG A 621 -20.93 33.17 -21.56
N VAL A 622 -21.06 34.31 -20.86
CA VAL A 622 -20.93 35.60 -21.52
C VAL A 622 -19.47 36.03 -21.62
N TYR A 623 -18.60 35.52 -20.75
CA TYR A 623 -17.18 35.81 -20.79
C TYR A 623 -16.43 34.87 -21.72
N SER A 624 -17.14 34.20 -22.64
CA SER A 624 -16.53 33.34 -23.63
C SER A 624 -16.99 33.66 -25.04
N THR A 625 -17.94 34.58 -25.21
CA THR A 625 -18.47 34.92 -26.52
C THR A 625 -17.51 35.83 -27.27
N GLY A 626 -17.72 35.92 -28.58
CA GLY A 626 -16.84 36.69 -29.44
C GLY A 626 -17.18 38.16 -29.55
N SER A 627 -17.39 38.83 -28.41
CA SER A 627 -17.62 40.27 -28.43
C SER A 627 -16.31 41.03 -28.59
N ASN A 628 -15.42 40.90 -27.62
CA ASN A 628 -14.08 41.47 -27.66
C ASN A 628 -13.09 40.34 -27.44
N VAL A 629 -12.51 39.83 -28.52
CA VAL A 629 -11.60 38.70 -28.48
C VAL A 629 -10.28 39.12 -29.09
N PHE A 630 -9.20 38.97 -28.34
CA PHE A 630 -7.87 39.42 -28.77
C PHE A 630 -6.90 38.26 -28.65
N GLN A 631 -6.11 38.04 -29.69
CA GLN A 631 -5.13 36.94 -29.71
C GLN A 631 -3.75 37.53 -29.46
N THR A 632 -3.26 37.38 -28.23
CA THR A 632 -1.93 37.83 -27.86
C THR A 632 -0.93 36.70 -28.07
N ARG A 633 0.28 36.88 -27.56
CA ARG A 633 1.27 35.80 -27.58
C ARG A 633 1.32 35.04 -26.28
N ALA A 634 0.73 35.58 -25.22
CA ALA A 634 0.59 34.86 -23.95
C ALA A 634 -0.64 33.95 -23.93
N GLY A 635 -1.57 34.14 -24.84
CA GLY A 635 -2.78 33.35 -24.89
C GLY A 635 -3.90 34.12 -25.57
N CYS A 636 -5.13 33.79 -25.19
CA CYS A 636 -6.33 34.43 -25.71
C CYS A 636 -6.97 35.26 -24.63
N LEU A 637 -7.29 36.52 -24.95
CA LEU A 637 -7.85 37.45 -23.98
C LEU A 637 -9.27 37.80 -24.39
N ILE A 638 -10.22 37.63 -23.45
CA ILE A 638 -11.63 37.89 -23.70
C ILE A 638 -12.13 38.86 -22.65
N GLY A 639 -12.77 39.94 -23.10
CA GLY A 639 -13.33 40.93 -22.22
C GLY A 639 -12.62 42.26 -22.18
N ALA A 640 -11.60 42.46 -23.02
CA ALA A 640 -10.85 43.71 -23.05
C ALA A 640 -10.79 44.22 -24.48
N GLU A 641 -10.75 45.55 -24.63
CA GLU A 641 -10.70 46.20 -25.93
C GLU A 641 -9.26 46.54 -26.26
N HIS A 642 -8.85 46.25 -27.50
CA HIS A 642 -7.50 46.48 -27.96
C HIS A 642 -7.40 47.89 -28.56
N VAL A 643 -6.63 48.75 -27.93
CA VAL A 643 -6.45 50.12 -28.38
C VAL A 643 -5.08 50.25 -29.04
N ASN A 644 -4.89 51.37 -29.75
CA ASN A 644 -3.65 51.63 -30.46
C ASN A 644 -2.73 52.58 -29.72
N ASN A 645 -3.09 52.97 -28.50
CA ASN A 645 -2.28 53.89 -27.72
C ASN A 645 -1.20 53.12 -26.95
N SER A 646 -0.45 53.85 -26.13
CA SER A 646 0.57 53.24 -25.28
C SER A 646 0.70 54.06 -24.01
N TYR A 647 0.69 53.37 -22.87
CA TYR A 647 0.81 54.01 -21.56
C TYR A 647 1.80 53.21 -20.73
N GLU A 648 2.05 53.69 -19.52
CA GLU A 648 2.85 52.93 -18.57
C GLU A 648 2.08 51.69 -18.13
N CYS A 649 2.79 50.60 -17.91
CA CYS A 649 2.13 49.34 -17.58
C CYS A 649 1.37 49.44 -16.26
N ASP A 650 0.16 48.87 -16.25
CA ASP A 650 -0.67 48.81 -15.06
C ASP A 650 -0.81 47.39 -14.52
N ILE A 651 -1.26 46.45 -15.35
CA ILE A 651 -1.37 45.05 -14.98
C ILE A 651 -0.61 44.24 -16.01
N PRO A 652 0.46 43.54 -15.65
CA PRO A 652 1.29 42.88 -16.66
C PRO A 652 0.63 41.61 -17.18
N ILE A 653 0.29 41.59 -18.46
CA ILE A 653 -0.25 40.41 -19.10
C ILE A 653 0.86 39.56 -19.72
N GLY A 654 1.77 40.19 -20.44
CA GLY A 654 2.92 39.46 -20.93
C GLY A 654 3.29 39.76 -22.37
N ALA A 655 4.52 39.42 -22.74
CA ALA A 655 5.04 39.64 -24.10
C ALA A 655 4.89 41.09 -24.53
N GLY A 656 5.02 42.01 -23.57
CA GLY A 656 4.90 43.41 -23.85
C GLY A 656 3.49 43.96 -23.85
N ILE A 657 2.51 43.19 -23.41
CA ILE A 657 1.11 43.60 -23.40
C ILE A 657 0.69 43.82 -21.95
N CYS A 658 0.07 44.97 -21.68
CA CYS A 658 -0.45 45.31 -20.37
C CYS A 658 -1.94 45.65 -20.51
N ALA A 659 -2.62 45.72 -19.36
CA ALA A 659 -4.04 46.03 -19.32
C ALA A 659 -4.33 47.03 -18.22
N SER A 660 -5.41 47.80 -18.40
CA SER A 660 -5.78 48.81 -17.42
C SER A 660 -7.28 49.08 -17.52
N TYR A 661 -7.76 49.91 -16.61
CA TYR A 661 -9.17 50.27 -16.51
C TYR A 661 -9.30 51.77 -16.76
N GLN A 662 -9.93 52.15 -17.87
CA GLN A 662 -10.14 53.55 -18.18
C GLN A 662 -11.48 53.77 -18.86
N GLN A 677 -14.65 53.60 -17.35
CA GLN A 677 -15.40 53.21 -18.54
C GLN A 677 -15.37 51.69 -18.74
N SER A 678 -14.23 51.17 -19.18
CA SER A 678 -14.09 49.75 -19.43
C SER A 678 -12.61 49.36 -19.37
N ILE A 679 -12.33 48.10 -19.65
CA ILE A 679 -10.99 47.54 -19.56
C ILE A 679 -10.35 47.55 -20.94
N ILE A 680 -9.10 48.01 -21.01
CA ILE A 680 -8.38 48.14 -22.26
C ILE A 680 -7.04 47.41 -22.15
N ALA A 681 -6.54 46.95 -23.30
CA ALA A 681 -5.27 46.25 -23.39
C ALA A 681 -4.40 46.95 -24.42
N TYR A 682 -3.15 47.24 -24.05
CA TYR A 682 -2.27 48.04 -24.88
C TYR A 682 -0.86 47.48 -24.83
N THR A 683 0.01 48.06 -25.67
CA THR A 683 1.42 47.75 -25.68
C THR A 683 2.16 48.72 -24.75
N MET A 684 3.06 48.17 -23.94
CA MET A 684 3.79 48.97 -22.97
C MET A 684 4.61 50.05 -23.64
N SER A 685 4.67 51.23 -23.03
CA SER A 685 5.54 52.32 -23.47
C SER A 685 6.69 52.45 -22.48
N LEU A 686 7.91 52.56 -23.01
CA LEU A 686 9.09 52.55 -22.15
C LEU A 686 9.28 53.89 -21.45
N GLY A 687 8.93 54.98 -22.11
CA GLY A 687 9.11 56.30 -21.52
C GLY A 687 8.87 57.38 -22.55
N ALA A 688 9.31 58.59 -22.20
CA ALA A 688 9.13 59.75 -23.06
C ALA A 688 10.38 59.97 -23.90
N GLU A 689 10.19 60.22 -25.19
CA GLU A 689 11.31 60.49 -26.09
C GLU A 689 12.01 61.78 -25.70
N ASN A 690 13.31 61.83 -25.97
CA ASN A 690 14.11 63.00 -25.64
C ASN A 690 15.39 62.98 -26.45
N SER A 691 15.63 64.06 -27.18
CA SER A 691 16.86 64.23 -27.94
C SER A 691 17.67 65.35 -27.31
N VAL A 692 18.91 65.05 -26.95
CA VAL A 692 19.78 66.03 -26.29
C VAL A 692 20.46 66.87 -27.35
N ALA A 693 20.56 68.17 -27.10
CA ALA A 693 21.07 69.12 -28.08
C ALA A 693 22.59 69.08 -28.09
N TYR A 694 23.13 67.95 -28.56
CA TYR A 694 24.57 67.78 -28.59
C TYR A 694 25.20 68.65 -29.67
N SER A 695 26.37 69.19 -29.33
CA SER A 695 27.20 69.97 -30.24
C SER A 695 28.62 69.90 -29.72
N ASN A 696 29.58 70.20 -30.59
CA ASN A 696 30.97 70.05 -30.19
C ASN A 696 31.54 71.29 -29.49
N ASN A 697 30.77 72.36 -29.33
CA ASN A 697 31.20 73.50 -28.54
C ASN A 697 30.05 74.07 -27.72
N SER A 698 29.21 73.21 -27.16
CA SER A 698 28.07 73.64 -26.38
C SER A 698 28.01 72.88 -25.06
N ILE A 699 27.69 73.59 -23.98
CA ILE A 699 27.57 73.01 -22.65
C ILE A 699 26.31 73.52 -22.00
N ALA A 700 25.84 72.80 -20.99
CA ALA A 700 24.71 73.20 -20.17
C ALA A 700 25.13 73.15 -18.71
N ILE A 701 24.86 74.23 -17.98
CA ILE A 701 25.28 74.34 -16.59
C ILE A 701 24.09 74.72 -15.73
N PRO A 702 23.92 74.10 -14.56
CA PRO A 702 22.77 74.44 -13.71
C PRO A 702 23.02 75.69 -12.87
N THR A 703 21.94 76.42 -12.60
CA THR A 703 22.03 77.68 -11.87
C THR A 703 21.28 77.64 -10.54
N ASN A 704 20.67 76.52 -10.17
CA ASN A 704 19.96 76.42 -8.89
C ASN A 704 20.02 74.97 -8.44
N PHE A 705 19.42 74.67 -7.29
CA PHE A 705 19.46 73.31 -6.77
C PHE A 705 18.26 73.08 -5.87
N THR A 706 18.01 71.80 -5.59
CA THR A 706 16.98 71.37 -4.66
C THR A 706 17.56 70.31 -3.73
N ILE A 707 16.96 70.21 -2.55
CA ILE A 707 17.33 69.23 -1.54
C ILE A 707 16.21 68.21 -1.46
N SER A 708 16.55 66.93 -1.66
CA SER A 708 15.54 65.88 -1.69
C SER A 708 15.78 64.89 -0.56
N VAL A 709 14.70 64.36 0.00
CA VAL A 709 14.75 63.35 1.04
C VAL A 709 13.99 62.13 0.55
N THR A 710 14.63 60.96 0.62
CA THR A 710 14.10 59.73 0.05
C THR A 710 14.12 58.64 1.11
N THR A 711 13.19 57.70 0.98
CA THR A 711 13.02 56.62 1.95
C THR A 711 13.44 55.28 1.36
N GLU A 712 14.11 54.48 2.18
CA GLU A 712 14.47 53.11 1.81
C GLU A 712 14.14 52.19 2.98
N ILE A 713 13.52 51.05 2.70
CA ILE A 713 13.04 50.14 3.73
C ILE A 713 13.67 48.77 3.50
N LEU A 714 14.27 48.20 4.55
CA LEU A 714 14.93 46.90 4.44
C LEU A 714 14.54 45.98 5.59
N PRO A 715 14.14 44.74 5.30
CA PRO A 715 13.92 43.78 6.39
C PRO A 715 15.22 43.16 6.87
N VAL A 716 15.34 43.03 8.19
CA VAL A 716 16.58 42.57 8.80
C VAL A 716 16.42 41.30 9.62
N SER A 717 15.22 40.97 10.12
CA SER A 717 15.06 39.87 11.03
C SER A 717 13.77 39.10 10.71
N MET A 718 13.53 38.05 11.48
CA MET A 718 12.44 37.12 11.23
C MET A 718 12.09 36.43 12.54
N THR A 719 10.84 36.02 12.68
CA THR A 719 10.38 35.45 13.93
C THR A 719 11.07 34.11 14.21
N LYS A 720 11.49 33.93 15.46
CA LYS A 720 12.12 32.69 15.89
C LYS A 720 11.04 31.72 16.39
N THR A 721 10.97 30.56 15.75
CA THR A 721 9.94 29.58 16.05
C THR A 721 10.58 28.23 16.33
N SER A 722 9.90 27.43 17.15
CA SER A 722 10.38 26.10 17.50
C SER A 722 9.21 25.13 17.46
N VAL A 723 9.52 23.88 17.10
CA VAL A 723 8.52 22.83 16.97
C VAL A 723 9.02 21.58 17.70
N ASP A 724 8.19 21.04 18.58
CA ASP A 724 8.47 19.76 19.21
C ASP A 724 8.03 18.66 18.26
N CYS A 725 8.99 17.85 17.80
CA CYS A 725 8.71 16.84 16.79
C CYS A 725 7.78 15.75 17.32
N THR A 726 8.11 15.19 18.48
CA THR A 726 7.33 14.08 19.01
C THR A 726 5.91 14.50 19.35
N MET A 727 5.74 15.68 19.94
CA MET A 727 4.40 16.12 20.31
C MET A 727 3.57 16.48 19.09
N TYR A 728 4.21 16.99 18.03
CA TYR A 728 3.47 17.28 16.81
C TYR A 728 3.03 16.02 16.11
N ILE A 729 3.92 15.02 16.01
CA ILE A 729 3.58 13.81 15.25
C ILE A 729 2.65 12.91 16.05
N CYS A 730 2.96 12.67 17.32
CA CYS A 730 2.19 11.72 18.11
C CYS A 730 1.11 12.40 18.94
N GLY A 731 1.50 13.29 19.83
CA GLY A 731 0.53 13.99 20.65
C GLY A 731 0.01 13.16 21.81
N ASP A 732 0.88 12.81 22.76
CA ASP A 732 0.51 12.08 23.97
C ASP A 732 -0.04 10.70 23.63
N SER A 733 0.80 9.88 23.02
CA SER A 733 0.49 8.50 22.71
C SER A 733 1.76 7.67 22.77
N THR A 734 1.75 6.61 23.59
CA THR A 734 2.95 5.82 23.78
C THR A 734 3.22 4.89 22.60
N GLU A 735 2.17 4.34 21.99
CA GLU A 735 2.35 3.47 20.83
C GLU A 735 2.97 4.23 19.67
N CYS A 736 2.51 5.45 19.43
CA CYS A 736 3.09 6.26 18.36
C CYS A 736 4.55 6.58 18.63
N SER A 737 4.90 6.86 19.89
CA SER A 737 6.30 7.12 20.23
C SER A 737 7.16 5.90 20.00
N ASN A 738 6.67 4.71 20.41
CA ASN A 738 7.41 3.48 20.18
C ASN A 738 7.62 3.23 18.69
N LEU A 739 6.61 3.53 17.89
CA LEU A 739 6.76 3.38 16.44
C LEU A 739 7.72 4.41 15.87
N LEU A 740 7.72 5.63 16.42
CA LEU A 740 8.66 6.65 15.96
C LEU A 740 10.10 6.29 16.29
N LEU A 741 10.32 5.51 17.34
CA LEU A 741 11.69 5.15 17.70
C LEU A 741 12.42 4.42 16.58
N GLN A 742 11.70 3.81 15.65
CA GLN A 742 12.31 3.06 14.56
C GLN A 742 12.91 3.93 13.47
N TYR A 743 12.66 5.24 13.48
CA TYR A 743 13.15 6.13 12.44
C TYR A 743 14.47 6.80 12.78
N GLY A 744 15.04 6.52 13.94
CA GLY A 744 16.35 7.03 14.28
C GLY A 744 16.28 8.41 14.90
N SER A 745 16.97 9.36 14.28
CA SER A 745 17.20 10.69 14.84
C SER A 745 16.82 11.77 13.84
N PHE A 746 15.63 11.67 13.27
CA PHE A 746 15.15 12.73 12.38
C PHE A 746 14.74 13.97 13.18
N CYS A 747 14.08 13.76 14.32
CA CYS A 747 13.57 14.89 15.09
C CYS A 747 14.70 15.71 15.70
N THR A 748 15.77 15.06 16.13
CA THR A 748 16.92 15.79 16.63
C THR A 748 17.53 16.65 15.54
N GLN A 749 17.62 16.13 14.33
CA GLN A 749 18.15 16.90 13.20
C GLN A 749 17.27 18.10 12.89
N LEU A 750 15.94 17.91 12.89
CA LEU A 750 15.04 19.03 12.64
C LEU A 750 15.17 20.10 13.71
N ASN A 751 15.25 19.68 14.98
CA ASN A 751 15.42 20.64 16.07
C ASN A 751 16.72 21.40 15.94
N ARG A 752 17.79 20.71 15.56
CA ARG A 752 19.08 21.37 15.36
C ARG A 752 19.00 22.41 14.27
N ALA A 753 18.33 22.09 13.16
CA ALA A 753 18.19 23.05 12.08
C ALA A 753 17.39 24.28 12.51
N LEU A 754 16.29 24.06 13.23
CA LEU A 754 15.48 25.19 13.68
C LEU A 754 16.23 26.06 14.67
N THR A 755 17.00 25.44 15.57
CA THR A 755 17.79 26.21 16.53
C THR A 755 18.86 27.03 15.81
N GLY A 756 19.52 26.45 14.81
CA GLY A 756 20.49 27.20 14.04
C GLY A 756 19.87 28.38 13.31
N ILE A 757 18.64 28.21 12.82
CA ILE A 757 17.94 29.33 12.20
C ILE A 757 17.65 30.42 13.23
N ALA A 758 17.17 30.02 14.41
CA ALA A 758 16.77 31.00 15.41
C ALA A 758 17.95 31.79 15.94
N VAL A 759 19.12 31.16 16.06
CA VAL A 759 20.29 31.86 16.59
C VAL A 759 20.73 32.99 15.66
N GLU A 760 20.44 32.86 14.35
CA GLU A 760 20.98 33.79 13.37
C GLU A 760 20.29 35.15 13.39
N GLN A 761 19.02 35.20 13.79
CA GLN A 761 18.29 36.47 13.77
C GLN A 761 18.88 37.47 14.75
N ASP A 762 19.30 37.00 15.92
CA ASP A 762 19.93 37.88 16.90
C ASP A 762 21.24 38.44 16.36
N LYS A 763 22.01 37.61 15.66
CA LYS A 763 23.25 38.09 15.05
C LYS A 763 22.96 39.12 13.98
N ASN A 764 21.91 38.91 13.18
CA ASN A 764 21.52 39.88 12.17
C ASN A 764 21.23 41.24 12.80
N THR A 765 20.38 41.25 13.83
CA THR A 765 20.03 42.51 14.48
C THR A 765 21.25 43.16 15.12
N GLN A 766 22.11 42.37 15.76
CA GLN A 766 23.30 42.90 16.39
C GLN A 766 24.23 43.55 15.38
N GLU A 767 24.42 42.89 14.22
CA GLU A 767 25.29 43.46 13.20
C GLU A 767 24.71 44.75 12.63
N VAL A 768 23.40 44.80 12.42
CA VAL A 768 22.82 46.00 11.82
C VAL A 768 22.85 47.18 12.79
N PHE A 769 22.48 46.96 14.05
CA PHE A 769 22.16 48.09 14.93
C PHE A 769 23.26 48.44 15.92
N ALA A 770 24.05 47.46 16.40
CA ALA A 770 25.04 47.73 17.45
C ALA A 770 26.35 48.17 16.81
N GLN A 771 26.38 49.43 16.39
CA GLN A 771 27.55 49.97 15.71
C GLN A 771 28.15 51.19 16.41
N VAL A 772 27.66 51.53 17.60
CA VAL A 772 28.19 52.64 18.39
C VAL A 772 28.72 52.10 19.71
N LYS A 773 29.89 52.58 20.12
CA LYS A 773 30.47 52.16 21.38
C LYS A 773 29.83 52.84 22.58
N GLN A 774 29.35 54.07 22.42
CA GLN A 774 28.76 54.83 23.51
C GLN A 774 27.39 55.36 23.09
N ILE A 775 26.56 55.61 24.09
CA ILE A 775 25.22 56.15 23.89
C ILE A 775 25.33 57.67 23.97
N TYR A 776 25.22 58.34 22.83
CA TYR A 776 25.35 59.79 22.77
C TYR A 776 24.01 60.46 22.99
N LYS A 777 24.06 61.70 23.48
CA LYS A 777 22.88 62.49 23.78
C LYS A 777 22.98 63.86 23.14
N THR A 778 21.83 64.40 22.73
CA THR A 778 21.78 65.73 22.17
C THR A 778 21.71 66.80 23.27
N PRO A 779 22.17 68.01 22.98
CA PRO A 779 22.14 69.06 24.01
C PRO A 779 20.73 69.45 24.35
N PRO A 780 20.50 69.98 25.55
CA PRO A 780 19.14 70.42 25.92
C PRO A 780 18.60 71.52 25.02
N ILE A 781 19.45 72.42 24.54
CA ILE A 781 19.04 73.51 23.65
C ILE A 781 19.49 73.17 22.24
N LYS A 782 18.56 73.25 21.29
CA LYS A 782 18.76 72.72 19.94
C LYS A 782 18.74 73.85 18.93
N ASP A 783 19.92 74.36 18.57
CA ASP A 783 20.04 75.33 17.49
C ASP A 783 21.02 74.79 16.46
N PHE A 784 20.49 74.35 15.32
CA PHE A 784 21.33 73.73 14.31
C PHE A 784 21.29 74.51 13.01
N GLY A 785 21.38 75.84 13.10
CA GLY A 785 21.42 76.67 11.92
C GLY A 785 20.11 76.82 11.18
N GLY A 786 18.99 76.54 11.83
CA GLY A 786 17.69 76.60 11.20
C GLY A 786 17.14 75.26 10.79
N PHE A 787 17.95 74.20 10.82
CA PHE A 787 17.48 72.86 10.52
C PHE A 787 16.69 72.31 11.70
N ASN A 788 15.55 71.69 11.41
CA ASN A 788 14.60 71.25 12.41
C ASN A 788 14.52 69.72 12.40
N PHE A 789 15.03 69.09 13.45
CA PHE A 789 15.07 67.64 13.58
C PHE A 789 14.03 67.12 14.56
N SER A 790 12.96 67.88 14.82
CA SER A 790 12.05 67.54 15.90
C SER A 790 11.25 66.28 15.60
N GLN A 791 11.06 65.94 14.32
CA GLN A 791 10.21 64.81 13.97
C GLN A 791 10.96 63.48 13.95
N ILE A 792 12.29 63.50 13.95
CA ILE A 792 13.08 62.28 13.97
C ILE A 792 13.84 62.09 15.27
N LEU A 793 13.77 63.03 16.19
CA LEU A 793 14.41 62.87 17.48
C LEU A 793 13.42 62.27 18.48
N PRO A 794 13.93 61.53 19.48
CA PRO A 794 13.01 60.85 20.41
C PRO A 794 12.16 61.83 21.20
N ASP A 795 10.94 61.40 21.51
CA ASP A 795 9.99 62.22 22.24
C ASP A 795 9.89 61.74 23.68
N PRO A 796 10.42 62.48 24.66
CA PRO A 796 10.37 62.02 26.05
C PRO A 796 8.96 61.94 26.60
N SER A 797 8.19 63.02 26.43
CA SER A 797 6.80 63.09 26.90
C SER A 797 5.91 62.30 25.94
N LYS A 798 6.13 60.98 25.94
CA LYS A 798 5.45 60.07 25.03
C LYS A 798 5.73 58.66 25.53
N PRO A 799 4.77 57.73 25.43
CA PRO A 799 5.05 56.36 25.85
C PRO A 799 6.22 55.77 25.06
N SER A 800 6.99 54.93 25.75
CA SER A 800 8.28 54.43 25.24
C SER A 800 9.18 55.65 24.99
N LYS A 801 10.16 55.52 24.12
CA LYS A 801 11.00 56.67 23.77
C LYS A 801 11.21 56.75 22.26
N ARG A 802 10.17 56.48 21.49
CA ARG A 802 10.24 56.53 20.04
C ARG A 802 9.94 57.94 19.54
N SER A 803 10.17 58.15 18.26
CA SER A 803 9.92 59.43 17.62
C SER A 803 8.57 59.39 16.92
N PHE A 804 8.21 60.51 16.27
CA PHE A 804 6.95 60.59 15.55
C PHE A 804 6.91 59.60 14.40
N ILE A 805 7.96 59.59 13.57
CA ILE A 805 7.98 58.72 12.41
C ILE A 805 8.08 57.25 12.80
N GLU A 806 8.82 56.93 13.88
CA GLU A 806 8.87 55.55 14.35
C GLU A 806 7.50 55.08 14.84
N ASP A 807 6.76 55.97 15.52
CA ASP A 807 5.40 55.63 15.93
C ASP A 807 4.50 55.40 14.73
N LEU A 808 4.61 56.24 13.70
CA LEU A 808 3.84 56.02 12.49
C LEU A 808 4.16 54.66 11.87
N LEU A 809 5.45 54.32 11.79
CA LEU A 809 5.85 53.05 11.22
C LEU A 809 5.32 51.88 12.02
N PHE A 810 5.38 51.96 13.35
CA PHE A 810 4.95 50.85 14.18
C PHE A 810 3.43 50.69 14.15
N ASN A 811 2.68 51.78 13.99
CA ASN A 811 1.24 51.65 13.88
C ASN A 811 0.81 51.29 12.46
N LYS A 812 1.69 51.45 11.47
CA LYS A 812 1.31 51.16 10.10
C LYS A 812 1.36 49.66 9.81
N VAL A 813 2.24 48.93 10.47
CA VAL A 813 2.40 47.50 10.20
C VAL A 813 1.47 46.71 11.11
N THR A 814 0.62 45.89 10.51
CA THR A 814 -0.41 45.15 11.23
C THR A 814 0.00 43.69 11.36
N LEU A 815 0.04 43.20 12.59
CA LEU A 815 0.40 41.81 12.86
C LEU A 815 -0.83 40.91 12.86
N ALA A 839 0.81 33.46 16.10
CA ALA A 839 0.35 34.53 16.97
C ALA A 839 -0.29 33.99 18.24
N GLN A 840 -0.74 32.74 18.17
CA GLN A 840 -1.46 32.08 19.27
C GLN A 840 -0.68 30.86 19.73
N LYS A 841 -1.30 30.09 20.61
CA LYS A 841 -0.73 28.86 21.15
C LYS A 841 -1.21 27.67 20.33
N PHE A 842 -0.28 26.77 20.02
CA PHE A 842 -0.60 25.60 19.21
C PHE A 842 -0.20 24.32 19.91
N ASN A 843 -0.22 23.20 19.19
CA ASN A 843 0.14 21.88 19.72
C ASN A 843 1.55 21.54 19.27
N GLY A 844 2.53 21.95 20.07
CA GLY A 844 3.92 21.70 19.77
C GLY A 844 4.68 22.88 19.18
N LEU A 845 4.02 23.99 18.92
CA LEU A 845 4.64 25.15 18.29
C LEU A 845 4.84 26.25 19.31
N THR A 846 6.05 26.80 19.38
CA THR A 846 6.37 27.88 20.29
C THR A 846 7.08 29.00 19.53
N VAL A 847 6.96 30.22 20.06
CA VAL A 847 7.63 31.39 19.51
C VAL A 847 8.59 31.92 20.58
N LEU A 848 9.85 32.10 20.20
CA LEU A 848 10.83 32.59 21.15
C LEU A 848 10.92 34.12 21.09
N PRO A 849 11.15 34.79 22.21
CA PRO A 849 11.23 36.24 22.18
C PRO A 849 12.59 36.70 21.68
N PRO A 850 12.66 37.85 21.02
CA PRO A 850 13.95 38.35 20.55
C PRO A 850 14.85 38.76 21.70
N LEU A 851 16.15 38.74 21.43
CA LEU A 851 17.14 39.09 22.45
C LEU A 851 17.05 40.56 22.83
N LEU A 852 16.92 41.45 21.83
CA LEU A 852 16.86 42.89 22.05
C LEU A 852 15.42 43.36 21.94
N THR A 853 14.95 44.05 22.97
CA THR A 853 13.61 44.61 22.94
C THR A 853 13.57 45.83 22.04
N ASP A 854 12.35 46.29 21.72
CA ASP A 854 12.20 47.43 20.84
C ASP A 854 12.78 48.70 21.45
N GLU A 855 12.73 48.83 22.77
CA GLU A 855 13.28 49.99 23.43
C GLU A 855 14.79 50.09 23.23
N MET A 856 15.48 48.94 23.28
CA MET A 856 16.92 48.95 23.08
C MET A 856 17.28 49.34 21.65
N ILE A 857 16.51 48.87 20.67
CA ILE A 857 16.75 49.25 19.28
C ILE A 857 16.49 50.74 19.09
N ALA A 858 15.45 51.27 19.73
CA ALA A 858 15.22 52.70 19.69
C ALA A 858 16.37 53.47 20.33
N GLN A 859 16.97 52.93 21.39
CA GLN A 859 18.11 53.58 22.01
C GLN A 859 19.31 53.63 21.08
N TYR A 860 19.62 52.51 20.42
CA TYR A 860 20.64 52.53 19.37
C TYR A 860 20.36 53.57 18.30
N THR A 861 19.12 53.63 17.80
CA THR A 861 18.82 54.59 16.75
C THR A 861 19.00 56.02 17.23
N SER A 862 18.56 56.31 18.45
CA SER A 862 18.74 57.64 19.02
C SER A 862 20.21 58.00 19.19
N ALA A 863 21.03 57.04 19.64
CA ALA A 863 22.45 57.30 19.79
C ALA A 863 23.12 57.58 18.45
N LEU A 864 22.74 56.83 17.41
CA LEU A 864 23.30 57.08 16.08
C LEU A 864 22.90 58.46 15.58
N LEU A 865 21.65 58.85 15.79
CA LEU A 865 21.20 60.17 15.35
C LEU A 865 21.95 61.28 16.07
N ALA A 866 22.08 61.15 17.40
CA ALA A 866 22.79 62.18 18.16
C ALA A 866 24.24 62.28 17.73
N GLY A 867 24.89 61.15 17.52
CA GLY A 867 26.27 61.17 17.09
C GLY A 867 26.46 61.81 15.73
N THR A 868 25.58 61.49 14.77
CA THR A 868 25.73 62.05 13.45
C THR A 868 25.31 63.50 13.37
N ILE A 869 24.50 63.99 14.32
CA ILE A 869 24.10 65.38 14.30
C ILE A 869 25.10 66.27 15.02
N THR A 870 25.68 65.81 16.12
CA THR A 870 26.55 66.67 16.92
C THR A 870 28.01 66.65 16.48
N SER A 871 28.47 65.59 15.81
CA SER A 871 29.90 65.44 15.53
C SER A 871 30.25 65.11 14.09
N GLY A 872 29.27 64.93 13.22
CA GLY A 872 29.58 64.59 11.84
C GLY A 872 29.96 63.14 11.66
N TRP A 873 31.00 62.86 10.86
CA TRP A 873 31.46 61.50 10.66
C TRP A 873 32.62 61.11 11.56
N THR A 874 33.00 61.98 12.50
CA THR A 874 34.18 61.71 13.31
C THR A 874 33.96 60.62 14.35
N PHE A 875 32.72 60.42 14.79
CA PHE A 875 32.45 59.40 15.80
C PHE A 875 32.55 57.99 15.27
N GLY A 876 32.55 57.81 13.95
CA GLY A 876 32.69 56.49 13.35
C GLY A 876 34.11 56.02 13.19
N ALA A 877 35.10 56.86 13.51
CA ALA A 877 36.50 56.50 13.41
C ALA A 877 37.16 56.39 14.78
N GLY A 878 36.98 57.38 15.64
CA GLY A 878 37.53 57.36 16.98
C GLY A 878 36.57 57.99 17.95
N ALA A 879 37.07 58.91 18.76
CA ALA A 879 36.20 59.66 19.66
C ALA A 879 35.41 60.69 18.86
N ALA A 880 34.26 61.09 19.43
CA ALA A 880 33.41 62.07 18.77
C ALA A 880 33.92 63.47 19.02
N LEU A 881 34.12 64.24 17.95
CA LEU A 881 34.59 65.61 18.02
C LEU A 881 33.50 66.53 17.52
N GLN A 882 33.11 67.51 18.35
CA GLN A 882 31.99 68.37 18.01
C GLN A 882 32.39 69.39 16.95
N ILE A 883 31.38 69.86 16.21
CA ILE A 883 31.55 70.85 15.15
C ILE A 883 30.17 71.48 14.91
N PRO A 884 30.09 72.78 14.67
CA PRO A 884 28.78 73.38 14.36
C PRO A 884 28.17 72.77 13.11
N PHE A 885 26.84 72.67 13.10
CA PHE A 885 26.17 71.90 12.05
C PHE A 885 26.32 72.54 10.68
N ALA A 886 26.29 73.87 10.61
CA ALA A 886 26.46 74.55 9.33
C ALA A 886 27.82 74.29 8.73
N MET A 887 28.86 74.23 9.55
CA MET A 887 30.19 73.92 9.04
C MET A 887 30.29 72.47 8.57
N GLN A 888 29.61 71.56 9.25
CA GLN A 888 29.54 70.18 8.76
C GLN A 888 28.85 70.12 7.40
N MET A 889 27.77 70.88 7.22
CA MET A 889 27.13 70.94 5.92
C MET A 889 28.03 71.56 4.87
N ALA A 890 28.87 72.52 5.26
CA ALA A 890 29.85 73.07 4.33
C ALA A 890 30.86 72.02 3.89
N TYR A 891 31.31 71.19 4.83
CA TYR A 891 32.21 70.09 4.49
C TYR A 891 31.54 69.13 3.51
N ARG A 892 30.27 68.80 3.75
CA ARG A 892 29.58 67.86 2.88
C ARG A 892 29.32 68.45 1.50
N PHE A 893 29.05 69.75 1.42
CA PHE A 893 28.94 70.42 0.13
C PHE A 893 30.27 70.39 -0.61
N ASN A 894 31.36 70.66 0.09
CA ASN A 894 32.68 70.60 -0.52
C ASN A 894 32.99 69.19 -1.00
N GLY A 895 32.43 68.18 -0.35
CA GLY A 895 32.69 66.81 -0.73
C GLY A 895 32.03 66.35 -2.01
N ILE A 896 31.10 67.12 -2.58
CA ILE A 896 30.45 66.75 -3.82
C ILE A 896 30.81 67.69 -4.96
N GLY A 897 31.83 68.53 -4.78
CA GLY A 897 32.28 69.39 -5.84
C GLY A 897 31.70 70.79 -5.86
N VAL A 898 31.09 71.24 -4.77
CA VAL A 898 30.53 72.58 -4.67
C VAL A 898 31.25 73.31 -3.54
N THR A 899 31.56 74.59 -3.77
CA THR A 899 32.35 75.32 -2.81
C THR A 899 31.50 75.73 -1.60
N GLN A 900 32.18 76.21 -0.55
CA GLN A 900 31.50 76.50 0.71
C GLN A 900 30.65 77.75 0.63
N ASN A 901 31.07 78.76 -0.14
CA ASN A 901 30.31 79.99 -0.23
C ASN A 901 28.92 79.77 -0.81
N VAL A 902 28.73 78.69 -1.57
CA VAL A 902 27.39 78.36 -2.06
C VAL A 902 26.48 78.01 -0.90
N LEU A 903 26.98 77.25 0.07
CA LEU A 903 26.19 76.93 1.25
C LEU A 903 25.98 78.17 2.12
N TYR A 904 27.06 78.90 2.41
CA TYR A 904 26.97 79.96 3.41
C TYR A 904 26.10 81.12 2.93
N GLU A 905 26.03 81.35 1.63
CA GLU A 905 25.21 82.42 1.08
C GLU A 905 23.77 82.00 0.82
N ASN A 906 23.45 80.72 0.97
CA ASN A 906 22.10 80.20 0.72
C ASN A 906 21.62 79.35 1.89
N GLN A 907 22.05 79.68 3.11
CA GLN A 907 21.77 78.81 4.25
C GLN A 907 20.28 78.72 4.53
N LYS A 908 19.57 79.84 4.53
CA LYS A 908 18.15 79.84 4.87
C LYS A 908 17.32 79.05 3.87
N LEU A 909 17.60 79.22 2.58
CA LEU A 909 16.88 78.49 1.54
C LEU A 909 17.08 76.99 1.69
N ILE A 910 18.32 76.56 1.95
CA ILE A 910 18.62 75.15 2.10
C ILE A 910 17.91 74.58 3.32
N ALA A 911 17.93 75.32 4.43
CA ALA A 911 17.24 74.87 5.63
C ALA A 911 15.73 74.76 5.39
N ASN A 912 15.14 75.72 4.70
CA ASN A 912 13.71 75.68 4.41
C ASN A 912 13.36 74.48 3.53
N GLN A 913 14.18 74.23 2.50
CA GLN A 913 13.93 73.08 1.63
C GLN A 913 14.01 71.77 2.41
N PHE A 914 15.02 71.64 3.28
CA PHE A 914 15.14 70.45 4.10
C PHE A 914 13.93 70.26 5.00
N ASN A 915 13.48 71.35 5.64
CA ASN A 915 12.34 71.26 6.54
C ASN A 915 11.08 70.86 5.79
N SER A 916 10.86 71.43 4.61
CA SER A 916 9.69 71.09 3.82
C SER A 916 9.71 69.63 3.38
N ALA A 917 10.88 69.14 2.95
CA ALA A 917 10.97 67.74 2.54
C ALA A 917 10.71 66.80 3.71
N ILE A 918 11.26 67.11 4.89
CA ILE A 918 11.02 66.29 6.06
C ILE A 918 9.54 66.28 6.42
N GLY A 919 8.90 67.45 6.35
CA GLY A 919 7.47 67.52 6.60
C GLY A 919 6.64 66.73 5.61
N LYS A 920 7.11 66.67 4.35
CA LYS A 920 6.37 65.92 3.33
C LYS A 920 6.52 64.41 3.52
N ILE A 921 7.66 63.97 4.07
CA ILE A 921 7.87 62.54 4.29
C ILE A 921 6.78 61.95 5.18
N GLN A 922 6.44 62.64 6.26
CA GLN A 922 5.47 62.08 7.21
C GLN A 922 4.08 61.98 6.59
N ASP A 923 3.69 62.96 5.78
CA ASP A 923 2.40 62.88 5.11
C ASP A 923 2.38 61.77 4.07
N SER A 924 3.48 61.62 3.32
CA SER A 924 3.58 60.50 2.38
C SER A 924 3.45 59.16 3.09
N LEU A 925 4.03 59.03 4.28
CA LEU A 925 3.90 57.79 5.05
C LEU A 925 2.47 57.58 5.55
N SER A 926 1.87 58.62 6.12
CA SER A 926 0.56 58.48 6.75
C SER A 926 -0.53 58.21 5.72
N SER A 927 -0.42 58.82 4.53
CA SER A 927 -1.50 58.71 3.55
C SER A 927 -1.46 57.37 2.83
N THR A 928 -0.33 57.06 2.20
CA THR A 928 -0.24 55.83 1.41
C THR A 928 -0.46 54.60 2.28
N ALA A 929 -1.32 53.70 1.78
CA ALA A 929 -1.74 52.55 2.60
C ALA A 929 -0.66 51.48 2.66
N SER A 930 0.09 51.29 1.56
CA SER A 930 1.04 50.19 1.44
C SER A 930 2.43 50.75 1.14
N ALA A 931 2.82 51.77 1.89
CA ALA A 931 4.16 52.32 1.75
C ALA A 931 5.23 51.32 2.20
N LEU A 932 5.00 50.65 3.33
CA LEU A 932 5.98 49.70 3.83
C LEU A 932 6.15 48.53 2.87
N GLY A 933 5.11 47.72 2.71
CA GLY A 933 5.07 46.71 1.68
C GLY A 933 5.99 45.53 1.86
N LYS A 934 7.30 45.78 1.93
CA LYS A 934 8.27 44.69 2.00
C LYS A 934 8.31 44.03 3.38
N LEU A 935 8.02 44.78 4.44
CA LEU A 935 8.00 44.19 5.77
C LEU A 935 6.76 43.33 5.99
N GLN A 936 5.67 43.63 5.30
CA GLN A 936 4.44 42.86 5.48
C GLN A 936 4.55 41.49 4.81
N ASP A 937 5.33 41.39 3.74
CA ASP A 937 5.44 40.13 3.01
C ASP A 937 6.04 39.04 3.88
N VAL A 938 7.08 39.36 4.65
CA VAL A 938 7.74 38.37 5.49
C VAL A 938 6.76 37.83 6.53
N VAL A 939 6.03 38.74 7.19
CA VAL A 939 5.06 38.33 8.20
C VAL A 939 3.98 37.47 7.57
N ASN A 940 3.46 37.89 6.42
CA ASN A 940 2.39 37.14 5.77
C ASN A 940 2.84 35.74 5.39
N GLN A 941 4.03 35.60 4.81
CA GLN A 941 4.45 34.29 4.34
C GLN A 941 4.80 33.37 5.52
N ASN A 942 5.39 33.91 6.58
CA ASN A 942 5.64 33.08 7.76
C ASN A 942 4.34 32.59 8.38
N ALA A 943 3.36 33.49 8.51
CA ALA A 943 2.07 33.08 9.08
C ALA A 943 1.39 32.04 8.20
N GLN A 944 1.45 32.22 6.87
CA GLN A 944 0.85 31.25 5.96
C GLN A 944 1.51 29.89 6.08
N ALA A 945 2.84 29.86 6.21
CA ALA A 945 3.53 28.59 6.39
C ALA A 945 3.10 27.90 7.68
N LEU A 946 2.99 28.66 8.78
CA LEU A 946 2.54 28.04 10.02
C LEU A 946 1.11 27.51 9.90
N ASN A 947 0.22 28.27 9.28
CA ASN A 947 -1.16 27.81 9.14
C ASN A 947 -1.25 26.56 8.27
N THR A 948 -0.50 26.50 7.17
CA THR A 948 -0.56 25.30 6.35
C THR A 948 0.05 24.10 7.08
N LEU A 949 1.10 24.32 7.88
CA LEU A 949 1.66 23.22 8.66
C LEU A 949 0.63 22.68 9.65
N VAL A 950 -0.12 23.57 10.32
CA VAL A 950 -1.11 23.11 11.28
C VAL A 950 -2.27 22.43 10.57
N LYS A 951 -2.69 22.97 9.42
CA LYS A 951 -3.82 22.40 8.70
C LYS A 951 -3.51 21.04 8.10
N GLN A 952 -2.24 20.79 7.76
CA GLN A 952 -1.85 19.48 7.26
C GLN A 952 -2.04 18.37 8.28
N LEU A 953 -2.42 18.70 9.51
CA LEU A 953 -2.43 17.69 10.57
C LEU A 953 -3.73 16.89 10.57
N SER A 954 -4.77 17.40 9.92
CA SER A 954 -6.03 16.67 9.78
C SER A 954 -6.13 16.12 8.36
N SER A 955 -5.37 15.05 8.11
CA SER A 955 -5.37 14.41 6.80
C SER A 955 -5.20 12.90 6.98
N ASN A 956 -5.90 12.13 6.14
CA ASN A 956 -5.82 10.68 6.24
C ASN A 956 -4.47 10.15 5.81
N PHE A 957 -3.91 10.69 4.72
CA PHE A 957 -2.71 10.16 4.08
C PHE A 957 -2.90 8.71 3.66
N GLY A 958 -4.15 8.31 3.42
CA GLY A 958 -4.47 6.96 3.03
C GLY A 958 -4.89 6.04 4.16
N ALA A 959 -4.89 6.53 5.40
CA ALA A 959 -5.27 5.70 6.54
C ALA A 959 -6.78 5.72 6.73
N ILE A 960 -7.24 5.08 7.81
CA ILE A 960 -8.67 5.00 8.08
C ILE A 960 -9.20 6.36 8.52
N SER A 961 -8.47 7.05 9.40
CA SER A 961 -8.89 8.35 9.90
C SER A 961 -7.66 9.22 10.09
N SER A 962 -7.89 10.43 10.58
CA SER A 962 -6.82 11.39 10.83
C SER A 962 -6.54 11.60 12.31
N VAL A 963 -7.22 10.88 13.19
CA VAL A 963 -7.05 11.02 14.63
C VAL A 963 -6.62 9.67 15.20
N LEU A 964 -5.57 9.69 16.01
CA LEU A 964 -4.99 8.45 16.53
C LEU A 964 -5.93 7.75 17.49
N ASN A 965 -6.70 8.51 18.28
CA ASN A 965 -7.51 7.91 19.33
C ASN A 965 -8.58 6.99 18.75
N ASP A 966 -9.24 7.40 17.67
CA ASP A 966 -10.26 6.55 17.05
C ASP A 966 -9.64 5.31 16.43
N ILE A 967 -8.46 5.45 15.80
CA ILE A 967 -7.79 4.28 15.25
C ILE A 967 -7.47 3.29 16.35
N LEU A 968 -6.97 3.78 17.48
CA LEU A 968 -6.68 2.89 18.60
C LEU A 968 -7.95 2.23 19.14
N SER A 969 -9.04 2.98 19.23
CA SER A 969 -10.26 2.46 19.84
C SER A 969 -10.93 1.42 18.95
N ARG A 970 -10.92 1.62 17.63
CA ARG A 970 -11.69 0.77 16.73
C ARG A 970 -10.89 -0.37 16.11
N LEU A 971 -9.62 -0.56 16.49
CA LEU A 971 -8.79 -1.59 15.89
C LEU A 971 -7.90 -2.23 16.95
N ASP A 972 -7.51 -3.49 16.70
CA ASP A 972 -6.66 -4.24 17.61
C ASP A 972 -5.18 -3.98 17.30
N PRO A 973 -4.32 -4.09 18.32
CA PRO A 973 -2.92 -3.67 18.16
C PRO A 973 -2.18 -4.38 17.01
N PRO A 974 -2.41 -5.68 16.76
CA PRO A 974 -1.63 -6.32 15.68
C PRO A 974 -1.71 -5.64 14.33
N GLU A 975 -2.88 -5.15 13.92
CA GLU A 975 -3.04 -4.58 12.59
C GLU A 975 -3.50 -3.12 12.63
N ALA A 976 -3.52 -2.49 13.80
CA ALA A 976 -3.73 -1.05 13.88
C ALA A 976 -2.44 -0.28 13.65
N GLU A 977 -1.30 -0.96 13.59
CA GLU A 977 -0.02 -0.27 13.45
C GLU A 977 0.21 0.26 12.03
N VAL A 978 -0.42 -0.35 11.03
CA VAL A 978 -0.20 0.11 9.65
C VAL A 978 -0.77 1.50 9.44
N GLN A 979 -1.96 1.78 9.99
CA GLN A 979 -2.53 3.11 9.90
C GLN A 979 -1.66 4.14 10.62
N ILE A 980 -1.16 3.78 11.81
CA ILE A 980 -0.28 4.66 12.55
C ILE A 980 0.97 4.95 11.73
N ASP A 981 1.50 3.94 11.05
CA ASP A 981 2.70 4.13 10.23
C ASP A 981 2.43 5.08 9.08
N ARG A 982 1.28 4.95 8.43
CA ARG A 982 0.94 5.88 7.34
C ARG A 982 0.84 7.31 7.85
N LEU A 983 0.17 7.51 8.99
CA LEU A 983 0.07 8.84 9.55
C LEU A 983 1.43 9.42 9.91
N ILE A 984 2.30 8.59 10.49
CA ILE A 984 3.65 9.03 10.86
C ILE A 984 4.42 9.46 9.62
N THR A 985 4.34 8.66 8.55
CA THR A 985 5.03 8.99 7.31
C THR A 985 4.58 10.34 6.76
N GLY A 986 3.26 10.54 6.68
CA GLY A 986 2.77 11.81 6.15
C GLY A 986 3.18 13.01 6.98
N ARG A 987 3.08 12.88 8.30
CA ARG A 987 3.42 14.01 9.17
C ARG A 987 4.92 14.32 9.11
N LEU A 988 5.77 13.31 9.05
CA LEU A 988 7.20 13.55 8.88
C LEU A 988 7.48 14.28 7.57
N GLN A 989 6.83 13.86 6.48
CA GLN A 989 7.06 14.52 5.20
C GLN A 989 6.70 15.99 5.28
N SER A 990 5.52 16.30 5.84
CA SER A 990 5.11 17.70 5.92
C SER A 990 6.06 18.53 6.77
N LEU A 991 6.50 17.98 7.91
CA LEU A 991 7.40 18.72 8.78
C LEU A 991 8.75 18.99 8.10
N GLN A 992 9.28 18.01 7.38
CA GLN A 992 10.54 18.22 6.68
C GLN A 992 10.41 19.28 5.60
N THR A 993 9.31 19.28 4.85
CA THR A 993 9.13 20.31 3.83
C THR A 993 9.08 21.70 4.47
N TYR A 994 8.39 21.82 5.60
CA TYR A 994 8.35 23.10 6.31
C TYR A 994 9.75 23.56 6.70
N VAL A 995 10.57 22.64 7.23
CA VAL A 995 11.91 23.02 7.68
C VAL A 995 12.76 23.50 6.50
N THR A 996 12.68 22.80 5.37
CA THR A 996 13.48 23.21 4.20
C THR A 996 13.08 24.60 3.72
N GLN A 997 11.77 24.87 3.65
CA GLN A 997 11.34 26.20 3.24
C GLN A 997 11.85 27.27 4.20
N GLN A 998 11.82 26.97 5.50
CA GLN A 998 12.33 27.92 6.48
C GLN A 998 13.81 28.21 6.27
N LEU A 999 14.59 27.18 5.97
CA LEU A 999 16.03 27.38 5.75
C LEU A 999 16.28 28.31 4.57
N ILE A 1000 15.57 28.10 3.46
CA ILE A 1000 15.79 28.95 2.28
C ILE A 1000 15.39 30.39 2.59
N ARG A 1001 14.25 30.58 3.26
CA ARG A 1001 13.80 31.93 3.59
C ARG A 1001 14.80 32.63 4.52
N ALA A 1002 15.37 31.89 5.47
CA ALA A 1002 16.35 32.47 6.38
C ALA A 1002 17.59 32.92 5.64
N ALA A 1003 18.02 32.14 4.64
CA ALA A 1003 19.17 32.56 3.83
C ALA A 1003 18.90 33.90 3.15
N GLU A 1004 17.71 34.04 2.56
CA GLU A 1004 17.38 35.31 1.90
C GLU A 1004 17.38 36.47 2.90
N ILE A 1005 16.80 36.26 4.08
CA ILE A 1005 16.77 37.32 5.10
C ILE A 1005 18.19 37.70 5.51
N ARG A 1006 19.08 36.72 5.61
CA ARG A 1006 20.45 37.02 6.00
C ARG A 1006 21.14 37.90 4.95
N ALA A 1007 20.91 37.61 3.68
CA ALA A 1007 21.49 38.46 2.64
C ALA A 1007 20.96 39.90 2.77
N SER A 1008 19.67 40.06 3.00
CA SER A 1008 19.10 41.40 3.15
C SER A 1008 19.70 42.13 4.35
N ALA A 1009 19.89 41.41 5.46
CA ALA A 1009 20.46 42.03 6.66
C ALA A 1009 21.91 42.45 6.43
N ASN A 1010 22.66 41.66 5.67
CA ASN A 1010 24.03 42.06 5.34
C ASN A 1010 24.04 43.35 4.53
N LEU A 1011 23.13 43.47 3.55
CA LEU A 1011 23.04 44.70 2.79
C LEU A 1011 22.70 45.89 3.69
N ALA A 1012 21.77 45.70 4.62
CA ALA A 1012 21.38 46.79 5.52
C ALA A 1012 22.54 47.22 6.41
N ALA A 1013 23.33 46.25 6.90
CA ALA A 1013 24.49 46.60 7.71
C ALA A 1013 25.51 47.40 6.90
N THR A 1014 25.73 47.00 5.64
CA THR A 1014 26.65 47.76 4.79
C THR A 1014 26.16 49.19 4.58
N LYS A 1015 24.86 49.37 4.32
CA LYS A 1015 24.33 50.71 4.13
C LYS A 1015 24.44 51.55 5.39
N MET A 1016 24.14 50.97 6.54
CA MET A 1016 24.27 51.73 7.79
C MET A 1016 25.71 52.16 8.03
N SER A 1017 26.66 51.29 7.72
CA SER A 1017 28.06 51.65 7.94
C SER A 1017 28.53 52.71 6.96
N GLU A 1018 28.16 52.60 5.69
CA GLU A 1018 28.74 53.43 4.65
C GLU A 1018 27.96 54.70 4.34
N CYS A 1019 26.76 54.86 4.89
CA CYS A 1019 25.96 56.03 4.57
C CYS A 1019 25.51 56.83 5.78
N VAL A 1020 25.35 56.19 6.93
CA VAL A 1020 25.03 56.92 8.15
C VAL A 1020 26.30 57.38 8.87
N LEU A 1021 27.36 56.59 8.82
CA LEU A 1021 28.63 56.91 9.47
C LEU A 1021 29.60 57.62 8.56
N GLY A 1022 29.23 57.88 7.32
CA GLY A 1022 30.13 58.57 6.40
C GLY A 1022 29.35 59.17 5.24
N GLN A 1023 30.10 59.66 4.27
CA GLN A 1023 29.55 60.19 3.03
C GLN A 1023 30.01 59.31 1.88
N SER A 1024 29.07 58.86 1.05
CA SER A 1024 29.35 57.86 0.04
C SER A 1024 29.54 58.48 -1.33
N LYS A 1025 30.44 57.91 -2.11
CA LYS A 1025 30.67 58.30 -3.49
C LYS A 1025 30.10 57.33 -4.51
N ARG A 1026 29.59 56.19 -4.06
CA ARG A 1026 29.03 55.21 -4.98
C ARG A 1026 27.69 55.70 -5.53
N VAL A 1027 27.52 55.60 -6.84
CA VAL A 1027 26.35 56.15 -7.50
C VAL A 1027 25.13 55.31 -7.21
N ASP A 1028 24.04 55.95 -6.79
CA ASP A 1028 22.74 55.35 -6.51
C ASP A 1028 22.77 54.38 -5.34
N PHE A 1029 23.89 54.29 -4.62
CA PHE A 1029 23.93 53.41 -3.45
C PHE A 1029 22.98 53.90 -2.36
N CYS A 1030 22.93 55.22 -2.14
CA CYS A 1030 22.10 55.81 -1.10
C CYS A 1030 21.31 56.97 -1.70
N GLY A 1031 20.17 56.66 -2.31
CA GLY A 1031 19.34 57.67 -2.90
C GLY A 1031 19.71 57.98 -4.34
N LYS A 1032 18.98 58.94 -4.91
CA LYS A 1032 19.20 59.39 -6.27
C LYS A 1032 19.68 60.83 -6.25
N GLY A 1033 20.83 61.08 -6.88
CA GLY A 1033 21.49 62.37 -6.82
C GLY A 1033 22.86 62.26 -6.19
N TYR A 1034 23.28 63.36 -5.56
CA TYR A 1034 24.57 63.40 -4.87
C TYR A 1034 24.32 63.28 -3.37
N HIS A 1035 24.81 62.19 -2.79
CA HIS A 1035 24.53 61.88 -1.39
C HIS A 1035 25.14 62.93 -0.48
N LEU A 1036 24.36 63.39 0.50
CA LEU A 1036 24.85 64.29 1.53
C LEU A 1036 24.93 63.61 2.88
N MET A 1037 23.82 63.03 3.38
CA MET A 1037 23.84 62.38 4.69
C MET A 1037 22.54 61.62 4.88
N SER A 1038 22.58 60.63 5.76
CA SER A 1038 21.45 59.71 5.96
C SER A 1038 21.11 59.62 7.44
N PHE A 1039 19.83 59.29 7.69
CA PHE A 1039 19.31 59.12 9.04
C PHE A 1039 18.64 57.76 9.17
N PRO A 1040 18.91 57.01 10.23
CA PRO A 1040 18.22 55.74 10.45
C PRO A 1040 16.99 55.86 11.34
N GLN A 1041 16.02 54.97 11.08
CA GLN A 1041 14.85 54.82 11.93
C GLN A 1041 14.53 53.32 12.01
N SER A 1042 13.91 52.93 13.12
CA SER A 1042 13.65 51.53 13.39
C SER A 1042 12.20 51.17 13.04
N ALA A 1043 12.05 49.99 12.46
CA ALA A 1043 10.76 49.41 12.09
C ALA A 1043 10.60 48.11 12.87
N PRO A 1044 9.41 47.51 12.85
CA PRO A 1044 9.20 46.26 13.62
C PRO A 1044 10.22 45.16 13.32
N HIS A 1045 10.41 44.76 12.07
CA HIS A 1045 11.43 43.77 11.75
C HIS A 1045 12.40 44.30 10.71
N GLY A 1046 12.61 45.60 10.64
CA GLY A 1046 13.48 46.15 9.63
C GLY A 1046 14.01 47.51 10.02
N VAL A 1047 14.55 48.20 9.03
CA VAL A 1047 15.14 49.51 9.20
C VAL A 1047 14.70 50.40 8.05
N VAL A 1048 14.64 51.70 8.32
CA VAL A 1048 14.26 52.72 7.34
C VAL A 1048 15.37 53.76 7.27
N PHE A 1049 15.87 54.02 6.08
CA PHE A 1049 16.89 55.02 5.85
C PHE A 1049 16.28 56.22 5.15
N LEU A 1050 16.53 57.40 5.70
CA LEU A 1050 16.16 58.66 5.07
C LEU A 1050 17.43 59.28 4.50
N HIS A 1051 17.49 59.36 3.16
CA HIS A 1051 18.66 59.86 2.46
C HIS A 1051 18.42 61.29 2.02
N VAL A 1052 19.40 62.17 2.26
CA VAL A 1052 19.34 63.56 1.83
C VAL A 1052 20.30 63.72 0.67
N THR A 1053 19.79 64.23 -0.46
CA THR A 1053 20.58 64.35 -1.68
C THR A 1053 20.42 65.74 -2.29
N TYR A 1054 21.42 66.11 -3.07
CA TYR A 1054 21.51 67.39 -3.76
C TYR A 1054 21.19 67.17 -5.24
N VAL A 1055 20.21 67.90 -5.77
CA VAL A 1055 19.79 67.76 -7.15
C VAL A 1055 19.94 69.09 -7.86
N PRO A 1056 20.78 69.19 -8.89
CA PRO A 1056 20.88 70.45 -9.64
C PRO A 1056 19.62 70.73 -10.45
N ALA A 1057 19.39 72.02 -10.72
CA ALA A 1057 18.16 72.42 -11.37
C ALA A 1057 18.36 73.76 -12.07
N GLN A 1058 17.46 74.06 -13.00
CA GLN A 1058 17.42 75.32 -13.74
C GLN A 1058 18.71 75.55 -14.52
N GLU A 1059 18.97 74.66 -15.47
CA GLU A 1059 20.16 74.72 -16.29
C GLU A 1059 19.96 75.64 -17.48
N LYS A 1060 21.06 76.25 -17.93
CA LYS A 1060 21.05 77.04 -19.16
C LYS A 1060 22.33 76.76 -19.93
N ASN A 1061 22.31 77.06 -21.23
CA ASN A 1061 23.33 76.61 -22.15
C ASN A 1061 24.28 77.75 -22.52
N PHE A 1062 25.57 77.42 -22.60
CA PHE A 1062 26.63 78.31 -23.03
C PHE A 1062 27.47 77.61 -24.09
N THR A 1063 28.47 78.32 -24.61
CA THR A 1063 29.44 77.76 -25.52
C THR A 1063 30.82 77.74 -24.85
N THR A 1064 31.60 76.70 -25.14
CA THR A 1064 32.82 76.41 -24.41
C THR A 1064 34.01 76.26 -25.34
N ALA A 1065 35.19 76.09 -24.74
CA ALA A 1065 36.44 75.89 -25.43
C ALA A 1065 37.36 75.09 -24.52
N PRO A 1066 38.25 74.25 -25.07
CA PRO A 1066 39.11 73.44 -24.19
C PRO A 1066 40.23 74.23 -23.54
N ALA A 1067 40.74 75.26 -24.22
CA ALA A 1067 41.88 76.02 -23.70
C ALA A 1067 41.83 77.42 -24.29
N ILE A 1068 42.70 78.28 -23.77
CA ILE A 1068 42.77 79.68 -24.20
C ILE A 1068 44.19 79.97 -24.68
N CYS A 1069 44.29 80.63 -25.83
CA CYS A 1069 45.58 81.02 -26.40
C CYS A 1069 45.89 82.45 -25.99
N HIS A 1070 47.07 82.66 -25.40
CA HIS A 1070 47.51 84.00 -25.02
C HIS A 1070 49.02 84.05 -25.10
N ASP A 1071 49.55 85.04 -25.81
CA ASP A 1071 51.00 85.22 -25.98
C ASP A 1071 51.66 83.98 -26.56
N GLY A 1072 50.93 83.25 -27.41
CA GLY A 1072 51.48 82.04 -27.99
C GLY A 1072 51.56 80.87 -27.04
N LYS A 1073 50.78 80.88 -25.96
CA LYS A 1073 50.79 79.79 -24.98
C LYS A 1073 49.36 79.36 -24.70
N ALA A 1074 49.21 78.09 -24.32
CA ALA A 1074 47.91 77.49 -24.08
C ALA A 1074 47.64 77.41 -22.58
N HIS A 1075 46.44 77.82 -22.17
CA HIS A 1075 46.06 77.89 -20.77
C HIS A 1075 44.84 77.01 -20.55
N PHE A 1076 44.86 76.23 -19.47
CA PHE A 1076 43.83 75.30 -19.06
C PHE A 1076 43.32 75.66 -17.67
N PRO A 1077 42.08 75.33 -17.34
CA PRO A 1077 41.54 75.67 -16.02
C PRO A 1077 42.08 74.78 -14.93
N ARG A 1078 42.40 75.38 -13.79
CA ARG A 1078 42.81 74.60 -12.63
C ARG A 1078 41.67 73.72 -12.13
N GLU A 1079 40.46 74.28 -12.05
CA GLU A 1079 39.28 73.51 -11.69
C GLU A 1079 38.07 74.29 -12.18
N GLY A 1080 37.38 73.76 -13.18
CA GLY A 1080 36.23 74.43 -13.76
C GLY A 1080 36.30 74.37 -15.26
N VAL A 1081 35.43 75.14 -15.91
CA VAL A 1081 35.36 75.18 -17.36
C VAL A 1081 35.30 76.62 -17.86
N PHE A 1082 35.77 76.80 -19.08
CA PHE A 1082 35.67 78.07 -19.79
C PHE A 1082 34.30 78.17 -20.44
N VAL A 1083 33.59 79.28 -20.20
CA VAL A 1083 32.29 79.51 -20.78
C VAL A 1083 32.24 80.95 -21.32
N SER A 1084 31.27 81.20 -22.19
CA SER A 1084 31.01 82.57 -22.61
C SER A 1084 29.51 82.79 -22.72
N ASN A 1085 29.10 84.02 -22.45
CA ASN A 1085 27.70 84.42 -22.55
C ASN A 1085 27.37 85.01 -23.91
N GLY A 1086 28.31 84.95 -24.86
CA GLY A 1086 28.14 85.48 -26.20
C GLY A 1086 29.24 86.44 -26.61
N THR A 1087 29.77 87.20 -25.67
CA THR A 1087 30.81 88.19 -25.96
C THR A 1087 32.05 88.05 -25.11
N HIS A 1088 31.91 87.68 -23.83
CA HIS A 1088 33.03 87.65 -22.90
C HIS A 1088 33.19 86.26 -22.32
N TRP A 1089 34.42 85.92 -21.94
CA TRP A 1089 34.78 84.60 -21.47
C TRP A 1089 35.04 84.60 -19.97
N PHE A 1090 34.64 83.51 -19.31
CA PHE A 1090 34.77 83.36 -17.87
C PHE A 1090 35.17 81.93 -17.55
N VAL A 1091 35.58 81.73 -16.29
CA VAL A 1091 35.82 80.40 -15.73
C VAL A 1091 34.76 80.16 -14.66
N THR A 1092 34.14 78.98 -14.69
CA THR A 1092 33.10 78.67 -13.74
C THR A 1092 33.32 77.27 -13.16
N GLN A 1093 32.63 77.01 -12.04
CA GLN A 1093 32.55 75.67 -11.50
C GLN A 1093 31.77 74.77 -12.46
N ARG A 1094 31.88 73.47 -12.24
CA ARG A 1094 31.20 72.52 -13.12
C ARG A 1094 29.76 72.25 -12.71
N ASN A 1095 29.41 72.45 -11.44
CA ASN A 1095 28.10 72.10 -10.94
C ASN A 1095 27.23 73.28 -10.54
N PHE A 1096 27.79 74.48 -10.42
CA PHE A 1096 27.02 75.66 -10.09
C PHE A 1096 27.57 76.82 -10.89
N TYR A 1097 26.69 77.64 -11.45
CA TYR A 1097 27.13 78.72 -12.33
C TYR A 1097 27.56 79.92 -11.49
N GLU A 1098 28.85 80.24 -11.56
CA GLU A 1098 29.42 81.36 -10.80
C GLU A 1098 30.65 81.85 -11.55
N PRO A 1099 30.48 82.73 -12.51
CA PRO A 1099 31.60 83.11 -13.38
C PRO A 1099 32.63 83.97 -12.67
N GLN A 1100 33.87 83.85 -13.14
CA GLN A 1100 35.00 84.63 -12.63
C GLN A 1100 35.79 85.17 -13.81
N ILE A 1101 36.66 86.14 -13.53
CA ILE A 1101 37.57 86.65 -14.54
C ILE A 1101 38.74 85.68 -14.70
N ILE A 1102 39.19 85.49 -15.93
CA ILE A 1102 40.28 84.57 -16.22
C ILE A 1102 41.60 85.24 -15.88
N THR A 1103 42.29 84.73 -14.86
CA THR A 1103 43.58 85.24 -14.43
C THR A 1103 44.59 84.10 -14.46
N THR A 1104 45.83 84.41 -14.08
CA THR A 1104 46.86 83.38 -13.97
C THR A 1104 46.75 82.59 -12.68
N ASP A 1105 45.82 82.93 -11.79
CA ASP A 1105 45.65 82.23 -10.54
C ASP A 1105 44.71 81.04 -10.65
N ASN A 1106 43.70 81.10 -11.53
CA ASN A 1106 42.77 80.01 -11.71
C ASN A 1106 43.04 79.21 -12.99
N THR A 1107 44.16 79.46 -13.66
CA THR A 1107 44.55 78.71 -14.84
C THR A 1107 46.01 78.29 -14.70
N PHE A 1108 46.40 77.33 -15.52
CA PHE A 1108 47.80 76.95 -15.65
C PHE A 1108 48.16 76.79 -17.12
N VAL A 1109 49.42 77.07 -17.44
CA VAL A 1109 49.91 77.15 -18.81
C VAL A 1109 50.78 75.93 -19.08
N SER A 1110 50.60 75.33 -20.26
CA SER A 1110 51.45 74.22 -20.70
C SER A 1110 51.30 74.05 -22.19
N GLY A 1111 52.39 74.26 -22.93
CA GLY A 1111 52.42 73.94 -24.35
C GLY A 1111 52.22 75.14 -25.25
N ASN A 1112 52.11 74.85 -26.54
CA ASN A 1112 51.89 75.86 -27.56
C ASN A 1112 50.42 75.90 -27.96
N CYS A 1113 50.09 76.80 -28.88
CA CYS A 1113 48.72 76.95 -29.35
C CYS A 1113 48.43 76.17 -30.63
N ASP A 1114 49.17 75.08 -30.87
CA ASP A 1114 49.02 74.36 -32.13
C ASP A 1114 48.44 72.97 -31.92
N VAL A 1115 48.86 72.28 -30.86
CA VAL A 1115 48.50 70.88 -30.68
C VAL A 1115 47.01 70.74 -30.34
N VAL A 1116 46.47 71.65 -29.54
CA VAL A 1116 45.09 71.52 -29.08
C VAL A 1116 44.13 71.91 -30.19
N ILE A 1117 42.98 71.24 -30.24
CA ILE A 1117 42.09 71.36 -31.39
C ILE A 1117 41.27 72.64 -31.32
N GLY A 1118 40.44 72.78 -30.29
CA GLY A 1118 39.50 73.88 -30.24
C GLY A 1118 39.95 75.13 -29.52
N ILE A 1119 41.19 75.55 -29.76
CA ILE A 1119 41.73 76.76 -29.14
C ILE A 1119 40.89 77.97 -29.52
N VAL A 1120 40.68 78.87 -28.54
CA VAL A 1120 40.03 80.15 -28.76
C VAL A 1120 40.94 81.26 -28.26
N ASN A 1121 41.08 82.31 -29.05
CA ASN A 1121 41.91 83.46 -28.70
C ASN A 1121 41.20 84.30 -27.65
N ASN A 1122 41.92 84.67 -26.59
CA ASN A 1122 41.42 85.58 -25.58
C ASN A 1122 42.61 86.12 -24.79
N THR A 1123 42.32 86.81 -23.69
CA THR A 1123 43.35 87.39 -22.85
C THR A 1123 43.27 86.82 -21.44
N VAL A 1124 44.43 86.68 -20.81
CA VAL A 1124 44.54 86.20 -19.44
C VAL A 1124 45.07 87.35 -18.60
N TYR A 1125 44.29 87.77 -17.60
CA TYR A 1125 44.63 88.93 -16.80
C TYR A 1125 45.76 88.60 -15.83
N ASP A 1126 46.61 89.59 -15.57
CA ASP A 1126 47.74 89.44 -14.65
C ASP A 1126 47.54 90.35 -13.46
N PRO A 1127 47.35 89.82 -12.25
CA PRO A 1127 47.09 90.69 -11.09
C PRO A 1127 48.27 91.56 -10.68
N LEU A 1128 49.48 91.25 -11.13
CA LEU A 1128 50.67 91.97 -10.66
C LEU A 1128 50.87 93.29 -11.41
N GLN A 1129 50.42 93.36 -12.66
CA GLN A 1129 50.67 94.53 -13.51
C GLN A 1129 50.13 95.83 -12.95
N PRO A 1130 48.88 95.90 -12.43
CA PRO A 1130 48.41 97.20 -11.92
C PRO A 1130 49.26 97.76 -10.79
N GLU A 1131 49.63 96.95 -9.81
CA GLU A 1131 50.44 97.47 -8.72
C GLU A 1131 51.87 97.72 -9.18
N LEU A 1132 52.36 96.95 -10.15
CA LEU A 1132 53.70 97.20 -10.66
C LEU A 1132 53.78 98.48 -11.46
N ASP A 1133 52.67 98.87 -12.10
CA ASP A 1133 52.62 100.16 -12.77
C ASP A 1133 52.42 101.31 -11.77
N SER A 1134 51.63 101.07 -10.72
CA SER A 1134 51.40 102.11 -9.73
C SER A 1134 52.54 102.25 -8.74
N PHE A 1135 53.43 101.26 -8.66
CA PHE A 1135 54.54 101.26 -7.71
C PHE A 1135 55.83 100.85 -8.42
N LYS A 1136 56.07 101.43 -9.59
CA LYS A 1136 57.28 101.21 -10.40
C LYS A 1136 57.73 99.75 -10.46
N GLN B 1 17.17 -42.86 -46.33
CA GLN B 1 17.95 -43.46 -45.26
C GLN B 1 19.41 -43.07 -45.33
N CYS B 2 19.93 -42.55 -44.24
CA CYS B 2 21.33 -42.14 -44.14
C CYS B 2 22.15 -43.19 -43.42
N VAL B 3 23.46 -43.12 -43.59
CA VAL B 3 24.40 -44.08 -43.04
C VAL B 3 25.01 -43.52 -41.77
N ASN B 4 25.40 -44.41 -40.86
CA ASN B 4 26.15 -44.02 -39.67
C ASN B 4 27.61 -43.84 -40.10
N LEU B 5 27.89 -42.73 -40.76
CA LEU B 5 29.20 -42.46 -41.33
C LEU B 5 30.18 -42.16 -40.20
N THR B 6 31.22 -43.00 -40.09
CA THR B 6 32.21 -42.87 -39.02
C THR B 6 33.58 -42.81 -39.68
N THR B 7 34.63 -42.92 -38.85
CA THR B 7 36.02 -42.87 -39.30
C THR B 7 36.33 -41.55 -40.02
N ARG B 8 36.24 -40.46 -39.27
CA ARG B 8 36.56 -39.12 -39.77
C ARG B 8 37.74 -38.55 -39.01
N THR B 9 38.70 -38.01 -39.74
CA THR B 9 39.87 -37.37 -39.17
C THR B 9 39.86 -35.88 -39.50
N GLN B 10 39.96 -35.06 -38.46
CA GLN B 10 39.85 -33.61 -38.61
C GLN B 10 41.19 -32.93 -38.38
N LEU B 11 41.15 -31.60 -38.42
CA LEU B 11 42.30 -30.74 -38.24
C LEU B 11 42.02 -29.78 -37.09
N PRO B 12 43.05 -29.13 -36.53
CA PRO B 12 42.82 -28.13 -35.48
C PRO B 12 41.92 -27.02 -35.97
N PRO B 13 41.06 -26.48 -35.12
CA PRO B 13 40.09 -25.49 -35.57
C PRO B 13 40.72 -24.11 -35.73
N ALA B 14 40.33 -23.43 -36.81
CA ALA B 14 40.79 -22.08 -37.05
C ALA B 14 39.96 -21.08 -36.26
N TYR B 15 40.39 -19.82 -36.26
CA TYR B 15 39.68 -18.76 -35.57
C TYR B 15 39.89 -17.45 -36.33
N THR B 16 38.98 -16.51 -36.11
CA THR B 16 39.11 -15.18 -36.67
C THR B 16 38.43 -14.20 -35.72
N ASN B 17 38.44 -12.93 -36.08
CA ASN B 17 37.96 -11.88 -35.19
C ASN B 17 36.82 -11.11 -35.84
N SER B 18 35.82 -10.78 -35.04
CA SER B 18 34.60 -10.09 -35.51
C SER B 18 34.77 -8.59 -35.29
N PHE B 19 34.97 -7.86 -36.38
CA PHE B 19 35.30 -6.43 -36.33
C PHE B 19 34.00 -5.61 -36.36
N THR B 20 33.39 -5.43 -35.19
CA THR B 20 32.17 -4.64 -35.04
C THR B 20 31.07 -5.13 -35.98
N ARG B 21 30.65 -6.37 -35.76
CA ARG B 21 29.61 -7.00 -36.55
C ARG B 21 28.60 -7.65 -35.63
N GLY B 22 27.38 -7.83 -36.15
CA GLY B 22 26.35 -8.54 -35.42
C GLY B 22 25.46 -7.65 -34.58
N VAL B 23 25.03 -6.52 -35.13
CA VAL B 23 24.12 -5.60 -34.47
C VAL B 23 22.75 -5.74 -35.14
N TYR B 24 21.71 -5.91 -34.34
CA TYR B 24 20.36 -6.06 -34.84
C TYR B 24 19.45 -5.06 -34.15
N TYR B 25 18.32 -4.79 -34.79
CA TYR B 25 17.33 -3.87 -34.22
C TYR B 25 16.67 -4.52 -33.02
N PRO B 26 16.77 -3.94 -31.82
CA PRO B 26 16.22 -4.62 -30.63
C PRO B 26 14.71 -4.55 -30.50
N ASP B 27 14.05 -3.61 -31.18
CA ASP B 27 12.62 -3.46 -31.05
C ASP B 27 12.07 -2.86 -32.34
N LYS B 28 10.77 -2.54 -32.33
CA LYS B 28 10.07 -2.04 -33.49
C LYS B 28 9.77 -0.55 -33.42
N VAL B 29 10.47 0.19 -32.58
CA VAL B 29 10.23 1.61 -32.40
C VAL B 29 11.04 2.40 -33.43
N PHE B 30 10.48 3.50 -33.89
CA PHE B 30 11.14 4.38 -34.86
C PHE B 30 11.80 5.53 -34.10
N ARG B 31 13.06 5.81 -34.43
CA ARG B 31 13.82 6.91 -33.86
C ARG B 31 14.42 7.73 -34.98
N SER B 32 14.73 9.00 -34.69
CA SER B 32 15.31 9.89 -35.69
C SER B 32 16.29 10.83 -35.01
N SER B 33 17.56 10.77 -35.44
CA SER B 33 18.61 11.69 -34.99
C SER B 33 18.75 11.66 -33.47
N VAL B 34 18.89 10.46 -32.91
CA VAL B 34 19.03 10.28 -31.47
C VAL B 34 20.15 9.28 -31.20
N LEU B 35 20.60 9.26 -29.95
CA LEU B 35 21.48 8.22 -29.44
C LEU B 35 20.74 7.50 -28.33
N HIS B 36 20.64 6.18 -28.44
CA HIS B 36 19.84 5.38 -27.51
C HIS B 36 20.71 4.29 -26.90
N SER B 37 20.66 4.16 -25.58
CA SER B 37 21.40 3.13 -24.87
C SER B 37 20.46 1.98 -24.54
N THR B 38 20.80 0.78 -25.00
CA THR B 38 19.98 -0.39 -24.79
C THR B 38 20.82 -1.56 -24.30
N GLN B 39 20.23 -2.37 -23.43
CA GLN B 39 20.89 -3.54 -22.86
C GLN B 39 20.18 -4.79 -23.38
N ASP B 40 20.95 -5.71 -23.95
CA ASP B 40 20.37 -6.92 -24.54
C ASP B 40 21.47 -7.92 -24.82
N LEU B 41 21.11 -9.03 -25.45
CA LEU B 41 22.06 -10.10 -25.77
C LEU B 41 22.73 -9.77 -27.09
N PHE B 42 23.99 -9.34 -27.04
CA PHE B 42 24.73 -8.90 -28.20
C PHE B 42 25.99 -9.72 -28.37
N LEU B 43 26.56 -9.64 -29.57
CA LEU B 43 27.87 -10.20 -29.83
C LEU B 43 28.93 -9.14 -29.57
N PRO B 44 29.81 -9.31 -28.59
CA PRO B 44 30.74 -8.24 -28.21
C PRO B 44 31.69 -7.88 -29.34
N PHE B 45 32.11 -6.61 -29.34
CA PHE B 45 33.02 -6.13 -30.37
C PHE B 45 34.38 -6.82 -30.22
N PHE B 46 35.01 -7.08 -31.37
CA PHE B 46 36.35 -7.68 -31.42
C PHE B 46 36.40 -8.96 -30.59
N SER B 47 35.65 -9.95 -31.05
CA SER B 47 35.55 -11.23 -30.37
C SER B 47 36.04 -12.35 -31.29
N ASN B 48 36.52 -13.43 -30.68
CA ASN B 48 37.00 -14.57 -31.43
C ASN B 48 35.83 -15.46 -31.86
N VAL B 49 35.70 -15.67 -33.16
CA VAL B 49 34.66 -16.50 -33.74
C VAL B 49 35.31 -17.62 -34.52
N THR B 50 34.72 -18.81 -34.44
CA THR B 50 35.32 -20.04 -34.95
C THR B 50 35.02 -20.18 -36.44
N TRP B 51 36.05 -20.02 -37.26
CA TRP B 51 35.92 -20.33 -38.68
C TRP B 51 35.75 -21.83 -38.87
N PHE B 52 34.76 -22.22 -39.69
CA PHE B 52 34.76 -23.54 -40.27
C PHE B 52 34.81 -23.42 -41.79
N HIS B 53 35.48 -24.37 -42.44
CA HIS B 53 35.72 -24.31 -43.87
C HIS B 53 35.44 -25.66 -44.50
N ALA B 54 34.77 -25.64 -45.65
CA ALA B 54 34.48 -26.84 -46.42
C ALA B 54 35.15 -26.73 -47.78
N ILE B 55 36.02 -27.70 -48.08
CA ILE B 55 36.77 -27.73 -49.33
C ILE B 55 37.34 -29.12 -49.49
N HIS B 56 37.53 -29.55 -50.74
CA HIS B 56 37.87 -30.95 -51.01
C HIS B 56 39.27 -31.29 -50.50
N VAL B 57 40.26 -30.47 -50.84
CA VAL B 57 41.67 -30.77 -50.57
C VAL B 57 42.04 -32.15 -51.08
N THR B 63 38.61 -36.00 -42.59
CA THR B 63 38.58 -36.62 -43.90
C THR B 63 37.94 -35.70 -44.93
N LYS B 64 38.70 -35.42 -45.99
CA LYS B 64 38.27 -34.62 -47.15
C LYS B 64 37.94 -33.18 -46.78
N ARG B 65 38.16 -32.78 -45.53
CA ARG B 65 37.92 -31.42 -45.07
C ARG B 65 36.48 -30.97 -45.35
N PHE B 66 35.54 -31.69 -44.76
CA PHE B 66 34.12 -31.36 -44.83
C PHE B 66 33.58 -31.46 -43.41
N ASP B 67 33.21 -30.33 -42.82
CA ASP B 67 32.89 -30.26 -41.41
C ASP B 67 31.46 -29.75 -41.21
N ASN B 68 30.67 -30.52 -40.47
CA ASN B 68 29.40 -30.06 -39.92
C ASN B 68 29.29 -30.48 -38.46
N PRO B 69 30.12 -29.92 -37.57
CA PRO B 69 30.01 -30.28 -36.15
C PRO B 69 28.64 -29.91 -35.60
N VAL B 70 28.30 -30.55 -34.48
CA VAL B 70 27.05 -30.24 -33.78
C VAL B 70 27.41 -29.30 -32.64
N LEU B 71 27.37 -28.00 -32.94
CA LEU B 71 27.79 -26.99 -31.99
C LEU B 71 26.72 -26.80 -30.90
N PRO B 72 27.09 -26.25 -29.76
CA PRO B 72 26.12 -25.97 -28.71
C PRO B 72 25.32 -24.70 -29.03
N PHE B 73 24.44 -24.34 -28.09
CA PHE B 73 23.54 -23.21 -28.26
C PHE B 73 23.22 -22.68 -26.87
N ASN B 74 23.95 -21.66 -26.43
CA ASN B 74 23.75 -21.14 -25.08
C ASN B 74 22.59 -20.15 -25.02
N ASP B 75 22.74 -19.01 -25.71
CA ASP B 75 21.69 -18.00 -25.76
C ASP B 75 21.51 -17.39 -27.14
N GLY B 76 22.30 -17.77 -28.12
CA GLY B 76 22.17 -17.22 -29.45
C GLY B 76 23.40 -17.51 -30.28
N VAL B 77 23.26 -17.33 -31.59
CA VAL B 77 24.32 -17.61 -32.55
C VAL B 77 24.42 -16.44 -33.50
N TYR B 78 25.58 -16.32 -34.15
CA TYR B 78 25.79 -15.33 -35.20
C TYR B 78 26.27 -16.05 -36.46
N PHE B 79 25.55 -17.07 -36.89
CA PHE B 79 25.88 -17.75 -38.12
C PHE B 79 25.92 -16.74 -39.27
N ALA B 80 27.08 -16.62 -39.91
CA ALA B 80 27.35 -15.56 -40.87
C ALA B 80 28.07 -16.10 -42.09
N SER B 81 27.55 -17.19 -42.64
CA SER B 81 28.23 -17.90 -43.73
C SER B 81 28.51 -17.00 -44.93
N THR B 82 29.59 -17.32 -45.63
CA THR B 82 29.94 -16.70 -46.91
C THR B 82 30.09 -17.80 -47.94
N GLU B 83 29.54 -17.58 -49.13
CA GLU B 83 29.51 -18.64 -50.13
C GLU B 83 29.23 -18.02 -51.50
N LYS B 84 29.29 -18.86 -52.51
CA LYS B 84 29.05 -18.48 -53.91
C LYS B 84 28.03 -19.37 -54.61
N SER B 85 27.99 -20.67 -54.30
CA SER B 85 27.21 -21.63 -55.05
C SER B 85 26.04 -22.21 -54.26
N ASN B 86 25.59 -21.52 -53.21
CA ASN B 86 24.48 -21.99 -52.36
C ASN B 86 24.79 -23.38 -51.81
N ILE B 87 25.82 -23.43 -50.97
CA ILE B 87 26.24 -24.69 -50.38
C ILE B 87 25.57 -24.93 -49.03
N ILE B 88 25.51 -23.91 -48.18
CA ILE B 88 24.78 -24.00 -46.92
C ILE B 88 23.30 -23.87 -47.20
N ARG B 89 22.50 -24.83 -46.73
CA ARG B 89 21.07 -24.82 -46.96
C ARG B 89 20.28 -24.40 -45.73
N GLY B 90 20.43 -25.10 -44.61
CA GLY B 90 19.63 -24.80 -43.45
C GLY B 90 20.23 -25.42 -42.21
N TRP B 91 19.55 -25.20 -41.09
CA TRP B 91 20.02 -25.62 -39.79
C TRP B 91 18.96 -26.55 -39.17
N ILE B 92 19.35 -27.25 -38.12
CA ILE B 92 18.43 -28.08 -37.37
C ILE B 92 18.73 -27.91 -35.89
N PHE B 93 17.68 -27.77 -35.10
CA PHE B 93 17.80 -27.41 -33.69
C PHE B 93 17.23 -28.53 -32.82
N GLY B 94 17.16 -28.29 -31.52
CA GLY B 94 16.60 -29.24 -30.59
C GLY B 94 17.57 -29.55 -29.45
N THR B 95 17.00 -30.11 -28.39
CA THR B 95 17.76 -30.46 -27.18
C THR B 95 18.18 -31.92 -27.14
N THR B 96 17.40 -32.83 -27.71
CA THR B 96 17.74 -34.25 -27.72
C THR B 96 18.32 -34.72 -29.03
N LEU B 97 17.78 -34.28 -30.16
CA LEU B 97 18.24 -34.66 -31.49
C LEU B 97 18.21 -36.18 -31.67
N ASP B 98 17.23 -36.85 -31.06
CA ASP B 98 17.16 -38.30 -31.09
C ASP B 98 15.72 -38.77 -31.27
N SER B 99 14.84 -37.87 -31.71
CA SER B 99 13.41 -38.14 -31.91
C SER B 99 12.70 -38.47 -30.61
N LYS B 100 13.39 -38.31 -29.48
CA LYS B 100 12.74 -38.44 -28.19
C LYS B 100 11.91 -37.20 -27.85
N THR B 101 12.33 -36.03 -28.32
CA THR B 101 11.65 -34.78 -28.02
C THR B 101 11.56 -33.97 -29.31
N GLN B 102 10.78 -32.88 -29.26
CA GLN B 102 10.54 -32.06 -30.43
C GLN B 102 11.85 -31.45 -30.95
N SER B 103 11.94 -31.34 -32.27
CA SER B 103 13.10 -30.78 -32.95
C SER B 103 12.65 -29.93 -34.12
N LEU B 104 13.31 -28.80 -34.32
CA LEU B 104 12.96 -27.79 -35.30
C LEU B 104 13.79 -27.98 -36.56
N LEU B 105 13.40 -27.29 -37.65
CA LEU B 105 14.05 -27.45 -38.94
C LEU B 105 13.80 -26.24 -39.82
N ILE B 106 14.84 -25.77 -40.50
CA ILE B 106 14.77 -24.59 -41.38
C ILE B 106 15.34 -24.92 -42.75
N VAL B 107 15.14 -26.17 -43.20
CA VAL B 107 15.72 -26.59 -44.48
C VAL B 107 15.17 -25.72 -45.60
N ASN B 108 16.08 -25.11 -46.36
CA ASN B 108 15.72 -24.31 -47.54
C ASN B 108 16.08 -25.15 -48.77
N ASN B 109 15.13 -25.96 -49.21
CA ASN B 109 15.32 -26.81 -50.37
C ASN B 109 15.41 -25.96 -51.64
N ALA B 110 15.52 -26.65 -52.77
CA ALA B 110 15.70 -25.96 -54.05
C ALA B 110 14.50 -25.06 -54.37
N THR B 111 13.29 -25.51 -54.08
CA THR B 111 12.11 -24.73 -54.43
C THR B 111 11.83 -23.64 -53.38
N ASN B 112 11.53 -24.05 -52.15
CA ASN B 112 11.08 -23.09 -51.16
C ASN B 112 11.56 -23.52 -49.77
N VAL B 113 11.57 -22.55 -48.87
CA VAL B 113 11.96 -22.79 -47.48
C VAL B 113 10.84 -23.51 -46.74
N VAL B 114 11.21 -24.52 -45.96
CA VAL B 114 10.27 -25.34 -45.22
C VAL B 114 10.66 -25.31 -43.74
N ILE B 115 9.74 -24.92 -42.88
CA ILE B 115 9.96 -24.89 -41.45
C ILE B 115 9.02 -25.90 -40.79
N LYS B 116 9.60 -26.85 -40.08
CA LYS B 116 8.84 -27.92 -39.45
C LYS B 116 9.35 -28.15 -38.03
N VAL B 117 8.43 -28.42 -37.12
CA VAL B 117 8.77 -28.72 -35.73
C VAL B 117 8.37 -30.15 -35.35
N CYS B 118 8.15 -31.03 -36.32
CA CYS B 118 7.79 -32.40 -36.03
C CYS B 118 8.96 -33.13 -35.38
N GLU B 119 8.65 -34.13 -34.56
CA GLU B 119 9.70 -34.92 -33.93
C GLU B 119 10.44 -35.72 -35.00
N PHE B 120 11.65 -35.27 -35.33
CA PHE B 120 12.42 -35.82 -36.44
C PHE B 120 13.41 -36.84 -35.90
N GLN B 121 13.62 -37.91 -36.66
CA GLN B 121 14.64 -38.91 -36.36
C GLN B 121 15.70 -38.82 -37.46
N PHE B 122 16.81 -38.19 -37.14
CA PHE B 122 17.95 -38.07 -38.06
C PHE B 122 19.16 -38.74 -37.44
N CYS B 123 19.99 -39.32 -38.31
CA CYS B 123 21.13 -40.12 -37.87
C CYS B 123 22.27 -39.20 -37.46
N ASN B 124 23.45 -39.79 -37.22
CA ASN B 124 24.62 -39.03 -36.83
C ASN B 124 25.22 -38.24 -37.98
N ASP B 125 24.76 -38.47 -39.21
CA ASP B 125 25.21 -37.71 -40.38
C ASP B 125 23.99 -37.23 -41.14
N PRO B 126 23.27 -36.23 -40.61
CA PRO B 126 22.16 -35.64 -41.37
C PRO B 126 22.65 -34.56 -42.32
N PHE B 127 22.39 -34.73 -43.61
CA PHE B 127 22.89 -33.80 -44.62
C PHE B 127 21.92 -33.79 -45.78
N LEU B 128 22.30 -33.08 -46.85
CA LEU B 128 21.54 -33.05 -48.09
C LEU B 128 22.49 -33.30 -49.25
N GLY B 129 22.05 -34.09 -50.22
CA GLY B 129 22.90 -34.41 -51.36
C GLY B 129 22.27 -34.05 -52.69
N VAL B 130 23.07 -33.99 -53.74
CA VAL B 130 22.60 -33.69 -55.09
C VAL B 130 23.16 -34.71 -56.06
N TYR B 131 22.42 -34.97 -57.12
CA TYR B 131 22.82 -35.85 -58.21
C TYR B 131 22.09 -35.43 -59.48
N TYR B 132 22.76 -35.61 -60.63
CA TYR B 132 22.18 -35.26 -61.92
C TYR B 132 22.39 -36.40 -62.90
N HIS B 133 21.36 -36.68 -63.69
CA HIS B 133 21.42 -37.72 -64.72
C HIS B 133 20.83 -37.18 -66.01
N LYS B 134 21.46 -37.57 -67.13
CA LYS B 134 21.17 -37.00 -68.44
C LYS B 134 20.03 -37.69 -69.18
N ASN B 135 19.51 -38.81 -68.65
CA ASN B 135 18.46 -39.53 -69.35
C ASN B 135 17.23 -38.66 -69.56
N ASN B 136 16.82 -37.93 -68.52
CA ASN B 136 15.79 -36.91 -68.63
C ASN B 136 16.27 -35.65 -67.93
N LYS B 137 15.87 -34.50 -68.45
CA LYS B 137 16.29 -33.21 -67.91
C LYS B 137 15.44 -32.83 -66.70
N SER B 138 15.48 -33.72 -65.70
CA SER B 138 14.80 -33.51 -64.43
C SER B 138 15.84 -33.20 -63.37
N TRP B 139 15.72 -32.04 -62.72
CA TRP B 139 16.68 -31.58 -61.73
C TRP B 139 16.04 -31.59 -60.35
N MET B 140 16.69 -32.27 -59.41
CA MET B 140 16.17 -32.39 -58.05
C MET B 140 17.26 -33.02 -57.20
N GLU B 141 17.32 -32.61 -55.93
CA GLU B 141 18.22 -33.22 -54.97
C GLU B 141 17.78 -34.67 -54.77
N SER B 142 18.65 -35.61 -55.10
CA SER B 142 18.28 -37.00 -55.17
C SER B 142 18.36 -37.72 -53.82
N GLU B 143 18.98 -37.11 -52.81
CA GLU B 143 19.21 -37.81 -51.55
C GLU B 143 18.96 -36.82 -50.40
N PHE B 144 17.74 -36.85 -49.87
CA PHE B 144 17.31 -35.95 -48.80
C PHE B 144 17.46 -36.64 -47.44
N ARG B 145 18.71 -36.98 -47.10
CA ARG B 145 19.00 -37.73 -45.88
C ARG B 145 19.17 -36.75 -44.72
N VAL B 146 18.09 -36.04 -44.42
CA VAL B 146 18.07 -35.12 -43.29
C VAL B 146 17.34 -35.70 -42.09
N TYR B 147 16.60 -36.78 -42.24
CA TYR B 147 15.87 -37.42 -41.17
C TYR B 147 15.35 -38.76 -41.69
N SER B 148 14.72 -39.53 -40.80
CA SER B 148 14.13 -40.81 -41.18
C SER B 148 12.65 -40.91 -40.83
N SER B 149 12.23 -40.40 -39.68
CA SER B 149 10.85 -40.51 -39.26
C SER B 149 10.38 -39.19 -38.65
N ALA B 150 9.07 -38.96 -38.73
CA ALA B 150 8.41 -37.78 -38.14
C ALA B 150 7.06 -38.28 -37.63
N ASN B 151 7.03 -38.66 -36.34
CA ASN B 151 5.88 -39.39 -35.81
C ASN B 151 4.67 -38.47 -35.57
N ASN B 152 4.79 -37.52 -34.64
CA ASN B 152 3.69 -36.60 -34.39
C ASN B 152 4.19 -35.17 -34.54
N CYS B 153 3.49 -34.39 -35.37
CA CYS B 153 3.93 -33.07 -35.79
C CYS B 153 3.12 -32.01 -35.05
N THR B 154 3.71 -30.82 -34.91
CA THR B 154 3.06 -29.73 -34.19
C THR B 154 3.01 -28.43 -34.97
N PHE B 155 4.03 -28.12 -35.77
CA PHE B 155 4.13 -26.84 -36.45
C PHE B 155 4.54 -27.08 -37.89
N GLU B 156 4.00 -26.24 -38.78
CA GLU B 156 4.38 -26.25 -40.19
C GLU B 156 4.39 -24.81 -40.69
N TYR B 157 5.28 -24.53 -41.64
CA TYR B 157 5.35 -23.18 -42.20
C TYR B 157 6.11 -23.23 -43.52
N VAL B 158 5.67 -22.44 -44.48
CA VAL B 158 6.31 -22.34 -45.79
C VAL B 158 6.24 -20.89 -46.24
N SER B 159 7.31 -20.41 -46.86
CA SER B 159 7.33 -19.07 -47.42
C SER B 159 8.19 -19.06 -48.68
N GLN B 160 8.49 -17.87 -49.17
CA GLN B 160 9.33 -17.73 -50.35
C GLN B 160 10.75 -17.36 -49.93
N PRO B 161 11.75 -18.18 -50.20
CA PRO B 161 13.12 -17.87 -49.79
C PRO B 161 13.87 -17.08 -50.86
N PHE B 162 15.11 -16.76 -50.54
CA PHE B 162 16.00 -16.10 -51.50
C PHE B 162 16.53 -17.14 -52.48
N LEU B 163 16.22 -16.95 -53.76
CA LEU B 163 16.54 -17.91 -54.80
C LEU B 163 17.61 -17.34 -55.72
N MET B 164 18.57 -18.18 -56.09
CA MET B 164 19.66 -17.76 -56.96
C MET B 164 19.78 -18.69 -58.17
N ASP B 165 20.89 -18.57 -58.91
CA ASP B 165 21.05 -19.33 -60.15
C ASP B 165 20.99 -20.84 -59.91
N LEU B 166 21.24 -21.29 -58.68
CA LEU B 166 21.20 -22.71 -58.34
C LEU B 166 22.17 -23.52 -59.21
N GLU B 167 23.34 -22.93 -59.47
CA GLU B 167 24.37 -23.58 -60.27
C GLU B 167 25.73 -23.31 -59.65
N GLY B 168 26.54 -24.36 -59.55
CA GLY B 168 27.84 -24.20 -58.92
C GLY B 168 28.77 -23.32 -59.74
N LYS B 169 29.63 -22.59 -59.04
CA LYS B 169 30.59 -21.69 -59.68
C LYS B 169 31.97 -21.90 -59.05
N GLN B 170 33.00 -21.54 -59.81
CA GLN B 170 34.38 -21.68 -59.37
C GLN B 170 35.01 -20.35 -58.97
N GLY B 171 34.22 -19.28 -58.88
CA GLY B 171 34.75 -17.99 -58.52
C GLY B 171 34.90 -17.80 -57.01
N ASN B 172 35.40 -16.63 -56.64
CA ASN B 172 35.60 -16.30 -55.24
C ASN B 172 34.29 -15.87 -54.59
N PHE B 173 34.32 -15.71 -53.27
CA PHE B 173 33.13 -15.40 -52.51
C PHE B 173 32.63 -14.00 -52.86
N LYS B 174 31.30 -13.85 -52.99
CA LYS B 174 30.74 -12.56 -53.34
C LYS B 174 29.43 -12.22 -52.61
N ASN B 175 28.97 -13.05 -51.68
CA ASN B 175 27.71 -12.79 -50.99
C ASN B 175 27.86 -13.13 -49.52
N LEU B 176 27.59 -12.17 -48.64
CA LEU B 176 27.61 -12.39 -47.21
C LEU B 176 26.17 -12.45 -46.69
N ARG B 177 25.91 -13.40 -45.79
CA ARG B 177 24.57 -13.77 -45.40
C ARG B 177 24.54 -13.94 -43.87
N GLU B 178 24.18 -12.88 -43.15
CA GLU B 178 24.27 -12.85 -41.70
C GLU B 178 22.93 -13.20 -41.07
N PHE B 179 22.98 -14.00 -40.00
CA PHE B 179 21.80 -14.44 -39.27
C PHE B 179 22.03 -14.32 -37.78
N VAL B 180 20.93 -14.18 -37.04
CA VAL B 180 20.93 -14.18 -35.58
C VAL B 180 19.71 -14.96 -35.11
N PHE B 181 19.91 -15.87 -34.16
CA PHE B 181 18.86 -16.75 -33.64
C PHE B 181 18.71 -16.51 -32.15
N LYS B 182 17.47 -16.36 -31.69
CA LYS B 182 17.21 -16.22 -30.27
C LYS B 182 16.01 -17.07 -29.88
N ASN B 183 15.99 -17.50 -28.61
CA ASN B 183 14.91 -18.35 -28.08
C ASN B 183 14.62 -17.89 -26.66
N ILE B 184 13.65 -17.00 -26.50
CA ILE B 184 13.31 -16.42 -25.20
C ILE B 184 11.80 -16.43 -25.02
N ASP B 185 11.35 -16.83 -23.83
CA ASP B 185 9.93 -16.81 -23.46
C ASP B 185 9.08 -17.62 -24.44
N GLY B 186 9.58 -18.80 -24.81
CA GLY B 186 8.87 -19.65 -25.74
C GLY B 186 8.74 -19.08 -27.13
N TYR B 187 9.49 -18.03 -27.44
CA TYR B 187 9.46 -17.39 -28.73
C TYR B 187 10.81 -17.54 -29.41
N PHE B 188 10.80 -18.02 -30.65
CA PHE B 188 12.01 -18.20 -31.44
C PHE B 188 12.05 -17.08 -32.47
N LYS B 189 13.06 -16.21 -32.36
CA LYS B 189 13.17 -15.02 -33.18
C LYS B 189 14.38 -15.13 -34.11
N ILE B 190 14.20 -14.70 -35.35
CA ILE B 190 15.24 -14.78 -36.36
C ILE B 190 15.45 -13.39 -36.95
N TYR B 191 16.71 -12.94 -36.97
CA TYR B 191 17.11 -11.72 -37.65
C TYR B 191 18.08 -12.08 -38.76
N SER B 192 18.08 -11.31 -39.84
CA SER B 192 18.92 -11.67 -40.97
C SER B 192 19.23 -10.44 -41.80
N LYS B 193 20.28 -10.57 -42.62
CA LYS B 193 20.73 -9.50 -43.50
C LYS B 193 21.59 -10.11 -44.60
N HIS B 194 21.62 -9.44 -45.75
CA HIS B 194 22.43 -9.84 -46.89
C HIS B 194 23.25 -8.66 -47.37
N THR B 195 24.45 -8.94 -47.89
CA THR B 195 25.25 -7.87 -48.44
C THR B 195 26.21 -8.36 -49.52
N PRO B 196 26.44 -7.58 -50.57
CA PRO B 196 27.44 -7.96 -51.57
C PRO B 196 28.84 -7.61 -51.10
N ILE B 197 29.75 -8.59 -51.22
CA ILE B 197 31.13 -8.43 -50.79
C ILE B 197 32.05 -8.81 -51.94
N ASN B 198 33.28 -8.31 -51.87
CA ASN B 198 34.34 -8.62 -52.83
C ASN B 198 35.59 -8.98 -52.03
N LEU B 199 35.70 -10.25 -51.66
CA LEU B 199 36.81 -10.70 -50.82
C LEU B 199 36.92 -12.22 -50.93
N VAL B 200 38.08 -12.73 -50.51
CA VAL B 200 38.33 -14.16 -50.55
C VAL B 200 38.43 -14.79 -49.17
N ARG B 201 38.75 -14.01 -48.13
CA ARG B 201 38.90 -14.56 -46.79
C ARG B 201 38.74 -13.43 -45.78
N ASP B 202 38.28 -13.79 -44.58
CA ASP B 202 38.09 -12.88 -43.45
C ASP B 202 36.89 -11.97 -43.64
N LEU B 203 36.22 -11.61 -42.55
CA LEU B 203 35.03 -10.77 -42.64
C LEU B 203 35.41 -9.35 -43.05
N PRO B 204 34.53 -8.66 -43.75
CA PRO B 204 34.84 -7.30 -44.21
C PRO B 204 34.85 -6.31 -43.06
N GLN B 205 35.22 -5.08 -43.40
CA GLN B 205 35.30 -3.99 -42.43
C GLN B 205 34.12 -3.05 -42.67
N GLY B 206 33.13 -3.08 -41.78
CA GLY B 206 31.99 -2.20 -41.94
C GLY B 206 30.95 -2.46 -40.87
N PHE B 207 29.87 -1.68 -40.97
CA PHE B 207 28.74 -1.76 -40.05
C PHE B 207 27.47 -1.97 -40.85
N SER B 208 26.61 -2.86 -40.36
CA SER B 208 25.33 -3.13 -41.02
C SER B 208 24.41 -3.79 -40.01
N ALA B 209 23.26 -3.17 -39.74
CA ALA B 209 22.32 -3.71 -38.77
C ALA B 209 21.40 -4.73 -39.43
N LEU B 210 20.86 -5.62 -38.60
CA LEU B 210 20.12 -6.78 -39.05
C LEU B 210 18.64 -6.61 -38.70
N GLU B 211 17.74 -6.67 -39.73
CA GLU B 211 16.31 -6.53 -39.50
C GLU B 211 15.70 -7.85 -39.09
N PRO B 212 14.57 -7.82 -38.36
CA PRO B 212 13.88 -9.07 -38.04
C PRO B 212 13.29 -9.73 -39.27
N LEU B 213 13.17 -11.06 -39.22
CA LEU B 213 12.51 -11.84 -40.26
C LEU B 213 11.23 -12.49 -39.76
N VAL B 214 11.30 -13.28 -38.69
CA VAL B 214 10.13 -14.02 -38.24
C VAL B 214 10.30 -14.38 -36.77
N ASP B 215 9.18 -14.35 -36.06
CA ASP B 215 9.09 -14.82 -34.68
C ASP B 215 8.06 -15.94 -34.63
N LEU B 216 8.39 -17.01 -33.90
CA LEU B 216 7.55 -18.19 -33.86
C LEU B 216 7.20 -18.54 -32.42
N PRO B 217 5.93 -18.87 -32.15
CA PRO B 217 5.48 -19.10 -30.77
C PRO B 217 5.66 -20.54 -30.30
N ILE B 218 6.55 -21.28 -30.98
CA ILE B 218 6.60 -22.73 -30.83
C ILE B 218 6.76 -23.12 -29.36
N GLY B 219 7.70 -22.50 -28.66
CA GLY B 219 7.85 -22.75 -27.25
C GLY B 219 8.58 -24.02 -26.88
N ILE B 220 9.28 -24.65 -27.82
CA ILE B 220 10.09 -25.83 -27.52
C ILE B 220 11.41 -25.37 -26.91
N ASN B 221 12.16 -26.32 -26.35
CA ASN B 221 13.46 -26.03 -25.76
C ASN B 221 14.55 -26.38 -26.76
N ILE B 222 15.50 -25.46 -26.94
CA ILE B 222 16.61 -25.62 -27.87
C ILE B 222 17.91 -25.52 -27.10
N THR B 223 18.79 -26.50 -27.29
CA THR B 223 20.09 -26.53 -26.64
C THR B 223 21.25 -26.85 -27.59
N ARG B 224 21.00 -27.56 -28.68
CA ARG B 224 22.04 -27.94 -29.62
C ARG B 224 21.84 -27.20 -30.94
N PHE B 225 22.67 -27.54 -31.92
CA PHE B 225 22.75 -26.80 -33.17
C PHE B 225 23.59 -27.57 -34.18
N GLN B 226 23.11 -27.69 -35.42
CA GLN B 226 23.86 -28.38 -36.46
C GLN B 226 23.39 -27.83 -37.79
N THR B 227 24.21 -27.99 -38.83
CA THR B 227 24.00 -27.32 -40.10
C THR B 227 23.96 -28.33 -41.24
N LEU B 228 23.38 -27.91 -42.37
CA LEU B 228 23.17 -28.77 -43.53
C LEU B 228 23.82 -28.14 -44.76
N LEU B 229 24.56 -28.96 -45.51
CA LEU B 229 25.24 -28.52 -46.72
C LEU B 229 24.93 -29.46 -47.88
N ALA B 230 25.64 -29.31 -48.99
CA ALA B 230 25.42 -30.10 -50.20
C ALA B 230 26.52 -31.13 -50.37
N LEU B 231 26.13 -32.38 -50.59
CA LEU B 231 27.05 -33.49 -50.80
C LEU B 231 26.88 -33.97 -52.23
N HIS B 232 27.80 -33.57 -53.11
CA HIS B 232 27.69 -33.90 -54.53
C HIS B 232 27.86 -35.40 -54.73
N ARG B 233 27.09 -35.99 -55.64
CA ARG B 233 27.30 -37.35 -56.09
C ARG B 233 27.26 -37.38 -57.62
N SER B 234 28.29 -37.94 -58.22
CA SER B 234 28.45 -37.98 -59.66
C SER B 234 29.41 -39.12 -60.00
N TYR B 235 29.92 -39.13 -61.24
CA TYR B 235 30.83 -40.19 -61.64
C TYR B 235 32.17 -40.11 -60.92
N LEU B 236 32.55 -38.94 -60.42
CA LEU B 236 33.82 -38.80 -59.71
C LEU B 236 33.82 -39.61 -58.42
N THR B 237 32.82 -39.44 -57.58
CA THR B 237 32.71 -40.15 -56.31
C THR B 237 31.39 -40.92 -56.31
N PRO B 238 31.42 -42.20 -56.69
CA PRO B 238 30.19 -43.00 -56.69
C PRO B 238 29.96 -43.70 -55.36
N GLY B 239 28.78 -44.27 -55.19
CA GLY B 239 28.49 -45.02 -53.99
C GLY B 239 27.51 -44.33 -53.06
N ASP B 240 27.50 -44.82 -51.82
CA ASP B 240 26.56 -44.36 -50.81
C ASP B 240 27.09 -43.09 -50.14
N SER B 241 26.48 -42.73 -49.01
CA SER B 241 26.91 -41.56 -48.25
C SER B 241 28.28 -41.74 -47.62
N SER B 242 28.83 -42.96 -47.65
CA SER B 242 30.08 -43.21 -46.95
C SER B 242 31.30 -43.02 -47.86
N SER B 243 31.12 -43.08 -49.18
CA SER B 243 32.27 -42.98 -50.08
C SER B 243 32.09 -41.92 -51.16
N GLY B 244 30.88 -41.79 -51.69
CA GLY B 244 30.64 -40.93 -52.82
C GLY B 244 30.22 -39.51 -52.49
N TRP B 245 31.15 -38.65 -52.06
CA TRP B 245 30.78 -37.28 -51.70
C TRP B 245 32.00 -36.36 -51.69
N THR B 246 31.85 -35.20 -52.33
CA THR B 246 32.82 -34.12 -52.28
C THR B 246 32.21 -32.96 -51.50
N ALA B 247 33.08 -32.12 -50.93
CA ALA B 247 32.62 -31.13 -49.96
C ALA B 247 32.04 -29.87 -50.64
N GLY B 248 32.86 -29.15 -51.38
CA GLY B 248 32.45 -27.85 -51.89
C GLY B 248 32.83 -26.73 -50.94
N ALA B 249 33.44 -25.66 -51.46
CA ALA B 249 33.97 -24.60 -50.61
C ALA B 249 32.83 -23.87 -49.88
N ALA B 250 33.10 -23.49 -48.63
CA ALA B 250 32.10 -22.81 -47.82
C ALA B 250 32.80 -22.00 -46.73
N ALA B 251 32.04 -21.10 -46.10
CA ALA B 251 32.48 -20.34 -44.94
C ALA B 251 31.45 -20.49 -43.85
N TYR B 252 31.90 -20.81 -42.64
CA TYR B 252 31.05 -21.32 -41.58
C TYR B 252 31.47 -20.66 -40.25
N TYR B 253 31.46 -19.33 -40.22
CA TYR B 253 31.73 -18.61 -38.98
C TYR B 253 30.58 -18.80 -37.99
N VAL B 254 30.92 -18.78 -36.70
CA VAL B 254 29.92 -18.90 -35.64
C VAL B 254 30.36 -18.01 -34.48
N GLY B 255 29.41 -17.25 -33.93
CA GLY B 255 29.65 -16.44 -32.76
C GLY B 255 28.72 -16.81 -31.62
N TYR B 256 28.85 -16.08 -30.52
CA TYR B 256 28.02 -16.29 -29.34
C TYR B 256 27.62 -14.95 -28.75
N LEU B 257 26.50 -14.94 -28.04
CA LEU B 257 25.86 -13.72 -27.57
C LEU B 257 25.88 -13.67 -26.05
N GLN B 258 26.39 -12.58 -25.50
CA GLN B 258 26.40 -12.33 -24.06
C GLN B 258 25.60 -11.07 -23.77
N PRO B 259 25.12 -10.91 -22.54
CA PRO B 259 24.37 -9.69 -22.18
C PRO B 259 25.30 -8.49 -22.09
N ARG B 260 25.06 -7.51 -22.97
CA ARG B 260 25.88 -6.31 -23.05
C ARG B 260 24.99 -5.08 -23.07
N THR B 261 25.62 -3.93 -22.92
CA THR B 261 24.98 -2.63 -23.03
C THR B 261 25.62 -1.86 -24.18
N PHE B 262 24.80 -1.42 -25.12
CA PHE B 262 25.27 -0.75 -26.33
C PHE B 262 24.66 0.64 -26.43
N LEU B 263 25.36 1.52 -27.13
CA LEU B 263 24.86 2.85 -27.46
C LEU B 263 24.74 2.95 -28.97
N LEU B 264 23.51 2.96 -29.47
CA LEU B 264 23.22 2.96 -30.89
C LEU B 264 22.88 4.36 -31.37
N LYS B 265 23.25 4.67 -32.61
CA LYS B 265 23.02 5.97 -33.22
C LYS B 265 22.08 5.83 -34.40
N TYR B 266 21.00 6.62 -34.40
CA TYR B 266 20.02 6.64 -35.46
C TYR B 266 20.20 7.89 -36.30
N ASN B 267 20.00 7.76 -37.61
CA ASN B 267 20.06 8.91 -38.50
C ASN B 267 18.66 9.49 -38.66
N GLU B 268 18.48 10.39 -39.62
CA GLU B 268 17.20 11.05 -39.81
C GLU B 268 16.14 10.14 -40.44
N ASN B 269 16.53 9.01 -41.02
CA ASN B 269 15.59 8.10 -41.63
C ASN B 269 15.24 6.90 -40.76
N GLY B 270 15.84 6.80 -39.57
CA GLY B 270 15.50 5.75 -38.65
C GLY B 270 16.32 4.47 -38.72
N THR B 271 17.46 4.50 -39.42
CA THR B 271 18.31 3.32 -39.51
C THR B 271 19.54 3.51 -38.62
N ILE B 272 20.09 2.37 -38.16
CA ILE B 272 21.23 2.38 -37.26
C ILE B 272 22.51 2.45 -38.07
N THR B 273 23.35 3.44 -37.78
CA THR B 273 24.59 3.65 -38.51
C THR B 273 25.83 3.38 -37.68
N ASP B 274 25.80 3.58 -36.37
CA ASP B 274 26.95 3.35 -35.53
C ASP B 274 26.51 2.79 -34.19
N ALA B 275 27.43 2.10 -33.52
CA ALA B 275 27.20 1.56 -32.19
C ALA B 275 28.48 1.64 -31.38
N VAL B 276 28.32 1.72 -30.07
CA VAL B 276 29.44 1.76 -29.13
C VAL B 276 29.21 0.70 -28.07
N ASP B 277 30.23 -0.13 -27.83
CA ASP B 277 30.20 -1.14 -26.79
C ASP B 277 30.65 -0.52 -25.47
N CYS B 278 29.72 -0.37 -24.54
CA CYS B 278 29.98 0.35 -23.29
C CYS B 278 30.92 -0.40 -22.35
N ALA B 279 31.52 -1.53 -22.70
CA ALA B 279 32.40 -2.25 -21.78
C ALA B 279 33.64 -2.79 -22.48
N LEU B 280 34.13 -2.09 -23.49
CA LEU B 280 35.31 -2.50 -24.24
C LEU B 280 36.57 -1.75 -23.83
N ASP B 281 36.48 -0.43 -23.70
CA ASP B 281 37.60 0.44 -23.40
C ASP B 281 37.23 1.37 -22.25
N PRO B 282 38.21 2.09 -21.69
CA PRO B 282 37.84 3.25 -20.86
C PRO B 282 37.20 4.37 -21.66
N LEU B 283 37.67 4.59 -22.90
CA LEU B 283 37.07 5.62 -23.74
C LEU B 283 35.65 5.26 -24.12
N SER B 284 35.38 3.99 -24.41
CA SER B 284 34.01 3.56 -24.70
C SER B 284 33.11 3.77 -23.50
N GLU B 285 33.62 3.47 -22.30
CA GLU B 285 32.85 3.70 -21.08
C GLU B 285 32.55 5.18 -20.90
N THR B 286 33.53 6.04 -21.17
CA THR B 286 33.29 7.48 -21.07
C THR B 286 32.23 7.93 -22.07
N LYS B 287 32.32 7.45 -23.31
CA LYS B 287 31.32 7.81 -24.32
C LYS B 287 29.93 7.37 -23.89
N CYS B 288 29.82 6.15 -23.36
CA CYS B 288 28.52 5.63 -22.95
C CYS B 288 27.98 6.38 -21.75
N THR B 289 28.87 6.88 -20.88
CA THR B 289 28.43 7.68 -19.74
C THR B 289 27.93 9.05 -20.18
N LEU B 290 28.64 9.69 -21.11
CA LEU B 290 28.28 11.03 -21.55
C LEU B 290 27.15 11.05 -22.57
N LYS B 291 26.79 9.90 -23.13
CA LYS B 291 25.75 9.81 -24.16
C LYS B 291 26.08 10.67 -25.38
N SER B 292 27.32 10.55 -25.87
CA SER B 292 27.74 11.24 -27.06
C SER B 292 28.90 10.49 -27.69
N PHE B 293 29.11 10.72 -28.98
CA PHE B 293 30.17 10.03 -29.72
C PHE B 293 31.48 10.82 -29.72
N THR B 294 31.48 12.03 -29.20
CA THR B 294 32.70 12.83 -29.06
C THR B 294 32.76 13.39 -27.64
N VAL B 295 33.94 13.33 -27.05
CA VAL B 295 34.18 13.88 -25.71
C VAL B 295 35.21 15.00 -25.82
N GLU B 296 35.05 16.01 -24.99
CA GLU B 296 35.99 17.12 -24.96
C GLU B 296 37.12 16.83 -23.98
N LYS B 297 38.09 17.73 -23.94
CA LYS B 297 39.20 17.61 -23.01
C LYS B 297 38.71 17.76 -21.58
N GLY B 298 39.22 16.91 -20.69
CA GLY B 298 38.88 16.99 -19.30
C GLY B 298 39.07 15.66 -18.61
N ILE B 299 38.51 15.55 -17.42
CA ILE B 299 38.54 14.34 -16.61
C ILE B 299 37.12 14.00 -16.19
N TYR B 300 36.73 12.74 -16.35
CA TYR B 300 35.37 12.29 -16.07
C TYR B 300 35.40 11.06 -15.19
N GLN B 301 34.42 10.96 -14.31
CA GLN B 301 34.28 9.81 -13.42
C GLN B 301 33.27 8.84 -14.03
N THR B 302 33.71 7.61 -14.26
CA THR B 302 32.93 6.64 -15.02
C THR B 302 32.32 5.54 -14.15
N SER B 303 33.10 4.86 -13.34
CA SER B 303 32.60 3.70 -12.62
C SER B 303 33.37 3.51 -11.33
N ASN B 304 33.10 2.40 -10.65
CA ASN B 304 33.73 2.05 -9.39
C ASN B 304 34.61 0.82 -9.55
N PHE B 305 35.38 0.55 -8.50
CA PHE B 305 36.35 -0.52 -8.45
C PHE B 305 36.20 -1.24 -7.11
N ARG B 306 36.01 -2.55 -7.18
CA ARG B 306 35.93 -3.38 -5.99
C ARG B 306 36.64 -4.69 -6.26
N VAL B 307 37.29 -5.21 -5.22
CA VAL B 307 38.01 -6.48 -5.31
C VAL B 307 37.07 -7.59 -4.88
N GLN B 308 36.95 -8.62 -5.70
CA GLN B 308 36.03 -9.71 -5.43
C GLN B 308 36.66 -10.72 -4.46
N PRO B 309 35.85 -11.42 -3.69
CA PRO B 309 36.39 -12.43 -2.77
C PRO B 309 37.00 -13.60 -3.51
N THR B 310 37.94 -14.26 -2.84
CA THR B 310 38.65 -15.40 -3.42
C THR B 310 37.95 -16.72 -3.15
N GLU B 311 37.63 -17.01 -1.89
CA GLU B 311 36.98 -18.26 -1.51
C GLU B 311 36.08 -18.01 -0.32
N SER B 312 35.64 -19.09 0.32
CA SER B 312 34.74 -19.03 1.45
C SER B 312 35.27 -19.88 2.60
N ILE B 313 34.98 -19.46 3.82
CA ILE B 313 35.36 -20.20 5.02
C ILE B 313 34.17 -20.23 5.99
N VAL B 314 34.06 -21.33 6.73
CA VAL B 314 33.08 -21.48 7.79
C VAL B 314 33.78 -22.03 9.02
N ARG B 315 33.54 -21.39 10.17
CA ARG B 315 34.17 -21.79 11.42
C ARG B 315 33.11 -22.11 12.45
N PHE B 316 33.40 -23.12 13.29
CA PHE B 316 32.45 -23.56 14.29
C PHE B 316 33.11 -24.53 15.28
N PRO B 317 32.68 -24.55 16.57
CA PRO B 317 33.30 -25.47 17.53
C PRO B 317 33.10 -26.94 17.20
N ASN B 318 33.83 -27.82 17.89
CA ASN B 318 33.84 -29.24 17.58
C ASN B 318 32.61 -29.98 18.10
N ILE B 319 31.80 -29.37 18.97
CA ILE B 319 30.77 -30.15 19.66
C ILE B 319 29.76 -30.66 18.65
N THR B 320 29.61 -31.98 18.61
CA THR B 320 28.71 -32.63 17.65
C THR B 320 27.79 -33.64 18.32
N ASN B 321 27.28 -33.34 19.50
CA ASN B 321 26.45 -34.28 20.23
C ASN B 321 24.99 -34.17 19.80
N LEU B 322 24.40 -35.30 19.43
CA LEU B 322 23.01 -35.36 19.06
C LEU B 322 22.12 -34.94 20.22
N CYS B 323 21.05 -34.22 19.90
CA CYS B 323 20.05 -33.91 20.92
C CYS B 323 18.67 -34.29 20.44
N PRO B 324 17.81 -34.74 21.35
CA PRO B 324 16.61 -35.46 20.92
C PRO B 324 15.43 -34.57 20.60
N PHE B 325 14.96 -34.65 19.36
CA PHE B 325 13.64 -34.17 18.99
C PHE B 325 12.58 -35.26 19.12
N GLY B 326 12.98 -36.49 19.43
CA GLY B 326 12.04 -37.57 19.62
C GLY B 326 11.43 -37.66 20.99
N GLU B 327 12.09 -37.11 22.01
CA GLU B 327 11.49 -37.04 23.34
C GLU B 327 10.39 -36.00 23.42
N VAL B 328 10.22 -35.16 22.41
CA VAL B 328 9.21 -34.13 22.41
C VAL B 328 8.16 -34.37 21.33
N PHE B 329 8.56 -34.87 20.17
CA PHE B 329 7.61 -35.00 19.07
C PHE B 329 6.74 -36.24 19.20
N ASN B 330 7.35 -37.42 19.16
CA ASN B 330 6.62 -38.68 19.32
C ASN B 330 6.84 -39.20 20.75
N ALA B 331 6.07 -38.65 21.68
CA ALA B 331 6.12 -39.01 23.08
C ALA B 331 4.87 -39.81 23.45
N THR B 332 4.88 -40.37 24.66
CA THR B 332 3.75 -41.17 25.12
C THR B 332 2.54 -40.29 25.42
N ARG B 333 2.74 -39.19 26.15
CA ARG B 333 1.65 -38.35 26.59
C ARG B 333 1.88 -36.92 26.13
N PHE B 334 0.78 -36.22 25.88
CA PHE B 334 0.78 -34.78 25.64
C PHE B 334 -0.08 -34.11 26.69
N ALA B 335 0.25 -32.87 27.02
CA ALA B 335 -0.37 -32.18 28.14
C ALA B 335 -1.64 -31.46 27.69
N SER B 336 -2.31 -30.83 28.65
CA SER B 336 -3.55 -30.14 28.39
C SER B 336 -3.29 -28.72 27.87
N VAL B 337 -4.33 -28.12 27.30
CA VAL B 337 -4.18 -26.83 26.64
C VAL B 337 -3.80 -25.75 27.64
N TYR B 338 -4.42 -25.78 28.83
CA TYR B 338 -4.18 -24.78 29.86
C TYR B 338 -2.93 -25.09 30.68
N ALA B 339 -2.28 -26.21 30.45
CA ALA B 339 -1.05 -26.59 31.15
C ALA B 339 -0.09 -27.17 30.12
N TRP B 340 0.74 -26.33 29.52
CA TRP B 340 1.69 -26.74 28.50
C TRP B 340 3.08 -26.91 29.10
N ASN B 341 3.87 -27.80 28.50
CA ASN B 341 5.07 -28.31 29.16
C ASN B 341 6.26 -27.37 29.01
N ARG B 342 6.73 -27.15 27.78
CA ARG B 342 7.94 -26.38 27.48
C ARG B 342 9.18 -27.15 27.91
N LYS B 343 10.23 -27.13 27.09
CA LYS B 343 11.41 -27.95 27.34
C LYS B 343 12.62 -27.27 26.70
N ARG B 344 13.43 -26.60 27.51
CA ARG B 344 14.59 -25.88 26.99
C ARG B 344 15.62 -26.86 26.43
N ILE B 345 16.09 -26.57 25.22
CA ILE B 345 17.07 -27.38 24.53
C ILE B 345 18.28 -26.51 24.21
N SER B 346 19.48 -26.99 24.54
CA SER B 346 20.66 -26.16 24.39
C SER B 346 21.90 -27.02 24.23
N ASN B 347 22.94 -26.42 23.63
CA ASN B 347 24.26 -27.01 23.48
C ASN B 347 24.22 -28.40 22.87
N CYS B 348 23.51 -28.52 21.74
CA CYS B 348 23.31 -29.83 21.13
C CYS B 348 23.45 -29.74 19.62
N VAL B 349 24.48 -29.07 19.13
CA VAL B 349 24.57 -28.78 17.71
C VAL B 349 25.11 -29.98 16.92
N ALA B 350 24.22 -30.92 16.60
CA ALA B 350 24.54 -32.00 15.68
C ALA B 350 23.43 -32.36 14.70
N ASP B 351 22.17 -32.06 15.00
CA ASP B 351 21.05 -32.71 14.33
C ASP B 351 20.31 -31.74 13.40
N TYR B 352 20.01 -32.21 12.20
CA TYR B 352 19.25 -31.46 11.21
C TYR B 352 18.82 -32.40 10.10
N SER B 353 17.81 -31.96 9.35
CA SER B 353 17.23 -32.62 8.18
C SER B 353 16.41 -33.85 8.52
N VAL B 354 16.36 -34.28 9.79
CA VAL B 354 15.58 -35.48 10.12
C VAL B 354 14.10 -35.23 9.94
N LEU B 355 13.59 -34.08 10.42
CA LEU B 355 12.22 -33.67 10.17
C LEU B 355 12.15 -32.34 9.44
N TYR B 356 13.29 -31.73 9.15
CA TYR B 356 13.31 -30.50 8.37
C TYR B 356 12.79 -30.70 6.96
N ASN B 357 13.16 -31.81 6.32
CA ASN B 357 12.68 -32.13 4.98
C ASN B 357 11.97 -33.48 4.91
N SER B 358 12.53 -34.51 5.53
CA SER B 358 12.09 -35.89 5.31
C SER B 358 11.08 -36.27 6.40
N ALA B 359 9.85 -35.77 6.25
CA ALA B 359 8.77 -36.12 7.16
C ALA B 359 7.44 -35.82 6.49
N SER B 360 6.38 -36.43 7.01
CA SER B 360 5.03 -36.20 6.51
C SER B 360 4.52 -34.90 7.11
N PHE B 361 4.75 -33.81 6.39
CA PHE B 361 4.45 -32.47 6.90
C PHE B 361 2.94 -32.26 6.92
N SER B 362 2.32 -32.56 8.06
CA SER B 362 0.88 -32.33 8.19
C SER B 362 0.57 -30.85 8.34
N THR B 363 1.42 -30.10 9.03
CA THR B 363 1.34 -28.65 9.09
C THR B 363 2.68 -28.15 9.63
N PHE B 364 3.29 -27.20 8.92
CA PHE B 364 4.64 -26.77 9.25
C PHE B 364 4.77 -25.32 8.78
N LYS B 365 4.58 -24.38 9.71
CA LYS B 365 4.47 -22.97 9.37
C LYS B 365 5.46 -22.16 10.18
N CYS B 366 6.34 -21.43 9.50
CA CYS B 366 7.41 -20.68 10.15
C CYS B 366 7.19 -19.19 9.98
N TYR B 367 7.51 -18.42 11.03
CA TYR B 367 7.39 -16.98 11.06
C TYR B 367 8.75 -16.39 11.38
N GLY B 368 9.17 -15.41 10.58
CA GLY B 368 10.46 -14.77 10.75
C GLY B 368 11.62 -15.50 10.14
N VAL B 369 11.39 -16.66 9.52
CA VAL B 369 12.47 -17.48 8.99
C VAL B 369 11.87 -18.39 7.91
N SER B 370 12.73 -18.90 7.04
CA SER B 370 12.31 -19.85 6.01
C SER B 370 12.74 -21.26 6.39
N PRO B 371 11.85 -22.24 6.17
CA PRO B 371 12.18 -23.62 6.59
C PRO B 371 13.45 -24.18 5.97
N THR B 372 13.71 -23.84 4.71
CA THR B 372 14.88 -24.40 4.03
C THR B 372 16.19 -23.76 4.49
N LYS B 373 16.13 -22.58 5.09
CA LYS B 373 17.33 -21.89 5.57
C LYS B 373 17.70 -22.25 6.99
N LEU B 374 16.88 -23.05 7.68
CA LEU B 374 17.10 -23.35 9.09
C LEU B 374 18.35 -24.16 9.35
N ASN B 375 18.96 -24.74 8.33
CA ASN B 375 20.15 -25.57 8.50
C ASN B 375 21.44 -24.78 8.47
N ASP B 376 21.40 -23.48 8.15
CA ASP B 376 22.58 -22.65 8.09
C ASP B 376 22.68 -21.63 9.21
N LEU B 377 21.70 -21.58 10.10
CA LEU B 377 21.61 -20.51 11.09
C LEU B 377 22.08 -20.98 12.47
N CYS B 378 22.41 -20.00 13.30
CA CYS B 378 22.78 -20.22 14.69
C CYS B 378 21.82 -19.47 15.59
N PHE B 379 21.33 -20.14 16.63
CA PHE B 379 20.28 -19.60 17.49
C PHE B 379 20.84 -19.29 18.86
N THR B 380 20.41 -18.17 19.43
CA THR B 380 20.85 -17.69 20.73
C THR B 380 19.68 -17.71 21.69
N ASN B 381 20.00 -17.56 22.98
CA ASN B 381 19.00 -17.66 24.05
C ASN B 381 18.08 -18.85 23.78
N VAL B 382 18.72 -19.99 23.53
CA VAL B 382 18.11 -21.06 22.74
C VAL B 382 16.95 -21.65 23.54
N TYR B 383 15.75 -21.62 22.97
CA TYR B 383 14.70 -22.51 23.45
C TYR B 383 14.59 -23.72 22.54
N ALA B 384 14.32 -23.50 21.25
CA ALA B 384 14.18 -24.58 20.27
C ALA B 384 13.39 -25.73 20.87
N ASP B 385 12.32 -25.38 21.57
CA ASP B 385 11.82 -26.14 22.71
C ASP B 385 10.57 -26.97 22.41
N SER B 386 9.65 -26.44 21.61
CA SER B 386 8.37 -27.07 21.35
C SER B 386 7.50 -27.12 22.60
N PHE B 387 6.21 -26.86 22.44
CA PHE B 387 5.24 -26.92 23.53
C PHE B 387 4.23 -28.00 23.16
N VAL B 388 4.25 -29.10 23.89
CA VAL B 388 3.40 -30.23 23.56
C VAL B 388 2.02 -30.02 24.20
N ILE B 389 1.00 -29.87 23.36
CA ILE B 389 -0.39 -29.73 23.79
C ILE B 389 -1.28 -30.44 22.77
N ARG B 390 -2.56 -30.55 23.11
CA ARG B 390 -3.58 -31.06 22.19
C ARG B 390 -4.38 -29.95 21.53
N GLY B 391 -4.49 -28.79 22.18
CA GLY B 391 -4.94 -27.57 21.53
C GLY B 391 -6.31 -27.60 20.89
N ASP B 392 -7.18 -28.51 21.33
CA ASP B 392 -8.53 -28.66 20.79
C ASP B 392 -8.41 -28.88 19.28
N GLU B 393 -9.12 -28.10 18.45
CA GLU B 393 -8.96 -28.16 17.00
C GLU B 393 -8.99 -26.78 16.37
N VAL B 394 -9.04 -25.71 17.15
CA VAL B 394 -8.99 -24.35 16.62
C VAL B 394 -7.53 -24.07 16.29
N ARG B 395 -7.12 -24.31 15.04
CA ARG B 395 -5.72 -24.24 14.65
C ARG B 395 -5.37 -22.79 14.28
N GLN B 396 -5.59 -21.91 15.25
CA GLN B 396 -5.31 -20.49 15.09
C GLN B 396 -4.29 -20.05 16.13
N ILE B 397 -3.25 -20.86 16.32
CA ILE B 397 -2.13 -20.53 17.17
C ILE B 397 -1.13 -19.76 16.30
N ALA B 398 -1.22 -18.44 16.34
CA ALA B 398 -0.42 -17.58 15.50
C ALA B 398 -0.42 -16.18 16.09
N PRO B 399 0.44 -15.28 15.62
CA PRO B 399 0.44 -13.92 16.18
C PRO B 399 -0.83 -13.14 15.87
N GLY B 400 -1.92 -13.46 16.56
CA GLY B 400 -3.14 -12.70 16.45
C GLY B 400 -4.33 -13.39 15.80
N GLN B 401 -4.19 -14.67 15.44
CA GLN B 401 -5.28 -15.35 14.73
C GLN B 401 -6.48 -15.65 15.61
N THR B 402 -6.50 -15.17 16.86
CA THR B 402 -7.62 -15.30 17.77
C THR B 402 -7.84 -16.79 18.08
N GLY B 403 -9.01 -17.36 17.75
CA GLY B 403 -9.41 -18.60 18.38
C GLY B 403 -9.43 -18.37 19.87
N LYS B 404 -10.27 -17.42 20.30
CA LYS B 404 -9.92 -16.59 21.45
C LYS B 404 -9.86 -17.37 22.75
N ILE B 405 -10.52 -18.53 22.84
CA ILE B 405 -10.38 -19.35 24.03
C ILE B 405 -8.96 -19.89 24.12
N ALA B 406 -8.40 -20.32 22.99
CA ALA B 406 -6.99 -20.69 22.97
C ALA B 406 -6.09 -19.51 23.31
N ASP B 407 -6.59 -18.27 23.20
CA ASP B 407 -5.84 -17.11 23.65
C ASP B 407 -6.21 -16.71 25.07
N TYR B 408 -7.21 -17.38 25.67
CA TYR B 408 -7.28 -17.46 27.12
C TYR B 408 -6.28 -18.47 27.65
N ASN B 409 -5.89 -19.43 26.81
CA ASN B 409 -5.00 -20.51 27.22
C ASN B 409 -3.54 -20.20 26.91
N TYR B 410 -3.20 -20.08 25.62
CA TYR B 410 -1.84 -19.97 25.15
C TYR B 410 -1.75 -18.87 24.11
N LYS B 411 -0.92 -17.86 24.36
CA LYS B 411 -0.80 -16.71 23.47
C LYS B 411 0.63 -16.54 23.02
N LEU B 412 0.80 -16.23 21.73
CA LEU B 412 2.08 -15.92 21.12
C LEU B 412 2.24 -14.41 20.96
N PRO B 413 3.46 -13.89 21.06
CA PRO B 413 3.66 -12.44 20.92
C PRO B 413 3.47 -12.00 19.48
N ASP B 414 3.49 -10.68 19.29
CA ASP B 414 3.28 -10.13 17.95
C ASP B 414 4.48 -10.35 17.05
N ASP B 415 5.68 -10.31 17.61
CA ASP B 415 6.92 -10.48 16.86
C ASP B 415 7.54 -11.86 17.09
N PHE B 416 6.73 -12.89 17.25
CA PHE B 416 7.24 -14.24 17.45
C PHE B 416 8.00 -14.71 16.22
N THR B 417 9.14 -15.34 16.44
CA THR B 417 9.91 -15.98 15.38
C THR B 417 10.15 -17.44 15.74
N GLY B 418 9.83 -18.33 14.82
CA GLY B 418 9.85 -19.75 15.10
C GLY B 418 8.81 -20.46 14.26
N CYS B 419 8.63 -21.74 14.55
CA CYS B 419 7.80 -22.60 13.70
C CYS B 419 6.77 -23.38 14.50
N VAL B 420 5.56 -23.46 13.97
CA VAL B 420 4.45 -24.21 14.54
C VAL B 420 4.24 -25.46 13.70
N ILE B 421 4.11 -26.62 14.36
CA ILE B 421 3.96 -27.91 13.70
C ILE B 421 2.80 -28.65 14.33
N ALA B 422 1.81 -29.03 13.51
CA ALA B 422 0.66 -29.76 14.00
C ALA B 422 0.40 -30.97 13.11
N TRP B 423 -0.08 -32.05 13.73
CA TRP B 423 -0.44 -33.25 12.99
C TRP B 423 -1.64 -33.92 13.67
N ASN B 424 -2.18 -34.93 13.00
CA ASN B 424 -3.44 -35.56 13.41
C ASN B 424 -3.16 -36.68 14.41
N SER B 425 -4.05 -36.84 15.38
CA SER B 425 -3.95 -37.89 16.38
C SER B 425 -5.30 -38.52 16.65
N ASN B 426 -6.12 -38.68 15.59
CA ASN B 426 -7.40 -39.35 15.74
C ASN B 426 -7.26 -40.83 16.05
N ASN B 427 -6.10 -41.42 15.75
CA ASN B 427 -5.92 -42.85 15.97
C ASN B 427 -5.81 -43.19 17.45
N LEU B 428 -5.12 -42.35 18.23
CA LEU B 428 -4.78 -42.70 19.59
C LEU B 428 -5.21 -41.69 20.65
N ASP B 429 -5.41 -40.42 20.29
CA ASP B 429 -5.89 -39.45 21.27
C ASP B 429 -7.38 -39.59 21.54
N SER B 430 -8.15 -40.03 20.55
CA SER B 430 -9.59 -40.22 20.72
C SER B 430 -9.98 -41.59 20.18
N LYS B 431 -10.67 -42.37 21.00
CA LYS B 431 -11.03 -43.75 20.67
C LYS B 431 -12.37 -44.09 21.32
N VAL B 432 -12.99 -45.17 20.84
CA VAL B 432 -14.34 -45.52 21.25
C VAL B 432 -14.33 -45.95 22.72
N GLY B 433 -15.15 -45.29 23.53
CA GLY B 433 -15.28 -45.71 24.92
C GLY B 433 -14.66 -44.75 25.93
N GLY B 434 -14.73 -43.45 25.65
CA GLY B 434 -14.23 -42.46 26.58
C GLY B 434 -12.79 -42.09 26.34
N ASN B 435 -12.52 -40.78 26.23
CA ASN B 435 -11.18 -40.27 26.06
C ASN B 435 -10.95 -39.01 26.89
N TYR B 436 -11.89 -38.70 27.78
CA TYR B 436 -12.04 -37.36 28.33
C TYR B 436 -11.07 -37.08 29.48
N ASN B 437 -9.88 -36.58 29.16
CA ASN B 437 -8.93 -36.16 30.19
C ASN B 437 -8.19 -34.87 29.83
N TYR B 438 -8.64 -34.14 28.81
CA TYR B 438 -8.05 -32.85 28.44
C TYR B 438 -9.08 -31.75 28.66
N LEU B 439 -8.62 -30.64 29.24
CA LEU B 439 -9.50 -29.52 29.60
C LEU B 439 -8.87 -28.23 29.10
N TYR B 440 -9.70 -27.20 28.84
CA TYR B 440 -9.19 -26.07 28.08
C TYR B 440 -9.64 -24.69 28.54
N ARG B 441 -10.08 -24.52 29.79
CA ARG B 441 -10.24 -23.19 30.39
C ARG B 441 -11.22 -22.32 29.56
N LEU B 442 -12.49 -22.72 29.66
CA LEU B 442 -13.58 -22.09 28.90
C LEU B 442 -13.48 -20.57 28.83
N PHE B 443 -13.37 -19.89 29.98
CA PHE B 443 -13.20 -18.44 29.95
C PHE B 443 -12.46 -17.97 31.19
N ARG B 444 -11.86 -16.79 31.08
CA ARG B 444 -10.99 -16.22 32.09
C ARG B 444 -11.54 -14.88 32.53
N LYS B 445 -10.81 -14.21 33.43
CA LYS B 445 -11.21 -12.88 33.87
C LYS B 445 -10.72 -11.80 32.92
N SER B 446 -9.55 -12.01 32.33
CA SER B 446 -8.99 -11.06 31.36
C SER B 446 -7.99 -11.80 30.49
N ASN B 447 -7.63 -11.17 29.38
CA ASN B 447 -6.63 -11.74 28.50
C ASN B 447 -5.27 -11.77 29.19
N LEU B 448 -4.47 -12.78 28.86
CA LEU B 448 -3.19 -13.00 29.52
C LEU B 448 -2.05 -12.73 28.55
N LYS B 449 -0.97 -12.19 29.09
CA LYS B 449 0.19 -11.81 28.30
C LYS B 449 0.89 -13.04 27.73
N PRO B 450 1.72 -12.88 26.71
CA PRO B 450 2.33 -14.05 26.05
C PRO B 450 3.13 -14.90 27.01
N PHE B 451 3.06 -16.22 26.79
CA PHE B 451 3.86 -17.22 27.50
C PHE B 451 3.56 -17.25 28.99
N GLU B 452 2.28 -17.48 29.31
CA GLU B 452 1.84 -17.73 30.67
C GLU B 452 1.12 -19.05 30.73
N ARG B 453 0.93 -19.56 31.94
CA ARG B 453 0.28 -20.85 32.15
C ARG B 453 -1.09 -20.71 32.80
N ASP B 454 -1.20 -19.92 33.87
CA ASP B 454 -2.45 -19.70 34.58
C ASP B 454 -3.06 -21.03 35.05
N ILE B 455 -2.34 -21.69 35.95
CA ILE B 455 -2.79 -22.98 36.47
C ILE B 455 -3.80 -22.84 37.59
N SER B 456 -4.00 -21.63 38.12
CA SER B 456 -4.96 -21.44 39.21
C SER B 456 -6.36 -21.76 38.73
N THR B 457 -6.93 -22.84 39.29
CA THR B 457 -8.25 -23.35 38.90
C THR B 457 -9.14 -23.41 40.13
N GLU B 458 -9.83 -22.29 40.41
CA GLU B 458 -10.67 -22.17 41.58
C GLU B 458 -12.02 -21.59 41.18
N ILE B 459 -13.03 -21.86 42.01
CA ILE B 459 -14.38 -21.35 41.78
C ILE B 459 -14.42 -19.89 42.22
N TYR B 460 -14.23 -18.98 41.28
CA TYR B 460 -14.28 -17.56 41.58
C TYR B 460 -15.71 -17.13 41.87
N GLN B 461 -15.85 -16.11 42.71
CA GLN B 461 -17.16 -15.52 42.98
C GLN B 461 -17.36 -14.31 42.07
N ALA B 462 -17.41 -14.59 40.78
CA ALA B 462 -17.53 -13.57 39.76
C ALA B 462 -18.37 -14.10 38.60
N GLY B 463 -18.93 -13.16 37.84
CA GLY B 463 -19.83 -13.52 36.76
C GLY B 463 -21.25 -13.07 37.05
N SER B 464 -22.16 -14.02 37.19
CA SER B 464 -23.55 -13.70 37.53
C SER B 464 -23.63 -13.06 38.91
N THR B 465 -23.28 -13.82 39.94
CA THR B 465 -23.35 -13.40 41.33
C THR B 465 -22.15 -13.98 42.06
N PRO B 466 -21.85 -13.48 43.28
CA PRO B 466 -20.80 -14.13 44.07
C PRO B 466 -21.22 -15.52 44.50
N CYS B 467 -20.60 -16.54 43.89
CA CYS B 467 -21.08 -17.91 44.05
C CYS B 467 -20.64 -18.53 45.37
N ASN B 468 -19.43 -18.22 45.84
CA ASN B 468 -18.85 -18.87 47.02
C ASN B 468 -18.82 -20.39 46.86
N GLY B 469 -18.49 -20.85 45.66
CA GLY B 469 -18.35 -22.27 45.40
C GLY B 469 -19.61 -23.00 45.02
N VAL B 470 -20.71 -22.29 44.74
CA VAL B 470 -21.97 -22.97 44.41
C VAL B 470 -21.86 -23.70 43.08
N GLU B 471 -21.14 -23.11 42.12
CA GLU B 471 -20.97 -23.63 40.76
C GLU B 471 -22.24 -23.57 39.92
N GLY B 472 -23.36 -23.12 40.50
CA GLY B 472 -24.63 -23.13 39.81
C GLY B 472 -24.85 -21.92 38.91
N PHE B 473 -23.97 -20.94 38.99
CA PHE B 473 -24.09 -19.71 38.20
C PHE B 473 -22.90 -19.52 37.27
N ASN B 474 -22.38 -20.62 36.72
CA ASN B 474 -21.23 -20.60 35.81
C ASN B 474 -19.98 -20.02 36.47
N CYS B 475 -19.88 -20.12 37.79
CA CYS B 475 -18.67 -19.72 38.51
C CYS B 475 -17.66 -20.86 38.60
N TYR B 476 -17.99 -22.01 38.03
CA TYR B 476 -17.08 -23.15 38.02
C TYR B 476 -15.74 -22.78 37.40
N PHE B 477 -14.65 -23.29 37.98
CA PHE B 477 -13.33 -23.09 37.40
C PHE B 477 -13.38 -23.59 35.96
N PRO B 478 -13.34 -22.70 35.00
CA PRO B 478 -13.93 -23.02 33.69
C PRO B 478 -13.07 -23.94 32.84
N LEU B 479 -12.52 -25.00 33.42
CA LEU B 479 -11.75 -25.95 32.62
C LEU B 479 -12.65 -26.64 31.59
N GLN B 480 -13.93 -26.80 31.94
CA GLN B 480 -14.99 -27.17 31.00
C GLN B 480 -14.70 -28.53 30.37
N SER B 481 -15.23 -28.79 29.19
CA SER B 481 -15.36 -30.14 28.67
C SER B 481 -14.16 -30.53 27.80
N TYR B 482 -14.29 -31.70 27.18
CA TYR B 482 -13.25 -32.33 26.40
C TYR B 482 -13.60 -32.44 24.93
N GLY B 483 -14.71 -33.12 24.61
CA GLY B 483 -15.28 -33.07 23.27
C GLY B 483 -14.48 -33.70 22.16
N PHE B 484 -13.83 -34.83 22.41
CA PHE B 484 -13.23 -35.65 21.36
C PHE B 484 -13.88 -37.02 21.35
N GLN B 485 -14.43 -37.41 20.20
CA GLN B 485 -15.00 -38.71 19.96
C GLN B 485 -14.54 -39.23 18.61
N PRO B 486 -14.53 -40.55 18.40
CA PRO B 486 -13.96 -41.10 17.16
C PRO B 486 -14.62 -40.60 15.89
N THR B 487 -15.92 -40.34 15.89
CA THR B 487 -16.58 -39.89 14.68
C THR B 487 -16.37 -38.39 14.46
N ASN B 488 -16.91 -37.58 15.37
CA ASN B 488 -16.77 -36.12 15.31
C ASN B 488 -17.13 -35.54 13.95
N GLY B 489 -16.66 -34.32 13.69
CA GLY B 489 -16.64 -33.76 12.36
C GLY B 489 -15.23 -33.72 11.81
N VAL B 490 -15.10 -33.09 10.65
CA VAL B 490 -13.76 -32.91 10.07
C VAL B 490 -12.93 -31.93 10.89
N GLY B 491 -13.58 -31.04 11.64
CA GLY B 491 -12.86 -30.07 12.44
C GLY B 491 -13.11 -30.23 13.92
N TYR B 492 -13.15 -31.47 14.39
CA TYR B 492 -13.35 -31.77 15.79
C TYR B 492 -12.38 -32.82 16.32
N GLN B 493 -11.53 -33.37 15.47
CA GLN B 493 -10.57 -34.38 15.89
C GLN B 493 -9.49 -33.77 16.76
N PRO B 494 -8.80 -34.58 17.56
CA PRO B 494 -7.65 -34.07 18.31
C PRO B 494 -6.41 -33.96 17.44
N TYR B 495 -5.67 -32.86 17.63
CA TYR B 495 -4.41 -32.63 16.95
C TYR B 495 -3.29 -32.47 17.97
N ARG B 496 -2.10 -32.89 17.61
CA ARG B 496 -0.91 -32.67 18.42
C ARG B 496 -0.08 -31.58 17.79
N VAL B 497 0.27 -30.55 18.56
CA VAL B 497 0.96 -29.38 18.04
C VAL B 497 2.14 -29.03 18.95
N VAL B 498 3.24 -28.62 18.34
CA VAL B 498 4.43 -28.14 19.02
C VAL B 498 4.80 -26.78 18.43
N VAL B 499 5.47 -25.97 19.24
CA VAL B 499 5.83 -24.60 18.87
C VAL B 499 7.29 -24.37 19.21
N LEU B 500 8.16 -24.41 18.21
CA LEU B 500 9.56 -24.09 18.40
C LEU B 500 9.77 -22.58 18.32
N SER B 501 10.40 -22.01 19.34
CA SER B 501 10.68 -20.59 19.38
C SER B 501 12.18 -20.34 19.49
N PHE B 502 12.67 -19.40 18.68
CA PHE B 502 14.10 -19.07 18.63
C PHE B 502 14.25 -17.63 19.10
N GLU B 503 15.09 -17.42 20.11
CA GLU B 503 15.39 -16.06 20.59
C GLU B 503 16.70 -15.60 20.00
N LEU B 504 16.69 -15.42 18.69
CA LEU B 504 17.90 -15.17 17.92
C LEU B 504 18.55 -13.86 18.33
N LEU B 505 19.89 -13.84 18.28
CA LEU B 505 20.71 -12.66 18.58
C LEU B 505 20.48 -12.15 20.01
N HIS B 506 20.86 -12.99 20.98
CA HIS B 506 20.77 -12.62 22.39
C HIS B 506 22.01 -12.92 23.20
N ALA B 507 22.90 -13.79 22.74
CA ALA B 507 24.03 -14.27 23.54
C ALA B 507 25.02 -15.01 22.65
N PRO B 508 26.18 -15.43 23.18
CA PRO B 508 27.03 -16.37 22.42
C PRO B 508 26.63 -17.83 22.63
N ALA B 509 25.42 -18.16 22.18
CA ALA B 509 24.91 -19.52 22.34
C ALA B 509 25.38 -20.40 21.18
N THR B 510 25.29 -21.71 21.40
CA THR B 510 25.90 -22.69 20.50
C THR B 510 24.92 -23.81 20.17
N VAL B 511 23.71 -23.44 19.77
CA VAL B 511 22.80 -24.34 19.08
C VAL B 511 22.70 -23.87 17.64
N CYS B 512 23.09 -24.71 16.70
CA CYS B 512 23.25 -24.31 15.32
C CYS B 512 22.88 -25.44 14.39
N GLY B 513 22.77 -25.11 13.10
CA GLY B 513 22.68 -26.10 12.06
C GLY B 513 24.09 -26.49 11.64
N PRO B 514 24.43 -27.76 11.85
CA PRO B 514 25.85 -28.18 11.71
C PRO B 514 26.35 -28.33 10.27
N LYS B 515 26.80 -27.21 9.71
CA LYS B 515 27.55 -27.23 8.48
C LYS B 515 28.95 -27.81 8.72
N LYS B 516 29.64 -28.14 7.63
CA LYS B 516 30.97 -28.73 7.72
C LYS B 516 32.01 -27.62 7.78
N SER B 517 32.73 -27.53 8.90
CA SER B 517 33.67 -26.44 9.12
C SER B 517 34.91 -26.62 8.25
N THR B 518 35.29 -25.54 7.56
CA THR B 518 36.49 -25.53 6.74
C THR B 518 37.67 -24.98 7.54
N ASN B 519 38.76 -24.66 6.85
CA ASN B 519 39.97 -24.13 7.46
C ASN B 519 40.04 -22.62 7.27
N LEU B 520 40.85 -21.97 8.11
CA LEU B 520 41.01 -20.52 8.02
C LEU B 520 41.89 -20.13 6.84
N VAL B 521 41.65 -18.92 6.33
CA VAL B 521 42.49 -18.30 5.31
C VAL B 521 42.65 -16.84 5.69
N LYS B 522 43.89 -16.35 5.66
CA LYS B 522 44.21 -15.01 6.13
C LYS B 522 44.82 -14.16 5.02
N ASN B 523 44.76 -12.84 5.23
CA ASN B 523 45.39 -11.84 4.37
C ASN B 523 44.80 -11.80 2.96
N LYS B 524 43.57 -12.28 2.79
CA LYS B 524 42.89 -12.23 1.50
C LYS B 524 41.44 -11.85 1.71
N CYS B 525 40.86 -11.15 0.74
CA CYS B 525 39.43 -10.82 0.80
C CYS B 525 38.64 -12.10 0.51
N VAL B 526 37.92 -12.60 1.52
CA VAL B 526 37.15 -13.83 1.43
C VAL B 526 35.78 -13.59 2.06
N ASN B 527 34.86 -14.52 1.78
CA ASN B 527 33.56 -14.59 2.43
C ASN B 527 33.70 -15.48 3.66
N PHE B 528 33.42 -14.93 4.83
CA PHE B 528 33.54 -15.71 6.06
C PHE B 528 32.18 -15.96 6.69
N ASN B 529 32.16 -16.92 7.61
CA ASN B 529 30.94 -17.30 8.33
C ASN B 529 31.38 -17.85 9.68
N PHE B 530 31.20 -17.04 10.72
CA PHE B 530 31.54 -17.42 12.10
C PHE B 530 30.22 -17.65 12.83
N ASN B 531 29.77 -18.90 12.82
CA ASN B 531 28.54 -19.38 13.45
C ASN B 531 27.43 -18.34 13.40
N GLY B 532 27.11 -17.93 12.17
CA GLY B 532 26.04 -16.98 11.93
C GLY B 532 26.51 -15.64 11.40
N LEU B 533 27.62 -15.13 11.94
CA LEU B 533 28.17 -13.86 11.52
C LEU B 533 28.72 -13.99 10.10
N THR B 534 28.13 -13.30 9.15
CA THR B 534 28.46 -13.45 7.73
C THR B 534 28.93 -12.11 7.16
N GLY B 535 29.93 -12.17 6.30
CA GLY B 535 30.45 -10.97 5.69
C GLY B 535 31.60 -11.27 4.76
N THR B 536 32.20 -10.20 4.25
CA THR B 536 33.31 -10.30 3.30
C THR B 536 34.42 -9.36 3.74
N GLY B 537 35.66 -9.83 3.68
CA GLY B 537 36.77 -8.97 4.02
C GLY B 537 38.06 -9.76 4.22
N VAL B 538 39.03 -9.08 4.80
CA VAL B 538 40.38 -9.60 5.01
C VAL B 538 40.58 -9.79 6.51
N LEU B 539 41.06 -10.96 6.90
CA LEU B 539 41.27 -11.31 8.29
C LEU B 539 42.75 -11.14 8.62
N THR B 540 43.04 -10.54 9.77
CA THR B 540 44.41 -10.32 10.21
C THR B 540 44.53 -10.64 11.69
N GLU B 541 45.75 -10.98 12.12
CA GLU B 541 45.99 -11.20 13.54
C GLU B 541 45.77 -9.90 14.30
N SER B 542 45.24 -10.01 15.52
CA SER B 542 44.80 -8.84 16.28
C SER B 542 45.57 -8.72 17.59
N ASN B 543 45.82 -7.47 17.99
CA ASN B 543 46.47 -7.16 19.26
C ASN B 543 45.47 -6.74 20.33
N LYS B 544 44.18 -6.78 20.04
CA LYS B 544 43.16 -6.33 20.99
C LYS B 544 43.11 -7.27 22.20
N LYS B 545 42.81 -6.68 23.36
CA LYS B 545 42.79 -7.39 24.63
C LYS B 545 41.35 -7.78 24.96
N PHE B 546 40.87 -8.81 24.27
CA PHE B 546 39.54 -9.33 24.56
C PHE B 546 39.52 -9.99 25.93
N LEU B 547 38.61 -9.53 26.79
CA LEU B 547 38.40 -10.21 28.05
C LEU B 547 37.69 -11.55 27.80
N PRO B 548 37.93 -12.55 28.64
CA PRO B 548 37.50 -13.92 28.30
C PRO B 548 36.01 -14.08 28.05
N PHE B 549 35.17 -13.15 28.52
CA PHE B 549 33.74 -13.25 28.27
C PHE B 549 33.30 -12.56 26.99
N GLN B 550 34.18 -11.83 26.33
CA GLN B 550 33.81 -11.08 25.13
C GLN B 550 33.98 -11.94 23.89
N GLN B 551 33.14 -11.69 22.88
CA GLN B 551 33.12 -12.51 21.68
C GLN B 551 33.38 -11.76 20.39
N PHE B 552 33.04 -10.46 20.32
CA PHE B 552 33.33 -9.68 19.12
C PHE B 552 33.39 -8.21 19.51
N GLY B 553 33.92 -7.40 18.60
CA GLY B 553 34.18 -6.00 18.87
C GLY B 553 33.59 -5.10 17.80
N ARG B 554 33.25 -3.89 18.19
CA ARG B 554 32.62 -2.92 17.30
C ARG B 554 33.33 -1.57 17.42
N ASP B 555 33.37 -0.84 16.31
CA ASP B 555 34.02 0.45 16.24
C ASP B 555 33.01 1.56 16.57
N ILE B 556 33.40 2.81 16.30
CA ILE B 556 32.53 3.94 16.61
C ILE B 556 31.24 3.87 15.80
N ALA B 557 31.34 3.51 14.52
CA ALA B 557 30.17 3.40 13.66
C ALA B 557 29.30 2.20 13.98
N ASP B 558 29.66 1.40 14.98
CA ASP B 558 28.87 0.24 15.42
C ASP B 558 28.77 -0.81 14.32
N THR B 559 29.93 -1.21 13.82
CA THR B 559 30.03 -2.33 12.90
C THR B 559 31.14 -3.26 13.37
N THR B 560 31.01 -4.54 13.03
CA THR B 560 31.96 -5.54 13.50
C THR B 560 33.36 -5.24 12.95
N ASP B 561 34.35 -5.26 13.85
CA ASP B 561 35.73 -5.02 13.42
C ASP B 561 36.72 -5.94 14.10
N ALA B 562 36.25 -7.04 14.68
CA ALA B 562 37.09 -8.06 15.32
C ALA B 562 36.19 -9.23 15.69
N VAL B 563 36.78 -10.42 15.78
CA VAL B 563 36.02 -11.61 16.10
C VAL B 563 36.95 -12.66 16.69
N ARG B 564 36.40 -13.55 17.50
CA ARG B 564 37.14 -14.63 18.13
C ARG B 564 36.83 -15.94 17.42
N ASP B 565 37.88 -16.70 17.11
CA ASP B 565 37.70 -17.95 16.38
C ASP B 565 36.99 -18.97 17.26
N PRO B 566 36.01 -19.69 16.73
CA PRO B 566 35.28 -20.66 17.56
C PRO B 566 36.15 -21.79 18.12
N GLN B 567 37.17 -22.25 17.38
CA GLN B 567 37.98 -23.36 17.85
C GLN B 567 39.29 -22.89 18.49
N THR B 568 40.08 -22.12 17.75
CA THR B 568 41.36 -21.65 18.27
C THR B 568 41.19 -20.65 19.40
N LEU B 569 40.04 -19.99 19.49
CA LEU B 569 39.78 -18.96 20.49
C LEU B 569 40.82 -17.84 20.41
N GLU B 570 41.16 -17.44 19.20
CA GLU B 570 42.09 -16.36 18.94
C GLU B 570 41.34 -15.17 18.34
N ILE B 571 41.80 -13.97 18.69
CA ILE B 571 41.17 -12.74 18.21
C ILE B 571 41.76 -12.38 16.86
N LEU B 572 40.93 -11.86 15.97
CA LEU B 572 41.42 -11.45 14.66
C LEU B 572 40.54 -10.32 14.12
N ASP B 573 41.20 -9.37 13.46
CA ASP B 573 40.58 -8.19 12.90
C ASP B 573 40.01 -8.46 11.50
N ILE B 574 38.95 -7.73 11.18
CA ILE B 574 38.28 -7.80 9.89
C ILE B 574 38.41 -6.44 9.23
N THR B 575 38.84 -6.41 7.97
CA THR B 575 39.01 -5.16 7.22
C THR B 575 38.33 -5.31 5.87
N PRO B 576 37.51 -4.34 5.44
CA PRO B 576 36.89 -4.46 4.12
C PRO B 576 37.93 -4.32 3.02
N CYS B 577 37.86 -5.22 2.04
CA CYS B 577 38.84 -5.17 0.96
C CYS B 577 38.57 -3.96 0.05
N SER B 578 39.60 -3.59 -0.71
CA SER B 578 39.70 -2.23 -1.25
C SER B 578 38.61 -1.93 -2.27
N PHE B 579 38.27 -0.64 -2.36
CA PHE B 579 37.30 -0.14 -3.34
C PHE B 579 37.57 1.34 -3.56
N GLY B 580 37.03 1.86 -4.66
CA GLY B 580 37.14 3.27 -4.96
C GLY B 580 36.76 3.59 -6.38
N GLY B 581 36.50 4.86 -6.63
CA GLY B 581 36.08 5.28 -7.96
C GLY B 581 37.24 5.31 -8.95
N VAL B 582 36.89 5.35 -10.24
CA VAL B 582 37.87 5.45 -11.31
C VAL B 582 37.53 6.64 -12.18
N SER B 583 38.56 7.29 -12.71
CA SER B 583 38.38 8.45 -13.58
C SER B 583 39.23 8.29 -14.83
N VAL B 584 38.78 8.88 -15.93
CA VAL B 584 39.44 8.79 -17.22
C VAL B 584 39.87 10.17 -17.66
N ILE B 585 41.14 10.31 -18.02
CA ILE B 585 41.71 11.55 -18.53
C ILE B 585 41.85 11.40 -20.05
N THR B 586 41.25 12.32 -20.79
CA THR B 586 41.28 12.29 -22.24
C THR B 586 41.66 13.66 -22.80
N PRO B 587 42.40 13.69 -23.91
CA PRO B 587 42.72 14.96 -24.58
C PRO B 587 41.70 15.41 -25.61
N GLY B 588 40.54 14.76 -25.70
CA GLY B 588 39.59 15.03 -26.76
C GLY B 588 39.66 13.99 -27.85
N THR B 589 38.51 13.63 -28.43
CA THR B 589 38.51 12.57 -29.43
C THR B 589 39.12 13.03 -30.75
N ASN B 590 39.00 14.32 -31.07
CA ASN B 590 39.57 14.81 -32.32
C ASN B 590 41.09 14.78 -32.30
N THR B 591 41.70 14.93 -31.13
CA THR B 591 43.16 14.98 -31.04
C THR B 591 43.77 13.59 -31.02
N SER B 592 43.25 12.70 -30.16
CA SER B 592 43.81 11.36 -30.04
C SER B 592 42.75 10.46 -29.41
N ASN B 593 42.99 9.14 -29.50
CA ASN B 593 42.15 8.16 -28.85
C ASN B 593 42.77 7.53 -27.60
N GLN B 594 44.03 7.85 -27.29
CA GLN B 594 44.66 7.29 -26.10
C GLN B 594 44.31 8.12 -24.87
N VAL B 595 44.14 7.43 -23.75
CA VAL B 595 43.65 8.02 -22.51
C VAL B 595 44.54 7.58 -21.37
N ALA B 596 44.27 8.14 -20.18
CA ALA B 596 44.91 7.71 -18.95
C ALA B 596 43.83 7.41 -17.92
N VAL B 597 44.16 6.56 -16.95
CA VAL B 597 43.19 6.12 -15.94
C VAL B 597 43.73 6.43 -14.56
N LEU B 598 42.89 7.03 -13.72
CA LEU B 598 43.24 7.32 -12.33
C LEU B 598 42.35 6.48 -11.42
N TYR B 599 42.99 5.66 -10.58
CA TYR B 599 42.31 4.89 -9.55
C TYR B 599 42.44 5.66 -8.24
N GLN B 600 41.31 6.03 -7.65
CA GLN B 600 41.29 7.02 -6.57
C GLN B 600 41.41 6.36 -5.20
N ASP B 601 42.38 6.83 -4.42
CA ASP B 601 42.55 6.42 -3.02
C ASP B 601 42.77 4.92 -2.89
N VAL B 602 43.65 4.38 -3.74
CA VAL B 602 44.06 2.98 -3.65
C VAL B 602 45.57 2.91 -3.83
N ASN B 603 46.23 2.16 -2.95
CA ASN B 603 47.64 1.88 -3.12
C ASN B 603 47.83 1.05 -4.38
N CYS B 604 48.73 1.50 -5.25
CA CYS B 604 48.69 1.03 -6.63
C CYS B 604 49.55 -0.21 -6.82
N THR B 605 49.36 -1.19 -5.94
CA THR B 605 49.91 -2.52 -6.10
C THR B 605 48.82 -3.58 -6.17
N GLU B 606 47.57 -3.23 -5.87
CA GLU B 606 46.44 -4.13 -5.94
C GLU B 606 45.47 -3.73 -7.05
N VAL B 607 45.93 -2.99 -8.05
CA VAL B 607 45.07 -2.47 -9.10
C VAL B 607 44.66 -3.53 -10.13
N PRO B 608 45.55 -4.41 -10.62
CA PRO B 608 45.15 -5.25 -11.75
C PRO B 608 44.43 -6.53 -11.36
N VAL B 609 44.34 -6.85 -10.07
CA VAL B 609 43.70 -8.09 -9.65
C VAL B 609 42.21 -8.07 -9.97
N ALA B 610 41.55 -6.94 -9.72
CA ALA B 610 40.12 -6.80 -10.01
C ALA B 610 39.89 -5.87 -11.20
N THR B 617 38.01 -5.34 -19.00
CA THR B 617 38.56 -6.68 -19.13
C THR B 617 39.04 -7.03 -20.56
N PRO B 618 38.25 -6.71 -21.62
CA PRO B 618 38.76 -6.96 -22.98
C PRO B 618 40.05 -6.22 -23.26
N THR B 619 40.02 -4.90 -23.11
CA THR B 619 41.20 -4.06 -23.31
C THR B 619 41.51 -3.21 -22.09
N TRP B 620 40.92 -3.52 -20.93
CA TRP B 620 41.26 -2.81 -19.71
C TRP B 620 42.59 -3.27 -19.13
N ARG B 621 42.96 -4.53 -19.35
CA ARG B 621 44.23 -5.05 -18.86
C ARG B 621 45.42 -4.37 -19.52
N VAL B 622 45.24 -3.78 -20.70
CA VAL B 622 46.27 -2.93 -21.28
C VAL B 622 46.49 -1.71 -20.39
N TYR B 623 45.41 -1.14 -19.86
CA TYR B 623 45.48 -0.01 -18.95
C TYR B 623 45.57 -0.44 -17.49
N SER B 624 45.71 -1.73 -17.24
CA SER B 624 45.97 -2.24 -15.89
C SER B 624 47.45 -2.60 -15.80
N THR B 625 48.13 -2.04 -14.80
CA THR B 625 49.57 -2.13 -14.65
C THR B 625 50.27 -1.42 -15.80
N GLY B 626 50.26 -2.04 -16.98
CA GLY B 626 50.94 -1.45 -18.12
C GLY B 626 52.42 -1.24 -17.82
N SER B 627 52.92 -0.04 -18.12
CA SER B 627 54.31 0.29 -17.84
C SER B 627 54.52 1.70 -17.32
N ASN B 628 53.45 2.45 -17.02
CA ASN B 628 53.55 3.83 -16.59
C ASN B 628 52.77 4.06 -15.30
N VAL B 629 52.99 3.19 -14.31
CA VAL B 629 52.35 3.36 -13.01
C VAL B 629 52.98 4.53 -12.28
N PHE B 630 52.16 5.41 -11.72
CA PHE B 630 52.65 6.56 -10.98
C PHE B 630 51.72 6.80 -9.79
N GLN B 631 52.26 6.73 -8.58
CA GLN B 631 51.48 6.89 -7.36
C GLN B 631 51.49 8.35 -6.93
N THR B 632 50.32 8.96 -6.83
CA THR B 632 50.16 10.34 -6.39
C THR B 632 49.40 10.36 -5.07
N ARG B 633 49.14 11.56 -4.58
CA ARG B 633 48.32 11.74 -3.38
C ARG B 633 46.84 11.49 -3.65
N ALA B 634 46.40 11.62 -4.89
CA ALA B 634 45.01 11.43 -5.25
C ALA B 634 44.67 10.01 -5.68
N GLY B 635 45.65 9.11 -5.68
CA GLY B 635 45.44 7.75 -6.15
C GLY B 635 46.64 7.25 -6.93
N CYS B 636 46.40 6.45 -7.97
CA CYS B 636 47.49 6.10 -8.87
C CYS B 636 47.03 6.25 -10.32
N LEU B 637 47.95 6.74 -11.13
CA LEU B 637 47.72 7.07 -12.53
C LEU B 637 48.44 6.06 -13.41
N ILE B 638 47.72 5.53 -14.40
CA ILE B 638 48.27 4.57 -15.36
C ILE B 638 48.03 5.11 -16.76
N GLY B 639 49.07 5.11 -17.57
CA GLY B 639 48.99 5.63 -18.93
C GLY B 639 49.60 7.00 -19.13
N ALA B 640 50.21 7.57 -18.10
CA ALA B 640 50.87 8.86 -18.20
C ALA B 640 52.27 8.76 -17.60
N GLU B 641 53.20 9.51 -18.18
CA GLU B 641 54.59 9.51 -17.76
C GLU B 641 54.90 10.77 -16.97
N HIS B 642 55.59 10.59 -15.84
CA HIS B 642 55.92 11.70 -14.97
C HIS B 642 57.18 12.40 -15.47
N VAL B 643 57.13 13.73 -15.53
CA VAL B 643 58.26 14.53 -15.99
C VAL B 643 58.76 15.40 -14.84
N ASN B 644 59.82 16.18 -15.09
CA ASN B 644 60.38 17.06 -14.09
C ASN B 644 60.16 18.54 -14.37
N ASN B 645 59.70 18.90 -15.56
CA ASN B 645 59.42 20.29 -15.87
C ASN B 645 58.14 20.74 -15.16
N SER B 646 57.76 21.98 -15.39
CA SER B 646 56.56 22.55 -14.79
C SER B 646 55.91 23.51 -15.79
N TYR B 647 54.62 23.33 -16.02
CA TYR B 647 53.86 24.16 -16.93
C TYR B 647 52.58 24.61 -16.25
N GLU B 648 51.78 25.40 -16.95
CA GLU B 648 50.47 25.77 -16.44
C GLU B 648 49.54 24.56 -16.43
N CYS B 649 48.55 24.60 -15.55
CA CYS B 649 47.64 23.46 -15.43
C CYS B 649 46.73 23.38 -16.64
N ASP B 650 46.64 22.19 -17.22
CA ASP B 650 45.73 21.91 -18.33
C ASP B 650 44.52 21.09 -17.89
N ILE B 651 44.75 19.92 -17.30
CA ILE B 651 43.68 19.11 -16.73
C ILE B 651 44.06 18.84 -15.28
N PRO B 652 43.22 19.23 -14.31
CA PRO B 652 43.60 19.07 -12.90
C PRO B 652 43.40 17.64 -12.43
N ILE B 653 44.50 17.00 -12.03
CA ILE B 653 44.44 15.69 -11.37
C ILE B 653 44.21 15.85 -9.87
N GLY B 654 44.95 16.74 -9.23
CA GLY B 654 44.74 17.02 -7.82
C GLY B 654 46.04 17.05 -7.02
N ALA B 655 45.96 17.62 -5.82
CA ALA B 655 47.09 17.72 -4.89
C ALA B 655 48.28 18.42 -5.53
N GLY B 656 48.03 19.33 -6.46
CA GLY B 656 49.09 20.02 -7.16
C GLY B 656 49.62 19.32 -8.38
N ILE B 657 48.90 18.32 -8.90
CA ILE B 657 49.34 17.55 -10.06
C ILE B 657 48.34 17.78 -11.19
N CYS B 658 48.86 18.10 -12.38
CA CYS B 658 48.07 18.25 -13.58
C CYS B 658 48.59 17.31 -14.66
N ALA B 659 47.83 17.20 -15.75
CA ALA B 659 48.19 16.35 -16.88
C ALA B 659 47.94 17.09 -18.18
N SER B 660 48.74 16.77 -19.20
CA SER B 660 48.57 17.41 -20.50
C SER B 660 49.09 16.49 -21.61
N TYR B 661 48.59 16.75 -22.81
CA TYR B 661 48.95 15.96 -23.99
C TYR B 661 49.97 16.74 -24.81
N GLN B 662 51.15 16.17 -24.98
CA GLN B 662 52.16 16.80 -25.82
C GLN B 662 53.00 15.77 -26.58
N GLN B 677 51.96 13.58 -28.72
CA GLN B 677 52.84 12.42 -28.76
C GLN B 677 52.56 11.48 -27.59
N SER B 678 52.29 12.04 -26.42
CA SER B 678 52.01 11.25 -25.23
C SER B 678 51.21 12.11 -24.25
N ILE B 679 50.82 11.48 -23.15
CA ILE B 679 50.15 12.15 -22.04
C ILE B 679 51.13 12.18 -20.88
N ILE B 680 51.40 13.38 -20.36
CA ILE B 680 52.38 13.57 -19.29
C ILE B 680 51.66 14.10 -18.06
N ALA B 681 52.22 13.78 -16.90
CA ALA B 681 51.73 14.26 -15.61
C ALA B 681 52.86 15.03 -14.94
N TYR B 682 52.53 16.19 -14.38
CA TYR B 682 53.54 17.07 -13.82
C TYR B 682 52.95 17.82 -12.64
N THR B 683 53.82 18.52 -11.92
CA THR B 683 53.42 19.47 -10.89
C THR B 683 53.37 20.86 -11.49
N MET B 684 52.28 21.58 -11.26
CA MET B 684 52.06 22.82 -11.97
C MET B 684 52.83 23.97 -11.35
N SER B 685 53.10 24.99 -12.17
CA SER B 685 53.79 26.19 -11.75
C SER B 685 52.79 27.32 -11.59
N LEU B 686 53.02 28.15 -10.57
CA LEU B 686 52.09 29.23 -10.25
C LEU B 686 52.31 30.48 -11.12
N GLY B 687 53.43 30.57 -11.81
CA GLY B 687 53.69 31.73 -12.64
C GLY B 687 55.18 31.93 -12.83
N ALA B 688 55.51 33.07 -13.42
CA ALA B 688 56.89 33.42 -13.72
C ALA B 688 57.52 34.17 -12.56
N GLU B 689 58.78 33.86 -12.28
CA GLU B 689 59.49 34.51 -11.20
C GLU B 689 59.76 35.97 -11.55
N ASN B 690 59.84 36.82 -10.52
CA ASN B 690 60.09 38.23 -10.71
C ASN B 690 60.65 38.82 -9.43
N SER B 691 61.71 39.61 -9.56
CA SER B 691 62.31 40.30 -8.43
C SER B 691 62.35 41.78 -8.77
N VAL B 692 61.71 42.59 -7.93
CA VAL B 692 61.63 44.03 -8.17
C VAL B 692 62.90 44.69 -7.68
N ALA B 693 63.42 45.64 -8.45
CA ALA B 693 64.63 46.36 -8.09
C ALA B 693 64.26 47.42 -7.08
N TYR B 694 64.46 47.13 -5.80
CA TYR B 694 64.10 48.03 -4.71
C TYR B 694 65.34 48.65 -4.09
N SER B 695 65.27 49.94 -3.83
CA SER B 695 66.27 50.65 -3.05
C SER B 695 65.59 51.84 -2.39
N ASN B 696 66.32 52.52 -1.51
CA ASN B 696 65.70 53.59 -0.74
C ASN B 696 65.66 54.92 -1.46
N ASN B 697 66.25 55.04 -2.65
CA ASN B 697 66.18 56.28 -3.41
C ASN B 697 66.01 56.00 -4.90
N SER B 698 65.14 55.06 -5.25
CA SER B 698 64.91 54.70 -6.64
C SER B 698 63.42 54.63 -6.92
N ILE B 699 63.01 55.18 -8.06
CA ILE B 699 61.61 55.19 -8.46
C ILE B 699 61.50 54.79 -9.93
N ALA B 700 60.31 54.37 -10.33
CA ALA B 700 59.99 54.10 -11.72
C ALA B 700 58.72 54.86 -12.10
N ILE B 701 58.76 55.55 -13.23
CA ILE B 701 57.66 56.39 -13.69
C ILE B 701 57.32 56.04 -15.13
N PRO B 702 56.05 55.84 -15.48
CA PRO B 702 55.71 55.50 -16.87
C PRO B 702 55.76 56.71 -17.79
N THR B 703 56.15 56.44 -19.04
CA THR B 703 56.26 57.48 -20.05
C THR B 703 55.27 57.34 -21.19
N ASN B 704 54.42 56.32 -21.18
CA ASN B 704 53.41 56.16 -22.22
C ASN B 704 52.22 55.43 -21.61
N PHE B 705 51.22 55.14 -22.42
CA PHE B 705 50.03 54.47 -21.93
C PHE B 705 49.33 53.73 -23.05
N THR B 706 48.41 52.86 -22.67
CA THR B 706 47.52 52.17 -23.58
C THR B 706 46.09 52.24 -23.07
N ILE B 707 45.14 52.16 -23.99
CA ILE B 707 43.72 52.12 -23.70
C ILE B 707 43.24 50.71 -23.97
N SER B 708 42.62 50.07 -22.99
CA SER B 708 42.18 48.70 -23.14
C SER B 708 40.69 48.57 -22.86
N VAL B 709 39.99 47.82 -23.70
CA VAL B 709 38.58 47.52 -23.49
C VAL B 709 38.45 46.01 -23.26
N THR B 710 37.70 45.64 -22.24
CA THR B 710 37.51 44.25 -21.88
C THR B 710 36.03 43.96 -21.67
N THR B 711 35.66 42.70 -21.78
CA THR B 711 34.26 42.29 -21.75
C THR B 711 33.97 41.44 -20.53
N GLU B 712 32.79 41.67 -19.93
CA GLU B 712 32.33 40.88 -18.80
C GLU B 712 30.89 40.43 -19.05
N ILE B 713 30.60 39.17 -18.73
CA ILE B 713 29.33 38.54 -19.03
C ILE B 713 28.62 38.23 -17.71
N LEU B 714 27.34 38.61 -17.62
CA LEU B 714 26.59 38.32 -16.40
C LEU B 714 25.18 37.83 -16.70
N PRO B 715 24.79 36.67 -16.16
CA PRO B 715 23.39 36.24 -16.30
C PRO B 715 22.47 36.98 -15.35
N VAL B 716 21.28 37.32 -15.83
CA VAL B 716 20.32 38.07 -15.03
C VAL B 716 18.98 37.39 -14.90
N SER B 717 18.57 36.51 -15.81
CA SER B 717 17.23 35.97 -15.81
C SER B 717 17.27 34.47 -16.09
N MET B 718 16.10 33.86 -16.01
CA MET B 718 15.96 32.41 -16.15
C MET B 718 14.56 32.12 -16.65
N THR B 719 14.41 31.02 -17.38
CA THR B 719 13.13 30.72 -18.01
C THR B 719 12.04 30.46 -16.97
N LYS B 720 10.86 30.98 -17.23
CA LYS B 720 9.72 30.83 -16.34
C LYS B 720 8.92 29.60 -16.74
N THR B 721 8.91 28.60 -15.87
CA THR B 721 8.22 27.35 -16.15
C THR B 721 7.16 27.10 -15.09
N SER B 722 6.14 26.34 -15.47
CA SER B 722 5.03 25.99 -14.60
C SER B 722 4.69 24.53 -14.79
N VAL B 723 4.37 23.85 -13.70
CA VAL B 723 3.99 22.45 -13.72
C VAL B 723 2.67 22.29 -12.98
N ASP B 724 1.71 21.67 -13.62
CA ASP B 724 0.45 21.34 -12.96
C ASP B 724 0.62 20.03 -12.19
N CYS B 725 0.36 20.08 -10.88
CA CYS B 725 0.65 18.94 -10.02
C CYS B 725 -0.22 17.73 -10.37
N THR B 726 -1.53 17.93 -10.46
CA THR B 726 -2.44 16.81 -10.65
C THR B 726 -2.35 16.24 -12.06
N MET B 727 -2.14 17.11 -13.06
CA MET B 727 -1.99 16.63 -14.43
C MET B 727 -0.73 15.79 -14.58
N TYR B 728 0.34 16.18 -13.87
CA TYR B 728 1.59 15.40 -13.93
C TYR B 728 1.45 14.09 -13.17
N ILE B 729 0.86 14.12 -11.98
CA ILE B 729 0.82 12.91 -11.15
C ILE B 729 -0.22 11.94 -11.69
N CYS B 730 -1.42 12.41 -12.01
CA CYS B 730 -2.53 11.53 -12.35
C CYS B 730 -2.75 11.41 -13.85
N GLY B 731 -2.99 12.53 -14.53
CA GLY B 731 -3.14 12.50 -15.98
C GLY B 731 -4.39 11.81 -16.49
N ASP B 732 -5.55 12.44 -16.28
CA ASP B 732 -6.84 11.95 -16.78
C ASP B 732 -7.19 10.58 -16.18
N SER B 733 -7.37 10.60 -14.87
CA SER B 733 -7.80 9.41 -14.13
C SER B 733 -8.47 9.89 -12.86
N THR B 734 -9.78 9.65 -12.74
CA THR B 734 -10.52 10.13 -11.58
C THR B 734 -10.14 9.36 -10.33
N GLU B 735 -9.80 8.09 -10.46
CA GLU B 735 -9.37 7.31 -9.31
C GLU B 735 -8.10 7.90 -8.69
N CYS B 736 -7.12 8.23 -9.52
CA CYS B 736 -5.88 8.79 -9.02
C CYS B 736 -6.12 10.14 -8.34
N SER B 737 -6.97 10.97 -8.93
CA SER B 737 -7.25 12.27 -8.34
C SER B 737 -7.97 12.14 -7.00
N ASN B 738 -8.91 11.19 -6.91
CA ASN B 738 -9.61 10.99 -5.64
C ASN B 738 -8.70 10.42 -4.57
N LEU B 739 -7.72 9.59 -4.96
CA LEU B 739 -6.74 9.13 -4.00
C LEU B 739 -5.79 10.25 -3.59
N LEU B 740 -5.40 11.10 -4.53
CA LEU B 740 -4.49 12.20 -4.26
C LEU B 740 -5.14 13.28 -3.40
N LEU B 741 -6.47 13.37 -3.40
CA LEU B 741 -7.15 14.32 -2.52
C LEU B 741 -6.85 14.05 -1.06
N GLN B 742 -6.41 12.84 -0.72
CA GLN B 742 -6.19 12.43 0.67
C GLN B 742 -4.90 13.00 1.27
N TYR B 743 -4.03 13.58 0.45
CA TYR B 743 -2.70 13.98 0.91
C TYR B 743 -2.61 15.42 1.37
N GLY B 744 -3.70 16.18 1.33
CA GLY B 744 -3.71 17.53 1.85
C GLY B 744 -3.49 18.57 0.77
N SER B 745 -2.47 19.40 0.96
CA SER B 745 -2.23 20.58 0.12
C SER B 745 -0.77 20.67 -0.29
N PHE B 746 -0.20 19.57 -0.78
CA PHE B 746 1.17 19.61 -1.29
C PHE B 746 1.23 20.37 -2.62
N CYS B 747 0.25 20.12 -3.50
CA CYS B 747 0.29 20.69 -4.83
C CYS B 747 0.11 22.21 -4.80
N THR B 748 -0.70 22.72 -3.86
CA THR B 748 -0.83 24.16 -3.70
C THR B 748 0.50 24.80 -3.32
N GLN B 749 1.24 24.16 -2.41
CA GLN B 749 2.55 24.68 -2.05
C GLN B 749 3.51 24.67 -3.23
N LEU B 750 3.50 23.58 -4.01
CA LEU B 750 4.39 23.52 -5.16
C LEU B 750 4.07 24.61 -6.18
N ASN B 751 2.77 24.82 -6.44
CA ASN B 751 2.37 25.87 -7.38
C ASN B 751 2.76 27.25 -6.88
N ARG B 752 2.57 27.51 -5.58
CA ARG B 752 2.96 28.80 -5.02
C ARG B 752 4.46 29.05 -5.18
N ALA B 753 5.27 28.02 -4.89
CA ALA B 753 6.71 28.17 -5.03
C ALA B 753 7.10 28.49 -6.48
N LEU B 754 6.53 27.76 -7.43
CA LEU B 754 6.88 27.99 -8.84
C LEU B 754 6.43 29.38 -9.29
N THR B 755 5.25 29.83 -8.84
CA THR B 755 4.78 31.15 -9.22
C THR B 755 5.68 32.25 -8.68
N GLY B 756 6.13 32.10 -7.42
CA GLY B 756 7.08 33.07 -6.88
C GLY B 756 8.37 33.12 -7.68
N ILE B 757 8.90 31.95 -8.04
CA ILE B 757 10.10 31.89 -8.87
C ILE B 757 9.85 32.62 -10.19
N ALA B 758 8.67 32.43 -10.78
CA ALA B 758 8.38 33.05 -12.08
C ALA B 758 8.34 34.58 -11.97
N VAL B 759 7.74 35.10 -10.91
CA VAL B 759 7.66 36.55 -10.76
C VAL B 759 9.04 37.17 -10.50
N GLU B 760 9.89 36.45 -9.76
CA GLU B 760 11.21 36.98 -9.43
C GLU B 760 12.03 37.30 -10.67
N GLN B 761 11.81 36.57 -11.78
CA GLN B 761 12.62 36.80 -12.98
C GLN B 761 12.30 38.15 -13.61
N ASP B 762 11.02 38.46 -13.74
CA ASP B 762 10.63 39.78 -14.25
C ASP B 762 11.13 40.87 -13.32
N LYS B 763 11.08 40.63 -12.01
CA LYS B 763 11.63 41.61 -11.08
C LYS B 763 13.11 41.84 -11.33
N ASN B 764 13.87 40.76 -11.56
CA ASN B 764 15.30 40.87 -11.83
C ASN B 764 15.57 41.71 -13.08
N THR B 765 14.88 41.41 -14.17
CA THR B 765 15.11 42.13 -15.41
C THR B 765 14.77 43.61 -15.27
N GLN B 766 13.64 43.92 -14.62
CA GLN B 766 13.27 45.31 -14.41
C GLN B 766 14.29 46.03 -13.55
N GLU B 767 14.82 45.35 -12.54
CA GLU B 767 15.85 45.96 -11.69
C GLU B 767 17.10 46.28 -12.48
N VAL B 768 17.53 45.37 -13.35
CA VAL B 768 18.81 45.56 -14.03
C VAL B 768 18.70 46.62 -15.13
N PHE B 769 17.66 46.54 -15.97
CA PHE B 769 17.65 47.34 -17.19
C PHE B 769 16.88 48.64 -17.10
N ALA B 770 15.72 48.65 -16.41
CA ALA B 770 14.88 49.85 -16.36
C ALA B 770 15.45 50.81 -15.34
N GLN B 771 16.56 51.45 -15.71
CA GLN B 771 17.26 52.38 -14.85
C GLN B 771 17.30 53.80 -15.38
N VAL B 772 16.69 54.07 -16.53
CA VAL B 772 16.71 55.39 -17.14
C VAL B 772 15.28 55.89 -17.26
N LYS B 773 15.06 57.15 -16.90
CA LYS B 773 13.71 57.70 -16.88
C LYS B 773 13.16 57.97 -18.27
N GLN B 774 13.99 58.48 -19.19
CA GLN B 774 13.55 58.83 -20.53
C GLN B 774 14.34 58.03 -21.55
N ILE B 775 13.92 58.13 -22.80
CA ILE B 775 14.55 57.42 -23.92
C ILE B 775 15.36 58.45 -24.71
N TYR B 776 16.66 58.48 -24.47
CA TYR B 776 17.55 59.44 -25.11
C TYR B 776 17.95 58.97 -26.49
N LYS B 777 18.26 59.94 -27.36
CA LYS B 777 18.65 59.67 -28.73
C LYS B 777 19.93 60.41 -29.06
N THR B 778 20.72 59.83 -29.98
CA THR B 778 21.92 60.48 -30.46
C THR B 778 21.61 61.41 -31.62
N PRO B 779 22.35 62.51 -31.78
CA PRO B 779 22.09 63.41 -32.88
C PRO B 779 22.41 62.77 -34.22
N PRO B 780 21.76 63.20 -35.30
CA PRO B 780 22.08 62.63 -36.62
C PRO B 780 23.53 62.85 -37.05
N ILE B 781 24.13 63.97 -36.68
CA ILE B 781 25.54 64.23 -36.98
C ILE B 781 26.39 63.73 -35.81
N LYS B 782 27.44 62.99 -36.14
CA LYS B 782 28.27 62.30 -35.15
C LYS B 782 29.69 62.87 -35.23
N ASP B 783 29.97 63.85 -34.38
CA ASP B 783 31.29 64.48 -34.26
C ASP B 783 31.79 64.35 -32.82
N PHE B 784 32.36 63.19 -32.50
CA PHE B 784 32.75 62.86 -31.15
C PHE B 784 34.25 62.95 -30.94
N GLY B 785 34.92 63.83 -31.67
CA GLY B 785 36.35 64.04 -31.51
C GLY B 785 37.22 62.94 -32.08
N GLY B 786 36.70 62.12 -33.00
CA GLY B 786 37.44 61.05 -33.60
C GLY B 786 37.10 59.68 -33.07
N PHE B 787 36.34 59.60 -31.98
CA PHE B 787 35.93 58.31 -31.44
C PHE B 787 34.78 57.75 -32.28
N ASN B 788 34.83 56.46 -32.58
CA ASN B 788 33.90 55.80 -33.48
C ASN B 788 33.10 54.77 -32.70
N PHE B 789 31.80 55.02 -32.54
CA PHE B 789 30.90 54.13 -31.82
C PHE B 789 29.95 53.39 -32.75
N SER B 790 30.33 53.21 -34.02
CA SER B 790 29.39 52.69 -35.01
C SER B 790 28.99 51.24 -34.73
N GLN B 791 29.83 50.46 -34.08
CA GLN B 791 29.55 49.05 -33.87
C GLN B 791 28.77 48.75 -32.61
N ILE B 792 28.49 49.74 -31.77
CA ILE B 792 27.67 49.54 -30.59
C ILE B 792 26.39 50.35 -30.60
N LEU B 793 26.25 51.29 -31.52
CA LEU B 793 25.02 52.05 -31.65
C LEU B 793 24.01 51.26 -32.49
N PRO B 794 22.71 51.49 -32.26
CA PRO B 794 21.70 50.71 -33.00
C PRO B 794 21.79 50.93 -34.50
N ASP B 795 21.56 49.85 -35.25
CA ASP B 795 21.64 49.86 -36.71
C ASP B 795 20.24 49.65 -37.26
N PRO B 796 19.62 50.67 -37.85
CA PRO B 796 18.22 50.55 -38.25
C PRO B 796 17.93 50.07 -39.66
N SER B 797 18.94 49.84 -40.51
CA SER B 797 18.68 49.24 -41.82
C SER B 797 18.19 47.81 -41.66
N LYS B 798 18.81 47.06 -40.77
CA LYS B 798 18.47 45.68 -40.54
C LYS B 798 17.23 45.57 -39.65
N PRO B 799 16.53 44.43 -39.70
CA PRO B 799 15.38 44.24 -38.81
C PRO B 799 15.79 44.32 -37.34
N SER B 800 14.85 44.78 -36.52
CA SER B 800 15.06 45.08 -35.10
C SER B 800 16.05 46.23 -34.94
N LYS B 801 16.19 46.74 -33.73
CA LYS B 801 17.06 47.88 -33.46
C LYS B 801 18.34 47.45 -32.77
N ARG B 802 18.86 46.28 -33.13
CA ARG B 802 20.04 45.71 -32.52
C ARG B 802 21.30 46.28 -33.17
N SER B 803 22.42 46.12 -32.49
CA SER B 803 23.70 46.54 -33.02
C SER B 803 24.45 45.34 -33.59
N PHE B 804 25.65 45.61 -34.11
CA PHE B 804 26.48 44.55 -34.66
C PHE B 804 26.89 43.54 -33.60
N ILE B 805 27.38 44.03 -32.46
CA ILE B 805 27.86 43.16 -31.41
C ILE B 805 26.70 42.41 -30.76
N GLU B 806 25.56 43.07 -30.61
CA GLU B 806 24.38 42.38 -30.07
C GLU B 806 23.91 41.28 -31.01
N ASP B 807 23.99 41.51 -32.32
CA ASP B 807 23.67 40.44 -33.28
C ASP B 807 24.63 39.26 -33.15
N LEU B 808 25.92 39.54 -32.99
CA LEU B 808 26.88 38.46 -32.78
C LEU B 808 26.53 37.67 -31.52
N LEU B 809 26.22 38.38 -30.43
CA LEU B 809 25.90 37.71 -29.17
C LEU B 809 24.65 36.85 -29.29
N PHE B 810 23.62 37.35 -29.98
CA PHE B 810 22.39 36.60 -30.11
C PHE B 810 22.55 35.41 -31.04
N ASN B 811 23.34 35.55 -32.10
CA ASN B 811 23.57 34.42 -32.99
C ASN B 811 24.41 33.34 -32.33
N LYS B 812 25.32 33.73 -31.43
CA LYS B 812 26.22 32.75 -30.85
C LYS B 812 25.50 31.79 -29.91
N VAL B 813 24.66 32.31 -29.01
CA VAL B 813 23.98 31.47 -28.02
C VAL B 813 22.78 30.83 -28.70
N THR B 814 22.96 29.61 -29.19
CA THR B 814 21.88 28.83 -29.79
C THR B 814 21.97 27.39 -29.30
N LEU B 815 20.81 26.75 -29.18
CA LEU B 815 20.75 25.36 -28.77
C LEU B 815 20.14 24.51 -29.88
N ALA B 839 11.87 23.22 -25.09
CA ALA B 839 11.32 21.88 -25.25
C ALA B 839 10.02 21.91 -26.06
N GLN B 840 9.13 20.98 -25.77
CA GLN B 840 7.84 20.86 -26.44
C GLN B 840 6.72 20.86 -25.41
N LYS B 841 5.51 20.58 -25.88
CA LYS B 841 4.33 20.54 -25.01
C LYS B 841 4.20 19.16 -24.40
N PHE B 842 4.11 19.11 -23.07
CA PHE B 842 4.13 17.84 -22.35
C PHE B 842 2.89 17.72 -21.46
N ASN B 843 2.90 16.72 -20.58
CA ASN B 843 1.77 16.48 -19.67
C ASN B 843 1.94 17.33 -18.42
N GLY B 844 1.43 18.56 -18.51
CA GLY B 844 1.42 19.47 -17.38
C GLY B 844 2.50 20.52 -17.36
N LEU B 845 3.34 20.61 -18.39
CA LEU B 845 4.45 21.54 -18.42
C LEU B 845 4.11 22.73 -19.31
N THR B 846 4.32 23.93 -18.80
CA THR B 846 4.06 25.16 -19.53
C THR B 846 5.25 26.09 -19.36
N VAL B 847 5.51 26.89 -20.38
CA VAL B 847 6.56 27.91 -20.36
C VAL B 847 5.91 29.26 -20.57
N LEU B 848 6.17 30.20 -19.66
CA LEU B 848 5.54 31.51 -19.78
C LEU B 848 6.47 32.50 -20.45
N PRO B 849 5.95 33.38 -21.31
CA PRO B 849 6.81 34.36 -21.96
C PRO B 849 7.24 35.44 -21.00
N PRO B 850 8.39 36.06 -21.22
CA PRO B 850 8.82 37.20 -20.39
C PRO B 850 7.93 38.42 -20.62
N LEU B 851 7.92 39.29 -19.62
CA LEU B 851 7.12 40.51 -19.71
C LEU B 851 7.71 41.49 -20.72
N LEU B 852 9.04 41.61 -20.73
CA LEU B 852 9.73 42.52 -21.65
C LEU B 852 10.29 41.71 -22.81
N THR B 853 9.94 42.11 -24.03
CA THR B 853 10.50 41.47 -25.21
C THR B 853 11.96 41.87 -25.37
N ASP B 854 12.61 41.28 -26.37
CA ASP B 854 14.01 41.59 -26.61
C ASP B 854 14.19 42.99 -27.20
N GLU B 855 13.20 43.47 -27.96
CA GLU B 855 13.28 44.81 -28.52
C GLU B 855 13.29 45.88 -27.44
N MET B 856 12.46 45.72 -26.41
CA MET B 856 12.41 46.70 -25.34
C MET B 856 13.72 46.74 -24.56
N ILE B 857 14.34 45.59 -24.34
CA ILE B 857 15.64 45.55 -23.67
C ILE B 857 16.70 46.23 -24.54
N ALA B 858 16.67 45.96 -25.85
CA ALA B 858 17.58 46.64 -26.76
C ALA B 858 17.37 48.16 -26.73
N GLN B 859 16.12 48.59 -26.54
CA GLN B 859 15.84 50.02 -26.53
C GLN B 859 16.31 50.68 -25.24
N TYR B 860 16.16 50.00 -24.10
CA TYR B 860 16.82 50.45 -22.87
C TYR B 860 18.33 50.59 -23.05
N THR B 861 18.99 49.58 -23.62
CA THR B 861 20.43 49.67 -23.77
C THR B 861 20.81 50.83 -24.70
N SER B 862 20.03 51.04 -25.76
CA SER B 862 20.28 52.16 -26.66
C SER B 862 20.14 53.49 -25.92
N ALA B 863 19.13 53.62 -25.08
CA ALA B 863 18.95 54.85 -24.32
C ALA B 863 20.11 55.10 -23.37
N LEU B 864 20.58 54.05 -22.69
CA LEU B 864 21.71 54.20 -21.79
C LEU B 864 22.97 54.63 -22.54
N LEU B 865 23.22 54.01 -23.69
CA LEU B 865 24.39 54.41 -24.48
C LEU B 865 24.30 55.85 -24.96
N ALA B 866 23.13 56.25 -25.46
CA ALA B 866 22.98 57.62 -25.93
C ALA B 866 23.19 58.61 -24.81
N GLY B 867 22.63 58.32 -23.62
CA GLY B 867 22.83 59.22 -22.51
C GLY B 867 24.27 59.34 -22.08
N THR B 868 24.96 58.19 -21.95
CA THR B 868 26.35 58.24 -21.48
C THR B 868 27.28 58.85 -22.51
N ILE B 869 26.92 58.78 -23.80
CA ILE B 869 27.77 59.39 -24.82
C ILE B 869 27.50 60.88 -24.94
N THR B 870 26.26 61.31 -24.70
CA THR B 870 25.91 62.70 -24.94
C THR B 870 26.04 63.59 -23.72
N SER B 871 25.93 63.06 -22.51
CA SER B 871 25.86 63.90 -21.32
C SER B 871 26.85 63.53 -20.21
N GLY B 872 27.51 62.39 -20.29
CA GLY B 872 28.47 62.03 -19.25
C GLY B 872 27.79 61.28 -18.12
N TRP B 873 28.00 61.73 -16.89
CA TRP B 873 27.33 61.15 -15.74
C TRP B 873 26.24 62.05 -15.18
N THR B 874 25.85 63.09 -15.92
CA THR B 874 24.86 64.03 -15.40
C THR B 874 23.45 63.46 -15.44
N PHE B 875 23.15 62.60 -16.42
CA PHE B 875 21.81 62.06 -16.55
C PHE B 875 21.48 61.03 -15.49
N GLY B 876 22.47 60.53 -14.75
CA GLY B 876 22.21 59.60 -13.67
C GLY B 876 21.82 60.23 -12.36
N ALA B 877 22.00 61.54 -12.22
CA ALA B 877 21.66 62.26 -10.99
C ALA B 877 20.44 63.15 -11.17
N GLY B 878 20.36 63.86 -12.28
CA GLY B 878 19.22 64.73 -12.54
C GLY B 878 18.84 64.73 -14.01
N ALA B 879 18.69 65.91 -14.59
CA ALA B 879 18.47 66.01 -16.03
C ALA B 879 19.80 65.96 -16.76
N ALA B 880 19.75 65.48 -18.00
CA ALA B 880 20.96 65.38 -18.81
C ALA B 880 21.41 66.77 -19.26
N LEU B 881 22.72 67.01 -19.18
CA LEU B 881 23.33 68.26 -19.60
C LEU B 881 24.39 67.97 -20.65
N GLN B 882 24.41 68.76 -21.73
CA GLN B 882 25.33 68.49 -22.82
C GLN B 882 26.77 68.77 -22.40
N ILE B 883 27.69 68.10 -23.07
CA ILE B 883 29.12 68.38 -22.94
C ILE B 883 29.84 67.74 -24.12
N PRO B 884 30.79 68.43 -24.75
CA PRO B 884 31.56 67.80 -25.83
C PRO B 884 32.32 66.59 -25.31
N PHE B 885 32.48 65.59 -26.17
CA PHE B 885 32.99 64.31 -25.72
C PHE B 885 34.44 64.40 -25.26
N ALA B 886 35.26 65.19 -25.96
CA ALA B 886 36.65 65.33 -25.57
C ALA B 886 36.80 65.96 -24.19
N MET B 887 35.95 66.93 -23.88
CA MET B 887 35.98 67.54 -22.56
C MET B 887 35.54 66.55 -21.47
N GLN B 888 34.56 65.70 -21.80
CA GLN B 888 34.16 64.65 -20.88
C GLN B 888 35.30 63.67 -20.60
N MET B 889 36.02 63.28 -21.65
CA MET B 889 37.12 62.34 -21.46
C MET B 889 38.29 63.02 -20.73
N ALA B 890 38.43 64.34 -20.89
CA ALA B 890 39.41 65.07 -20.08
C ALA B 890 39.03 65.07 -18.60
N TYR B 891 37.74 65.27 -18.30
CA TYR B 891 37.24 65.06 -16.94
C TYR B 891 37.66 63.69 -16.42
N ARG B 892 37.47 62.66 -17.24
CA ARG B 892 37.71 61.31 -16.78
C ARG B 892 39.20 61.03 -16.58
N PHE B 893 40.07 61.64 -17.39
CA PHE B 893 41.49 61.56 -17.10
C PHE B 893 41.83 62.28 -15.80
N ASN B 894 41.23 63.45 -15.59
CA ASN B 894 41.48 64.17 -14.34
C ASN B 894 41.05 63.37 -13.13
N GLY B 895 40.04 62.50 -13.30
CA GLY B 895 39.53 61.70 -12.20
C GLY B 895 40.41 60.53 -11.80
N ILE B 896 41.45 60.20 -12.56
CA ILE B 896 42.35 59.11 -12.23
C ILE B 896 43.75 59.62 -11.89
N GLY B 897 43.93 60.93 -11.76
CA GLY B 897 45.23 61.47 -11.39
C GLY B 897 46.10 61.92 -12.53
N VAL B 898 45.54 62.13 -13.72
CA VAL B 898 46.28 62.60 -14.88
C VAL B 898 45.69 63.93 -15.32
N THR B 899 46.55 64.91 -15.55
CA THR B 899 46.08 66.24 -15.87
C THR B 899 45.48 66.28 -17.28
N GLN B 900 44.84 67.41 -17.58
CA GLN B 900 44.16 67.60 -18.86
C GLN B 900 45.12 67.81 -20.03
N ASN B 901 46.38 68.16 -19.76
CA ASN B 901 47.35 68.30 -20.83
C ASN B 901 47.49 67.01 -21.63
N VAL B 902 47.59 65.87 -20.92
CA VAL B 902 47.93 64.61 -21.56
C VAL B 902 46.87 64.22 -22.58
N LEU B 903 45.63 64.62 -22.37
CA LEU B 903 44.56 64.22 -23.29
C LEU B 903 44.54 65.10 -24.54
N TYR B 904 44.51 66.42 -24.35
CA TYR B 904 44.36 67.32 -25.49
C TYR B 904 45.57 67.28 -26.42
N GLU B 905 46.74 66.92 -25.92
CA GLU B 905 47.94 66.81 -26.75
C GLU B 905 48.11 65.43 -27.36
N ASN B 906 47.24 64.47 -27.02
CA ASN B 906 47.34 63.11 -27.51
C ASN B 906 45.98 62.58 -27.95
N GLN B 907 45.13 63.47 -28.45
CA GLN B 907 43.75 63.09 -28.74
C GLN B 907 43.67 62.04 -29.84
N LYS B 908 44.42 62.25 -30.93
CA LYS B 908 44.35 61.33 -32.07
C LYS B 908 44.84 59.94 -31.70
N LEU B 909 45.93 59.85 -30.94
CA LEU B 909 46.46 58.55 -30.54
C LEU B 909 45.46 57.81 -29.66
N ILE B 910 44.85 58.50 -28.71
CA ILE B 910 43.88 57.86 -27.82
C ILE B 910 42.67 57.37 -28.61
N ALA B 911 42.19 58.19 -29.55
CA ALA B 911 41.07 57.77 -30.38
C ALA B 911 41.42 56.55 -31.22
N ASN B 912 42.63 56.53 -31.78
CA ASN B 912 43.05 55.37 -32.58
C ASN B 912 43.13 54.11 -31.73
N GLN B 913 43.69 54.21 -30.53
CA GLN B 913 43.77 53.05 -29.65
C GLN B 913 42.39 52.53 -29.29
N PHE B 914 41.45 53.45 -28.97
CA PHE B 914 40.10 53.03 -28.65
C PHE B 914 39.44 52.32 -29.84
N ASN B 915 39.60 52.88 -31.03
CA ASN B 915 39.00 52.28 -32.22
C ASN B 915 39.57 50.89 -32.48
N SER B 916 40.88 50.74 -32.34
CA SER B 916 41.51 49.44 -32.57
C SER B 916 41.04 48.41 -31.55
N ALA B 917 40.92 48.80 -30.28
CA ALA B 917 40.46 47.86 -29.27
C ALA B 917 39.02 47.43 -29.51
N ILE B 918 38.16 48.38 -29.89
CA ILE B 918 36.78 48.05 -30.20
C ILE B 918 36.72 47.11 -31.39
N GLY B 919 37.56 47.34 -32.40
CA GLY B 919 37.61 46.44 -33.54
C GLY B 919 38.08 45.05 -33.15
N LYS B 920 38.99 44.96 -32.19
CA LYS B 920 39.48 43.65 -31.76
C LYS B 920 38.44 42.88 -30.97
N ILE B 921 37.54 43.58 -30.27
CA ILE B 921 36.51 42.90 -29.49
C ILE B 921 35.65 41.98 -30.38
N GLN B 922 35.21 42.50 -31.52
CA GLN B 922 34.32 41.73 -32.37
C GLN B 922 35.03 40.55 -33.01
N ASP B 923 36.30 40.72 -33.35
CA ASP B 923 37.08 39.59 -33.84
C ASP B 923 37.24 38.52 -32.77
N SER B 924 37.50 38.94 -31.53
CA SER B 924 37.69 37.97 -30.45
C SER B 924 36.41 37.19 -30.18
N LEU B 925 35.25 37.86 -30.21
CA LEU B 925 34.01 37.14 -29.92
C LEU B 925 33.27 36.68 -31.16
N SER B 926 33.88 36.80 -32.34
CA SER B 926 33.26 36.25 -33.55
C SER B 926 33.69 34.81 -33.80
N SER B 927 35.00 34.59 -33.94
CA SER B 927 35.49 33.24 -34.19
C SER B 927 35.36 32.36 -32.95
N THR B 928 35.79 32.86 -31.79
CA THR B 928 35.67 32.09 -30.56
C THR B 928 34.22 32.04 -30.10
N ALA B 929 33.78 30.85 -29.68
CA ALA B 929 32.40 30.65 -29.26
C ALA B 929 32.25 30.37 -27.77
N SER B 930 33.25 29.81 -27.11
CA SER B 930 33.16 29.40 -25.72
C SER B 930 33.25 30.58 -24.75
N ALA B 931 33.18 31.82 -25.24
CA ALA B 931 33.22 32.97 -24.36
C ALA B 931 31.94 33.09 -23.53
N LEU B 932 30.80 32.77 -24.14
CA LEU B 932 29.50 32.88 -23.48
C LEU B 932 29.15 31.58 -22.77
N GLY B 933 30.05 31.17 -21.87
CA GLY B 933 29.89 29.92 -21.15
C GLY B 933 28.80 29.91 -20.10
N LYS B 934 28.65 31.01 -19.36
CA LYS B 934 27.73 31.03 -18.23
C LYS B 934 26.28 30.95 -18.68
N LEU B 935 25.92 31.68 -19.73
CA LEU B 935 24.55 31.68 -20.21
C LEU B 935 24.14 30.30 -20.71
N GLN B 936 25.00 29.69 -21.53
CA GLN B 936 24.73 28.34 -22.01
C GLN B 936 24.72 27.34 -20.88
N ASP B 937 25.56 27.55 -19.86
CA ASP B 937 25.55 26.65 -18.70
C ASP B 937 24.20 26.68 -18.00
N VAL B 938 23.65 27.89 -17.79
CA VAL B 938 22.34 28.01 -17.15
C VAL B 938 21.27 27.32 -17.99
N VAL B 939 21.30 27.56 -19.30
CA VAL B 939 20.29 26.97 -20.19
C VAL B 939 20.37 25.44 -20.13
N ASN B 940 21.59 24.90 -20.20
CA ASN B 940 21.76 23.45 -20.19
C ASN B 940 21.30 22.85 -18.86
N GLN B 941 21.60 23.51 -17.75
CA GLN B 941 21.18 22.98 -16.45
C GLN B 941 19.66 22.92 -16.35
N ASN B 942 18.98 23.99 -16.78
CA ASN B 942 17.52 23.97 -16.73
C ASN B 942 16.94 22.89 -17.63
N ALA B 943 17.48 22.76 -18.84
CA ALA B 943 16.98 21.75 -19.76
C ALA B 943 17.19 20.34 -19.21
N GLN B 944 18.35 20.09 -18.61
CA GLN B 944 18.62 18.78 -18.05
C GLN B 944 17.68 18.45 -16.90
N ALA B 945 17.43 19.43 -16.01
CA ALA B 945 16.51 19.19 -14.91
C ALA B 945 15.11 18.86 -15.41
N LEU B 946 14.62 19.62 -16.40
CA LEU B 946 13.29 19.35 -16.93
C LEU B 946 13.23 17.99 -17.61
N ASN B 947 14.28 17.63 -18.36
CA ASN B 947 14.30 16.34 -19.02
C ASN B 947 14.28 15.20 -18.02
N THR B 948 15.05 15.31 -16.94
CA THR B 948 15.04 14.28 -15.91
C THR B 948 13.65 14.16 -15.27
N LEU B 949 13.02 15.29 -14.98
CA LEU B 949 11.67 15.23 -14.40
C LEU B 949 10.70 14.53 -15.34
N VAL B 950 10.77 14.82 -16.63
CA VAL B 950 9.87 14.17 -17.59
C VAL B 950 10.15 12.68 -17.66
N LYS B 951 11.43 12.31 -17.71
CA LYS B 951 11.79 10.90 -17.86
C LYS B 951 11.46 10.08 -16.62
N GLN B 952 11.36 10.71 -15.45
CA GLN B 952 11.01 9.97 -14.24
C GLN B 952 9.59 9.39 -14.27
N LEU B 953 8.82 9.62 -15.33
CA LEU B 953 7.45 9.14 -15.38
C LEU B 953 7.33 7.71 -15.87
N SER B 954 8.44 7.07 -16.24
CA SER B 954 8.43 5.69 -16.71
C SER B 954 9.05 4.73 -15.71
N SER B 955 8.83 4.97 -14.43
CA SER B 955 9.31 4.10 -13.36
C SER B 955 8.12 3.61 -12.56
N ASN B 956 8.14 2.33 -12.17
CA ASN B 956 7.00 1.76 -11.46
C ASN B 956 7.15 1.84 -9.95
N PHE B 957 8.33 2.18 -9.44
CA PHE B 957 8.56 2.42 -8.01
C PHE B 957 8.14 1.23 -7.14
N GLY B 958 8.18 0.02 -7.71
CA GLY B 958 7.78 -1.17 -6.99
C GLY B 958 6.41 -1.71 -7.38
N ALA B 959 5.62 -0.94 -8.13
CA ALA B 959 4.32 -1.42 -8.59
C ALA B 959 4.51 -2.42 -9.73
N ILE B 960 3.39 -2.90 -10.27
CA ILE B 960 3.47 -3.89 -11.34
C ILE B 960 3.73 -3.21 -12.68
N SER B 961 3.37 -1.95 -12.81
CA SER B 961 3.55 -1.24 -14.07
C SER B 961 3.65 0.26 -13.81
N SER B 962 4.12 0.99 -14.81
CA SER B 962 4.22 2.44 -14.77
C SER B 962 3.06 3.13 -15.48
N VAL B 963 2.07 2.37 -15.96
CA VAL B 963 0.92 2.93 -16.67
C VAL B 963 -0.33 2.67 -15.84
N LEU B 964 -1.12 3.72 -15.62
CA LEU B 964 -2.31 3.58 -14.79
C LEU B 964 -3.42 2.83 -15.52
N ASN B 965 -3.51 2.96 -16.83
CA ASN B 965 -4.56 2.28 -17.58
C ASN B 965 -4.40 0.76 -17.50
N ASP B 966 -3.17 0.27 -17.63
CA ASP B 966 -2.93 -1.17 -17.52
C ASP B 966 -3.27 -1.67 -16.12
N ILE B 967 -2.91 -0.92 -15.09
CA ILE B 967 -3.23 -1.32 -13.72
C ILE B 967 -4.73 -1.37 -13.51
N LEU B 968 -5.45 -0.36 -14.01
CA LEU B 968 -6.89 -0.31 -13.82
C LEU B 968 -7.59 -1.43 -14.58
N SER B 969 -7.14 -1.73 -15.80
CA SER B 969 -7.79 -2.77 -16.59
C SER B 969 -7.49 -4.16 -16.06
N ARG B 970 -6.23 -4.43 -15.73
CA ARG B 970 -5.79 -5.77 -15.38
C ARG B 970 -5.98 -6.09 -13.89
N LEU B 971 -6.47 -5.13 -13.10
CA LEU B 971 -6.77 -5.39 -11.70
C LEU B 971 -8.01 -4.61 -11.29
N ASP B 972 -8.81 -5.22 -10.42
CA ASP B 972 -9.97 -4.56 -9.84
C ASP B 972 -9.53 -3.62 -8.71
N PRO B 973 -10.39 -2.67 -8.33
CA PRO B 973 -9.97 -1.57 -7.42
C PRO B 973 -9.32 -2.01 -6.13
N PRO B 974 -9.89 -2.96 -5.37
CA PRO B 974 -9.45 -3.09 -3.96
C PRO B 974 -7.97 -3.39 -3.79
N GLU B 975 -7.34 -4.10 -4.72
CA GLU B 975 -5.90 -4.27 -4.70
C GLU B 975 -5.19 -3.47 -5.78
N ALA B 976 -5.92 -2.63 -6.52
CA ALA B 976 -5.28 -1.61 -7.34
C ALA B 976 -4.95 -0.36 -6.54
N GLU B 977 -5.62 -0.17 -5.40
CA GLU B 977 -5.31 0.93 -4.49
C GLU B 977 -3.82 0.96 -4.14
N VAL B 978 -3.25 -0.21 -3.85
CA VAL B 978 -1.87 -0.29 -3.37
C VAL B 978 -0.91 0.16 -4.46
N GLN B 979 -1.11 -0.34 -5.68
CA GLN B 979 -0.24 0.05 -6.79
C GLN B 979 -0.36 1.54 -7.08
N ILE B 980 -1.58 2.07 -7.04
CA ILE B 980 -1.76 3.49 -7.31
C ILE B 980 -1.05 4.34 -6.26
N ASP B 981 -1.15 3.93 -4.99
CA ASP B 981 -0.42 4.66 -3.94
C ASP B 981 1.08 4.59 -4.15
N ARG B 982 1.58 3.41 -4.56
CA ARG B 982 3.00 3.26 -4.79
C ARG B 982 3.49 4.20 -5.89
N LEU B 983 2.69 4.37 -6.95
CA LEU B 983 3.06 5.32 -7.99
C LEU B 983 2.98 6.76 -7.50
N ILE B 984 1.94 7.08 -6.74
CA ILE B 984 1.69 8.45 -6.30
C ILE B 984 2.83 8.95 -5.43
N THR B 985 3.30 8.12 -4.51
CA THR B 985 4.36 8.56 -3.59
C THR B 985 5.63 8.91 -4.36
N GLY B 986 6.03 8.06 -5.31
CA GLY B 986 7.23 8.34 -6.08
C GLY B 986 7.11 9.59 -6.93
N ARG B 987 5.95 9.79 -7.55
CA ARG B 987 5.80 10.99 -8.38
C ARG B 987 5.79 12.25 -7.54
N LEU B 988 5.18 12.21 -6.35
CA LEU B 988 5.28 13.35 -5.43
C LEU B 988 6.72 13.64 -5.05
N GLN B 989 7.50 12.59 -4.74
CA GLN B 989 8.89 12.80 -4.36
C GLN B 989 9.68 13.45 -5.48
N SER B 990 9.46 12.99 -6.72
CA SER B 990 10.15 13.59 -7.86
C SER B 990 9.80 15.07 -8.02
N LEU B 991 8.52 15.40 -7.90
CA LEU B 991 8.12 16.80 -8.04
C LEU B 991 8.75 17.66 -6.95
N GLN B 992 8.78 17.16 -5.71
CA GLN B 992 9.36 17.94 -4.62
C GLN B 992 10.84 18.19 -4.82
N THR B 993 11.60 17.17 -5.24
CA THR B 993 13.03 17.40 -5.43
C THR B 993 13.28 18.40 -6.56
N TYR B 994 12.47 18.32 -7.63
CA TYR B 994 12.62 19.29 -8.72
C TYR B 994 12.38 20.71 -8.22
N VAL B 995 11.32 20.91 -7.44
CA VAL B 995 11.00 22.26 -6.98
C VAL B 995 12.07 22.79 -6.05
N THR B 996 12.64 21.93 -5.20
CA THR B 996 13.67 22.40 -4.27
C THR B 996 14.93 22.85 -5.02
N GLN B 997 15.38 22.04 -5.99
CA GLN B 997 16.57 22.49 -6.72
C GLN B 997 16.29 23.73 -7.54
N GLN B 998 15.05 23.89 -8.04
CA GLN B 998 14.69 25.12 -8.73
C GLN B 998 14.79 26.33 -7.81
N LEU B 999 14.33 26.20 -6.56
CA LEU B 999 14.42 27.31 -5.63
C LEU B 999 15.87 27.71 -5.37
N ILE B 1000 16.76 26.72 -5.20
CA ILE B 1000 18.16 27.04 -4.93
C ILE B 1000 18.80 27.74 -6.14
N ARG B 1001 18.55 27.22 -7.34
CA ARG B 1001 19.10 27.86 -8.54
C ARG B 1001 18.57 29.27 -8.72
N ALA B 1002 17.28 29.49 -8.38
CA ALA B 1002 16.72 30.84 -8.48
C ALA B 1002 17.41 31.79 -7.52
N ALA B 1003 17.73 31.33 -6.31
CA ALA B 1003 18.45 32.19 -5.38
C ALA B 1003 19.81 32.60 -5.95
N GLU B 1004 20.52 31.65 -6.55
CA GLU B 1004 21.81 31.98 -7.16
C GLU B 1004 21.65 33.02 -8.28
N ILE B 1005 20.65 32.84 -9.14
CA ILE B 1005 20.43 33.79 -10.23
C ILE B 1005 20.09 35.18 -9.68
N ARG B 1006 19.34 35.23 -8.58
CA ARG B 1006 19.00 36.52 -7.99
C ARG B 1006 20.25 37.24 -7.49
N ALA B 1007 21.17 36.50 -6.86
CA ALA B 1007 22.42 37.13 -6.43
C ALA B 1007 23.19 37.68 -7.63
N SER B 1008 23.26 36.91 -8.72
CA SER B 1008 23.95 37.40 -9.92
C SER B 1008 23.30 38.66 -10.47
N ALA B 1009 21.97 38.70 -10.49
CA ALA B 1009 21.27 39.88 -11.02
C ALA B 1009 21.49 41.10 -10.14
N ASN B 1010 21.56 40.90 -8.82
CA ASN B 1010 21.88 42.02 -7.94
C ASN B 1010 23.26 42.59 -8.23
N LEU B 1011 24.24 41.71 -8.44
CA LEU B 1011 25.58 42.19 -8.80
C LEU B 1011 25.56 42.96 -10.11
N ALA B 1012 24.81 42.45 -11.10
CA ALA B 1012 24.76 43.13 -12.40
C ALA B 1012 24.12 44.50 -12.28
N ALA B 1013 23.05 44.62 -11.49
CA ALA B 1013 22.42 45.93 -11.29
C ALA B 1013 23.37 46.91 -10.61
N THR B 1014 24.13 46.42 -9.61
CA THR B 1014 25.12 47.29 -8.97
C THR B 1014 26.17 47.77 -9.97
N LYS B 1015 26.64 46.87 -10.83
CA LYS B 1015 27.64 47.27 -11.83
C LYS B 1015 27.08 48.29 -12.80
N MET B 1016 25.85 48.11 -13.26
CA MET B 1016 25.26 49.08 -14.16
C MET B 1016 25.12 50.44 -13.49
N SER B 1017 24.72 50.46 -12.22
CA SER B 1017 24.54 51.73 -11.52
C SER B 1017 25.86 52.43 -11.28
N GLU B 1018 26.92 51.68 -10.96
CA GLU B 1018 28.16 52.29 -10.49
C GLU B 1018 29.24 52.44 -11.55
N CYS B 1019 29.09 51.81 -12.71
CA CYS B 1019 30.15 51.86 -13.73
C CYS B 1019 29.69 52.42 -15.06
N VAL B 1020 28.42 52.30 -15.40
CA VAL B 1020 27.91 52.94 -16.60
C VAL B 1020 27.40 54.35 -16.31
N LEU B 1021 26.81 54.56 -15.13
CA LEU B 1021 26.26 55.85 -14.74
C LEU B 1021 27.25 56.71 -13.98
N GLY B 1022 28.49 56.28 -13.85
CA GLY B 1022 29.49 57.06 -13.14
C GLY B 1022 30.87 56.52 -13.39
N GLN B 1023 31.82 57.05 -12.63
CA GLN B 1023 33.21 56.58 -12.65
C GLN B 1023 33.54 55.98 -11.29
N SER B 1024 34.14 54.80 -11.30
CA SER B 1024 34.33 54.00 -10.10
C SER B 1024 35.80 54.03 -9.66
N LYS B 1025 36.02 54.22 -8.37
CA LYS B 1025 37.36 54.19 -7.79
C LYS B 1025 37.72 52.84 -7.20
N ARG B 1026 36.78 51.92 -7.08
CA ARG B 1026 37.06 50.63 -6.49
C ARG B 1026 37.96 49.80 -7.41
N VAL B 1027 38.96 49.17 -6.82
CA VAL B 1027 39.97 48.46 -7.59
C VAL B 1027 39.37 47.17 -8.15
N ASP B 1028 39.55 46.97 -9.46
CA ASP B 1028 39.16 45.76 -10.17
C ASP B 1028 37.66 45.52 -10.18
N PHE B 1029 36.85 46.48 -9.74
CA PHE B 1029 35.41 46.29 -9.80
C PHE B 1029 34.92 46.29 -11.25
N CYS B 1030 35.50 47.15 -12.08
CA CYS B 1030 35.13 47.23 -13.49
C CYS B 1030 36.39 47.22 -14.34
N GLY B 1031 36.87 46.03 -14.67
CA GLY B 1031 38.03 45.87 -15.51
C GLY B 1031 39.34 45.92 -14.73
N LYS B 1032 40.43 45.71 -15.46
CA LYS B 1032 41.77 45.71 -14.90
C LYS B 1032 42.49 46.98 -15.33
N GLY B 1033 42.91 47.78 -14.35
CA GLY B 1033 43.51 49.07 -14.63
C GLY B 1033 42.74 50.19 -13.98
N TYR B 1034 42.91 51.42 -14.47
CA TYR B 1034 42.18 52.56 -13.95
C TYR B 1034 40.94 52.78 -14.79
N HIS B 1035 39.77 52.70 -14.15
CA HIS B 1035 38.51 52.71 -14.87
C HIS B 1035 38.27 54.08 -15.49
N LEU B 1036 38.06 54.11 -16.81
CA LEU B 1036 37.63 55.31 -17.51
C LEU B 1036 36.13 55.33 -17.73
N MET B 1037 35.57 54.31 -18.37
CA MET B 1037 34.13 54.32 -18.65
C MET B 1037 33.68 52.92 -19.05
N SER B 1038 32.38 52.76 -19.25
CA SER B 1038 31.81 51.45 -19.53
C SER B 1038 30.56 51.59 -20.41
N PHE B 1039 30.31 50.56 -21.22
CA PHE B 1039 29.17 50.53 -22.12
C PHE B 1039 28.42 49.21 -21.96
N PRO B 1040 27.08 49.23 -21.91
CA PRO B 1040 26.31 48.00 -21.81
C PRO B 1040 25.81 47.48 -23.15
N GLN B 1041 25.66 46.15 -23.21
CA GLN B 1041 25.03 45.47 -24.32
C GLN B 1041 24.15 44.34 -23.78
N SER B 1042 23.13 43.98 -24.51
CA SER B 1042 22.19 42.95 -24.08
C SER B 1042 22.52 41.60 -24.72
N ALA B 1043 22.24 40.53 -23.97
CA ALA B 1043 22.48 39.17 -24.41
C ALA B 1043 21.18 38.39 -24.28
N PRO B 1044 21.09 37.14 -24.79
CA PRO B 1044 19.85 36.37 -24.68
C PRO B 1044 19.20 36.37 -23.29
N HIS B 1045 19.96 36.07 -22.24
CA HIS B 1045 19.40 36.05 -20.89
C HIS B 1045 20.33 36.76 -19.92
N GLY B 1046 21.00 37.81 -20.37
CA GLY B 1046 21.96 38.47 -19.51
C GLY B 1046 22.46 39.76 -20.12
N VAL B 1047 23.56 40.25 -19.55
CA VAL B 1047 24.11 41.54 -19.91
C VAL B 1047 25.61 41.39 -20.16
N VAL B 1048 26.15 42.29 -20.98
CA VAL B 1048 27.56 42.33 -21.32
C VAL B 1048 28.06 43.74 -21.04
N PHE B 1049 29.18 43.85 -20.35
CA PHE B 1049 29.79 45.14 -20.05
C PHE B 1049 31.11 45.25 -20.78
N LEU B 1050 31.30 46.37 -21.48
CA LEU B 1050 32.58 46.70 -22.12
C LEU B 1050 33.22 47.80 -21.28
N HIS B 1051 34.32 47.46 -20.62
CA HIS B 1051 35.03 48.38 -19.74
C HIS B 1051 36.23 48.97 -20.48
N VAL B 1052 36.31 50.29 -20.52
CA VAL B 1052 37.43 51.02 -21.08
C VAL B 1052 38.26 51.55 -19.93
N THR B 1053 39.54 51.13 -19.88
CA THR B 1053 40.45 51.45 -18.80
C THR B 1053 41.78 51.93 -19.37
N TYR B 1054 42.56 52.55 -18.49
CA TYR B 1054 43.84 53.18 -18.79
C TYR B 1054 44.95 52.34 -18.17
N VAL B 1055 45.99 52.03 -18.95
CA VAL B 1055 47.09 51.20 -18.48
C VAL B 1055 48.42 51.89 -18.76
N PRO B 1056 49.18 52.28 -17.75
CA PRO B 1056 50.49 52.91 -18.01
C PRO B 1056 51.48 51.92 -18.59
N ALA B 1057 52.45 52.44 -19.32
CA ALA B 1057 53.39 51.60 -20.05
C ALA B 1057 54.69 52.36 -20.28
N GLN B 1058 55.73 51.59 -20.60
CA GLN B 1058 57.07 52.11 -20.94
C GLN B 1058 57.66 52.93 -19.79
N GLU B 1059 57.89 52.25 -18.68
CA GLU B 1059 58.42 52.89 -17.49
C GLU B 1059 59.90 53.19 -17.65
N LYS B 1060 60.34 54.24 -16.95
CA LYS B 1060 61.74 54.64 -16.89
C LYS B 1060 62.13 54.81 -15.44
N ASN B 1061 63.43 54.79 -15.18
CA ASN B 1061 63.97 54.65 -13.84
C ASN B 1061 64.78 55.86 -13.42
N PHE B 1062 64.42 56.41 -12.26
CA PHE B 1062 64.96 57.67 -11.77
C PHE B 1062 65.34 57.53 -10.30
N THR B 1063 65.98 58.56 -9.76
CA THR B 1063 66.29 58.64 -8.34
C THR B 1063 65.53 59.82 -7.72
N THR B 1064 65.13 59.64 -6.46
CA THR B 1064 64.19 60.54 -5.80
C THR B 1064 64.76 61.04 -4.48
N ALA B 1065 64.02 61.97 -3.85
CA ALA B 1065 64.30 62.51 -2.54
C ALA B 1065 62.97 62.95 -1.96
N PRO B 1066 62.76 62.82 -0.65
CA PRO B 1066 61.45 63.19 -0.10
C PRO B 1066 61.24 64.69 0.04
N ALA B 1067 62.31 65.47 0.20
CA ALA B 1067 62.17 66.91 0.38
C ALA B 1067 63.47 67.57 -0.07
N ILE B 1068 63.40 68.89 -0.28
CA ILE B 1068 64.54 69.66 -0.77
C ILE B 1068 64.86 70.75 0.25
N CYS B 1069 66.13 70.85 0.65
CA CYS B 1069 66.53 71.89 1.60
C CYS B 1069 67.06 73.09 0.82
N HIS B 1070 66.55 74.26 1.14
CA HIS B 1070 66.96 75.52 0.50
C HIS B 1070 66.81 76.63 1.52
N ASP B 1071 67.86 77.43 1.68
CA ASP B 1071 67.89 78.53 2.64
C ASP B 1071 67.59 78.04 4.07
N GLY B 1072 67.98 76.81 4.37
CA GLY B 1072 67.73 76.24 5.67
C GLY B 1072 66.31 75.80 5.92
N LYS B 1073 65.48 75.70 4.88
CA LYS B 1073 64.09 75.29 5.03
C LYS B 1073 63.80 74.10 4.12
N ALA B 1074 62.83 73.29 4.53
CA ALA B 1074 62.48 72.07 3.82
C ALA B 1074 61.25 72.29 2.96
N HIS B 1075 61.32 71.84 1.71
CA HIS B 1075 60.27 72.02 0.72
C HIS B 1075 59.77 70.65 0.27
N PHE B 1076 58.44 70.51 0.19
CA PHE B 1076 57.75 69.32 -0.25
C PHE B 1076 56.90 69.64 -1.47
N PRO B 1077 56.70 68.67 -2.37
CA PRO B 1077 55.91 68.94 -3.56
C PRO B 1077 54.42 68.98 -3.26
N ARG B 1078 53.71 69.87 -3.96
CA ARG B 1078 52.27 69.99 -3.74
C ARG B 1078 51.53 68.76 -4.26
N GLU B 1079 51.83 68.34 -5.49
CA GLU B 1079 51.06 67.27 -6.11
C GLU B 1079 51.90 66.27 -6.90
N GLY B 1080 53.22 66.25 -6.71
CA GLY B 1080 54.04 65.37 -7.51
C GLY B 1080 55.18 64.72 -6.75
N VAL B 1081 56.27 64.40 -7.45
CA VAL B 1081 57.46 63.84 -6.83
C VAL B 1081 58.70 64.52 -7.40
N PHE B 1082 59.74 64.58 -6.57
CA PHE B 1082 61.04 65.06 -7.00
C PHE B 1082 61.80 63.93 -7.67
N VAL B 1083 62.34 64.19 -8.87
CA VAL B 1083 63.14 63.22 -9.60
C VAL B 1083 64.38 63.93 -10.14
N SER B 1084 65.36 63.14 -10.56
CA SER B 1084 66.50 63.71 -11.27
C SER B 1084 66.97 62.74 -12.34
N ASN B 1085 67.38 63.31 -13.47
CA ASN B 1085 67.92 62.53 -14.58
C ASN B 1085 69.41 62.24 -14.42
N GLY B 1086 69.97 62.58 -13.27
CA GLY B 1086 71.38 62.33 -13.00
C GLY B 1086 72.09 63.55 -12.47
N THR B 1087 71.74 64.72 -13.00
CA THR B 1087 72.38 65.97 -12.61
C THR B 1087 71.42 67.01 -12.07
N HIS B 1088 70.23 67.14 -12.65
CA HIS B 1088 69.30 68.20 -12.31
C HIS B 1088 68.00 67.62 -11.77
N TRP B 1089 67.35 68.37 -10.88
CA TRP B 1089 66.16 67.92 -10.19
C TRP B 1089 64.92 68.62 -10.73
N PHE B 1090 63.83 67.84 -10.88
CA PHE B 1090 62.56 68.33 -11.40
C PHE B 1090 61.43 67.78 -10.54
N VAL B 1091 60.22 68.27 -10.81
CA VAL B 1091 59.00 67.78 -10.18
C VAL B 1091 58.12 67.18 -11.29
N THR B 1092 57.57 66.01 -11.04
CA THR B 1092 56.72 65.33 -12.02
C THR B 1092 55.41 64.89 -11.39
N GLN B 1093 54.46 64.58 -12.26
CA GLN B 1093 53.26 63.84 -11.88
C GLN B 1093 53.66 62.44 -11.42
N ARG B 1094 52.75 61.78 -10.72
CA ARG B 1094 53.04 60.43 -10.24
C ARG B 1094 52.69 59.34 -11.24
N ASN B 1095 51.95 59.66 -12.30
CA ASN B 1095 51.51 58.65 -13.25
C ASN B 1095 51.91 58.92 -14.69
N PHE B 1096 52.69 59.96 -14.95
CA PHE B 1096 53.11 60.31 -16.29
C PHE B 1096 54.32 61.23 -16.18
N TYR B 1097 55.33 60.98 -17.00
CA TYR B 1097 56.58 61.74 -16.90
C TYR B 1097 56.43 63.08 -17.62
N GLU B 1098 56.51 64.16 -16.86
CA GLU B 1098 56.41 65.52 -17.40
C GLU B 1098 57.16 66.46 -16.47
N PRO B 1099 58.48 66.53 -16.61
CA PRO B 1099 59.29 67.28 -15.64
C PRO B 1099 59.10 68.78 -15.75
N GLN B 1100 59.27 69.46 -14.61
CA GLN B 1100 59.15 70.90 -14.53
C GLN B 1100 60.19 71.44 -13.56
N ILE B 1101 60.50 72.72 -13.70
CA ILE B 1101 61.46 73.38 -12.82
C ILE B 1101 60.85 73.55 -11.44
N ILE B 1102 61.64 73.26 -10.40
CA ILE B 1102 61.20 73.37 -9.02
C ILE B 1102 61.16 74.85 -8.67
N THR B 1103 59.97 75.44 -8.70
CA THR B 1103 59.76 76.82 -8.29
C THR B 1103 59.02 76.85 -6.96
N THR B 1104 58.70 78.06 -6.50
CA THR B 1104 57.98 78.24 -5.26
C THR B 1104 56.47 78.17 -5.44
N ASP B 1105 55.99 77.89 -6.64
CA ASP B 1105 54.56 77.79 -6.91
C ASP B 1105 54.04 76.37 -6.90
N ASN B 1106 54.92 75.37 -6.99
CA ASN B 1106 54.50 73.97 -6.93
C ASN B 1106 55.08 73.24 -5.73
N THR B 1107 55.63 73.95 -4.75
CA THR B 1107 56.11 73.36 -3.51
C THR B 1107 55.58 74.17 -2.33
N PHE B 1108 55.60 73.54 -1.16
CA PHE B 1108 55.28 74.23 0.08
C PHE B 1108 56.34 73.91 1.13
N VAL B 1109 56.56 74.85 2.04
CA VAL B 1109 57.66 74.81 2.99
C VAL B 1109 57.10 74.54 4.38
N SER B 1110 57.85 73.75 5.16
CA SER B 1110 57.47 73.46 6.55
C SER B 1110 58.69 73.00 7.32
N GLY B 1111 59.17 73.83 8.25
CA GLY B 1111 60.24 73.44 9.14
C GLY B 1111 61.63 73.66 8.55
N ASN B 1112 62.63 73.27 9.33
CA ASN B 1112 64.01 73.30 8.88
C ASN B 1112 64.42 71.93 8.34
N CYS B 1113 65.59 71.89 7.71
CA CYS B 1113 66.02 70.71 6.96
C CYS B 1113 67.05 69.88 7.72
N ASP B 1114 66.87 69.73 9.03
CA ASP B 1114 67.73 68.86 9.84
C ASP B 1114 66.95 67.77 10.56
N VAL B 1115 65.72 67.49 10.12
CA VAL B 1115 64.90 66.47 10.76
C VAL B 1115 64.36 65.43 9.79
N VAL B 1116 64.28 65.71 8.50
CA VAL B 1116 63.77 64.76 7.52
C VAL B 1116 64.90 63.86 7.07
N ILE B 1117 64.63 62.56 6.98
CA ILE B 1117 65.61 61.58 6.55
C ILE B 1117 65.59 61.48 5.03
N GLY B 1118 66.70 61.83 4.40
CA GLY B 1118 66.82 61.80 2.95
C GLY B 1118 66.87 63.15 2.26
N ILE B 1119 67.07 64.23 3.01
CA ILE B 1119 67.16 65.56 2.42
C ILE B 1119 68.32 65.64 1.43
N VAL B 1120 68.08 66.30 0.30
CA VAL B 1120 69.14 66.67 -0.63
C VAL B 1120 69.10 68.16 -0.84
N ASN B 1121 70.25 68.74 -1.20
CA ASN B 1121 70.36 70.17 -1.43
C ASN B 1121 70.02 70.50 -2.87
N ASN B 1122 69.29 71.60 -3.07
CA ASN B 1122 69.00 72.13 -4.39
C ASN B 1122 68.53 73.57 -4.23
N THR B 1123 68.16 74.20 -5.34
CA THR B 1123 67.68 75.56 -5.36
C THR B 1123 66.23 75.59 -5.78
N VAL B 1124 65.45 76.48 -5.16
CA VAL B 1124 64.04 76.67 -5.49
C VAL B 1124 63.90 78.03 -6.15
N TYR B 1125 63.36 78.04 -7.37
CA TYR B 1125 63.23 79.26 -8.14
C TYR B 1125 62.13 80.15 -7.57
N ASP B 1126 62.40 81.44 -7.53
CA ASP B 1126 61.40 82.43 -7.14
C ASP B 1126 61.01 83.26 -8.36
N PRO B 1127 59.82 83.06 -8.93
CA PRO B 1127 59.47 83.79 -10.15
C PRO B 1127 59.40 85.31 -9.99
N LEU B 1128 59.08 85.80 -8.79
CA LEU B 1128 58.91 87.23 -8.58
C LEU B 1128 60.24 87.97 -8.52
N GLN B 1129 61.33 87.28 -8.18
CA GLN B 1129 62.63 87.94 -8.06
C GLN B 1129 63.10 88.57 -9.37
N PRO B 1130 63.08 87.89 -10.53
CA PRO B 1130 63.51 88.58 -11.75
C PRO B 1130 62.66 89.79 -12.10
N GLU B 1131 61.35 89.73 -11.88
CA GLU B 1131 60.48 90.83 -12.28
C GLU B 1131 60.64 92.02 -11.34
N LEU B 1132 60.86 91.77 -10.04
CA LEU B 1132 61.08 92.87 -9.11
C LEU B 1132 62.55 93.20 -8.94
N ASP B 1133 63.44 92.59 -9.73
CA ASP B 1133 64.81 93.07 -9.87
C ASP B 1133 65.03 93.88 -11.13
N SER B 1134 64.52 93.40 -12.28
CA SER B 1134 64.66 94.15 -13.52
C SER B 1134 63.90 95.47 -13.44
N PHE B 1135 62.62 95.42 -13.08
CA PHE B 1135 61.80 96.60 -12.94
C PHE B 1135 61.88 97.23 -11.55
N LYS B 1136 62.55 96.57 -10.61
CA LYS B 1136 62.70 97.07 -9.24
C LYS B 1136 61.35 97.35 -8.60
N GLN C 1 14.68 -28.38 63.46
CA GLN C 1 15.79 -28.99 62.73
C GLN C 1 17.09 -28.25 63.03
N CYS C 2 17.04 -26.92 62.95
CA CYS C 2 18.15 -26.06 63.31
C CYS C 2 17.84 -25.31 64.60
N VAL C 3 18.89 -25.02 65.36
CA VAL C 3 18.71 -24.37 66.66
C VAL C 3 18.26 -22.94 66.46
N ASN C 4 17.24 -22.53 67.19
CA ASN C 4 16.80 -21.14 67.23
C ASN C 4 17.84 -20.29 67.93
N LEU C 5 18.09 -19.10 67.40
CA LEU C 5 19.09 -18.21 67.97
C LEU C 5 18.40 -17.11 68.78
N THR C 6 18.80 -16.98 70.05
CA THR C 6 18.15 -16.10 70.99
C THR C 6 18.62 -14.65 70.79
N THR C 7 18.25 -13.79 71.74
CA THR C 7 18.63 -12.37 71.72
C THR C 7 18.16 -11.69 70.44
N ARG C 8 16.84 -11.68 70.28
CA ARG C 8 16.21 -11.02 69.13
C ARG C 8 15.83 -9.58 69.48
N THR C 9 16.86 -8.77 69.67
CA THR C 9 16.65 -7.37 70.04
C THR C 9 16.60 -6.49 68.80
N GLN C 10 15.52 -5.73 68.67
CA GLN C 10 15.36 -4.82 67.54
C GLN C 10 16.35 -3.67 67.65
N LEU C 11 16.81 -3.20 66.49
CA LEU C 11 17.78 -2.11 66.42
C LEU C 11 17.51 -1.33 65.15
N PRO C 12 17.43 0.00 65.23
CA PRO C 12 17.16 0.80 64.02
C PRO C 12 18.23 0.59 62.96
N PRO C 13 17.83 0.50 61.69
CA PRO C 13 18.80 0.18 60.64
C PRO C 13 19.64 1.39 60.24
N ALA C 14 20.95 1.18 60.22
CA ALA C 14 21.87 2.22 59.77
C ALA C 14 21.79 2.38 58.26
N TYR C 15 22.41 3.45 57.77
CA TYR C 15 22.45 3.73 56.34
C TYR C 15 23.80 4.31 55.99
N THR C 16 24.12 4.27 54.69
CA THR C 16 25.35 4.88 54.20
C THR C 16 25.17 5.20 52.72
N ASN C 17 26.20 5.83 52.17
CA ASN C 17 26.17 6.36 50.82
C ASN C 17 27.05 5.54 49.89
N SER C 18 26.66 5.49 48.62
CA SER C 18 27.43 4.83 47.57
C SER C 18 27.91 5.88 46.58
N PHE C 19 29.21 6.18 46.60
CA PHE C 19 29.80 7.16 45.70
C PHE C 19 30.19 6.45 44.41
N THR C 20 29.21 6.33 43.51
CA THR C 20 29.39 5.73 42.19
C THR C 20 29.94 4.30 42.29
N ARG C 21 29.15 3.43 42.89
CA ARG C 21 29.52 2.04 43.11
C ARG C 21 28.51 1.13 42.42
N GLY C 22 29.01 0.09 41.75
CA GLY C 22 28.14 -0.91 41.18
C GLY C 22 27.82 -0.76 39.70
N VAL C 23 28.85 -0.57 38.89
CA VAL C 23 28.71 -0.53 37.43
C VAL C 23 29.24 -1.85 36.88
N TYR C 24 28.48 -2.45 35.96
CA TYR C 24 28.86 -3.73 35.37
C TYR C 24 28.85 -3.61 33.85
N TYR C 25 29.44 -4.61 33.20
CA TYR C 25 29.45 -4.65 31.74
C TYR C 25 28.10 -5.14 31.24
N PRO C 26 27.38 -4.36 30.43
CA PRO C 26 26.01 -4.75 30.06
C PRO C 26 25.94 -5.80 28.96
N ASP C 27 27.02 -6.04 28.22
CA ASP C 27 26.99 -6.99 27.12
C ASP C 27 28.38 -7.56 26.91
N LYS C 28 28.45 -8.63 26.12
CA LYS C 28 29.72 -9.27 25.77
C LYS C 28 30.20 -8.78 24.41
N VAL C 29 30.46 -7.47 24.33
CA VAL C 29 30.93 -6.83 23.11
C VAL C 29 32.12 -5.95 23.49
N PHE C 30 33.21 -6.09 22.75
CA PHE C 30 34.41 -5.30 23.00
C PHE C 30 34.26 -3.90 22.42
N ARG C 31 34.69 -2.90 23.18
CA ARG C 31 34.70 -1.52 22.71
C ARG C 31 35.95 -0.83 23.24
N SER C 32 36.44 0.16 22.50
CA SER C 32 37.70 0.79 22.83
C SER C 32 37.69 2.26 22.43
N SER C 33 38.04 3.13 23.40
CA SER C 33 38.17 4.57 23.17
C SER C 33 36.89 5.17 22.58
N VAL C 34 35.74 4.82 23.18
CA VAL C 34 34.46 5.39 22.79
C VAL C 34 33.67 5.72 24.05
N LEU C 35 32.64 6.53 23.88
CA LEU C 35 31.64 6.78 24.92
C LEU C 35 30.33 6.16 24.44
N HIS C 36 29.73 5.32 25.27
CA HIS C 36 28.56 4.55 24.87
C HIS C 36 27.43 4.78 25.85
N SER C 37 26.23 5.06 25.34
CA SER C 37 25.05 5.24 26.17
C SER C 37 24.27 3.94 26.22
N THR C 38 23.95 3.48 27.42
CA THR C 38 23.21 2.23 27.62
C THR C 38 22.01 2.50 28.51
N GLN C 39 20.99 1.64 28.36
CA GLN C 39 19.81 1.68 29.22
C GLN C 39 19.65 0.30 29.83
N ASP C 40 19.64 0.25 31.17
CA ASP C 40 19.59 -1.04 31.85
C ASP C 40 19.25 -0.80 33.31
N LEU C 41 19.27 -1.87 34.10
CA LEU C 41 18.97 -1.79 35.53
C LEU C 41 20.27 -1.52 36.28
N PHE C 42 20.43 -0.30 36.77
CA PHE C 42 21.64 0.12 37.46
C PHE C 42 21.31 0.58 38.87
N LEU C 43 22.35 0.70 39.69
CA LEU C 43 22.22 1.27 41.03
C LEU C 43 22.44 2.77 40.93
N PRO C 44 21.44 3.60 41.27
CA PRO C 44 21.59 5.05 41.10
C PRO C 44 22.73 5.60 41.92
N PHE C 45 23.37 6.64 41.39
CA PHE C 45 24.49 7.28 42.07
C PHE C 45 24.01 7.99 43.34
N PHE C 46 24.83 7.92 44.38
CA PHE C 46 24.56 8.61 45.64
C PHE C 46 23.23 8.17 46.25
N SER C 47 23.02 6.87 46.33
CA SER C 47 21.81 6.31 46.92
C SER C 47 22.09 5.84 48.34
N ASN C 48 21.02 5.50 49.04
CA ASN C 48 21.10 5.10 50.44
C ASN C 48 21.09 3.58 50.54
N VAL C 49 22.17 3.01 51.05
CA VAL C 49 22.30 1.57 51.17
C VAL C 49 22.39 1.21 52.66
N THR C 50 21.64 0.17 53.03
CA THR C 50 21.56 -0.23 54.42
C THR C 50 22.89 -0.82 54.88
N TRP C 51 23.09 -0.85 56.19
CA TRP C 51 24.38 -1.15 56.82
C TRP C 51 24.23 -2.29 57.84
N PHE C 52 23.66 -3.41 57.42
CA PHE C 52 23.66 -4.58 58.28
C PHE C 52 25.08 -4.97 58.66
N HIS C 53 25.28 -5.36 59.91
CA HIS C 53 26.58 -5.81 60.36
C HIS C 53 26.42 -6.75 61.54
N ALA C 54 27.47 -7.53 61.78
CA ALA C 54 27.52 -8.49 62.88
C ALA C 54 28.79 -8.23 63.68
N ILE C 55 28.63 -8.03 64.99
CA ILE C 55 29.75 -7.75 65.88
C ILE C 55 29.33 -8.18 67.29
N HIS C 56 30.30 -8.64 68.08
CA HIS C 56 29.98 -9.22 69.38
C HIS C 56 29.33 -8.20 70.30
N VAL C 57 29.84 -6.98 70.34
CA VAL C 57 29.34 -5.97 71.27
C VAL C 57 28.32 -5.06 70.60
N THR C 63 21.92 -9.48 72.77
CA THR C 63 21.93 -9.11 71.36
C THR C 63 22.93 -9.96 70.58
N LYS C 64 24.20 -9.62 70.72
CA LYS C 64 25.36 -10.24 70.06
C LYS C 64 25.38 -9.99 68.55
N ARG C 65 24.38 -9.31 68.00
CA ARG C 65 24.35 -8.87 66.60
C ARG C 65 24.52 -10.04 65.62
N PHE C 66 23.53 -10.92 65.63
CA PHE C 66 23.35 -11.88 64.56
C PHE C 66 22.30 -11.29 63.64
N ASP C 67 22.72 -10.87 62.45
CA ASP C 67 21.94 -9.96 61.62
C ASP C 67 21.72 -10.60 60.25
N ASN C 68 20.68 -11.42 60.14
CA ASN C 68 20.28 -12.01 58.86
C ASN C 68 18.77 -11.98 58.71
N PRO C 69 18.18 -10.80 58.54
CA PRO C 69 16.75 -10.72 58.27
C PRO C 69 16.44 -11.16 56.85
N VAL C 70 15.18 -11.54 56.63
CA VAL C 70 14.71 -11.90 55.30
C VAL C 70 14.37 -10.62 54.56
N LEU C 71 15.03 -10.38 53.43
CA LEU C 71 14.94 -9.13 52.71
C LEU C 71 14.26 -9.33 51.36
N PRO C 72 13.68 -8.27 50.79
CA PRO C 72 13.06 -8.41 49.47
C PRO C 72 14.08 -8.40 48.35
N PHE C 73 13.63 -8.83 47.18
CA PHE C 73 14.43 -8.88 45.95
C PHE C 73 13.53 -8.27 44.88
N ASN C 74 13.58 -6.95 44.74
CA ASN C 74 12.58 -6.27 43.91
C ASN C 74 12.86 -6.45 42.43
N ASP C 75 13.98 -5.92 41.95
CA ASP C 75 14.37 -6.02 40.55
C ASP C 75 15.82 -6.44 40.35
N GLY C 76 16.55 -6.76 41.41
CA GLY C 76 17.96 -7.02 41.35
C GLY C 76 18.59 -6.49 42.62
N VAL C 77 19.75 -7.00 43.00
CA VAL C 77 20.35 -6.64 44.29
C VAL C 77 21.84 -6.36 44.08
N TYR C 78 22.30 -5.26 44.66
CA TYR C 78 23.72 -4.98 44.80
C TYR C 78 24.12 -5.35 46.22
N PHE C 79 25.10 -6.23 46.35
CA PHE C 79 25.56 -6.74 47.63
C PHE C 79 27.03 -6.40 47.77
N ALA C 80 27.39 -5.75 48.86
CA ALA C 80 28.80 -5.47 49.14
C ALA C 80 29.14 -6.06 50.50
N SER C 81 30.33 -6.62 50.62
CA SER C 81 30.74 -7.23 51.88
C SER C 81 32.21 -6.94 52.13
N THR C 82 32.54 -6.62 53.39
CA THR C 82 33.91 -6.39 53.79
C THR C 82 34.15 -7.12 55.11
N GLU C 83 35.07 -8.09 55.09
CA GLU C 83 35.29 -8.97 56.23
C GLU C 83 36.58 -9.75 55.99
N LYS C 84 37.07 -10.41 57.04
CA LYS C 84 38.38 -11.06 56.98
C LYS C 84 38.32 -12.55 57.27
N SER C 85 37.53 -12.94 58.26
CA SER C 85 37.52 -14.31 58.74
C SER C 85 36.68 -15.24 57.87
N ASN C 86 36.37 -14.83 56.64
CA ASN C 86 35.52 -15.61 55.73
C ASN C 86 34.17 -15.90 56.38
N ILE C 87 33.62 -14.89 57.07
CA ILE C 87 32.34 -15.05 57.75
C ILE C 87 31.21 -15.16 56.75
N ILE C 88 31.28 -14.39 55.66
CA ILE C 88 30.18 -14.35 54.70
C ILE C 88 30.22 -15.60 53.83
N ARG C 89 29.05 -16.22 53.65
CA ARG C 89 28.88 -17.36 52.77
C ARG C 89 27.78 -17.05 51.76
N GLY C 90 27.32 -18.04 51.03
CA GLY C 90 26.32 -17.80 50.01
C GLY C 90 24.99 -17.27 50.50
N TRP C 91 24.00 -17.28 49.63
CA TRP C 91 22.69 -16.70 49.87
C TRP C 91 21.60 -17.73 49.59
N ILE C 92 20.39 -17.42 50.02
CA ILE C 92 19.23 -18.25 49.67
C ILE C 92 18.14 -17.34 49.12
N PHE C 93 17.55 -17.77 48.01
CA PHE C 93 16.50 -17.00 47.35
C PHE C 93 15.21 -17.82 47.32
N GLY C 94 14.19 -17.33 46.61
CA GLY C 94 12.92 -18.00 46.51
C GLY C 94 11.79 -17.03 46.72
N THR C 95 10.61 -17.56 47.05
CA THR C 95 9.44 -16.71 47.25
C THR C 95 8.69 -17.08 48.53
N THR C 96 8.87 -18.30 49.01
CA THR C 96 8.21 -18.70 50.25
C THR C 96 9.17 -19.34 51.25
N LEU C 97 10.21 -20.03 50.77
CA LEU C 97 11.30 -20.52 51.61
C LEU C 97 10.85 -21.52 52.66
N ASP C 98 9.68 -22.14 52.46
CA ASP C 98 9.16 -23.10 53.43
C ASP C 98 8.63 -24.35 52.74
N SER C 99 9.37 -24.85 51.76
CA SER C 99 9.06 -26.11 51.07
C SER C 99 7.65 -26.09 50.47
N LYS C 100 7.39 -25.14 49.59
CA LYS C 100 6.16 -25.13 48.81
C LYS C 100 6.38 -24.87 47.33
N THR C 101 7.59 -24.45 46.94
CA THR C 101 7.94 -24.24 45.54
C THR C 101 9.46 -24.21 45.45
N GLN C 102 9.97 -24.01 44.24
CA GLN C 102 11.41 -24.02 44.02
C GLN C 102 12.09 -22.92 44.82
N SER C 103 13.29 -23.22 45.31
CA SER C 103 14.05 -22.28 46.12
C SER C 103 15.53 -22.44 45.78
N LEU C 104 16.12 -21.39 45.22
CA LEU C 104 17.54 -21.40 44.92
C LEU C 104 18.37 -21.45 46.19
N LEU C 105 19.56 -22.02 46.09
CA LEU C 105 20.49 -22.08 47.21
C LEU C 105 21.91 -22.03 46.67
N ILE C 106 22.68 -21.07 47.15
CA ILE C 106 24.09 -20.93 46.81
C ILE C 106 24.89 -20.97 48.11
N VAL C 107 25.86 -21.87 48.19
CA VAL C 107 26.64 -22.09 49.39
C VAL C 107 28.11 -22.20 49.00
N ASN C 108 28.99 -21.62 49.83
CA ASN C 108 30.43 -21.58 49.55
C ASN C 108 31.16 -22.15 50.78
N ASN C 109 30.80 -23.37 51.16
CA ASN C 109 31.51 -24.01 52.26
C ASN C 109 32.90 -24.46 51.79
N ALA C 110 33.60 -25.19 52.66
CA ALA C 110 34.99 -25.54 52.39
C ALA C 110 35.14 -26.43 51.17
N THR C 111 34.26 -27.41 50.98
CA THR C 111 34.41 -28.38 49.91
C THR C 111 34.33 -27.75 48.53
N ASN C 112 33.16 -27.21 48.17
CA ASN C 112 32.97 -26.61 46.86
C ASN C 112 31.76 -25.68 46.90
N VAL C 113 31.69 -24.82 45.89
CA VAL C 113 30.55 -23.93 45.70
C VAL C 113 29.40 -24.76 45.15
N VAL C 114 28.47 -25.15 46.03
CA VAL C 114 27.34 -26.00 45.64
C VAL C 114 26.13 -25.12 45.38
N ILE C 115 25.44 -25.39 44.28
CA ILE C 115 24.22 -24.67 43.91
C ILE C 115 23.11 -25.70 43.74
N LYS C 116 22.04 -25.54 44.52
CA LYS C 116 20.90 -26.45 44.49
C LYS C 116 19.64 -25.61 44.23
N VAL C 117 19.14 -25.65 43.01
CA VAL C 117 18.00 -24.82 42.63
C VAL C 117 16.68 -25.44 43.11
N CYS C 118 16.72 -26.62 43.69
CA CYS C 118 15.51 -27.42 43.80
C CYS C 118 14.64 -26.99 44.98
N GLU C 119 13.67 -27.83 45.33
CA GLU C 119 12.61 -27.49 46.27
C GLU C 119 12.88 -28.13 47.62
N PHE C 120 13.03 -27.31 48.66
CA PHE C 120 13.33 -27.87 49.98
C PHE C 120 12.97 -26.88 51.08
N GLN C 121 12.96 -27.38 52.32
CA GLN C 121 12.56 -26.62 53.50
C GLN C 121 13.74 -25.90 54.12
N PHE C 122 13.54 -24.61 54.42
CA PHE C 122 14.48 -23.84 55.21
C PHE C 122 13.94 -23.64 56.63
N CYS C 123 14.84 -23.68 57.60
CA CYS C 123 14.47 -23.40 58.97
C CYS C 123 14.44 -21.90 59.21
N ASN C 124 13.71 -21.49 60.25
CA ASN C 124 13.44 -20.07 60.46
C ASN C 124 14.70 -19.27 60.77
N ASP C 125 15.80 -19.93 61.14
CA ASP C 125 17.07 -19.28 61.40
C ASP C 125 18.16 -20.06 60.67
N PRO C 126 18.33 -19.83 59.37
CA PRO C 126 19.33 -20.60 58.62
C PRO C 126 20.73 -20.32 59.14
N PHE C 127 21.35 -21.36 59.68
CA PHE C 127 22.52 -21.20 60.53
C PHE C 127 23.67 -22.02 59.98
N LEU C 128 24.88 -21.45 60.06
CA LEU C 128 26.11 -22.17 59.71
C LEU C 128 27.11 -21.93 60.83
N GLY C 129 27.74 -23.00 61.30
CA GLY C 129 28.53 -22.92 62.52
C GLY C 129 29.88 -23.57 62.39
N VAL C 130 30.84 -23.03 63.13
CA VAL C 130 32.19 -23.55 63.22
C VAL C 130 32.50 -23.78 64.69
N TYR C 131 32.29 -25.02 65.16
CA TYR C 131 32.63 -25.41 66.53
C TYR C 131 34.10 -25.78 66.53
N TYR C 132 34.96 -24.76 66.48
CA TYR C 132 36.39 -25.00 66.37
C TYR C 132 36.91 -25.69 67.63
N HIS C 133 37.72 -26.72 67.42
CA HIS C 133 38.25 -27.53 68.52
C HIS C 133 39.67 -27.08 68.81
N LYS C 134 39.94 -26.70 70.06
CA LYS C 134 41.25 -26.18 70.42
C LYS C 134 42.28 -27.28 70.64
N ASN C 135 41.85 -28.54 70.74
CA ASN C 135 42.81 -29.63 70.88
C ASN C 135 43.46 -29.96 69.53
N ASN C 136 42.65 -30.23 68.51
CA ASN C 136 43.15 -30.47 67.16
C ASN C 136 43.40 -29.14 66.48
N LYS C 137 44.64 -28.94 66.02
CA LYS C 137 45.04 -27.66 65.42
C LYS C 137 44.59 -27.58 63.97
N SER C 138 43.27 -27.74 63.79
CA SER C 138 42.64 -27.63 62.48
C SER C 138 41.24 -27.07 62.67
N TRP C 139 40.87 -26.12 61.82
CA TRP C 139 39.54 -25.53 61.80
C TRP C 139 38.69 -26.27 60.78
N MET C 140 37.50 -26.69 61.19
CA MET C 140 36.59 -27.38 60.27
C MET C 140 35.20 -26.78 60.37
N GLU C 141 34.46 -26.86 59.26
CA GLU C 141 33.04 -26.53 59.28
C GLU C 141 32.30 -27.59 60.09
N SER C 142 31.85 -27.22 61.28
CA SER C 142 31.31 -28.20 62.22
C SER C 142 29.80 -28.35 62.10
N GLU C 143 29.07 -27.24 62.06
CA GLU C 143 27.61 -27.27 62.00
C GLU C 143 27.13 -26.80 60.64
N PHE C 144 26.19 -27.55 60.08
CA PHE C 144 25.51 -27.20 58.83
C PHE C 144 24.02 -27.43 59.05
N ARG C 145 23.33 -26.42 59.59
CA ARG C 145 21.89 -26.49 59.83
C ARG C 145 21.23 -25.31 59.11
N VAL C 146 20.93 -25.52 57.83
CA VAL C 146 20.32 -24.51 56.99
C VAL C 146 18.97 -25.03 56.50
N TYR C 147 19.00 -26.13 55.75
CA TYR C 147 17.78 -26.73 55.24
C TYR C 147 17.52 -28.03 55.97
N SER C 148 16.25 -28.40 56.06
CA SER C 148 15.89 -29.64 56.76
C SER C 148 16.03 -30.86 55.85
N SER C 149 15.37 -30.83 54.70
CA SER C 149 15.38 -31.96 53.79
C SER C 149 15.01 -31.47 52.40
N ALA C 150 15.30 -32.29 51.40
CA ALA C 150 14.96 -32.00 50.01
C ALA C 150 13.84 -32.94 49.59
N ASN C 151 12.64 -32.38 49.39
CA ASN C 151 11.49 -33.21 49.00
C ASN C 151 11.60 -33.64 47.56
N ASN C 152 11.57 -32.69 46.63
CA ASN C 152 11.85 -32.94 45.23
C ASN C 152 13.15 -32.23 44.89
N CYS C 153 13.75 -32.58 43.75
CA CYS C 153 14.84 -31.79 43.21
C CYS C 153 14.88 -31.87 41.69
N THR C 154 15.39 -30.79 41.08
CA THR C 154 15.39 -30.63 39.64
C THR C 154 16.71 -30.13 39.07
N PHE C 155 17.63 -29.63 39.90
CA PHE C 155 18.82 -28.97 39.38
C PHE C 155 19.95 -29.04 40.39
N GLU C 156 21.17 -29.24 39.90
CA GLU C 156 22.38 -29.12 40.72
C GLU C 156 23.49 -28.59 39.84
N TYR C 157 24.44 -27.88 40.45
CA TYR C 157 25.51 -27.24 39.70
C TYR C 157 26.71 -27.06 40.62
N VAL C 158 27.91 -27.26 40.07
CA VAL C 158 29.15 -27.07 40.81
C VAL C 158 30.15 -26.40 39.88
N SER C 159 30.91 -25.45 40.42
CA SER C 159 32.02 -24.84 39.71
C SER C 159 33.27 -24.92 40.58
N GLN C 160 34.33 -24.26 40.13
CA GLN C 160 35.56 -24.21 40.90
C GLN C 160 35.34 -23.42 42.18
N PRO C 161 36.08 -23.72 43.25
CA PRO C 161 35.93 -22.94 44.49
C PRO C 161 36.19 -21.46 44.24
N PHE C 162 35.33 -20.62 44.83
CA PHE C 162 35.44 -19.19 44.62
C PHE C 162 36.70 -18.65 45.29
N LEU C 163 37.19 -17.54 44.75
CA LEU C 163 38.48 -16.97 45.16
C LEU C 163 38.31 -16.27 46.50
N MET C 164 38.45 -17.03 47.59
CA MET C 164 38.46 -16.48 48.93
C MET C 164 39.90 -16.29 49.41
N ASP C 165 40.05 -15.69 50.59
CA ASP C 165 41.38 -15.50 51.16
C ASP C 165 41.94 -16.81 51.71
N LEU C 166 41.09 -17.62 52.36
CA LEU C 166 41.48 -18.91 52.91
C LEU C 166 42.64 -18.80 53.89
N GLU C 167 42.66 -17.73 54.69
CA GLU C 167 43.68 -17.57 55.72
C GLU C 167 43.02 -16.93 56.94
N GLY C 168 43.04 -17.66 58.06
CA GLY C 168 42.38 -17.19 59.26
C GLY C 168 43.25 -16.31 60.13
N LYS C 169 43.07 -14.99 60.01
CA LYS C 169 43.81 -14.03 60.82
C LYS C 169 43.03 -12.74 60.89
N GLN C 170 43.31 -11.94 61.91
CA GLN C 170 42.70 -10.63 62.09
C GLN C 170 43.75 -9.56 61.82
N GLY C 171 43.41 -8.61 60.96
CA GLY C 171 44.34 -7.56 60.59
C GLY C 171 43.62 -6.32 60.09
N ASN C 172 44.23 -5.66 59.11
CA ASN C 172 43.66 -4.44 58.55
C ASN C 172 42.59 -4.78 57.50
N PHE C 173 41.70 -3.82 57.28
CA PHE C 173 40.60 -4.01 56.33
C PHE C 173 41.14 -3.94 54.91
N LYS C 174 41.10 -5.08 54.21
CA LYS C 174 41.64 -5.21 52.87
C LYS C 174 40.73 -5.94 51.89
N ASN C 175 39.69 -6.63 52.35
CA ASN C 175 38.85 -7.45 51.49
C ASN C 175 37.51 -6.76 51.22
N LEU C 176 37.17 -6.62 49.95
CA LEU C 176 35.88 -6.05 49.55
C LEU C 176 35.34 -6.89 48.39
N ARG C 177 34.22 -7.56 48.61
CA ARG C 177 33.57 -8.37 47.58
C ARG C 177 32.27 -7.69 47.18
N GLU C 178 32.13 -7.41 45.89
CA GLU C 178 30.91 -6.81 45.35
C GLU C 178 30.25 -7.78 44.39
N PHE C 179 28.92 -7.87 44.50
CA PHE C 179 28.10 -8.77 43.69
C PHE C 179 26.87 -8.03 43.19
N VAL C 180 26.46 -8.35 41.97
CA VAL C 180 25.18 -7.91 41.43
C VAL C 180 24.40 -9.14 41.01
N PHE C 181 23.18 -9.26 41.53
CA PHE C 181 22.28 -10.37 41.26
C PHE C 181 21.11 -9.87 40.44
N LYS C 182 20.85 -10.51 39.30
CA LYS C 182 19.76 -10.13 38.43
C LYS C 182 19.01 -11.38 38.01
N ASN C 183 17.71 -11.23 37.71
CA ASN C 183 16.84 -12.36 37.38
C ASN C 183 15.87 -11.91 36.28
N ILE C 184 16.19 -12.24 35.03
CA ILE C 184 15.39 -11.78 33.89
C ILE C 184 15.35 -12.86 32.82
N ASP C 185 14.19 -12.97 32.18
CA ASP C 185 13.95 -13.83 31.00
C ASP C 185 14.52 -15.24 31.18
N GLY C 186 14.21 -15.84 32.32
CA GLY C 186 14.62 -17.21 32.56
C GLY C 186 16.08 -17.40 32.87
N TYR C 187 16.81 -16.33 33.16
CA TYR C 187 18.22 -16.38 33.47
C TYR C 187 18.48 -15.69 34.80
N PHE C 188 19.34 -16.29 35.61
CA PHE C 188 19.83 -15.68 36.84
C PHE C 188 21.29 -15.33 36.62
N LYS C 189 21.60 -14.04 36.62
CA LYS C 189 22.93 -13.55 36.31
C LYS C 189 23.61 -13.04 37.57
N ILE C 190 24.89 -13.39 37.72
CA ILE C 190 25.72 -12.95 38.83
C ILE C 190 26.96 -12.29 38.26
N TYR C 191 27.21 -11.05 38.68
CA TYR C 191 28.45 -10.32 38.41
C TYR C 191 29.17 -10.08 39.72
N SER C 192 30.50 -9.97 39.67
CA SER C 192 31.25 -9.80 40.92
C SER C 192 32.59 -9.12 40.66
N LYS C 193 33.18 -8.60 41.74
CA LYS C 193 34.55 -8.11 41.73
C LYS C 193 35.10 -8.08 43.15
N HIS C 194 36.42 -8.04 43.25
CA HIS C 194 37.16 -8.24 44.50
C HIS C 194 38.29 -7.22 44.66
N THR C 195 37.98 -5.93 44.53
CA THR C 195 39.02 -4.92 44.73
C THR C 195 39.51 -4.93 46.18
N PRO C 196 40.78 -4.60 46.39
CA PRO C 196 41.29 -4.43 47.75
C PRO C 196 41.15 -3.00 48.25
N ILE C 197 40.98 -2.87 49.56
CA ILE C 197 40.74 -1.57 50.18
C ILE C 197 41.77 -1.35 51.29
N ASN C 198 41.99 -0.07 51.60
CA ASN C 198 42.86 0.33 52.70
C ASN C 198 42.22 1.43 53.52
N LEU C 199 40.92 1.30 53.82
CA LEU C 199 40.15 2.35 54.46
C LEU C 199 39.41 1.75 55.66
N VAL C 200 39.08 2.61 56.62
CA VAL C 200 38.62 2.15 57.93
C VAL C 200 37.22 1.58 57.85
N ARG C 201 36.24 2.41 57.47
CA ARG C 201 34.84 2.02 57.55
C ARG C 201 34.04 2.67 56.43
N ASP C 202 32.95 1.99 56.06
CA ASP C 202 32.02 2.41 55.00
C ASP C 202 32.65 2.27 53.62
N LEU C 203 31.84 2.46 52.58
CA LEU C 203 32.27 2.20 51.21
C LEU C 203 33.21 3.30 50.73
N PRO C 204 34.31 2.96 50.06
CA PRO C 204 35.23 3.98 49.56
C PRO C 204 34.65 4.76 48.38
N GLN C 205 35.34 5.84 48.04
CA GLN C 205 34.98 6.66 46.88
C GLN C 205 35.80 6.21 45.69
N GLY C 206 35.40 5.08 45.10
CA GLY C 206 36.14 4.50 44.01
C GLY C 206 35.24 4.19 42.83
N PHE C 207 35.85 3.64 41.79
CA PHE C 207 35.15 3.21 40.58
C PHE C 207 35.79 1.93 40.08
N SER C 208 34.97 0.90 39.88
CA SER C 208 35.44 -0.36 39.33
C SER C 208 34.26 -1.08 38.70
N ALA C 209 34.44 -1.57 37.48
CA ALA C 209 33.38 -2.25 36.77
C ALA C 209 33.34 -3.74 37.14
N LEU C 210 32.14 -4.31 37.11
CA LEU C 210 31.91 -5.68 37.53
C LEU C 210 31.88 -6.57 36.29
N GLU C 211 32.77 -7.56 36.26
CA GLU C 211 32.76 -8.45 35.10
C GLU C 211 31.83 -9.63 35.34
N PRO C 212 31.14 -10.10 34.31
CA PRO C 212 30.19 -11.20 34.51
C PRO C 212 30.85 -12.43 35.10
N LEU C 213 30.20 -13.00 36.11
CA LEU C 213 30.71 -14.18 36.79
C LEU C 213 30.03 -15.45 36.32
N VAL C 214 28.70 -15.49 36.31
CA VAL C 214 28.02 -16.72 35.90
C VAL C 214 26.60 -16.40 35.49
N ASP C 215 26.05 -17.22 34.60
CA ASP C 215 24.67 -17.14 34.15
C ASP C 215 24.05 -18.52 34.28
N LEU C 216 22.85 -18.58 34.85
CA LEU C 216 22.19 -19.85 35.13
C LEU C 216 20.81 -19.87 34.51
N PRO C 217 20.47 -20.84 33.66
CA PRO C 217 19.10 -20.98 33.16
C PRO C 217 18.22 -21.66 34.19
N ILE C 218 17.36 -20.87 34.84
CA ILE C 218 16.68 -21.39 36.03
C ILE C 218 15.16 -21.37 35.88
N GLY C 219 14.64 -20.38 35.15
CA GLY C 219 13.20 -20.22 35.02
C GLY C 219 12.44 -20.28 36.34
N ILE C 220 12.63 -19.27 37.19
CA ILE C 220 12.10 -19.30 38.56
C ILE C 220 11.51 -17.94 38.90
N ASN C 221 10.79 -17.85 40.02
CA ASN C 221 10.38 -16.57 40.60
C ASN C 221 11.15 -16.38 41.90
N ILE C 222 11.74 -15.20 42.07
CA ILE C 222 12.48 -14.84 43.27
C ILE C 222 11.92 -13.52 43.77
N THR C 223 11.36 -13.53 44.99
CA THR C 223 10.87 -12.33 45.62
C THR C 223 11.43 -12.12 47.02
N ARG C 224 12.10 -13.10 47.60
CA ARG C 224 12.72 -12.98 48.91
C ARG C 224 14.21 -13.27 48.78
N PHE C 225 14.91 -13.11 49.89
CA PHE C 225 16.37 -13.11 49.89
C PHE C 225 16.86 -13.17 51.32
N GLN C 226 17.85 -14.04 51.57
CA GLN C 226 18.44 -14.13 52.89
C GLN C 226 19.90 -14.52 52.75
N THR C 227 20.67 -14.19 53.79
CA THR C 227 22.12 -14.36 53.77
C THR C 227 22.51 -15.44 54.79
N LEU C 228 23.51 -16.24 54.43
CA LEU C 228 24.01 -17.30 55.30
C LEU C 228 25.35 -16.87 55.90
N LEU C 229 25.47 -17.00 57.22
CA LEU C 229 26.65 -16.60 57.96
C LEU C 229 27.18 -17.78 58.74
N ALA C 230 28.50 -17.82 58.93
CA ALA C 230 29.15 -18.83 59.75
C ALA C 230 29.60 -18.17 61.05
N LEU C 231 29.18 -18.75 62.18
CA LEU C 231 29.50 -18.20 63.49
C LEU C 231 30.34 -19.17 64.29
N HIS C 232 31.23 -18.63 65.11
CA HIS C 232 32.21 -19.41 65.86
C HIS C 232 31.61 -19.93 67.16
N ARG C 233 31.78 -21.23 67.39
CA ARG C 233 31.48 -21.84 68.69
C ARG C 233 32.78 -22.33 69.32
N SER C 234 33.36 -21.51 70.19
CA SER C 234 34.64 -21.81 70.81
C SER C 234 34.46 -21.95 72.32
N TYR C 235 35.56 -22.37 72.98
CA TYR C 235 35.52 -22.59 74.41
C TYR C 235 35.48 -21.29 75.20
N LEU C 236 35.99 -20.19 74.62
CA LEU C 236 35.98 -18.92 75.33
C LEU C 236 34.58 -18.40 75.60
N THR C 237 33.57 -18.96 74.92
CA THR C 237 32.16 -18.65 75.16
C THR C 237 31.48 -19.94 75.59
N PRO C 238 31.37 -20.21 76.88
CA PRO C 238 30.75 -21.44 77.35
C PRO C 238 29.23 -21.30 77.41
N GLY C 239 28.58 -22.33 77.93
CA GLY C 239 27.14 -22.34 78.09
C GLY C 239 26.45 -23.24 77.08
N ASP C 240 25.14 -23.06 76.98
CA ASP C 240 24.34 -23.82 76.04
C ASP C 240 24.72 -23.50 74.60
N SER C 241 24.61 -24.50 73.73
CA SER C 241 24.94 -24.30 72.33
C SER C 241 24.06 -23.23 71.69
N SER C 242 22.83 -23.07 72.18
CA SER C 242 21.95 -22.04 71.64
C SER C 242 22.42 -20.63 72.00
N SER C 243 23.37 -20.48 72.92
CA SER C 243 23.85 -19.18 73.32
C SER C 243 25.37 -19.07 73.44
N GLY C 244 26.09 -20.18 73.49
CA GLY C 244 27.54 -20.13 73.67
C GLY C 244 28.31 -19.91 72.38
N TRP C 245 28.30 -18.67 71.88
CA TRP C 245 28.94 -18.38 70.60
C TRP C 245 29.27 -16.89 70.53
N THR C 246 30.05 -16.54 69.52
CA THR C 246 30.37 -15.15 69.22
C THR C 246 30.22 -14.93 67.71
N ALA C 247 29.96 -13.69 67.34
CA ALA C 247 29.64 -13.35 65.95
C ALA C 247 30.84 -12.87 65.15
N GLY C 248 32.03 -12.86 65.74
CA GLY C 248 33.20 -12.36 65.03
C GLY C 248 33.07 -10.91 64.64
N ALA C 249 33.25 -10.60 63.35
CA ALA C 249 33.09 -9.24 62.86
C ALA C 249 32.87 -9.28 61.36
N ALA C 250 31.75 -8.74 60.90
CA ALA C 250 31.46 -8.71 59.47
C ALA C 250 30.51 -7.56 59.17
N ALA C 251 30.59 -7.06 57.94
CA ALA C 251 29.73 -5.97 57.50
C ALA C 251 29.35 -6.19 56.04
N TYR C 252 28.05 -6.00 55.75
CA TYR C 252 27.57 -6.08 54.38
C TYR C 252 26.48 -5.05 54.17
N TYR C 253 26.37 -4.59 52.91
CA TYR C 253 25.45 -3.55 52.50
C TYR C 253 24.61 -4.06 51.34
N VAL C 254 23.34 -3.65 51.31
CA VAL C 254 22.38 -4.09 50.31
C VAL C 254 21.76 -2.86 49.65
N GLY C 255 21.77 -2.85 48.31
CA GLY C 255 21.12 -1.83 47.53
C GLY C 255 20.26 -2.43 46.43
N TYR C 256 19.39 -1.59 45.90
CA TYR C 256 18.37 -2.06 44.95
C TYR C 256 18.56 -1.38 43.60
N LEU C 257 18.34 -2.15 42.53
CA LEU C 257 18.55 -1.67 41.17
C LEU C 257 17.27 -1.05 40.62
N GLN C 258 17.44 -0.09 39.71
CA GLN C 258 16.33 0.59 39.06
C GLN C 258 16.67 0.82 37.60
N PRO C 259 15.66 0.92 36.73
CA PRO C 259 15.93 1.14 35.31
C PRO C 259 16.39 2.56 35.01
N ARG C 260 17.60 2.71 34.47
CA ARG C 260 18.19 4.01 34.21
C ARG C 260 19.06 3.95 32.97
N THR C 261 19.37 5.13 32.45
CA THR C 261 20.28 5.31 31.32
C THR C 261 21.61 5.86 31.83
N PHE C 262 22.69 5.20 31.46
CA PHE C 262 24.04 5.59 31.86
C PHE C 262 24.87 5.90 30.62
N LEU C 263 25.91 6.70 30.81
CA LEU C 263 26.87 7.01 29.75
C LEU C 263 28.24 6.53 30.22
N LEU C 264 28.78 5.51 29.56
CA LEU C 264 29.99 4.83 30.00
C LEU C 264 31.16 5.21 29.10
N LYS C 265 32.35 5.25 29.71
CA LYS C 265 33.57 5.64 29.02
C LYS C 265 34.54 4.47 29.00
N TYR C 266 34.93 4.03 27.80
CA TYR C 266 35.89 2.96 27.60
C TYR C 266 37.25 3.55 27.25
N ASN C 267 38.30 2.98 27.85
CA ASN C 267 39.66 3.42 27.57
C ASN C 267 40.25 2.61 26.41
N GLU C 268 41.56 2.74 26.20
CA GLU C 268 42.20 2.06 25.07
C GLU C 268 42.18 0.55 25.20
N ASN C 269 42.31 0.03 26.42
CA ASN C 269 42.31 -1.40 26.66
C ASN C 269 40.90 -1.99 26.76
N GLY C 270 39.88 -1.20 26.47
CA GLY C 270 38.51 -1.66 26.56
C GLY C 270 38.01 -1.93 27.96
N THR C 271 38.40 -1.10 28.92
CA THR C 271 37.89 -1.19 30.29
C THR C 271 37.11 0.08 30.61
N ILE C 272 36.03 -0.07 31.37
CA ILE C 272 35.20 1.07 31.74
C ILE C 272 35.86 1.81 32.90
N THR C 273 36.12 3.10 32.71
CA THR C 273 36.83 3.90 33.70
C THR C 273 36.01 5.07 34.24
N ASP C 274 34.84 5.35 33.67
CA ASP C 274 34.02 6.45 34.15
C ASP C 274 32.60 6.27 33.64
N ALA C 275 31.65 6.88 34.35
CA ALA C 275 30.25 6.79 33.99
C ALA C 275 29.53 8.05 34.42
N VAL C 276 28.41 8.31 33.75
CA VAL C 276 27.53 9.43 34.04
C VAL C 276 26.11 8.91 34.20
N ASP C 277 25.45 9.29 35.29
CA ASP C 277 24.06 8.96 35.54
C ASP C 277 23.20 10.06 34.93
N CYS C 278 22.47 9.74 33.85
CA CYS C 278 21.79 10.76 33.07
C CYS C 278 20.51 11.27 33.72
N ALA C 279 20.25 10.97 34.98
CA ALA C 279 19.03 11.43 35.62
C ALA C 279 19.28 11.90 37.06
N LEU C 280 20.53 12.22 37.38
CA LEU C 280 20.91 12.69 38.71
C LEU C 280 20.83 14.20 38.85
N ASP C 281 21.34 14.93 37.87
CA ASP C 281 21.51 16.37 37.92
C ASP C 281 21.03 16.98 36.61
N PRO C 282 20.73 18.28 36.60
CA PRO C 282 20.65 18.99 35.32
C PRO C 282 21.96 18.97 34.56
N LEU C 283 23.09 19.05 35.28
CA LEU C 283 24.39 18.99 34.62
C LEU C 283 24.66 17.62 34.04
N SER C 284 24.28 16.55 34.76
CA SER C 284 24.44 15.21 34.22
C SER C 284 23.57 15.01 32.98
N GLU C 285 22.35 15.55 32.99
CA GLU C 285 21.52 15.48 31.81
C GLU C 285 22.12 16.25 30.64
N THR C 286 22.73 17.40 30.91
CA THR C 286 23.40 18.14 29.85
C THR C 286 24.56 17.35 29.27
N LYS C 287 25.37 16.71 30.14
CA LYS C 287 26.46 15.87 29.66
C LYS C 287 25.94 14.72 28.82
N CYS C 288 24.84 14.11 29.25
CA CYS C 288 24.28 12.97 28.52
C CYS C 288 23.72 13.40 27.17
N THR C 289 23.17 14.61 27.08
CA THR C 289 22.70 15.10 25.79
C THR C 289 23.85 15.46 24.86
N LEU C 290 24.87 16.14 25.38
CA LEU C 290 26.04 16.49 24.58
C LEU C 290 26.88 15.28 24.21
N LYS C 291 26.62 14.12 24.82
CA LYS C 291 27.39 12.89 24.60
C LYS C 291 28.88 13.10 24.85
N SER C 292 29.21 13.88 25.88
CA SER C 292 30.60 14.16 26.20
C SER C 292 30.69 14.74 27.60
N PHE C 293 31.80 14.43 28.26
CA PHE C 293 32.19 15.11 29.48
C PHE C 293 32.62 16.54 29.14
N THR C 294 32.83 17.36 30.16
CA THR C 294 33.45 18.68 30.02
C THR C 294 32.67 19.57 29.05
N VAL C 295 31.46 19.95 29.45
CA VAL C 295 30.69 20.89 28.65
C VAL C 295 31.30 22.29 28.73
N GLU C 296 30.94 23.13 27.78
CA GLU C 296 31.47 24.49 27.67
C GLU C 296 30.46 25.50 28.22
N LYS C 297 30.79 26.78 28.09
CA LYS C 297 29.86 27.84 28.46
C LYS C 297 28.70 27.90 27.48
N GLY C 298 27.57 28.40 27.97
CA GLY C 298 26.40 28.63 27.14
C GLY C 298 25.14 28.07 27.78
N ILE C 299 24.08 28.06 26.98
CA ILE C 299 22.77 27.58 27.39
C ILE C 299 22.36 26.47 26.42
N TYR C 300 21.93 25.33 26.96
CA TYR C 300 21.63 24.15 26.18
C TYR C 300 20.22 23.69 26.47
N GLN C 301 19.45 23.43 25.42
CA GLN C 301 18.07 22.96 25.57
C GLN C 301 18.11 21.44 25.66
N THR C 302 17.82 20.90 26.84
CA THR C 302 18.07 19.49 27.12
C THR C 302 16.83 18.62 26.90
N SER C 303 15.70 19.02 27.46
CA SER C 303 14.51 18.18 27.39
C SER C 303 13.26 19.05 27.41
N ASN C 304 12.11 18.38 27.47
CA ASN C 304 10.81 19.01 27.46
C ASN C 304 10.04 18.63 28.72
N PHE C 305 9.02 19.42 29.03
CA PHE C 305 8.14 19.16 30.15
C PHE C 305 6.70 19.38 29.73
N ARG C 306 5.80 18.64 30.37
CA ARG C 306 4.36 18.77 30.15
C ARG C 306 3.63 18.29 31.39
N VAL C 307 2.45 18.85 31.61
CA VAL C 307 1.64 18.55 32.78
C VAL C 307 0.73 17.38 32.47
N GLN C 308 0.74 16.37 33.34
CA GLN C 308 -0.02 15.15 33.12
C GLN C 308 -1.48 15.33 33.57
N PRO C 309 -2.41 14.58 32.97
CA PRO C 309 -3.81 14.68 33.38
C PRO C 309 -4.05 14.16 34.79
N THR C 310 -5.08 14.72 35.43
CA THR C 310 -5.46 14.36 36.78
C THR C 310 -6.40 13.16 36.83
N GLU C 311 -6.85 12.68 35.67
CA GLU C 311 -7.73 11.51 35.45
C GLU C 311 -9.20 11.84 35.76
N SER C 312 -9.50 13.02 36.28
CA SER C 312 -10.89 13.40 36.55
C SER C 312 -11.63 13.61 35.24
N ILE C 313 -12.48 12.65 34.86
CA ILE C 313 -12.99 12.55 33.50
C ILE C 313 -14.41 13.10 33.44
N VAL C 314 -14.97 13.15 32.22
CA VAL C 314 -16.24 13.83 31.99
C VAL C 314 -17.25 12.88 31.37
N ARG C 315 -18.41 13.41 30.97
CA ARG C 315 -19.66 12.66 30.85
C ARG C 315 -20.33 12.90 29.51
N PHE C 316 -21.40 12.11 29.27
CA PHE C 316 -22.44 12.34 28.26
C PHE C 316 -23.74 11.65 28.67
N PRO C 317 -24.26 12.02 29.85
CA PRO C 317 -25.36 11.27 30.49
C PRO C 317 -26.77 11.65 30.02
N ASN C 318 -27.75 11.31 30.88
CA ASN C 318 -29.16 11.67 30.75
C ASN C 318 -29.90 10.88 29.68
N ILE C 319 -30.07 9.58 29.94
CA ILE C 319 -30.89 8.66 29.15
C ILE C 319 -32.37 9.04 29.31
N THR C 320 -32.65 10.12 30.04
CA THR C 320 -34.00 10.44 30.52
C THR C 320 -35.05 10.45 29.42
N ASN C 321 -34.63 10.36 28.15
CA ASN C 321 -35.56 10.05 27.06
C ASN C 321 -36.50 8.92 27.47
N LEU C 322 -35.92 7.77 27.83
CA LEU C 322 -36.60 6.71 28.57
C LEU C 322 -37.92 6.31 27.89
N CYS C 323 -37.77 5.75 26.70
CA CYS C 323 -38.93 5.35 25.91
C CYS C 323 -39.71 4.28 26.67
N PRO C 324 -41.04 4.39 26.75
CA PRO C 324 -41.84 3.37 27.44
C PRO C 324 -42.02 2.14 26.57
N PHE C 325 -41.32 1.06 26.92
CA PHE C 325 -41.47 -0.22 26.23
C PHE C 325 -41.53 -1.41 27.17
N GLY C 326 -41.56 -1.20 28.48
CA GLY C 326 -41.65 -2.31 29.41
C GLY C 326 -43.07 -2.62 29.83
N GLU C 327 -43.70 -3.59 29.16
CA GLU C 327 -45.01 -4.08 29.55
C GLU C 327 -45.01 -5.59 29.57
N VAL C 328 -44.17 -6.20 28.73
CA VAL C 328 -44.04 -7.66 28.70
C VAL C 328 -43.19 -8.17 29.85
N PHE C 329 -42.46 -7.29 30.53
CA PHE C 329 -41.54 -7.73 31.57
C PHE C 329 -42.27 -8.36 32.74
N ASN C 330 -43.46 -7.86 33.07
CA ASN C 330 -44.31 -8.40 34.13
C ASN C 330 -45.75 -8.52 33.65
N ALA C 331 -45.93 -9.09 32.46
CA ALA C 331 -47.25 -9.26 31.87
C ALA C 331 -47.81 -10.64 32.19
N THR C 332 -49.06 -10.86 31.77
CA THR C 332 -49.71 -12.14 32.00
C THR C 332 -49.06 -13.24 31.14
N ARG C 333 -48.86 -12.96 29.85
CA ARG C 333 -48.28 -13.92 28.93
C ARG C 333 -47.07 -13.30 28.24
N PHE C 334 -45.95 -14.03 28.22
CA PHE C 334 -44.78 -13.57 27.51
C PHE C 334 -44.87 -13.90 26.02
N ALA C 335 -44.92 -15.19 25.72
CA ALA C 335 -45.03 -15.70 24.35
C ALA C 335 -45.39 -17.18 24.45
N SER C 336 -45.45 -17.84 23.30
CA SER C 336 -45.80 -19.26 23.24
C SER C 336 -45.01 -19.93 22.14
N VAL C 337 -45.24 -21.24 22.01
CA VAL C 337 -44.57 -22.02 20.96
C VAL C 337 -45.11 -21.63 19.58
N TYR C 338 -46.40 -21.31 19.49
CA TYR C 338 -47.02 -20.95 18.23
C TYR C 338 -47.65 -19.56 18.26
N ALA C 339 -47.36 -18.76 19.28
CA ALA C 339 -47.85 -17.39 19.37
C ALA C 339 -46.70 -16.39 19.40
N TRP C 340 -45.60 -16.73 18.71
CA TRP C 340 -44.42 -15.88 18.71
C TRP C 340 -44.56 -14.79 17.65
N ASN C 341 -44.23 -13.55 18.04
CA ASN C 341 -44.22 -12.42 17.15
C ASN C 341 -42.78 -12.12 16.75
N ARG C 342 -42.58 -11.00 16.05
CA ARG C 342 -41.24 -10.54 15.67
C ARG C 342 -40.80 -9.53 16.73
N LYS C 343 -39.97 -10.00 17.67
CA LYS C 343 -39.54 -9.18 18.80
C LYS C 343 -38.35 -8.33 18.36
N ARG C 344 -38.58 -7.02 18.25
CA ARG C 344 -37.57 -6.08 17.79
C ARG C 344 -37.53 -4.86 18.71
N ILE C 345 -36.37 -4.22 18.75
CA ILE C 345 -36.18 -2.98 19.49
C ILE C 345 -35.50 -1.99 18.55
N SER C 346 -36.04 -0.77 18.45
CA SER C 346 -35.50 0.20 17.51
C SER C 346 -35.86 1.61 17.95
N ASN C 347 -35.10 2.57 17.42
CA ASN C 347 -35.39 4.01 17.55
C ASN C 347 -35.37 4.46 19.01
N CYS C 348 -34.61 3.77 19.84
CA CYS C 348 -34.41 4.18 21.23
C CYS C 348 -33.25 3.37 21.80
N VAL C 349 -33.06 3.42 23.11
CA VAL C 349 -32.06 2.63 23.81
C VAL C 349 -32.78 1.69 24.77
N ALA C 350 -32.45 0.41 24.71
CA ALA C 350 -33.03 -0.60 25.58
C ALA C 350 -32.27 -0.60 26.90
N ASP C 351 -32.88 -0.03 27.94
CA ASP C 351 -32.23 0.10 29.23
C ASP C 351 -32.38 -1.21 30.00
N TYR C 352 -31.45 -2.14 29.80
CA TYR C 352 -31.42 -3.38 30.54
C TYR C 352 -31.08 -3.19 32.01
N SER C 353 -30.92 -1.95 32.47
CA SER C 353 -30.56 -1.70 33.86
C SER C 353 -31.61 -2.26 34.81
N VAL C 354 -32.89 -2.11 34.47
CA VAL C 354 -33.96 -2.59 35.34
C VAL C 354 -33.96 -4.11 35.47
N LEU C 355 -33.26 -4.81 34.58
CA LEU C 355 -33.18 -6.26 34.69
C LEU C 355 -32.46 -6.69 35.96
N TYR C 356 -31.40 -5.96 36.35
CA TYR C 356 -30.60 -6.31 37.51
C TYR C 356 -30.67 -5.25 38.61
N ASN C 357 -31.42 -4.17 38.41
CA ASN C 357 -31.53 -3.13 39.44
C ASN C 357 -32.25 -3.66 40.67
N SER C 358 -33.43 -4.27 40.47
CA SER C 358 -34.20 -4.84 41.58
C SER C 358 -34.88 -6.11 41.06
N ALA C 359 -34.23 -7.25 41.26
CA ALA C 359 -34.77 -8.53 40.86
C ALA C 359 -34.19 -9.62 41.74
N SER C 360 -34.90 -10.74 41.82
CA SER C 360 -34.51 -11.85 42.67
C SER C 360 -34.61 -13.16 41.90
N PHE C 361 -34.06 -13.18 40.69
CA PHE C 361 -34.10 -14.37 39.84
C PHE C 361 -33.09 -15.39 40.37
N SER C 362 -33.59 -16.37 41.12
CA SER C 362 -32.76 -17.43 41.65
C SER C 362 -32.56 -18.53 40.60
N THR C 363 -31.47 -19.29 40.77
CA THR C 363 -31.09 -20.37 39.86
C THR C 363 -30.98 -19.84 38.42
N PHE C 364 -30.04 -18.93 38.25
CA PHE C 364 -29.82 -18.25 36.96
C PHE C 364 -28.56 -18.81 36.32
N LYS C 365 -28.70 -19.30 35.09
CA LYS C 365 -27.57 -19.83 34.31
C LYS C 365 -27.53 -19.07 33.00
N CYS C 366 -26.35 -18.96 32.39
CA CYS C 366 -26.26 -18.17 31.17
C CYS C 366 -24.96 -18.49 30.46
N TYR C 367 -25.07 -18.83 29.17
CA TYR C 367 -23.89 -19.13 28.35
C TYR C 367 -23.66 -17.97 27.38
N GLY C 368 -22.44 -17.45 27.36
CA GLY C 368 -22.11 -16.31 26.52
C GLY C 368 -21.80 -15.07 27.34
N VAL C 369 -22.53 -13.99 27.10
CA VAL C 369 -22.35 -12.74 27.82
C VAL C 369 -23.57 -12.48 28.69
N SER C 370 -23.34 -12.06 29.92
CA SER C 370 -24.43 -11.77 30.83
C SER C 370 -25.23 -10.57 30.33
N PRO C 371 -26.56 -10.59 30.44
CA PRO C 371 -27.35 -9.43 29.97
C PRO C 371 -27.05 -8.15 30.73
N THR C 372 -26.57 -8.26 31.97
CA THR C 372 -26.23 -7.09 32.75
C THR C 372 -25.04 -6.35 32.15
N LYS C 373 -24.98 -5.04 32.39
CA LYS C 373 -23.88 -4.19 31.92
C LYS C 373 -23.74 -4.26 30.40
N LEU C 374 -24.88 -4.29 29.70
CA LEU C 374 -24.90 -4.50 28.27
C LEU C 374 -24.60 -3.23 27.48
N ASN C 375 -24.66 -2.05 28.12
CA ASN C 375 -24.42 -0.81 27.39
C ASN C 375 -23.01 -0.71 26.83
N ASP C 376 -22.09 -1.55 27.32
CA ASP C 376 -20.74 -1.54 26.77
C ASP C 376 -20.73 -1.99 25.31
N LEU C 377 -21.51 -3.01 24.98
CA LEU C 377 -21.51 -3.60 23.65
C LEU C 377 -22.62 -2.99 22.79
N CYS C 378 -22.34 -2.83 21.50
CA CYS C 378 -23.25 -2.20 20.56
C CYS C 378 -23.66 -3.22 19.50
N PHE C 379 -24.96 -3.31 19.24
CA PHE C 379 -25.49 -4.24 18.25
C PHE C 379 -26.71 -3.60 17.59
N THR C 380 -27.30 -4.33 16.64
CA THR C 380 -28.44 -3.86 15.87
C THR C 380 -29.74 -4.55 16.26
N ASN C 381 -29.72 -5.87 16.40
CA ASN C 381 -30.93 -6.64 16.66
C ASN C 381 -30.71 -7.55 17.86
N VAL C 382 -31.71 -7.61 18.73
CA VAL C 382 -31.70 -8.47 19.91
C VAL C 382 -32.97 -9.31 19.89
N TYR C 383 -32.83 -10.61 20.16
CA TYR C 383 -33.95 -11.53 20.14
C TYR C 383 -34.06 -12.27 21.47
N ALA C 384 -35.26 -12.27 22.04
CA ALA C 384 -35.58 -13.06 23.21
C ALA C 384 -36.74 -14.00 22.85
N ASP C 385 -36.48 -15.30 22.88
CA ASP C 385 -37.45 -16.30 22.46
C ASP C 385 -38.03 -16.98 23.68
N SER C 386 -39.35 -16.94 23.80
CA SER C 386 -40.06 -17.62 24.87
C SER C 386 -41.11 -18.53 24.25
N PHE C 387 -41.13 -19.78 24.70
CA PHE C 387 -42.04 -20.77 24.15
C PHE C 387 -42.55 -21.67 25.27
N VAL C 388 -43.50 -22.53 24.93
CA VAL C 388 -44.13 -23.44 25.88
C VAL C 388 -43.54 -24.83 25.69
N ILE C 389 -43.20 -25.48 26.79
CA ILE C 389 -42.58 -26.79 26.80
C ILE C 389 -43.37 -27.71 27.71
N ARG C 390 -42.84 -28.93 27.89
CA ARG C 390 -43.47 -29.88 28.79
C ARG C 390 -43.58 -29.31 30.21
N GLY C 391 -44.74 -29.54 30.83
CA GLY C 391 -44.94 -29.07 32.19
C GLY C 391 -44.06 -29.78 33.20
N ASP C 392 -43.79 -31.06 32.99
CA ASP C 392 -42.97 -31.83 33.90
C ASP C 392 -41.47 -31.72 33.60
N GLU C 393 -41.09 -31.09 32.49
CA GLU C 393 -39.70 -30.91 32.14
C GLU C 393 -39.20 -29.50 32.39
N VAL C 394 -39.95 -28.69 33.14
CA VAL C 394 -39.53 -27.31 33.39
C VAL C 394 -38.24 -27.27 34.20
N ARG C 395 -38.06 -28.20 35.14
CA ARG C 395 -36.79 -28.33 35.85
C ARG C 395 -35.79 -29.20 35.11
N GLN C 396 -36.18 -29.89 34.05
CA GLN C 396 -35.32 -30.84 33.36
C GLN C 396 -34.71 -30.29 32.08
N ILE C 397 -34.85 -29.00 31.81
CA ILE C 397 -34.24 -28.39 30.63
C ILE C 397 -32.79 -28.06 30.94
N ALA C 398 -31.87 -28.79 30.32
CA ALA C 398 -30.43 -28.63 30.52
C ALA C 398 -29.73 -28.89 29.21
N PRO C 399 -28.53 -28.33 29.01
CA PRO C 399 -27.78 -28.61 27.78
C PRO C 399 -27.45 -30.09 27.64
N GLY C 400 -27.43 -30.56 26.40
CA GLY C 400 -27.10 -31.96 26.16
C GLY C 400 -28.20 -32.89 26.62
N GLN C 401 -27.80 -34.09 27.05
CA GLN C 401 -28.71 -35.11 27.55
C GLN C 401 -29.72 -35.56 26.51
N THR C 402 -30.61 -36.48 26.87
CA THR C 402 -31.62 -37.00 25.96
C THR C 402 -32.93 -37.13 26.73
N GLY C 403 -33.88 -37.84 26.14
CA GLY C 403 -35.18 -38.05 26.74
C GLY C 403 -36.17 -38.65 25.76
N LYS C 404 -37.19 -39.35 26.26
CA LYS C 404 -38.17 -39.96 25.37
C LYS C 404 -39.05 -38.90 24.72
N ILE C 405 -39.43 -37.88 25.45
CA ILE C 405 -40.33 -36.84 24.98
C ILE C 405 -39.51 -35.69 24.41
N ALA C 406 -40.07 -35.03 23.39
CA ALA C 406 -39.46 -33.85 22.77
C ALA C 406 -38.09 -34.17 22.16
N ASP C 407 -37.95 -35.40 21.68
CA ASP C 407 -36.71 -35.81 21.01
C ASP C 407 -36.94 -36.36 19.62
N TYR C 408 -38.06 -37.05 19.39
CA TYR C 408 -38.39 -37.60 18.08
C TYR C 408 -39.64 -36.98 17.49
N ASN C 409 -40.30 -36.06 18.19
CA ASN C 409 -41.48 -35.37 17.69
C ASN C 409 -41.30 -33.87 17.60
N TYR C 410 -40.79 -33.24 18.66
CA TYR C 410 -40.59 -31.79 18.73
C TYR C 410 -39.22 -31.56 19.37
N LYS C 411 -38.20 -31.45 18.53
CA LYS C 411 -36.82 -31.42 19.01
C LYS C 411 -36.44 -30.02 19.48
N LEU C 412 -35.83 -29.94 20.66
CA LEU C 412 -35.28 -28.69 21.14
C LEU C 412 -34.04 -28.32 20.33
N PRO C 413 -33.76 -27.02 20.18
CA PRO C 413 -32.58 -26.61 19.40
C PRO C 413 -31.30 -27.14 20.00
N ASP C 414 -30.47 -27.74 19.15
CA ASP C 414 -29.16 -28.24 19.56
C ASP C 414 -28.12 -27.13 19.47
N ASP C 415 -27.12 -27.20 20.35
CA ASP C 415 -26.08 -26.18 20.45
C ASP C 415 -26.71 -24.81 20.67
N PHE C 416 -27.73 -24.78 21.53
CA PHE C 416 -28.48 -23.54 21.78
C PHE C 416 -27.68 -22.63 22.70
N THR C 417 -27.44 -21.40 22.23
CA THR C 417 -26.73 -20.38 23.00
C THR C 417 -27.77 -19.45 23.61
N GLY C 418 -28.03 -19.62 24.90
CA GLY C 418 -29.10 -18.87 25.55
C GLY C 418 -28.70 -18.47 26.95
N CYS C 419 -29.63 -17.77 27.60
CA CYS C 419 -29.43 -17.21 28.93
C CYS C 419 -30.65 -17.53 29.78
N VAL C 420 -30.58 -18.62 30.54
CA VAL C 420 -31.72 -19.15 31.27
C VAL C 420 -31.89 -18.38 32.58
N ILE C 421 -32.96 -17.60 32.65
CA ILE C 421 -33.36 -16.90 33.86
C ILE C 421 -34.62 -17.60 34.36
N ALA C 422 -34.43 -18.59 35.23
CA ALA C 422 -35.51 -19.50 35.62
C ALA C 422 -36.06 -19.05 36.98
N TRP C 423 -37.00 -18.12 36.94
CA TRP C 423 -37.72 -17.66 38.12
C TRP C 423 -39.12 -18.22 38.09
N ASN C 424 -39.57 -18.79 39.21
CA ASN C 424 -40.90 -19.36 39.29
C ASN C 424 -41.95 -18.26 39.29
N SER C 425 -43.12 -18.58 38.71
CA SER C 425 -44.22 -17.63 38.63
C SER C 425 -45.50 -18.32 39.11
N ASN C 426 -46.21 -17.66 40.01
CA ASN C 426 -47.50 -18.16 40.50
C ASN C 426 -48.63 -17.16 40.35
N ASN C 427 -48.35 -15.91 40.01
CA ASN C 427 -49.37 -14.90 39.82
C ASN C 427 -49.35 -14.22 38.45
N LEU C 428 -48.18 -14.15 37.80
CA LEU C 428 -48.12 -13.57 36.45
C LEU C 428 -48.90 -14.44 35.47
N ASP C 429 -48.66 -15.75 35.49
CA ASP C 429 -49.36 -16.69 34.64
C ASP C 429 -49.95 -17.81 35.50
N SER C 430 -50.45 -18.85 34.85
CA SER C 430 -51.06 -19.99 35.51
C SER C 430 -52.23 -19.54 36.40
N LYS C 431 -53.20 -18.88 35.77
CA LYS C 431 -54.36 -18.41 36.48
C LYS C 431 -55.23 -19.57 36.96
N VAL C 432 -55.84 -19.39 38.13
CA VAL C 432 -56.54 -20.47 38.81
C VAL C 432 -57.75 -20.90 37.99
N GLY C 433 -58.19 -22.14 38.20
CA GLY C 433 -59.30 -22.71 37.45
C GLY C 433 -58.85 -23.52 36.26
N GLY C 434 -58.06 -22.92 35.38
CA GLY C 434 -57.56 -23.62 34.21
C GLY C 434 -57.08 -22.65 33.17
N ASN C 435 -56.68 -23.20 32.03
CA ASN C 435 -56.27 -22.41 30.88
C ASN C 435 -56.11 -23.35 29.69
N TYR C 436 -56.61 -22.92 28.53
CA TYR C 436 -56.55 -23.72 27.31
C TYR C 436 -55.99 -22.85 26.19
N ASN C 437 -54.67 -22.77 26.11
CA ASN C 437 -53.97 -22.11 25.02
C ASN C 437 -52.76 -22.87 24.52
N TYR C 438 -52.27 -23.87 25.25
CA TYR C 438 -51.08 -24.62 24.87
C TYR C 438 -51.53 -25.83 24.07
N LEU C 439 -51.68 -25.63 22.76
CA LEU C 439 -52.14 -26.67 21.84
C LEU C 439 -51.09 -26.84 20.76
N TYR C 440 -50.45 -28.00 20.72
CA TYR C 440 -49.40 -28.27 19.75
C TYR C 440 -49.33 -29.77 19.49
N ARG C 441 -48.69 -30.12 18.38
CA ARG C 441 -48.55 -31.52 18.01
C ARG C 441 -47.57 -32.23 18.95
N LEU C 442 -47.97 -33.40 19.44
CA LEU C 442 -47.12 -34.20 20.31
C LEU C 442 -46.55 -35.44 19.64
N PHE C 443 -47.12 -35.86 18.51
CA PHE C 443 -46.66 -37.06 17.80
C PHE C 443 -46.29 -36.69 16.37
N ARG C 444 -45.06 -37.02 15.98
CA ARG C 444 -44.63 -36.86 14.60
C ARG C 444 -43.50 -37.83 14.33
N LYS C 445 -43.30 -38.14 13.05
CA LYS C 445 -42.27 -39.10 12.66
C LYS C 445 -40.87 -38.50 12.74
N SER C 446 -40.74 -37.19 12.55
CA SER C 446 -39.42 -36.56 12.55
C SER C 446 -39.37 -35.38 13.51
N ASN C 447 -38.26 -34.64 13.48
CA ASN C 447 -38.05 -33.52 14.39
C ASN C 447 -38.85 -32.30 13.92
N LEU C 448 -38.65 -31.19 14.62
CA LEU C 448 -39.30 -29.93 14.29
C LEU C 448 -38.29 -28.79 14.45
N LYS C 449 -38.19 -27.95 13.41
CA LYS C 449 -37.26 -26.83 13.46
C LYS C 449 -37.75 -25.78 14.46
N PRO C 450 -36.85 -24.99 15.02
CA PRO C 450 -37.26 -24.01 16.04
C PRO C 450 -38.30 -23.05 15.50
N PHE C 451 -39.35 -22.83 16.30
CA PHE C 451 -40.48 -21.99 15.93
C PHE C 451 -41.12 -22.47 14.62
N GLU C 452 -41.58 -23.72 14.65
CA GLU C 452 -42.29 -24.32 13.52
C GLU C 452 -43.77 -24.42 13.85
N ARG C 453 -44.59 -23.70 13.09
CA ARG C 453 -46.02 -23.59 13.34
C ARG C 453 -46.71 -24.68 12.53
N ASP C 454 -46.75 -25.89 13.08
CA ASP C 454 -47.40 -27.04 12.47
C ASP C 454 -48.66 -27.34 13.27
N ILE C 455 -49.76 -26.68 12.92
CA ILE C 455 -51.05 -26.88 13.55
C ILE C 455 -52.05 -27.23 12.47
N SER C 456 -52.79 -28.33 12.69
CA SER C 456 -53.79 -28.77 11.74
C SER C 456 -54.84 -29.59 12.48
N THR C 457 -56.09 -29.41 12.05
CA THR C 457 -57.22 -30.12 12.63
C THR C 457 -57.24 -31.60 12.28
N GLU C 458 -56.40 -32.04 11.35
CA GLU C 458 -56.41 -33.42 10.91
C GLU C 458 -55.90 -34.35 12.01
N ILE C 459 -56.31 -35.61 11.93
CA ILE C 459 -55.85 -36.64 12.87
C ILE C 459 -54.52 -37.17 12.37
N TYR C 460 -53.48 -37.01 13.20
CA TYR C 460 -52.16 -37.51 12.84
C TYR C 460 -52.17 -39.03 12.76
N GLN C 461 -51.50 -39.56 11.75
CA GLN C 461 -51.42 -41.01 11.53
C GLN C 461 -50.03 -41.49 11.96
N ALA C 462 -49.98 -42.28 13.02
CA ALA C 462 -48.72 -42.81 13.52
C ALA C 462 -48.34 -44.13 12.86
N GLY C 463 -49.30 -45.02 12.68
CA GLY C 463 -49.07 -46.30 12.04
C GLY C 463 -49.11 -46.20 10.53
N SER C 464 -49.05 -47.36 9.89
CA SER C 464 -49.09 -47.44 8.44
C SER C 464 -50.51 -47.33 7.88
N THR C 465 -51.52 -47.54 8.70
CA THR C 465 -52.92 -47.49 8.26
C THR C 465 -53.66 -46.39 9.00
N PRO C 466 -54.10 -45.34 8.33
CA PRO C 466 -54.86 -44.28 9.02
C PRO C 466 -56.20 -44.79 9.54
N CYS C 467 -56.64 -44.18 10.64
CA CYS C 467 -57.94 -44.48 11.21
C CYS C 467 -58.99 -43.54 10.62
N ASN C 468 -60.18 -44.07 10.37
CA ASN C 468 -61.26 -43.29 9.77
C ASN C 468 -62.09 -42.61 10.86
N GLY C 469 -61.41 -41.76 11.63
CA GLY C 469 -62.07 -40.99 12.68
C GLY C 469 -62.66 -41.85 13.79
N VAL C 470 -61.99 -42.94 14.14
CA VAL C 470 -62.46 -43.84 15.19
C VAL C 470 -61.35 -43.98 16.22
N GLU C 471 -61.73 -44.05 17.50
CA GLU C 471 -60.79 -44.18 18.60
C GLU C 471 -60.44 -45.66 18.75
N GLY C 472 -59.41 -46.08 18.03
CA GLY C 472 -59.00 -47.47 18.06
C GLY C 472 -57.49 -47.66 18.18
N PHE C 473 -56.96 -48.65 17.47
CA PHE C 473 -55.54 -48.95 17.51
C PHE C 473 -54.76 -48.01 16.59
N ASN C 474 -53.44 -47.96 16.82
CA ASN C 474 -52.44 -47.30 15.98
C ASN C 474 -52.90 -45.98 15.36
N CYS C 475 -53.57 -45.14 16.15
CA CYS C 475 -54.03 -43.84 15.66
C CYS C 475 -54.22 -42.91 16.84
N TYR C 476 -53.52 -41.77 16.86
CA TYR C 476 -53.55 -40.84 17.97
C TYR C 476 -53.72 -39.42 17.45
N PHE C 477 -54.52 -38.63 18.15
CA PHE C 477 -54.76 -37.25 17.75
C PHE C 477 -53.55 -36.39 18.08
N PRO C 478 -53.12 -35.49 17.19
CA PRO C 478 -51.91 -34.70 17.48
C PRO C 478 -52.11 -33.61 18.52
N LEU C 479 -53.21 -32.86 18.45
CA LEU C 479 -53.42 -31.75 19.35
C LEU C 479 -53.69 -32.22 20.77
N GLN C 480 -53.20 -31.47 21.75
CA GLN C 480 -53.35 -31.80 23.15
C GLN C 480 -53.51 -30.52 23.96
N SER C 481 -54.40 -30.56 24.95
CA SER C 481 -54.67 -29.44 25.83
C SER C 481 -54.28 -29.82 27.26
N TYR C 482 -53.53 -28.93 27.92
CA TYR C 482 -53.08 -29.21 29.26
C TYR C 482 -54.26 -29.22 30.23
N GLY C 483 -54.34 -30.27 31.04
CA GLY C 483 -55.41 -30.39 32.01
C GLY C 483 -55.20 -29.52 33.23
N PHE C 484 -55.24 -28.20 33.04
CA PHE C 484 -55.00 -27.28 34.14
C PHE C 484 -56.14 -27.34 35.15
N GLN C 485 -55.79 -27.27 36.42
CA GLN C 485 -56.73 -27.36 37.53
C GLN C 485 -56.43 -26.26 38.53
N PRO C 486 -57.40 -25.88 39.35
CA PRO C 486 -57.11 -24.89 40.41
C PRO C 486 -56.04 -25.38 41.39
N THR C 487 -55.88 -26.68 41.55
CA THR C 487 -54.83 -27.27 42.38
C THR C 487 -54.06 -28.30 41.57
N ASN C 488 -53.74 -27.93 40.32
CA ASN C 488 -53.04 -28.86 39.43
C ASN C 488 -51.63 -29.15 39.92
N GLY C 489 -50.93 -28.15 40.41
CA GLY C 489 -49.56 -28.32 40.87
C GLY C 489 -48.55 -27.57 40.03
N VAL C 490 -47.47 -27.10 40.66
CA VAL C 490 -46.45 -26.36 39.93
C VAL C 490 -45.59 -27.28 39.08
N GLY C 491 -45.59 -28.58 39.37
CA GLY C 491 -44.84 -29.54 38.59
C GLY C 491 -45.44 -29.93 37.27
N TYR C 492 -46.72 -29.61 37.06
CA TYR C 492 -47.40 -29.93 35.81
C TYR C 492 -47.84 -28.71 35.03
N GLN C 493 -47.96 -27.54 35.68
CA GLN C 493 -48.29 -26.31 34.97
C GLN C 493 -47.00 -25.67 34.49
N PRO C 494 -46.76 -25.56 33.18
CA PRO C 494 -45.50 -25.01 32.69
C PRO C 494 -45.29 -23.56 33.11
N TYR C 495 -44.20 -23.30 33.83
CA TYR C 495 -43.83 -21.95 34.21
C TYR C 495 -42.76 -21.45 33.26
N ARG C 496 -42.97 -20.26 32.71
CA ARG C 496 -42.11 -19.76 31.64
C ARG C 496 -40.71 -19.49 32.15
N VAL C 497 -39.72 -19.94 31.39
CA VAL C 497 -38.31 -19.63 31.63
C VAL C 497 -37.81 -18.85 30.42
N VAL C 498 -37.42 -17.60 30.64
CA VAL C 498 -37.04 -16.72 29.55
C VAL C 498 -35.64 -17.08 29.07
N VAL C 499 -35.41 -16.98 27.76
CA VAL C 499 -34.12 -17.26 27.17
C VAL C 499 -33.98 -16.38 25.92
N LEU C 500 -32.75 -15.97 25.64
CA LEU C 500 -32.45 -15.06 24.54
C LEU C 500 -31.60 -15.78 23.49
N SER C 501 -31.24 -15.05 22.45
CA SER C 501 -30.39 -15.55 21.38
C SER C 501 -29.13 -14.70 21.32
N PHE C 502 -27.98 -15.34 21.53
CA PHE C 502 -26.68 -14.67 21.41
C PHE C 502 -26.16 -14.89 19.99
N GLU C 503 -26.30 -13.86 19.16
CA GLU C 503 -25.96 -13.98 17.75
C GLU C 503 -25.36 -12.66 17.26
N LEU C 504 -24.61 -12.74 16.16
CA LEU C 504 -23.95 -11.59 15.57
C LEU C 504 -24.28 -11.51 14.09
N LEU C 505 -24.39 -10.29 13.57
CA LEU C 505 -24.63 -10.05 12.16
C LEU C 505 -24.22 -8.63 11.83
N HIS C 506 -23.62 -8.45 10.65
CA HIS C 506 -23.08 -7.16 10.25
C HIS C 506 -24.20 -6.28 9.71
N ALA C 507 -24.39 -5.11 10.36
CA ALA C 507 -25.42 -4.16 9.97
C ALA C 507 -25.19 -2.83 10.69
N PRO C 508 -25.64 -1.71 10.13
CA PRO C 508 -25.52 -0.43 10.87
C PRO C 508 -26.48 -0.40 12.05
N ALA C 509 -25.97 0.00 13.20
CA ALA C 509 -26.75 -0.05 14.44
C ALA C 509 -27.83 1.01 14.44
N THR C 510 -29.03 0.63 14.87
CA THR C 510 -30.15 1.53 15.07
C THR C 510 -30.56 1.66 16.52
N VAL C 511 -30.56 0.56 17.27
CA VAL C 511 -30.76 0.59 18.72
C VAL C 511 -29.42 0.40 19.41
N CYS C 512 -28.75 1.50 19.73
CA CYS C 512 -27.42 1.45 20.31
C CYS C 512 -27.07 2.84 20.85
N GLY C 513 -26.50 2.87 22.05
CA GLY C 513 -26.09 4.11 22.67
C GLY C 513 -25.50 3.88 24.05
N PRO C 514 -24.37 4.53 24.33
CA PRO C 514 -23.71 4.36 25.62
C PRO C 514 -24.12 5.43 26.62
N LYS C 515 -23.77 5.17 27.88
CA LYS C 515 -23.95 6.13 28.96
C LYS C 515 -23.11 5.69 30.14
N LYS C 516 -22.21 6.56 30.59
CA LYS C 516 -21.36 6.27 31.74
C LYS C 516 -21.57 7.23 32.88
N SER C 517 -21.60 8.54 32.59
CA SER C 517 -21.84 9.60 33.56
C SER C 517 -20.68 9.76 34.53
N THR C 518 -20.23 11.00 34.73
CA THR C 518 -19.17 11.30 35.67
C THR C 518 -19.30 12.79 36.01
N ASN C 519 -18.88 13.15 37.23
CA ASN C 519 -18.95 14.54 37.64
C ASN C 519 -18.08 15.40 36.72
N LEU C 520 -18.47 16.68 36.60
CA LEU C 520 -17.78 17.61 35.73
C LEU C 520 -16.78 18.41 36.54
N VAL C 521 -15.50 18.31 36.19
CA VAL C 521 -14.41 18.91 36.94
C VAL C 521 -13.78 20.02 36.10
N LYS C 522 -13.61 21.19 36.71
CA LYS C 522 -13.04 22.34 36.04
C LYS C 522 -11.71 22.73 36.69
N ASN C 523 -10.93 23.50 35.94
CA ASN C 523 -9.65 24.08 36.40
C ASN C 523 -8.61 23.02 36.73
N LYS C 524 -8.70 21.84 36.11
CA LYS C 524 -7.71 20.79 36.28
C LYS C 524 -7.61 20.03 34.96
N CYS C 525 -6.46 20.08 34.31
CA CYS C 525 -6.39 19.53 32.96
C CYS C 525 -6.41 18.01 33.05
N VAL C 526 -7.10 17.39 32.08
CA VAL C 526 -7.43 15.98 32.13
C VAL C 526 -7.83 15.53 30.74
N ASN C 527 -7.75 14.23 30.48
CA ASN C 527 -8.33 13.65 29.29
C ASN C 527 -9.85 13.54 29.48
N PHE C 528 -10.59 13.98 28.47
CA PHE C 528 -12.05 14.07 28.55
C PHE C 528 -12.68 13.39 27.36
N ASN C 529 -13.90 12.91 27.56
CA ASN C 529 -14.68 12.23 26.52
C ASN C 529 -16.13 12.69 26.64
N PHE C 530 -16.50 13.68 25.84
CA PHE C 530 -17.91 14.07 25.73
C PHE C 530 -18.60 13.10 24.79
N ASN C 531 -19.79 13.44 24.31
CA ASN C 531 -20.51 12.52 23.44
C ASN C 531 -19.76 12.41 22.11
N GLY C 532 -18.97 11.35 21.97
CA GLY C 532 -18.20 11.12 20.77
C GLY C 532 -16.85 11.80 20.73
N LEU C 533 -16.81 13.07 21.12
CA LEU C 533 -15.61 13.88 20.99
C LEU C 533 -14.70 13.68 22.21
N THR C 534 -13.45 13.33 21.94
CA THR C 534 -12.45 13.08 22.98
C THR C 534 -11.31 14.08 22.85
N GLY C 535 -10.57 14.25 23.93
CA GLY C 535 -9.45 15.15 23.92
C GLY C 535 -8.75 15.20 25.26
N THR C 536 -7.89 16.20 25.43
CA THR C 536 -7.18 16.40 26.68
C THR C 536 -6.94 17.89 26.88
N GLY C 537 -7.20 18.37 28.08
CA GLY C 537 -6.99 19.77 28.39
C GLY C 537 -7.75 20.16 29.65
N VAL C 538 -7.72 21.45 29.95
CA VAL C 538 -8.40 22.01 31.09
C VAL C 538 -9.64 22.75 30.61
N LEU C 539 -10.75 22.53 31.32
CA LEU C 539 -12.06 23.05 30.97
C LEU C 539 -12.44 24.17 31.91
N THR C 540 -12.81 25.32 31.36
CA THR C 540 -13.21 26.46 32.17
C THR C 540 -14.54 27.03 31.66
N GLU C 541 -15.16 27.87 32.49
CA GLU C 541 -16.40 28.51 32.09
C GLU C 541 -16.16 29.50 30.95
N SER C 542 -17.21 29.77 30.21
CA SER C 542 -17.12 30.56 28.98
C SER C 542 -18.13 31.69 28.99
N ASN C 543 -17.99 32.58 28.01
CA ASN C 543 -18.96 33.63 27.72
C ASN C 543 -19.42 33.61 26.27
N LYS C 544 -19.01 32.60 25.50
CA LYS C 544 -19.47 32.46 24.13
C LYS C 544 -20.93 32.07 24.08
N LYS C 545 -21.61 32.53 23.03
CA LYS C 545 -23.03 32.23 22.81
C LYS C 545 -23.17 31.34 21.59
N PHE C 546 -23.74 30.16 21.78
CA PHE C 546 -23.98 29.21 20.71
C PHE C 546 -25.41 29.33 20.23
N LEU C 547 -25.65 28.90 18.99
CA LEU C 547 -27.01 28.73 18.54
C LEU C 547 -27.58 27.41 19.09
N PRO C 548 -28.89 27.35 19.34
CA PRO C 548 -29.44 26.19 20.07
C PRO C 548 -29.09 24.83 19.49
N PHE C 549 -28.80 24.74 18.20
CA PHE C 549 -28.48 23.46 17.58
C PHE C 549 -26.99 23.15 17.55
N GLN C 550 -26.14 24.09 17.97
CA GLN C 550 -24.69 23.92 17.85
C GLN C 550 -24.13 23.22 19.08
N GLN C 551 -23.20 22.29 18.85
CA GLN C 551 -22.71 21.38 19.88
C GLN C 551 -21.29 21.68 20.33
N PHE C 552 -20.45 22.25 19.47
CA PHE C 552 -19.09 22.58 19.87
C PHE C 552 -18.50 23.61 18.91
N GLY C 553 -17.71 24.53 19.47
CA GLY C 553 -17.03 25.52 18.66
C GLY C 553 -15.74 25.00 18.06
N ARG C 554 -15.18 25.81 17.18
CA ARG C 554 -13.97 25.43 16.46
C ARG C 554 -13.37 26.68 15.82
N ASP C 555 -12.08 26.90 16.03
CA ASP C 555 -11.41 28.10 15.55
C ASP C 555 -10.73 27.82 14.21
N ILE C 556 -9.92 28.80 13.76
CA ILE C 556 -9.15 28.62 12.54
C ILE C 556 -8.20 27.44 12.71
N ALA C 557 -7.90 26.76 11.60
CA ALA C 557 -7.06 25.56 11.55
C ALA C 557 -7.75 24.34 12.15
N ASP C 558 -9.06 24.43 12.39
CA ASP C 558 -9.89 23.29 12.76
C ASP C 558 -9.41 22.64 14.06
N THR C 559 -9.41 23.43 15.13
CA THR C 559 -9.10 22.95 16.46
C THR C 559 -10.29 23.19 17.38
N THR C 560 -10.68 22.16 18.12
CA THR C 560 -11.81 22.29 19.04
C THR C 560 -11.49 23.29 20.13
N ASP C 561 -12.30 24.33 20.24
CA ASP C 561 -12.06 25.45 21.12
C ASP C 561 -13.03 25.49 22.29
N ALA C 562 -14.31 25.22 22.05
CA ALA C 562 -15.32 25.21 23.11
C ALA C 562 -16.26 24.05 22.89
N VAL C 563 -16.89 23.59 23.95
CA VAL C 563 -17.80 22.45 23.92
C VAL C 563 -19.00 22.72 24.83
N ARG C 564 -20.18 22.30 24.39
CA ARG C 564 -21.39 22.39 25.20
C ARG C 564 -21.62 21.06 25.89
N ASP C 565 -21.87 21.10 27.21
CA ASP C 565 -22.09 19.86 27.95
C ASP C 565 -23.52 19.38 27.76
N PRO C 566 -23.72 18.08 27.59
CA PRO C 566 -25.08 17.56 27.34
C PRO C 566 -26.06 17.78 28.48
N GLN C 567 -25.59 17.93 29.71
CA GLN C 567 -26.51 18.03 30.86
C GLN C 567 -27.02 19.46 31.04
N THR C 568 -26.13 20.38 31.36
CA THR C 568 -26.48 21.74 31.69
C THR C 568 -26.63 22.62 30.46
N LEU C 569 -26.18 22.14 29.30
CA LEU C 569 -26.19 22.91 28.05
C LEU C 569 -25.42 24.22 28.23
N GLU C 570 -24.30 24.15 28.95
CA GLU C 570 -23.40 25.28 29.15
C GLU C 570 -22.17 25.09 28.28
N ILE C 571 -21.56 26.21 27.90
CA ILE C 571 -20.40 26.21 27.01
C ILE C 571 -19.14 26.35 27.85
N LEU C 572 -18.15 25.52 27.56
CA LEU C 572 -16.89 25.47 28.28
C LEU C 572 -15.73 25.65 27.30
N ASP C 573 -14.76 26.47 27.70
CA ASP C 573 -13.53 26.61 26.94
C ASP C 573 -12.55 25.49 27.28
N ILE C 574 -11.95 24.93 26.23
CA ILE C 574 -10.88 23.95 26.35
C ILE C 574 -9.56 24.66 26.08
N THR C 575 -8.63 24.57 27.03
CA THR C 575 -7.28 25.04 26.75
C THR C 575 -6.28 23.98 27.15
N PRO C 576 -5.24 23.75 26.35
CA PRO C 576 -4.25 22.73 26.72
C PRO C 576 -3.49 23.15 27.97
N CYS C 577 -3.10 22.16 28.77
CA CYS C 577 -2.31 22.51 29.93
C CYS C 577 -0.83 22.52 29.58
N SER C 578 -0.05 23.20 30.40
CA SER C 578 1.21 23.78 29.97
C SER C 578 2.20 22.71 29.51
N PHE C 579 2.96 23.07 28.47
CA PHE C 579 4.09 22.31 27.99
C PHE C 579 5.18 23.29 27.61
N GLY C 580 6.41 22.81 27.50
CA GLY C 580 7.50 23.67 27.11
C GLY C 580 8.82 22.94 27.14
N GLY C 581 9.90 23.70 26.98
CA GLY C 581 11.24 23.18 27.04
C GLY C 581 11.96 23.64 28.31
N VAL C 582 13.02 22.91 28.63
CA VAL C 582 13.89 23.27 29.75
C VAL C 582 15.30 23.46 29.21
N SER C 583 15.96 24.51 29.68
CA SER C 583 17.32 24.83 29.28
C SER C 583 18.20 24.93 30.50
N VAL C 584 19.44 24.49 30.36
CA VAL C 584 20.41 24.48 31.46
C VAL C 584 21.49 25.51 31.15
N ILE C 585 21.72 26.40 32.10
CA ILE C 585 22.69 27.49 31.96
C ILE C 585 23.86 27.16 32.85
N THR C 586 25.03 26.98 32.24
CA THR C 586 26.24 26.62 32.96
C THR C 586 27.38 27.53 32.55
N PRO C 587 28.30 27.82 33.47
CA PRO C 587 29.53 28.54 33.12
C PRO C 587 30.66 27.66 32.61
N GLY C 588 30.38 26.41 32.25
CA GLY C 588 31.40 25.49 31.80
C GLY C 588 31.93 24.65 32.93
N THR C 589 32.06 23.34 32.71
CA THR C 589 32.59 22.45 33.75
C THR C 589 34.10 22.48 33.77
N ASN C 590 34.64 23.70 33.81
CA ASN C 590 36.04 23.97 34.04
C ASN C 590 36.24 25.09 35.04
N THR C 591 35.20 25.85 35.34
CA THR C 591 35.20 26.91 36.35
C THR C 591 34.35 26.55 37.57
N SER C 592 33.21 25.90 37.35
CA SER C 592 32.32 25.53 38.45
C SER C 592 31.40 24.42 37.98
N ASN C 593 30.63 23.87 38.93
CA ASN C 593 29.72 22.77 38.67
C ASN C 593 28.26 23.12 38.95
N GLN C 594 27.96 24.36 39.31
CA GLN C 594 26.58 24.75 39.59
C GLN C 594 25.94 25.36 38.34
N VAL C 595 24.64 25.16 38.21
CA VAL C 595 23.89 25.53 37.02
C VAL C 595 22.60 26.24 37.42
N ALA C 596 21.99 26.89 36.45
CA ALA C 596 20.64 27.43 36.57
C ALA C 596 19.74 26.76 35.54
N VAL C 597 18.44 26.78 35.78
CA VAL C 597 17.48 26.10 34.91
C VAL C 597 16.39 27.09 34.50
N LEU C 598 16.10 27.14 33.21
CA LEU C 598 15.05 27.98 32.65
C LEU C 598 13.95 27.09 32.09
N TYR C 599 12.72 27.30 32.56
CA TYR C 599 11.54 26.63 32.03
C TYR C 599 10.82 27.63 31.12
N GLN C 600 10.64 27.26 29.85
CA GLN C 600 10.20 28.22 28.85
C GLN C 600 8.69 28.30 28.78
N ASP C 601 8.16 29.52 28.83
CA ASP C 601 6.73 29.81 28.69
C ASP C 601 5.89 29.03 29.70
N VAL C 602 6.16 29.29 30.98
CA VAL C 602 5.34 28.71 32.04
C VAL C 602 5.35 29.67 33.22
N ASN C 603 4.19 29.85 33.83
CA ASN C 603 4.09 30.58 35.09
C ASN C 603 4.61 29.69 36.20
N CYS C 604 5.74 30.06 36.78
CA CYS C 604 6.38 29.16 37.73
C CYS C 604 5.81 29.30 39.14
N THR C 605 4.48 29.24 39.22
CA THR C 605 3.83 28.84 40.44
C THR C 605 3.72 27.32 40.54
N GLU C 606 3.75 26.62 39.40
CA GLU C 606 3.76 25.16 39.37
C GLU C 606 4.88 24.69 38.44
N VAL C 607 6.11 24.70 38.95
CA VAL C 607 7.20 23.92 38.37
C VAL C 607 7.18 22.50 38.94
N PRO C 608 7.08 22.29 40.26
CA PRO C 608 7.10 20.91 40.77
C PRO C 608 5.96 20.05 40.26
N VAL C 609 4.78 20.62 40.02
CA VAL C 609 3.68 19.84 39.48
C VAL C 609 3.99 19.43 38.04
N ALA C 610 4.60 20.33 37.28
CA ALA C 610 4.97 20.02 35.90
C ALA C 610 6.14 19.05 35.82
N ILE C 611 7.04 19.08 36.80
CA ILE C 611 8.23 18.23 36.83
C ILE C 611 9.08 18.46 35.58
N PRO C 618 16.34 13.92 44.50
CA PRO C 618 16.70 14.73 45.66
C PRO C 618 17.59 15.91 45.28
N THR C 619 18.32 15.77 44.16
CA THR C 619 19.15 16.86 43.67
C THR C 619 18.46 17.65 42.56
N TRP C 620 17.58 17.00 41.79
CA TRP C 620 16.72 17.73 40.87
C TRP C 620 15.72 18.60 41.62
N ARG C 621 15.20 18.10 42.75
CA ARG C 621 14.21 18.84 43.51
C ARG C 621 14.70 20.23 43.91
N VAL C 622 16.00 20.39 44.14
CA VAL C 622 16.55 21.69 44.49
C VAL C 622 16.22 22.72 43.41
N TYR C 623 16.30 22.31 42.15
CA TYR C 623 16.00 23.19 41.03
C TYR C 623 14.53 23.18 40.65
N SER C 624 13.66 22.78 41.56
CA SER C 624 12.22 22.88 41.34
C SER C 624 11.53 23.91 42.21
N THR C 625 12.19 24.36 43.28
CA THR C 625 11.65 25.39 44.16
C THR C 625 12.81 26.00 44.92
N GLY C 626 12.52 27.13 45.56
CA GLY C 626 13.51 27.78 46.39
C GLY C 626 13.21 29.27 46.51
N SER C 627 14.20 30.00 47.02
CA SER C 627 14.10 31.44 47.18
C SER C 627 14.70 32.21 46.03
N ASN C 628 15.19 31.53 45.00
CA ASN C 628 15.85 32.16 43.86
C ASN C 628 15.07 31.98 42.57
N VAL C 629 13.74 31.99 42.65
CA VAL C 629 12.91 31.93 41.45
C VAL C 629 12.76 33.33 40.88
N PHE C 630 12.65 33.42 39.55
CA PHE C 630 12.60 34.71 38.88
C PHE C 630 11.76 34.58 37.62
N GLN C 631 10.67 35.33 37.55
CA GLN C 631 9.78 35.29 36.39
C GLN C 631 10.23 36.32 35.36
N THR C 632 10.48 35.86 34.13
CA THR C 632 10.85 36.72 33.02
C THR C 632 9.83 36.52 31.91
N ARG C 633 10.07 37.14 30.76
CA ARG C 633 9.17 36.94 29.63
C ARG C 633 9.58 35.74 28.78
N ALA C 634 10.74 35.16 29.03
CA ALA C 634 11.14 33.91 28.40
C ALA C 634 10.69 32.69 29.20
N GLY C 635 10.19 32.89 30.41
CA GLY C 635 9.77 31.79 31.26
C GLY C 635 10.09 32.03 32.72
N CYS C 636 10.55 30.99 33.40
CA CYS C 636 11.01 31.12 34.77
C CYS C 636 12.43 30.62 34.92
N LEU C 637 13.20 31.32 35.74
CA LEU C 637 14.59 31.00 36.00
C LEU C 637 14.73 30.59 37.46
N ILE C 638 15.36 29.44 37.70
CA ILE C 638 15.59 28.95 39.05
C ILE C 638 17.07 28.64 39.21
N GLY C 639 17.67 29.14 40.28
CA GLY C 639 19.07 28.93 40.56
C GLY C 639 19.97 30.11 40.29
N ALA C 640 19.41 31.25 39.92
CA ALA C 640 20.18 32.45 39.64
C ALA C 640 19.64 33.62 40.46
N GLU C 641 20.52 34.53 40.81
CA GLU C 641 20.18 35.67 41.66
C GLU C 641 19.92 36.91 40.82
N HIS C 642 18.80 37.57 41.08
CA HIS C 642 18.48 38.81 40.39
C HIS C 642 19.19 39.99 41.05
N VAL C 643 19.82 40.84 40.24
CA VAL C 643 20.57 41.98 40.73
C VAL C 643 20.09 43.23 39.99
N ASN C 644 20.40 44.39 40.58
CA ASN C 644 19.98 45.67 40.03
C ASN C 644 21.04 46.32 39.15
N ASN C 645 22.21 45.71 39.02
CA ASN C 645 23.29 46.29 38.23
C ASN C 645 23.00 46.08 36.74
N SER C 646 23.98 46.43 35.90
CA SER C 646 23.87 46.21 34.46
C SER C 646 25.27 46.02 33.91
N TYR C 647 25.52 44.87 33.29
CA TYR C 647 26.81 44.55 32.72
C TYR C 647 26.62 44.23 31.24
N GLU C 648 27.73 43.98 30.56
CA GLU C 648 27.68 43.50 29.19
C GLU C 648 27.18 42.06 29.18
N CYS C 649 26.41 41.71 28.15
CA CYS C 649 25.79 40.40 28.10
C CYS C 649 26.84 39.29 28.00
N ASP C 650 26.62 38.21 28.75
CA ASP C 650 27.50 37.05 28.76
C ASP C 650 26.82 35.81 28.19
N ILE C 651 25.69 35.41 28.77
CA ILE C 651 24.90 34.29 28.28
C ILE C 651 23.48 34.79 28.07
N PRO C 652 22.96 34.82 26.85
CA PRO C 652 21.65 35.44 26.58
C PRO C 652 20.51 34.56 27.08
N ILE C 653 19.69 35.13 27.96
CA ILE C 653 18.46 34.46 28.38
C ILE C 653 17.29 34.86 27.49
N GLY C 654 17.14 36.15 27.23
CA GLY C 654 16.13 36.63 26.31
C GLY C 654 15.42 37.86 26.84
N ALA C 655 14.75 38.57 25.93
CA ALA C 655 13.99 39.77 26.25
C ALA C 655 14.85 40.80 26.99
N GLY C 656 16.11 40.90 26.59
CA GLY C 656 17.02 41.85 27.20
C GLY C 656 17.66 41.40 28.50
N ILE C 657 17.47 40.15 28.90
CA ILE C 657 17.99 39.64 30.16
C ILE C 657 19.07 38.62 29.85
N CYS C 658 20.22 38.76 30.52
CA CYS C 658 21.35 37.86 30.38
C CYS C 658 21.75 37.32 31.74
N ALA C 659 22.67 36.35 31.73
CA ALA C 659 23.14 35.68 32.93
C ALA C 659 24.66 35.59 32.90
N SER C 660 25.26 35.50 34.08
CA SER C 660 26.71 35.50 34.19
C SER C 660 27.14 34.83 35.49
N TYR C 661 28.43 34.53 35.58
CA TYR C 661 29.05 33.93 36.75
C TYR C 661 30.03 34.95 37.33
N GLN C 662 29.61 35.63 38.39
CA GLN C 662 30.42 36.71 38.97
C GLN C 662 31.70 36.17 39.61
N GLN C 677 30.96 33.66 45.06
CA GLN C 677 30.75 33.68 43.62
C GLN C 677 29.64 32.70 43.22
N SER C 678 28.58 33.24 42.62
CA SER C 678 27.41 32.45 42.23
C SER C 678 26.98 32.90 40.83
N ILE C 679 25.79 32.46 40.42
CA ILE C 679 25.24 32.79 39.11
C ILE C 679 24.21 33.89 39.28
N ILE C 680 24.33 34.94 38.46
CA ILE C 680 23.48 36.12 38.57
C ILE C 680 22.80 36.37 37.23
N ALA C 681 21.66 37.06 37.30
CA ALA C 681 20.88 37.43 36.13
C ALA C 681 20.61 38.93 36.16
N TYR C 682 20.76 39.58 35.01
CA TYR C 682 20.68 41.03 34.96
C TYR C 682 20.12 41.46 33.61
N THR C 683 19.94 42.77 33.46
CA THR C 683 19.53 43.40 32.22
C THR C 683 20.77 43.96 31.51
N MET C 684 20.77 43.86 30.18
CA MET C 684 21.92 44.32 29.41
C MET C 684 22.16 45.81 29.59
N SER C 685 23.42 46.21 29.57
CA SER C 685 23.81 47.60 29.43
C SER C 685 24.27 47.81 27.99
N LEU C 686 23.67 48.78 27.31
CA LEU C 686 24.02 49.01 25.91
C LEU C 686 25.35 49.73 25.76
N GLY C 687 25.87 50.34 26.81
CA GLY C 687 27.14 51.01 26.75
C GLY C 687 27.19 52.18 27.70
N ALA C 688 28.35 52.83 27.74
CA ALA C 688 28.53 53.99 28.60
C ALA C 688 27.84 55.21 28.02
N GLU C 689 27.23 56.01 28.89
CA GLU C 689 26.53 57.21 28.49
C GLU C 689 27.53 58.34 28.28
N ASN C 690 27.34 59.11 27.21
CA ASN C 690 28.26 60.16 26.85
C ASN C 690 27.49 61.33 26.26
N SER C 691 27.89 62.54 26.63
CA SER C 691 27.25 63.76 26.12
C SER C 691 28.30 64.62 25.43
N VAL C 692 27.99 65.04 24.22
CA VAL C 692 28.92 65.83 23.42
C VAL C 692 28.67 67.32 23.71
N ALA C 693 29.75 68.06 23.95
CA ALA C 693 29.66 69.46 24.31
C ALA C 693 29.45 70.30 23.05
N TYR C 694 28.26 70.16 22.47
CA TYR C 694 27.94 70.87 21.24
C TYR C 694 27.65 72.34 21.53
N SER C 695 28.22 73.20 20.69
CA SER C 695 27.97 74.63 20.71
C SER C 695 28.03 75.11 19.27
N ASN C 696 27.55 76.33 19.02
CA ASN C 696 27.52 76.87 17.67
C ASN C 696 28.80 77.58 17.27
N ASN C 697 29.79 77.66 18.16
CA ASN C 697 31.09 78.18 17.79
C ASN C 697 32.22 77.42 18.48
N SER C 698 32.04 76.12 18.71
CA SER C 698 33.05 75.31 19.38
C SER C 698 33.44 74.14 18.50
N ILE C 699 34.75 73.86 18.42
CA ILE C 699 35.26 72.74 17.65
C ILE C 699 36.27 71.97 18.49
N ALA C 700 36.48 70.71 18.13
CA ALA C 700 37.48 69.86 18.75
C ALA C 700 38.41 69.33 17.68
N ILE C 701 39.72 69.46 17.90
CA ILE C 701 40.70 69.07 16.88
C ILE C 701 41.76 68.20 17.52
N PRO C 702 42.11 67.07 16.90
CA PRO C 702 43.10 66.18 17.51
C PRO C 702 44.52 66.68 17.32
N THR C 703 45.35 66.39 18.32
CA THR C 703 46.74 66.84 18.31
C THR C 703 47.74 65.69 18.24
N ASN C 704 47.29 64.44 18.19
CA ASN C 704 48.19 63.30 18.09
C ASN C 704 47.44 62.18 17.37
N PHE C 705 48.10 61.04 17.18
CA PHE C 705 47.46 59.95 16.45
C PHE C 705 47.99 58.61 16.97
N THR C 706 47.41 57.54 16.43
CA THR C 706 47.75 56.19 16.80
C THR C 706 47.62 55.31 15.57
N ILE C 707 48.53 54.34 15.45
CA ILE C 707 48.51 53.35 14.38
C ILE C 707 48.02 52.03 14.98
N SER C 708 46.98 51.46 14.38
CA SER C 708 46.35 50.27 14.92
C SER C 708 46.25 49.20 13.84
N VAL C 709 46.47 47.95 14.26
CA VAL C 709 46.40 46.78 13.40
C VAL C 709 45.29 45.86 13.91
N THR C 710 44.39 45.47 13.02
CA THR C 710 43.19 44.71 13.37
C THR C 710 43.11 43.47 12.50
N THR C 711 42.55 42.40 13.06
CA THR C 711 42.48 41.10 12.40
C THR C 711 41.05 40.82 11.94
N GLU C 712 40.92 40.28 10.72
CA GLU C 712 39.66 39.80 10.20
C GLU C 712 39.85 38.40 9.62
N ILE C 713 38.90 37.51 9.90
CA ILE C 713 39.00 36.10 9.51
C ILE C 713 37.81 35.75 8.64
N LEU C 714 38.07 35.11 7.49
CA LEU C 714 37.00 34.76 6.56
C LEU C 714 37.19 33.36 5.99
N PRO C 715 36.18 32.50 6.08
CA PRO C 715 36.28 31.19 5.43
C PRO C 715 36.10 31.30 3.91
N VAL C 716 36.80 30.44 3.19
CA VAL C 716 36.74 30.45 1.73
C VAL C 716 36.35 29.11 1.12
N SER C 717 36.50 27.99 1.80
CA SER C 717 36.16 26.70 1.22
C SER C 717 35.88 25.69 2.32
N MET C 718 35.42 24.51 1.91
CA MET C 718 35.16 23.41 2.82
C MET C 718 35.59 22.11 2.16
N THR C 719 35.63 21.04 2.94
CA THR C 719 36.14 19.77 2.46
C THR C 719 35.25 19.20 1.35
N LYS C 720 35.89 18.65 0.33
CA LYS C 720 35.19 18.00 -0.77
C LYS C 720 34.92 16.55 -0.38
N THR C 721 33.66 16.22 -0.14
CA THR C 721 33.28 14.88 0.27
C THR C 721 32.40 14.25 -0.82
N SER C 722 32.52 12.93 -0.96
CA SER C 722 31.81 12.21 -2.01
C SER C 722 31.15 10.99 -1.42
N VAL C 723 29.90 10.76 -1.82
CA VAL C 723 29.11 9.60 -1.41
C VAL C 723 28.50 9.01 -2.67
N ASP C 724 28.37 7.69 -2.70
CA ASP C 724 27.66 7.00 -3.77
C ASP C 724 26.56 6.13 -3.17
N CYS C 725 25.42 6.10 -3.85
CA CYS C 725 24.26 5.36 -3.35
C CYS C 725 24.57 3.89 -3.16
N THR C 726 24.86 3.18 -4.26
CA THR C 726 24.84 1.72 -4.25
C THR C 726 25.73 1.14 -3.16
N MET C 727 26.86 1.76 -2.87
CA MET C 727 27.69 1.30 -1.76
C MET C 727 27.08 1.68 -0.42
N TYR C 728 26.36 2.80 -0.35
CA TYR C 728 25.76 3.24 0.90
C TYR C 728 24.42 2.57 1.14
N ILE C 729 23.55 2.57 0.13
CA ILE C 729 22.20 2.06 0.33
C ILE C 729 22.21 0.54 0.45
N CYS C 730 22.80 -0.15 -0.52
CA CYS C 730 22.78 -1.61 -0.54
C CYS C 730 24.07 -2.23 -0.03
N GLY C 731 25.17 -2.01 -0.74
CA GLY C 731 26.45 -2.55 -0.33
C GLY C 731 26.64 -3.95 -0.90
N ASP C 732 27.49 -4.08 -1.92
CA ASP C 732 27.92 -5.35 -2.52
C ASP C 732 26.82 -6.40 -2.57
N SER C 733 25.60 -6.00 -2.90
CA SER C 733 24.44 -6.90 -2.92
C SER C 733 23.70 -6.74 -4.23
N THR C 734 23.52 -7.83 -4.96
CA THR C 734 22.87 -7.75 -6.27
C THR C 734 21.36 -7.59 -6.16
N GLU C 735 20.73 -8.28 -5.20
CA GLU C 735 19.28 -8.21 -5.07
C GLU C 735 18.82 -6.81 -4.69
N CYS C 736 19.52 -6.18 -3.74
CA CYS C 736 19.15 -4.83 -3.32
C CYS C 736 19.33 -3.84 -4.46
N SER C 737 20.41 -3.96 -5.23
CA SER C 737 20.64 -3.03 -6.34
C SER C 737 19.61 -3.24 -7.44
N ASN C 738 19.24 -4.49 -7.71
CA ASN C 738 18.19 -4.75 -8.69
C ASN C 738 16.87 -4.14 -8.25
N LEU C 739 16.56 -4.25 -6.96
CA LEU C 739 15.35 -3.59 -6.46
C LEU C 739 15.45 -2.07 -6.56
N LEU C 740 16.62 -1.52 -6.26
CA LEU C 740 16.81 -0.07 -6.30
C LEU C 740 16.72 0.47 -7.72
N LEU C 741 17.00 -0.36 -8.72
CA LEU C 741 16.90 0.10 -10.10
C LEU C 741 15.48 0.49 -10.49
N GLN C 742 14.48 0.09 -9.71
CA GLN C 742 13.09 0.43 -10.01
C GLN C 742 12.70 1.82 -9.58
N TYR C 743 13.61 2.57 -8.95
CA TYR C 743 13.30 3.89 -8.43
C TYR C 743 13.76 5.02 -9.35
N GLY C 744 14.24 4.71 -10.54
CA GLY C 744 14.58 5.74 -11.51
C GLY C 744 16.03 6.18 -11.37
N SER C 745 16.24 7.50 -11.39
CA SER C 745 17.56 8.10 -11.44
C SER C 745 17.74 9.13 -10.32
N PHE C 746 17.38 8.76 -9.10
CA PHE C 746 17.66 9.61 -7.95
C PHE C 746 19.15 9.72 -7.70
N CYS C 747 19.87 8.62 -7.88
CA CYS C 747 21.26 8.55 -7.45
C CYS C 747 22.20 9.24 -8.42
N THR C 748 21.89 9.19 -9.72
CA THR C 748 22.69 9.94 -10.69
C THR C 748 22.69 11.43 -10.35
N GLN C 749 21.52 11.97 -10.02
CA GLN C 749 21.46 13.39 -9.71
C GLN C 749 22.04 13.70 -8.33
N LEU C 750 21.95 12.78 -7.38
CA LEU C 750 22.64 12.99 -6.10
C LEU C 750 24.15 13.11 -6.31
N ASN C 751 24.72 12.17 -7.07
CA ASN C 751 26.16 12.23 -7.36
C ASN C 751 26.50 13.50 -8.14
N ARG C 752 25.64 13.90 -9.07
CA ARG C 752 25.89 15.09 -9.86
C ARG C 752 25.94 16.34 -8.98
N ALA C 753 25.01 16.45 -8.03
CA ALA C 753 25.01 17.59 -7.12
C ALA C 753 26.28 17.63 -6.26
N LEU C 754 26.68 16.47 -5.73
CA LEU C 754 27.89 16.44 -4.91
C LEU C 754 29.13 16.82 -5.72
N THR C 755 29.21 16.35 -6.97
CA THR C 755 30.33 16.72 -7.83
C THR C 755 30.35 18.21 -8.10
N GLY C 756 29.16 18.80 -8.32
CA GLY C 756 29.10 20.24 -8.50
C GLY C 756 29.66 21.01 -7.31
N ILE C 757 29.28 20.61 -6.10
CA ILE C 757 29.81 21.26 -4.90
C ILE C 757 31.33 21.11 -4.85
N ALA C 758 31.83 19.92 -5.16
CA ALA C 758 33.27 19.67 -5.08
C ALA C 758 34.04 20.57 -6.04
N VAL C 759 33.54 20.77 -7.25
CA VAL C 759 34.22 21.64 -8.19
C VAL C 759 34.13 23.10 -7.74
N GLU C 760 32.97 23.49 -7.19
CA GLU C 760 32.80 24.87 -6.74
C GLU C 760 33.80 25.25 -5.66
N GLN C 761 34.19 24.29 -4.80
CA GLN C 761 35.17 24.61 -3.77
C GLN C 761 36.50 25.06 -4.35
N ASP C 762 37.01 24.31 -5.34
CA ASP C 762 38.25 24.69 -6.00
C ASP C 762 38.11 26.03 -6.71
N LYS C 763 36.95 26.26 -7.33
CA LYS C 763 36.72 27.55 -7.96
C LYS C 763 36.80 28.69 -6.95
N ASN C 764 36.24 28.49 -5.76
CA ASN C 764 36.30 29.51 -4.71
C ASN C 764 37.74 29.82 -4.34
N THR C 765 38.53 28.80 -4.05
CA THR C 765 39.91 29.03 -3.64
C THR C 765 40.70 29.73 -4.74
N GLN C 766 40.53 29.29 -5.99
CA GLN C 766 41.25 29.90 -7.10
C GLN C 766 40.88 31.37 -7.27
N GLU C 767 39.58 31.67 -7.16
CA GLU C 767 39.12 33.03 -7.39
C GLU C 767 39.45 33.96 -6.23
N VAL C 768 39.77 33.42 -5.05
CA VAL C 768 40.22 34.28 -3.95
C VAL C 768 41.71 34.52 -4.02
N PHE C 769 42.51 33.46 -4.19
CA PHE C 769 43.95 33.59 -3.96
C PHE C 769 44.78 33.87 -5.20
N ALA C 770 44.33 33.47 -6.39
CA ALA C 770 45.14 33.61 -7.61
C ALA C 770 44.81 34.94 -8.26
N GLN C 771 45.43 36.02 -7.78
CA GLN C 771 45.19 37.36 -8.29
C GLN C 771 46.44 38.04 -8.86
N VAL C 772 47.59 37.37 -8.84
CA VAL C 772 48.83 37.93 -9.36
C VAL C 772 49.32 37.06 -10.50
N LYS C 773 49.80 37.71 -11.57
CA LYS C 773 50.36 36.98 -12.70
C LYS C 773 51.75 36.46 -12.41
N GLN C 774 52.54 37.20 -11.64
CA GLN C 774 53.95 36.89 -11.41
C GLN C 774 54.21 36.70 -9.93
N ILE C 775 55.23 35.90 -9.64
CA ILE C 775 55.65 35.61 -8.27
C ILE C 775 56.76 36.59 -7.91
N TYR C 776 56.47 37.51 -7.00
CA TYR C 776 57.40 38.56 -6.61
C TYR C 776 58.23 38.11 -5.42
N LYS C 777 59.43 38.68 -5.31
CA LYS C 777 60.36 38.37 -4.24
C LYS C 777 60.85 39.66 -3.59
N THR C 778 61.29 39.54 -2.34
CA THR C 778 61.80 40.68 -1.58
C THR C 778 63.32 40.74 -1.71
N PRO C 779 63.89 41.94 -1.87
CA PRO C 779 65.34 42.04 -1.97
C PRO C 779 66.01 41.59 -0.69
N PRO C 780 67.24 41.09 -0.78
CA PRO C 780 67.92 40.55 0.42
C PRO C 780 68.21 41.60 1.49
N ILE C 781 68.20 42.88 1.16
CA ILE C 781 68.49 43.94 2.12
C ILE C 781 67.18 44.57 2.56
N LYS C 782 66.87 44.42 3.85
CA LYS C 782 65.62 44.91 4.43
C LYS C 782 65.88 46.30 5.01
N ASP C 783 65.52 47.34 4.26
CA ASP C 783 65.75 48.73 4.63
C ASP C 783 64.50 49.57 4.42
N PHE C 784 63.37 49.08 4.92
CA PHE C 784 62.08 49.73 4.69
C PHE C 784 61.82 50.86 5.69
N GLY C 785 62.79 51.76 5.83
CA GLY C 785 62.59 52.96 6.63
C GLY C 785 62.27 52.72 8.09
N GLY C 786 62.77 51.62 8.67
CA GLY C 786 62.52 51.31 10.05
C GLY C 786 61.32 50.42 10.32
N PHE C 787 60.53 50.12 9.29
CA PHE C 787 59.41 49.20 9.45
C PHE C 787 59.91 47.77 9.38
N ASN C 788 59.43 46.92 10.28
CA ASN C 788 59.93 45.56 10.44
C ASN C 788 58.82 44.57 10.10
N PHE C 789 59.04 43.77 9.06
CA PHE C 789 58.04 42.83 8.57
C PHE C 789 58.45 41.38 8.80
N SER C 790 59.13 41.08 9.90
CA SER C 790 59.72 39.75 10.06
C SER C 790 58.66 38.69 10.33
N GLN C 791 57.67 39.00 11.17
CA GLN C 791 56.70 37.99 11.57
C GLN C 791 55.71 37.65 10.46
N ILE C 792 55.63 38.45 9.41
CA ILE C 792 54.70 38.18 8.31
C ILE C 792 55.40 37.77 7.03
N LEU C 793 56.70 37.88 6.96
CA LEU C 793 57.44 37.43 5.79
C LEU C 793 57.91 35.98 5.99
N PRO C 794 58.02 35.20 4.92
CA PRO C 794 58.38 33.80 5.06
C PRO C 794 59.82 33.60 5.52
N ASP C 795 60.07 32.44 6.13
CA ASP C 795 61.38 32.04 6.58
C ASP C 795 61.76 30.68 6.00
N PRO C 796 63.02 30.50 5.59
CA PRO C 796 63.36 29.30 4.82
C PRO C 796 63.49 28.02 5.64
N SER C 797 63.94 28.12 6.88
CA SER C 797 64.21 26.91 7.66
C SER C 797 62.94 26.35 8.30
N LYS C 798 61.86 26.25 7.51
CA LYS C 798 60.51 25.82 7.84
C LYS C 798 59.81 25.54 6.52
N PRO C 799 58.52 25.17 6.50
CA PRO C 799 57.75 25.30 5.26
C PRO C 799 58.09 26.61 4.56
N SER C 800 58.60 26.52 3.33
CA SER C 800 59.43 27.57 2.77
C SER C 800 58.73 28.93 2.78
N LYS C 801 57.41 28.94 2.61
CA LYS C 801 56.67 30.18 2.47
C LYS C 801 55.70 30.43 3.62
N ARG C 802 55.77 29.65 4.69
CA ARG C 802 54.91 29.86 5.86
C ARG C 802 55.68 30.64 6.91
N SER C 803 55.08 31.73 7.38
CA SER C 803 55.72 32.65 8.30
C SER C 803 55.39 32.27 9.75
N PHE C 804 55.77 33.15 10.67
CA PHE C 804 55.53 32.90 12.09
C PHE C 804 54.04 32.94 12.42
N ILE C 805 53.34 33.97 11.96
CA ILE C 805 51.92 34.11 12.25
C ILE C 805 51.12 33.02 11.54
N GLU C 806 51.52 32.67 10.32
CA GLU C 806 50.85 31.58 9.61
C GLU C 806 51.03 30.26 10.33
N ASP C 807 52.22 30.01 10.88
CA ASP C 807 52.44 28.81 11.68
C ASP C 807 51.55 28.81 12.92
N LEU C 808 51.44 29.96 13.59
CA LEU C 808 50.56 30.04 14.75
C LEU C 808 49.12 29.71 14.37
N LEU C 809 48.64 30.28 13.26
CA LEU C 809 47.26 30.03 12.84
C LEU C 809 47.05 28.57 12.47
N PHE C 810 48.02 27.95 11.81
CA PHE C 810 47.85 26.56 11.39
C PHE C 810 47.90 25.61 12.59
N ASN C 811 48.73 25.92 13.59
CA ASN C 811 48.75 25.07 14.77
C ASN C 811 47.52 25.27 15.65
N LYS C 812 46.93 26.46 15.61
CA LYS C 812 45.77 26.73 16.45
C LYS C 812 44.56 25.90 16.03
N VAL C 813 44.35 25.72 14.73
CA VAL C 813 43.15 25.08 14.21
C VAL C 813 43.37 23.57 14.19
N THR C 814 42.66 22.86 15.06
CA THR C 814 42.65 21.41 15.06
C THR C 814 41.20 20.93 15.05
N LEU C 815 40.95 19.87 14.29
CA LEU C 815 39.59 19.33 14.17
C LEU C 815 39.14 18.70 15.48
N ALA C 839 39.04 10.55 10.93
CA ALA C 839 38.44 10.44 9.61
C ALA C 839 38.78 9.10 8.97
N GLN C 840 38.48 8.01 9.68
CA GLN C 840 38.77 6.68 9.17
C GLN C 840 37.91 6.38 7.95
N LYS C 841 38.36 5.40 7.16
CA LYS C 841 37.62 5.00 5.97
C LYS C 841 36.25 4.45 6.37
N PHE C 842 35.24 4.83 5.58
CA PHE C 842 33.87 4.45 5.86
C PHE C 842 33.31 3.63 4.69
N ASN C 843 32.01 3.38 4.73
CA ASN C 843 31.33 2.56 3.73
C ASN C 843 30.64 3.43 2.68
N GLY C 844 31.39 3.84 1.66
CA GLY C 844 30.88 4.67 0.59
C GLY C 844 31.26 6.13 0.68
N LEU C 845 31.81 6.57 1.80
CA LEU C 845 32.15 7.96 2.01
C LEU C 845 33.65 8.17 1.77
N THR C 846 33.98 9.18 0.96
CA THR C 846 35.38 9.47 0.69
C THR C 846 35.59 10.98 0.67
N VAL C 847 36.85 11.37 0.77
CA VAL C 847 37.25 12.77 0.79
C VAL C 847 38.27 13.00 -0.32
N LEU C 848 38.04 14.02 -1.14
CA LEU C 848 38.96 14.34 -2.23
C LEU C 848 39.94 15.42 -1.81
N PRO C 849 41.17 15.37 -2.28
CA PRO C 849 42.15 16.40 -1.92
C PRO C 849 41.99 17.64 -2.77
N PRO C 850 42.20 18.82 -2.18
CA PRO C 850 42.12 20.05 -2.97
C PRO C 850 43.22 20.13 -4.01
N LEU C 851 42.93 20.84 -5.10
CA LEU C 851 43.89 20.97 -6.19
C LEU C 851 45.11 21.77 -5.78
N LEU C 852 44.91 22.86 -5.04
CA LEU C 852 46.00 23.71 -4.59
C LEU C 852 46.40 23.27 -3.18
N THR C 853 47.66 22.89 -3.02
CA THR C 853 48.15 22.49 -1.70
C THR C 853 48.50 23.73 -0.88
N ASP C 854 48.91 23.50 0.38
CA ASP C 854 49.14 24.61 1.30
C ASP C 854 50.37 25.42 0.91
N GLU C 855 51.40 24.76 0.39
CA GLU C 855 52.60 25.48 -0.02
C GLU C 855 52.31 26.44 -1.17
N MET C 856 51.45 26.04 -2.09
CA MET C 856 51.10 26.93 -3.20
C MET C 856 50.34 28.15 -2.71
N ILE C 857 49.43 27.97 -1.76
CA ILE C 857 48.69 29.11 -1.21
C ILE C 857 49.64 30.03 -0.45
N ALA C 858 50.60 29.46 0.28
CA ALA C 858 51.60 30.28 0.96
C ALA C 858 52.45 31.05 -0.04
N GLN C 859 52.78 30.43 -1.18
CA GLN C 859 53.51 31.14 -2.21
C GLN C 859 52.71 32.31 -2.77
N TYR C 860 51.41 32.09 -3.02
CA TYR C 860 50.57 33.18 -3.50
C TYR C 860 50.52 34.33 -2.50
N THR C 861 50.34 34.00 -1.22
CA THR C 861 50.29 35.03 -0.19
C THR C 861 51.61 35.79 -0.10
N SER C 862 52.73 35.08 -0.18
CA SER C 862 54.03 35.73 -0.14
C SER C 862 54.24 36.65 -1.34
N ALA C 863 53.81 36.22 -2.52
CA ALA C 863 53.93 37.07 -3.70
C ALA C 863 53.11 38.34 -3.55
N LEU C 864 51.88 38.22 -3.06
CA LEU C 864 51.05 39.41 -2.84
C LEU C 864 51.69 40.35 -1.84
N LEU C 865 52.23 39.80 -0.75
CA LEU C 865 52.84 40.62 0.29
C LEU C 865 54.08 41.35 -0.23
N ALA C 866 54.94 40.64 -0.97
CA ALA C 866 56.13 41.28 -1.52
C ALA C 866 55.76 42.35 -2.52
N GLY C 867 54.75 42.09 -3.36
CA GLY C 867 54.34 43.08 -4.33
C GLY C 867 53.80 44.34 -3.68
N THR C 868 53.01 44.20 -2.62
CA THR C 868 52.49 45.40 -1.98
C THR C 868 53.55 46.13 -1.17
N ILE C 869 54.51 45.41 -0.60
CA ILE C 869 55.56 46.09 0.17
C ILE C 869 56.51 46.84 -0.75
N THR C 870 56.83 46.27 -1.91
CA THR C 870 57.87 46.86 -2.76
C THR C 870 57.33 47.85 -3.78
N SER C 871 56.10 47.65 -4.29
CA SER C 871 55.59 48.46 -5.39
C SER C 871 54.48 49.42 -4.99
N GLY C 872 53.75 49.15 -3.92
CA GLY C 872 52.60 49.96 -3.55
C GLY C 872 51.31 49.35 -4.08
N TRP C 873 50.51 50.16 -4.76
CA TRP C 873 49.34 49.66 -5.49
C TRP C 873 49.55 49.62 -6.99
N THR C 874 50.78 49.81 -7.46
CA THR C 874 51.02 49.88 -8.89
C THR C 874 50.93 48.52 -9.56
N PHE C 875 51.26 47.45 -8.85
CA PHE C 875 51.26 46.13 -9.45
C PHE C 875 49.85 45.57 -9.66
N GLY C 876 48.83 46.23 -9.12
CA GLY C 876 47.45 45.82 -9.34
C GLY C 876 46.81 46.37 -10.58
N ALA C 877 47.51 47.25 -11.31
CA ALA C 877 47.02 47.80 -12.57
C ALA C 877 47.82 47.34 -13.77
N GLY C 878 49.15 47.31 -13.64
CA GLY C 878 50.00 46.86 -14.72
C GLY C 878 51.29 46.27 -14.20
N ALA C 879 52.42 46.67 -14.79
CA ALA C 879 53.72 46.26 -14.29
C ALA C 879 53.99 46.93 -12.94
N ALA C 880 54.74 46.22 -12.11
CA ALA C 880 55.08 46.73 -10.78
C ALA C 880 56.14 47.81 -10.89
N LEU C 881 55.88 48.96 -10.26
CA LEU C 881 56.77 50.09 -10.26
C LEU C 881 57.31 50.30 -8.85
N GLN C 882 58.63 50.32 -8.70
CA GLN C 882 59.22 50.40 -7.37
C GLN C 882 59.09 51.80 -6.79
N ILE C 883 59.10 51.87 -5.46
CA ILE C 883 58.89 53.10 -4.71
C ILE C 883 59.47 52.90 -3.31
N PRO C 884 60.24 53.85 -2.78
CA PRO C 884 60.66 53.73 -1.37
C PRO C 884 59.47 53.70 -0.44
N PHE C 885 59.59 52.92 0.64
CA PHE C 885 58.43 52.62 1.47
C PHE C 885 57.90 53.87 2.16
N ALA C 886 58.79 54.75 2.63
CA ALA C 886 58.35 55.97 3.31
C ALA C 886 57.56 56.87 2.38
N MET C 887 57.96 56.97 1.11
CA MET C 887 57.21 57.79 0.17
C MET C 887 55.84 57.20 -0.13
N GLN C 888 55.75 55.88 -0.16
CA GLN C 888 54.44 55.23 -0.33
C GLN C 888 53.54 55.51 0.88
N MET C 889 54.11 55.50 2.09
CA MET C 889 53.32 55.83 3.26
C MET C 889 52.92 57.30 3.26
N ALA C 890 53.74 58.17 2.68
CA ALA C 890 53.34 59.57 2.52
C ALA C 890 52.17 59.70 1.55
N TYR C 891 52.20 58.95 0.45
CA TYR C 891 51.04 58.88 -0.43
C TYR C 891 49.79 58.48 0.34
N ARG C 892 49.92 57.45 1.17
CA ARG C 892 48.76 56.95 1.88
C ARG C 892 48.27 57.93 2.94
N PHE C 893 49.15 58.75 3.52
CA PHE C 893 48.67 59.81 4.39
C PHE C 893 47.95 60.90 3.61
N ASN C 894 48.46 61.27 2.44
CA ASN C 894 47.71 62.20 1.59
C ASN C 894 46.33 61.66 1.26
N GLY C 895 46.21 60.33 1.14
CA GLY C 895 44.94 59.74 0.78
C GLY C 895 43.84 59.90 1.83
N ILE C 896 44.20 60.23 3.07
CA ILE C 896 43.22 60.37 4.14
C ILE C 896 43.10 61.82 4.63
N GLY C 897 43.72 62.77 3.93
CA GLY C 897 43.60 64.17 4.29
C GLY C 897 44.63 64.70 5.26
N VAL C 898 45.80 64.06 5.35
CA VAL C 898 46.90 64.54 6.18
C VAL C 898 48.10 64.77 5.27
N THR C 899 48.84 65.83 5.53
CA THR C 899 49.92 66.23 4.63
C THR C 899 51.15 65.34 4.83
N GLN C 900 52.13 65.50 3.93
CA GLN C 900 53.30 64.63 3.93
C GLN C 900 54.24 64.93 5.09
N ASN C 901 54.38 66.20 5.45
CA ASN C 901 55.33 66.56 6.49
C ASN C 901 54.97 65.92 7.82
N VAL C 902 53.69 65.63 8.03
CA VAL C 902 53.27 64.95 9.25
C VAL C 902 53.91 63.57 9.33
N LEU C 903 53.92 62.85 8.21
CA LEU C 903 54.64 61.58 8.18
C LEU C 903 56.13 61.78 8.33
N TYR C 904 56.72 62.67 7.52
CA TYR C 904 58.17 62.75 7.45
C TYR C 904 58.80 63.26 8.74
N GLU C 905 58.09 64.07 9.53
CA GLU C 905 58.62 64.59 10.78
C GLU C 905 58.34 63.69 11.97
N ASN C 906 57.54 62.63 11.80
CA ASN C 906 57.25 61.69 12.87
C ASN C 906 57.49 60.26 12.42
N GLN C 907 58.48 60.03 11.57
CA GLN C 907 58.67 58.72 10.96
C GLN C 907 59.05 57.66 11.98
N LYS C 908 59.96 58.00 12.90
CA LYS C 908 60.42 57.03 13.90
C LYS C 908 59.27 56.61 14.82
N LEU C 909 58.46 57.57 15.26
CA LEU C 909 57.34 57.24 16.14
C LEU C 909 56.34 56.33 15.45
N ILE C 910 56.03 56.61 14.19
CA ILE C 910 55.07 55.80 13.45
C ILE C 910 55.61 54.39 13.25
N ALA C 911 56.90 54.27 12.91
CA ALA C 911 57.50 52.96 12.75
C ALA C 911 57.46 52.17 14.05
N ASN C 912 57.76 52.83 15.17
CA ASN C 912 57.72 52.16 16.47
C ASN C 912 56.31 51.70 16.82
N GLN C 913 55.31 52.54 16.56
CA GLN C 913 53.93 52.15 16.86
C GLN C 913 53.51 50.96 16.01
N PHE C 914 53.87 50.95 14.73
CA PHE C 914 53.54 49.82 13.88
C PHE C 914 54.20 48.54 14.37
N ASN C 915 55.48 48.63 14.74
CA ASN C 915 56.18 47.44 15.24
C ASN C 915 55.53 46.92 16.53
N SER C 916 55.15 47.83 17.42
CA SER C 916 54.52 47.41 18.67
C SER C 916 53.17 46.75 18.43
N ALA C 917 52.38 47.29 17.50
CA ALA C 917 51.09 46.67 17.19
C ALA C 917 51.27 45.28 16.58
N ILE C 918 52.24 45.14 15.68
CA ILE C 918 52.51 43.83 15.10
C ILE C 918 52.96 42.85 16.18
N GLY C 919 53.75 43.32 17.14
CA GLY C 919 54.15 42.46 18.24
C GLY C 919 52.96 42.03 19.09
N LYS C 920 52.04 42.97 19.36
CA LYS C 920 50.87 42.65 20.17
C LYS C 920 49.96 41.64 19.49
N ILE C 921 49.86 41.69 18.16
CA ILE C 921 48.88 40.83 17.50
C ILE C 921 49.25 39.36 17.66
N GLN C 922 50.54 39.03 17.65
CA GLN C 922 50.94 37.63 17.77
C GLN C 922 50.77 37.12 19.20
N ASP C 923 51.01 37.99 20.19
CA ASP C 923 50.73 37.61 21.58
C ASP C 923 49.24 37.38 21.77
N SER C 924 48.41 38.22 21.18
CA SER C 924 46.97 38.00 21.24
C SER C 924 46.59 36.67 20.60
N LEU C 925 47.17 36.35 19.45
CA LEU C 925 46.85 35.09 18.79
C LEU C 925 47.29 33.89 19.62
N SER C 926 48.49 33.95 20.20
CA SER C 926 49.02 32.79 20.91
C SER C 926 48.34 32.58 22.26
N SER C 927 48.12 33.66 23.02
CA SER C 927 47.61 33.53 24.38
C SER C 927 46.12 33.21 24.41
N THR C 928 45.36 33.76 23.47
CA THR C 928 43.91 33.57 23.48
C THR C 928 43.56 32.10 23.30
N ALA C 929 42.54 31.64 24.03
CA ALA C 929 42.16 30.23 23.97
C ALA C 929 41.59 29.87 22.60
N SER C 930 40.64 30.65 22.09
CA SER C 930 39.98 30.33 20.83
C SER C 930 39.63 31.64 20.13
N ALA C 931 40.50 32.06 19.21
CA ALA C 931 40.28 33.29 18.45
C ALA C 931 39.87 33.04 17.01
N LEU C 932 40.08 31.83 16.48
CA LEU C 932 39.73 31.56 15.09
C LEU C 932 38.22 31.54 14.91
N GLY C 933 37.50 30.83 15.77
CA GLY C 933 36.05 30.93 15.75
C GLY C 933 35.40 30.36 14.51
N LYS C 934 34.99 31.26 13.61
CA LYS C 934 34.21 30.87 12.44
C LYS C 934 34.85 29.72 11.67
N LEU C 935 36.17 29.77 11.48
CA LEU C 935 36.85 28.73 10.72
C LEU C 935 36.62 27.36 11.34
N GLN C 936 36.70 27.27 12.67
CA GLN C 936 36.39 26.02 13.34
C GLN C 936 34.91 25.67 13.18
N ASP C 937 34.03 26.66 13.32
CA ASP C 937 32.60 26.39 13.36
C ASP C 937 32.15 25.63 12.12
N VAL C 938 32.49 26.15 10.94
CA VAL C 938 32.15 25.47 9.69
C VAL C 938 32.53 24.00 9.77
N VAL C 939 33.78 23.73 10.15
CA VAL C 939 34.26 22.36 10.18
C VAL C 939 33.34 21.50 11.02
N ASN C 940 33.03 21.98 12.24
CA ASN C 940 32.18 21.20 13.13
C ASN C 940 30.91 20.80 12.42
N GLN C 941 30.23 21.77 11.81
CA GLN C 941 28.95 21.50 11.18
C GLN C 941 29.07 20.34 10.22
N ASN C 942 30.04 20.41 9.32
CA ASN C 942 30.18 19.35 8.32
C ASN C 942 30.34 18.01 9.00
N ALA C 943 31.29 17.91 9.92
CA ALA C 943 31.55 16.65 10.58
C ALA C 943 30.28 16.13 11.23
N GLN C 944 29.56 17.02 11.93
CA GLN C 944 28.39 16.59 12.65
C GLN C 944 27.36 15.99 11.69
N ALA C 945 27.13 16.68 10.56
CA ALA C 945 26.16 16.16 9.61
C ALA C 945 26.58 14.79 9.12
N LEU C 946 27.87 14.62 8.83
CA LEU C 946 28.34 13.34 8.34
C LEU C 946 28.05 12.25 9.36
N ASN C 947 28.27 12.53 10.64
CA ASN C 947 28.04 11.52 11.67
C ASN C 947 26.60 11.04 11.61
N THR C 948 25.66 11.97 11.45
CA THR C 948 24.25 11.59 11.41
C THR C 948 24.01 10.56 10.32
N LEU C 949 24.60 10.80 9.13
CA LEU C 949 24.43 9.86 8.03
C LEU C 949 24.87 8.46 8.45
N VAL C 950 26.05 8.35 9.06
CA VAL C 950 26.57 7.05 9.43
C VAL C 950 25.68 6.41 10.48
N LYS C 951 25.07 7.23 11.34
CA LYS C 951 24.23 6.66 12.39
C LYS C 951 22.89 6.21 11.86
N GLN C 952 22.50 6.64 10.66
CA GLN C 952 21.20 6.27 10.12
C GLN C 952 21.22 4.89 9.47
N LEU C 953 22.38 4.25 9.37
CA LEU C 953 22.45 2.92 8.78
C LEU C 953 21.98 1.85 9.75
N SER C 954 22.10 2.08 11.04
CA SER C 954 21.68 1.10 12.05
C SER C 954 20.25 1.39 12.51
N SER C 955 19.34 1.52 11.55
CA SER C 955 17.93 1.79 11.83
C SER C 955 17.07 0.77 11.11
N ASN C 956 16.05 0.28 11.79
CA ASN C 956 15.20 -0.75 11.22
C ASN C 956 14.26 -0.18 10.15
N PHE C 957 13.70 0.99 10.41
CA PHE C 957 12.70 1.61 9.53
C PHE C 957 11.48 0.71 9.37
N GLY C 958 11.24 -0.15 10.36
CA GLY C 958 10.10 -1.04 10.33
C GLY C 958 10.37 -2.39 9.71
N ALA C 959 11.61 -2.87 9.81
CA ALA C 959 11.99 -4.17 9.27
C ALA C 959 12.45 -5.07 10.42
N ILE C 960 12.63 -6.35 10.12
CA ILE C 960 13.05 -7.30 11.16
C ILE C 960 14.48 -7.05 11.60
N SER C 961 15.30 -6.43 10.76
CA SER C 961 16.70 -6.19 11.09
C SER C 961 17.21 -5.04 10.24
N SER C 962 18.36 -4.49 10.64
CA SER C 962 19.01 -3.41 9.92
C SER C 962 20.21 -3.89 9.13
N VAL C 963 20.40 -5.19 8.99
CA VAL C 963 21.52 -5.77 8.26
C VAL C 963 20.94 -6.56 7.08
N LEU C 964 21.39 -6.23 5.87
CA LEU C 964 20.89 -6.92 4.69
C LEU C 964 21.32 -8.38 4.67
N ASN C 965 22.51 -8.69 5.20
CA ASN C 965 22.99 -10.05 5.21
C ASN C 965 22.11 -10.96 6.07
N ASP C 966 21.68 -10.50 7.24
CA ASP C 966 20.79 -11.30 8.07
C ASP C 966 19.45 -11.56 7.39
N ILE C 967 18.89 -10.54 6.76
CA ILE C 967 17.61 -10.71 6.06
C ILE C 967 17.77 -11.69 4.91
N LEU C 968 18.87 -11.60 4.17
CA LEU C 968 19.06 -12.49 3.03
C LEU C 968 19.35 -13.92 3.47
N SER C 969 20.01 -14.08 4.62
CA SER C 969 20.33 -15.43 5.09
C SER C 969 19.11 -16.11 5.70
N ARG C 970 18.26 -15.34 6.41
CA ARG C 970 17.18 -15.96 7.17
C ARG C 970 15.93 -16.19 6.35
N LEU C 971 15.82 -15.60 5.16
CA LEU C 971 14.52 -15.38 4.56
C LEU C 971 14.57 -15.61 3.05
N ASP C 972 13.45 -16.07 2.49
CA ASP C 972 13.32 -16.33 1.06
C ASP C 972 13.05 -15.04 0.30
N PRO C 973 13.46 -14.98 -0.98
CA PRO C 973 13.38 -13.72 -1.75
C PRO C 973 11.98 -13.14 -1.83
N PRO C 974 10.95 -13.91 -2.20
CA PRO C 974 9.65 -13.28 -2.46
C PRO C 974 9.07 -12.55 -1.26
N GLU C 975 9.45 -12.94 -0.05
CA GLU C 975 8.97 -12.30 1.16
C GLU C 975 10.11 -11.75 2.01
N ALA C 976 11.32 -11.64 1.45
CA ALA C 976 12.35 -10.72 1.93
C ALA C 976 12.34 -9.41 1.17
N GLU C 977 11.71 -9.39 -0.01
CA GLU C 977 11.62 -8.18 -0.82
C GLU C 977 11.01 -7.02 -0.05
N VAL C 978 10.04 -7.29 0.83
CA VAL C 978 9.36 -6.20 1.54
C VAL C 978 10.28 -5.54 2.56
N GLN C 979 11.05 -6.35 3.30
CA GLN C 979 12.03 -5.79 4.22
C GLN C 979 13.09 -4.99 3.48
N ILE C 980 13.58 -5.54 2.35
CA ILE C 980 14.56 -4.80 1.56
C ILE C 980 13.98 -3.47 1.11
N ASP C 981 12.70 -3.47 0.72
CA ASP C 981 12.07 -2.24 0.23
C ASP C 981 11.98 -1.18 1.31
N ARG C 982 11.58 -1.57 2.53
CA ARG C 982 11.51 -0.58 3.60
C ARG C 982 12.89 -0.01 3.94
N LEU C 983 13.91 -0.87 3.98
CA LEU C 983 15.25 -0.36 4.22
C LEU C 983 15.67 0.62 3.12
N ILE C 984 15.37 0.29 1.87
CA ILE C 984 15.75 1.14 0.75
C ILE C 984 15.10 2.51 0.88
N THR C 985 13.80 2.54 1.19
CA THR C 985 13.10 3.82 1.29
C THR C 985 13.69 4.68 2.40
N GLY C 986 13.96 4.09 3.56
CA GLY C 986 14.51 4.87 4.66
C GLY C 986 15.87 5.46 4.33
N ARG C 987 16.76 4.63 3.78
CA ARG C 987 18.10 5.11 3.48
C ARG C 987 18.08 6.16 2.38
N LEU C 988 17.21 6.00 1.39
CA LEU C 988 17.09 7.00 0.34
C LEU C 988 16.65 8.34 0.90
N GLN C 989 15.67 8.34 1.81
CA GLN C 989 15.22 9.59 2.41
C GLN C 989 16.35 10.28 3.18
N SER C 990 17.11 9.50 3.97
CA SER C 990 18.20 10.10 4.72
C SER C 990 19.25 10.71 3.81
N LEU C 991 19.59 10.02 2.72
CA LEU C 991 20.58 10.54 1.79
C LEU C 991 20.11 11.83 1.14
N GLN C 992 18.83 11.88 0.74
CA GLN C 992 18.31 13.10 0.13
C GLN C 992 18.38 14.28 1.08
N THR C 993 18.01 14.06 2.35
CA THR C 993 18.11 15.13 3.33
C THR C 993 19.53 15.64 3.46
N TYR C 994 20.51 14.73 3.55
CA TYR C 994 21.90 15.13 3.65
C TYR C 994 22.32 16.00 2.47
N VAL C 995 21.96 15.59 1.25
CA VAL C 995 22.42 16.32 0.07
C VAL C 995 21.81 17.72 0.03
N THR C 996 20.53 17.84 0.38
CA THR C 996 19.90 19.16 0.38
C THR C 996 20.57 20.09 1.38
N GLN C 997 20.86 19.59 2.59
CA GLN C 997 21.55 20.43 3.56
C GLN C 997 22.92 20.87 3.04
N GLN C 998 23.64 19.96 2.39
CA GLN C 998 24.96 20.29 1.88
C GLN C 998 24.89 21.40 0.83
N LEU C 999 23.90 21.34 -0.07
CA LEU C 999 23.76 22.40 -1.06
C LEU C 999 23.49 23.75 -0.40
N ILE C 1000 22.58 23.76 0.58
CA ILE C 1000 22.24 25.02 1.24
C ILE C 1000 23.47 25.61 1.95
N ARG C 1001 24.31 24.75 2.52
CA ARG C 1001 25.52 25.26 3.20
C ARG C 1001 26.56 25.75 2.20
N ALA C 1002 26.69 25.06 1.06
CA ALA C 1002 27.67 25.48 0.06
C ALA C 1002 27.35 26.85 -0.50
N ALA C 1003 26.07 27.19 -0.61
CA ALA C 1003 25.71 28.54 -1.07
C ALA C 1003 26.30 29.62 -0.16
N GLU C 1004 26.17 29.44 1.14
CA GLU C 1004 26.70 30.40 2.11
C GLU C 1004 28.23 30.48 2.04
N ILE C 1005 28.88 29.32 1.91
CA ILE C 1005 30.33 29.33 1.79
C ILE C 1005 30.76 30.11 0.56
N ARG C 1006 30.03 29.96 -0.55
CA ARG C 1006 30.37 30.70 -1.77
C ARG C 1006 30.21 32.20 -1.57
N ALA C 1007 29.16 32.61 -0.84
CA ALA C 1007 28.99 34.03 -0.56
C ALA C 1007 30.17 34.58 0.24
N SER C 1008 30.64 33.83 1.25
CA SER C 1008 31.80 34.26 2.02
C SER C 1008 33.03 34.37 1.14
N ALA C 1009 33.23 33.42 0.23
CA ALA C 1009 34.39 33.47 -0.66
C ALA C 1009 34.34 34.68 -1.57
N ASN C 1010 33.15 35.04 -2.06
CA ASN C 1010 33.02 36.24 -2.89
C ASN C 1010 33.38 37.50 -2.11
N LEU C 1011 32.92 37.59 -0.86
CA LEU C 1011 33.27 38.74 -0.04
C LEU C 1011 34.78 38.80 0.20
N ALA C 1012 35.41 37.65 0.45
CA ALA C 1012 36.85 37.63 0.68
C ALA C 1012 37.61 38.07 -0.57
N ALA C 1013 37.16 37.64 -1.75
CA ALA C 1013 37.80 38.08 -2.98
C ALA C 1013 37.67 39.59 -3.16
N THR C 1014 36.50 40.15 -2.87
CA THR C 1014 36.32 41.59 -2.97
C THR C 1014 37.25 42.34 -2.03
N LYS C 1015 37.40 41.84 -0.80
CA LYS C 1015 38.31 42.50 0.15
C LYS C 1015 39.75 42.40 -0.31
N MET C 1016 40.17 41.22 -0.80
CA MET C 1016 41.52 41.08 -1.34
C MET C 1016 41.78 42.08 -2.45
N SER C 1017 40.79 42.30 -3.31
CA SER C 1017 41.00 43.17 -4.47
C SER C 1017 41.01 44.64 -4.06
N GLU C 1018 40.13 45.04 -3.14
CA GLU C 1018 39.93 46.45 -2.85
C GLU C 1018 40.73 46.97 -1.66
N CYS C 1019 41.35 46.10 -0.86
CA CYS C 1019 42.06 46.56 0.31
C CYS C 1019 43.53 46.18 0.36
N VAL C 1020 43.93 45.13 -0.34
CA VAL C 1020 45.35 44.79 -0.44
C VAL C 1020 45.98 45.42 -1.68
N LEU C 1021 45.24 45.47 -2.78
CA LEU C 1021 45.73 46.05 -4.02
C LEU C 1021 45.40 47.52 -4.17
N GLY C 1022 44.82 48.15 -3.15
CA GLY C 1022 44.50 49.56 -3.22
C GLY C 1022 44.24 50.12 -1.84
N GLN C 1023 43.87 51.39 -1.80
CA GLN C 1023 43.45 52.06 -0.58
C GLN C 1023 41.97 52.40 -0.69
N SER C 1024 41.21 52.04 0.33
CA SER C 1024 39.75 52.06 0.27
C SER C 1024 39.19 53.24 1.04
N LYS C 1025 38.19 53.91 0.47
CA LYS C 1025 37.52 55.03 1.11
C LYS C 1025 36.17 54.64 1.68
N ARG C 1026 35.75 53.39 1.55
CA ARG C 1026 34.49 52.93 2.13
C ARG C 1026 34.65 52.78 3.64
N VAL C 1027 33.71 53.34 4.39
CA VAL C 1027 33.83 53.39 5.84
C VAL C 1027 33.64 52.00 6.42
N ASP C 1028 34.55 51.59 7.30
CA ASP C 1028 34.50 50.34 8.04
C ASP C 1028 34.54 49.10 7.17
N PHE C 1029 34.90 49.25 5.88
CA PHE C 1029 35.04 48.07 5.04
C PHE C 1029 36.28 47.28 5.40
N CYS C 1030 37.36 47.96 5.76
CA CYS C 1030 38.60 47.31 6.15
C CYS C 1030 39.10 47.96 7.45
N GLY C 1031 38.61 47.46 8.58
CA GLY C 1031 39.01 47.96 9.87
C GLY C 1031 38.18 49.13 10.34
N LYS C 1032 38.48 49.57 11.56
CA LYS C 1032 37.83 50.71 12.18
C LYS C 1032 38.82 51.86 12.24
N GLY C 1033 38.47 52.98 11.61
CA GLY C 1033 39.34 54.12 11.48
C GLY C 1033 39.54 54.44 10.03
N TYR C 1034 40.58 55.21 9.74
CA TYR C 1034 40.93 55.58 8.38
C TYR C 1034 41.92 54.57 7.82
N HIS C 1035 41.52 53.88 6.75
CA HIS C 1035 42.32 52.78 6.22
C HIS C 1035 43.64 53.28 5.65
N LEU C 1036 44.72 52.60 6.03
CA LEU C 1036 46.03 52.87 5.46
C LEU C 1036 46.47 51.73 4.55
N MET C 1037 46.50 50.49 5.05
CA MET C 1037 46.87 49.36 4.20
C MET C 1037 46.43 48.06 4.85
N SER C 1038 46.67 46.96 4.14
CA SER C 1038 46.26 45.64 4.61
C SER C 1038 47.25 44.59 4.12
N PHE C 1039 47.36 43.51 4.90
CA PHE C 1039 48.26 42.40 4.59
C PHE C 1039 47.50 41.08 4.69
N PRO C 1040 47.65 40.17 3.74
CA PRO C 1040 46.98 38.86 3.82
C PRO C 1040 47.84 37.77 4.41
N GLN C 1041 47.17 36.82 5.05
CA GLN C 1041 47.79 35.58 5.53
C GLN C 1041 46.82 34.43 5.29
N SER C 1042 47.36 33.23 5.14
CA SER C 1042 46.55 32.07 4.85
C SER C 1042 46.22 31.30 6.12
N ALA C 1043 45.08 30.61 6.08
CA ALA C 1043 44.57 29.79 7.17
C ALA C 1043 44.16 28.45 6.57
N PRO C 1044 43.95 27.42 7.40
CA PRO C 1044 43.69 26.08 6.85
C PRO C 1044 42.53 26.01 5.87
N HIS C 1045 41.44 26.75 6.09
CA HIS C 1045 40.37 26.82 5.10
C HIS C 1045 39.84 28.25 4.98
N GLY C 1046 40.73 29.22 4.97
CA GLY C 1046 40.29 30.60 4.91
C GLY C 1046 41.45 31.56 4.84
N VAL C 1047 41.14 32.83 5.03
CA VAL C 1047 42.10 33.91 4.92
C VAL C 1047 41.99 34.81 6.14
N VAL C 1048 43.11 35.47 6.48
CA VAL C 1048 43.19 36.42 7.57
C VAL C 1048 43.75 37.72 7.02
N PHE C 1049 43.06 38.83 7.28
CA PHE C 1049 43.50 40.15 6.86
C PHE C 1049 43.95 40.93 8.08
N LEU C 1050 45.13 41.56 7.97
CA LEU C 1050 45.62 42.48 8.99
C LEU C 1050 45.51 43.89 8.42
N HIS C 1051 44.62 44.69 8.99
CA HIS C 1051 44.36 46.04 8.54
C HIS C 1051 45.11 47.04 9.40
N VAL C 1052 45.90 47.90 8.77
CA VAL C 1052 46.60 49.00 9.43
C VAL C 1052 45.82 50.27 9.13
N THR C 1053 45.36 50.94 10.19
CA THR C 1053 44.55 52.15 10.10
C THR C 1053 45.15 53.26 10.94
N TYR C 1054 44.51 54.44 10.84
CA TYR C 1054 44.94 55.66 11.50
C TYR C 1054 43.83 56.15 12.41
N VAL C 1055 44.17 56.44 13.67
CA VAL C 1055 43.17 56.86 14.66
C VAL C 1055 43.62 58.18 15.29
N PRO C 1056 42.87 59.26 15.15
CA PRO C 1056 43.24 60.50 15.83
C PRO C 1056 43.09 60.39 17.34
N ALA C 1057 43.84 61.20 18.07
CA ALA C 1057 43.85 61.12 19.51
C ALA C 1057 44.29 62.45 20.12
N GLN C 1058 43.96 62.62 21.40
CA GLN C 1058 44.32 63.81 22.19
C GLN C 1058 43.74 65.09 21.58
N GLU C 1059 42.42 65.14 21.55
CA GLU C 1059 41.72 66.29 20.99
C GLU C 1059 41.77 67.47 21.95
N LYS C 1060 41.52 68.66 21.40
CA LYS C 1060 41.54 69.89 22.18
C LYS C 1060 40.46 70.83 21.68
N ASN C 1061 39.96 71.68 22.57
CA ASN C 1061 38.86 72.60 22.31
C ASN C 1061 39.36 73.88 21.67
N PHE C 1062 38.55 74.44 20.76
CA PHE C 1062 38.88 75.68 20.06
C PHE C 1062 37.59 76.40 19.69
N THR C 1063 37.71 77.68 19.35
CA THR C 1063 36.62 78.50 18.85
C THR C 1063 36.77 78.67 17.34
N THR C 1064 35.65 78.71 16.63
CA THR C 1064 35.65 78.76 15.18
C THR C 1064 34.75 79.87 14.65
N ALA C 1065 34.85 80.09 13.34
CA ALA C 1065 34.06 81.06 12.62
C ALA C 1065 33.99 80.62 11.16
N PRO C 1066 32.84 80.82 10.49
CA PRO C 1066 32.73 80.36 9.10
C PRO C 1066 33.61 81.12 8.13
N ALA C 1067 33.81 82.42 8.34
CA ALA C 1067 34.56 83.26 7.42
C ALA C 1067 35.18 84.40 8.18
N ILE C 1068 36.07 85.12 7.51
CA ILE C 1068 36.75 86.27 8.11
C ILE C 1068 36.39 87.51 7.29
N CYS C 1069 36.04 88.59 7.97
CA CYS C 1069 35.69 89.85 7.31
C CYS C 1069 36.91 90.76 7.31
N HIS C 1070 37.33 91.17 6.11
CA HIS C 1070 38.47 92.07 5.95
C HIS C 1070 38.24 92.99 4.78
N ASP C 1071 38.39 94.29 5.01
CA ASP C 1071 38.23 95.32 3.98
C ASP C 1071 36.88 95.23 3.28
N GLY C 1072 35.84 94.87 4.04
CA GLY C 1072 34.53 94.73 3.45
C GLY C 1072 34.38 93.54 2.51
N LYS C 1073 35.16 92.49 2.71
CA LYS C 1073 35.06 91.27 1.92
C LYS C 1073 35.11 90.06 2.84
N ALA C 1074 34.52 88.96 2.38
CA ALA C 1074 34.47 87.73 3.15
C ALA C 1074 35.50 86.74 2.62
N HIS C 1075 36.25 86.14 3.54
CA HIS C 1075 37.34 85.23 3.20
C HIS C 1075 37.01 83.85 3.75
N PHE C 1076 37.20 82.84 2.92
CA PHE C 1076 36.98 81.44 3.24
C PHE C 1076 38.27 80.65 3.08
N PRO C 1077 38.47 79.59 3.85
CA PRO C 1077 39.71 78.82 3.74
C PRO C 1077 39.69 77.89 2.53
N ARG C 1078 40.84 77.79 1.86
CA ARG C 1078 40.96 76.91 0.71
C ARG C 1078 40.74 75.45 1.13
N GLU C 1079 41.63 74.92 1.96
CA GLU C 1079 41.39 73.68 2.68
C GLU C 1079 41.84 73.87 4.11
N GLY C 1080 40.99 73.49 5.05
CA GLY C 1080 41.27 73.69 6.45
C GLY C 1080 40.12 74.38 7.13
N VAL C 1081 40.40 74.95 8.29
CA VAL C 1081 39.37 75.54 9.14
C VAL C 1081 40.01 76.64 9.97
N PHE C 1082 39.23 77.68 10.26
CA PHE C 1082 39.67 78.80 11.10
C PHE C 1082 39.51 78.43 12.57
N VAL C 1083 40.53 78.70 13.37
CA VAL C 1083 40.49 78.42 14.80
C VAL C 1083 41.06 79.61 15.57
N SER C 1084 40.70 79.69 16.84
CA SER C 1084 41.18 80.75 17.73
C SER C 1084 41.62 80.14 19.04
N ASN C 1085 42.79 80.54 19.53
CA ASN C 1085 43.30 80.06 20.80
C ASN C 1085 42.92 80.98 21.96
N GLY C 1086 42.11 82.00 21.71
CA GLY C 1086 41.69 82.92 22.75
C GLY C 1086 41.93 84.36 22.38
N THR C 1087 43.05 84.63 21.70
CA THR C 1087 43.41 85.98 21.29
C THR C 1087 43.72 86.11 19.81
N HIS C 1088 44.28 85.07 19.19
CA HIS C 1088 44.71 85.13 17.80
C HIS C 1088 43.94 84.10 16.97
N TRP C 1089 43.94 84.31 15.65
CA TRP C 1089 43.24 83.45 14.72
C TRP C 1089 44.22 82.80 13.75
N PHE C 1090 43.98 81.51 13.46
CA PHE C 1090 44.86 80.72 12.63
C PHE C 1090 44.02 79.85 11.69
N VAL C 1091 44.69 79.27 10.71
CA VAL C 1091 44.12 78.27 9.81
C VAL C 1091 44.83 76.94 10.09
N THR C 1092 44.07 75.86 10.11
CA THR C 1092 44.65 74.55 10.37
C THR C 1092 43.99 73.50 9.49
N GLN C 1093 44.62 72.33 9.41
CA GLN C 1093 44.00 71.19 8.78
C GLN C 1093 42.81 70.72 9.63
N ARG C 1094 42.10 69.72 9.12
CA ARG C 1094 40.93 69.23 9.85
C ARG C 1094 41.27 68.08 10.78
N ASN C 1095 42.27 67.25 10.42
CA ASN C 1095 42.55 66.02 11.14
C ASN C 1095 43.82 66.08 11.96
N PHE C 1096 44.55 67.19 11.93
CA PHE C 1096 45.78 67.35 12.70
C PHE C 1096 45.98 68.82 12.96
N TYR C 1097 46.41 69.16 14.18
CA TYR C 1097 46.49 70.54 14.62
C TYR C 1097 47.89 71.08 14.34
N GLU C 1098 47.98 72.03 13.41
CA GLU C 1098 49.18 72.84 13.23
C GLU C 1098 48.79 74.20 12.66
N PRO C 1099 48.81 75.25 13.49
CA PRO C 1099 48.26 76.54 13.05
C PRO C 1099 49.16 77.28 12.08
N GLN C 1100 48.52 78.04 11.19
CA GLN C 1100 49.18 78.83 10.17
C GLN C 1100 48.73 80.28 10.32
N ILE C 1101 49.44 81.18 9.64
CA ILE C 1101 49.07 82.59 9.62
C ILE C 1101 48.10 82.83 8.47
N ILE C 1102 47.00 83.52 8.74
CA ILE C 1102 45.98 83.76 7.73
C ILE C 1102 46.55 84.72 6.68
N THR C 1103 46.71 84.24 5.46
CA THR C 1103 47.31 84.98 4.36
C THR C 1103 46.37 84.90 3.17
N THR C 1104 46.66 85.67 2.13
CA THR C 1104 45.87 85.57 0.90
C THR C 1104 46.19 84.31 0.11
N ASP C 1105 47.20 83.54 0.51
CA ASP C 1105 47.55 82.30 -0.18
C ASP C 1105 46.73 81.11 0.28
N ASN C 1106 46.26 81.09 1.52
CA ASN C 1106 45.46 79.99 2.01
C ASN C 1106 43.99 80.37 2.22
N THR C 1107 43.56 81.49 1.64
CA THR C 1107 42.17 81.91 1.70
C THR C 1107 41.74 82.40 0.32
N PHE C 1108 40.43 82.43 0.10
CA PHE C 1108 39.87 83.01 -1.11
C PHE C 1108 38.69 83.90 -0.77
N VAL C 1109 38.45 84.89 -1.62
CA VAL C 1109 37.47 85.94 -1.39
C VAL C 1109 36.21 85.63 -2.18
N SER C 1110 35.06 85.89 -1.58
CA SER C 1110 33.79 85.68 -2.29
C SER C 1110 32.71 86.54 -1.63
N GLY C 1111 32.23 87.55 -2.35
CA GLY C 1111 31.05 88.27 -1.94
C GLY C 1111 31.30 89.34 -0.90
N ASN C 1112 30.18 89.89 -0.42
CA ASN C 1112 30.18 90.94 0.58
C ASN C 1112 30.33 90.33 1.97
N CYS C 1113 30.23 91.17 3.00
CA CYS C 1113 30.34 90.73 4.39
C CYS C 1113 29.01 90.68 5.12
N ASP C 1114 27.90 91.01 4.46
CA ASP C 1114 26.62 91.16 5.14
C ASP C 1114 25.73 89.93 5.03
N VAL C 1115 26.10 88.93 4.24
CA VAL C 1115 25.20 87.80 3.99
C VAL C 1115 25.51 86.58 4.85
N VAL C 1116 26.76 86.38 5.24
CA VAL C 1116 27.17 85.22 6.03
C VAL C 1116 26.92 85.51 7.50
N ILE C 1117 26.34 84.55 8.22
CA ILE C 1117 26.07 84.71 9.63
C ILE C 1117 27.15 84.00 10.43
N GLY C 1118 27.68 84.68 11.44
CA GLY C 1118 28.79 84.17 12.20
C GLY C 1118 30.15 84.70 11.80
N ILE C 1119 30.22 85.58 10.82
CA ILE C 1119 31.48 86.14 10.36
C ILE C 1119 32.11 86.98 11.46
N VAL C 1120 33.44 86.98 11.51
CA VAL C 1120 34.17 87.71 12.55
C VAL C 1120 35.19 88.63 11.89
N ASN C 1121 35.52 89.70 12.62
CA ASN C 1121 36.44 90.73 12.14
C ASN C 1121 37.87 90.31 12.48
N ASN C 1122 38.75 90.31 11.48
CA ASN C 1122 40.16 90.04 11.68
C ASN C 1122 40.93 90.52 10.46
N THR C 1123 42.25 90.35 10.51
CA THR C 1123 43.14 90.81 9.45
C THR C 1123 43.66 89.64 8.62
N VAL C 1124 43.92 89.92 7.35
CA VAL C 1124 44.46 88.94 6.42
C VAL C 1124 45.77 89.48 5.90
N TYR C 1125 46.86 88.77 6.18
CA TYR C 1125 48.20 89.25 5.86
C TYR C 1125 48.46 89.15 4.37
N ASP C 1126 49.19 90.13 3.83
CA ASP C 1126 49.55 90.16 2.43
C ASP C 1126 51.02 89.80 2.26
N PRO C 1127 51.36 88.75 1.54
CA PRO C 1127 52.75 88.30 1.45
C PRO C 1127 53.61 89.10 0.48
N LEU C 1128 53.09 90.20 -0.08
CA LEU C 1128 53.83 90.99 -1.05
C LEU C 1128 54.19 92.38 -0.53
N GLN C 1129 53.54 92.85 0.53
CA GLN C 1129 53.83 94.18 1.06
C GLN C 1129 55.29 94.38 1.47
N PRO C 1130 55.95 93.44 2.17
CA PRO C 1130 57.37 93.67 2.48
C PRO C 1130 58.25 93.84 1.26
N GLU C 1131 57.97 93.09 0.18
CA GLU C 1131 58.76 93.25 -1.04
C GLU C 1131 58.58 94.63 -1.64
N LEU C 1132 57.36 95.16 -1.62
CA LEU C 1132 57.11 96.51 -2.11
C LEU C 1132 57.80 97.56 -1.23
N ASP C 1133 57.73 97.37 0.09
CA ASP C 1133 58.33 98.35 1.00
C ASP C 1133 59.85 98.36 0.89
N SER C 1134 60.48 97.20 0.76
CA SER C 1134 61.94 97.15 0.66
C SER C 1134 62.47 97.69 -0.67
N PHE C 1135 61.59 97.96 -1.63
CA PHE C 1135 61.97 98.47 -2.94
C PHE C 1135 61.20 99.74 -3.26
N LYS C 1136 61.17 100.67 -2.30
CA LYS C 1136 60.55 101.96 -2.53
C LYS C 1136 61.33 102.77 -3.55
N VAL D 2 -26.30 -72.31 -59.74
CA VAL D 2 -27.51 -71.50 -59.84
C VAL D 2 -28.04 -71.53 -61.27
N GLN D 3 -29.36 -71.33 -61.41
CA GLN D 3 -29.99 -71.33 -62.72
C GLN D 3 -31.31 -70.59 -62.64
N LEU D 4 -31.43 -69.50 -63.38
CA LEU D 4 -32.64 -68.70 -63.45
C LEU D 4 -33.32 -68.92 -64.80
N VAL D 5 -34.58 -69.34 -64.77
CA VAL D 5 -35.34 -69.67 -65.97
C VAL D 5 -36.62 -68.84 -65.98
N GLU D 6 -36.94 -68.28 -67.15
CA GLU D 6 -38.09 -67.41 -67.31
C GLU D 6 -38.97 -67.92 -68.44
N SER D 7 -40.27 -67.64 -68.32
CA SER D 7 -41.24 -68.01 -69.35
C SER D 7 -42.43 -67.07 -69.27
N GLY D 8 -43.20 -67.04 -70.36
CA GLY D 8 -44.35 -66.17 -70.44
C GLY D 8 -44.33 -65.23 -71.62
N GLY D 9 -43.64 -65.63 -72.69
CA GLY D 9 -43.60 -64.82 -73.88
C GLY D 9 -44.91 -64.83 -74.64
N GLY D 10 -45.07 -63.84 -75.52
CA GLY D 10 -46.28 -63.73 -76.31
C GLY D 10 -46.07 -63.06 -77.65
N VAL D 11 -46.67 -63.63 -78.70
CA VAL D 11 -46.56 -63.05 -80.03
C VAL D 11 -47.20 -61.67 -80.08
N VAL D 12 -48.38 -61.52 -79.47
CA VAL D 12 -49.06 -60.23 -79.40
C VAL D 12 -49.96 -60.24 -78.17
N GLN D 13 -49.89 -59.17 -77.39
CA GLN D 13 -50.68 -59.03 -76.16
C GLN D 13 -51.26 -57.63 -76.10
N PRO D 14 -52.22 -57.31 -76.98
CA PRO D 14 -52.79 -55.95 -76.97
C PRO D 14 -53.81 -55.75 -75.86
N GLY D 15 -53.41 -55.06 -74.80
CA GLY D 15 -54.31 -54.80 -73.68
C GLY D 15 -54.83 -56.05 -73.03
N ARG D 16 -54.01 -57.08 -72.93
CA ARG D 16 -54.41 -58.39 -72.42
C ARG D 16 -53.73 -58.66 -71.08
N SER D 17 -53.98 -59.85 -70.55
CA SER D 17 -53.43 -60.28 -69.27
C SER D 17 -52.30 -61.27 -69.52
N LEU D 18 -51.15 -61.01 -68.90
CA LEU D 18 -49.99 -61.88 -69.01
C LEU D 18 -49.53 -62.29 -67.63
N ARG D 19 -49.07 -63.54 -67.52
CA ARG D 19 -48.57 -64.08 -66.26
C ARG D 19 -47.20 -64.67 -66.50
N LEU D 20 -46.17 -63.83 -66.41
CA LEU D 20 -44.79 -64.27 -66.57
C LEU D 20 -44.35 -65.02 -65.32
N SER D 21 -43.50 -66.03 -65.51
CA SER D 21 -43.05 -66.87 -64.41
C SER D 21 -41.55 -67.07 -64.50
N CYS D 22 -40.84 -66.77 -63.41
CA CYS D 22 -39.41 -67.05 -63.32
C CYS D 22 -39.13 -67.87 -62.08
N ALA D 23 -38.30 -68.89 -62.23
CA ALA D 23 -37.98 -69.84 -61.17
C ALA D 23 -36.51 -69.70 -60.77
N ALA D 24 -36.26 -69.88 -59.48
CA ALA D 24 -34.91 -69.80 -58.93
C ALA D 24 -34.51 -71.16 -58.36
N SER D 25 -33.41 -71.70 -58.87
CA SER D 25 -32.91 -72.98 -58.41
C SER D 25 -31.40 -72.90 -58.28
N GLY D 26 -30.83 -73.70 -57.38
CA GLY D 26 -29.42 -73.66 -57.08
C GLY D 26 -29.04 -72.73 -55.94
N PHE D 27 -29.98 -71.92 -55.46
CA PHE D 27 -29.73 -71.05 -54.31
C PHE D 27 -31.04 -70.86 -53.56
N THR D 28 -30.92 -70.46 -52.29
CA THR D 28 -32.08 -70.32 -51.42
C THR D 28 -33.03 -69.25 -51.95
N PHE D 29 -34.25 -69.66 -52.30
CA PHE D 29 -35.24 -68.73 -52.83
C PHE D 29 -35.86 -67.87 -51.74
N SER D 30 -35.92 -68.37 -50.50
CA SER D 30 -36.57 -67.65 -49.42
C SER D 30 -35.66 -66.65 -48.71
N SER D 31 -34.35 -66.73 -48.91
CA SER D 31 -33.41 -65.87 -48.21
C SER D 31 -33.01 -64.64 -49.02
N TYR D 32 -33.58 -64.46 -50.21
CA TYR D 32 -33.18 -63.35 -51.07
C TYR D 32 -34.42 -62.67 -51.65
N ALA D 33 -34.27 -61.39 -51.97
CA ALA D 33 -35.25 -60.64 -52.72
C ALA D 33 -34.99 -60.78 -54.22
N PHE D 34 -35.93 -60.32 -55.03
CA PHE D 34 -35.85 -60.49 -56.47
C PHE D 34 -36.29 -59.21 -57.18
N HIS D 35 -35.80 -59.07 -58.41
CA HIS D 35 -36.07 -57.90 -59.24
C HIS D 35 -36.56 -58.37 -60.60
N TRP D 36 -37.41 -57.55 -61.22
CA TRP D 36 -37.78 -57.72 -62.63
C TRP D 36 -37.24 -56.54 -63.40
N VAL D 37 -36.21 -56.78 -64.21
CA VAL D 37 -35.46 -55.73 -64.89
C VAL D 37 -35.65 -55.92 -66.39
N ARG D 38 -36.24 -54.92 -67.04
CA ARG D 38 -36.54 -55.00 -68.46
C ARG D 38 -35.39 -54.45 -69.31
N GLN D 39 -35.55 -54.55 -70.62
CA GLN D 39 -34.60 -54.01 -71.58
C GLN D 39 -35.29 -53.85 -72.92
N ALA D 40 -35.29 -52.63 -73.45
CA ALA D 40 -35.97 -52.34 -74.69
C ALA D 40 -35.23 -52.99 -75.86
N PRO D 41 -35.92 -53.24 -76.99
CA PRO D 41 -35.26 -53.90 -78.13
C PRO D 41 -34.23 -53.02 -78.79
N GLY D 42 -33.05 -52.91 -78.18
CA GLY D 42 -31.96 -52.12 -78.70
C GLY D 42 -31.57 -50.92 -77.85
N LYS D 43 -32.31 -50.62 -76.79
CA LYS D 43 -32.01 -49.49 -75.91
C LYS D 43 -31.33 -50.00 -74.64
N GLY D 44 -31.17 -49.12 -73.67
CA GLY D 44 -30.49 -49.45 -72.43
C GLY D 44 -31.28 -50.37 -71.51
N LEU D 45 -31.02 -50.27 -70.21
CA LEU D 45 -31.57 -51.17 -69.21
C LEU D 45 -32.52 -50.40 -68.29
N GLU D 46 -33.67 -51.00 -68.00
CA GLU D 46 -34.68 -50.40 -67.14
C GLU D 46 -35.21 -51.43 -66.15
N TRP D 47 -35.70 -50.93 -65.02
CA TRP D 47 -36.26 -51.76 -63.95
C TRP D 47 -37.73 -51.40 -63.73
N VAL D 48 -38.57 -52.42 -63.61
CA VAL D 48 -40.02 -52.19 -63.56
C VAL D 48 -40.63 -52.64 -62.23
N ALA D 49 -40.07 -53.66 -61.59
CA ALA D 49 -40.73 -54.22 -60.42
C ALA D 49 -39.71 -54.90 -59.52
N VAL D 50 -39.97 -54.78 -58.20
CA VAL D 50 -39.13 -55.42 -57.19
C VAL D 50 -40.04 -56.15 -56.20
N ILE D 51 -39.50 -57.22 -55.60
CA ILE D 51 -40.20 -57.96 -54.56
C ILE D 51 -39.23 -58.19 -53.41
N SER D 52 -39.72 -58.00 -52.19
CA SER D 52 -38.87 -58.12 -51.01
C SER D 52 -38.66 -59.60 -50.65
N TYR D 53 -37.85 -59.83 -49.62
CA TYR D 53 -37.53 -61.20 -49.22
C TYR D 53 -38.76 -61.91 -48.67
N ASP D 54 -39.59 -61.21 -47.91
CA ASP D 54 -40.80 -61.78 -47.34
C ASP D 54 -42.04 -61.45 -48.16
N GLY D 55 -41.91 -60.71 -49.26
CA GLY D 55 -43.03 -60.35 -50.08
C GLY D 55 -43.83 -59.16 -49.60
N SER D 56 -43.43 -58.53 -48.50
CA SER D 56 -44.20 -57.41 -47.98
C SER D 56 -44.01 -56.16 -48.82
N ASN D 57 -42.77 -55.85 -49.22
CA ASN D 57 -42.44 -54.64 -49.93
C ASN D 57 -42.34 -54.91 -51.43
N GLN D 58 -43.18 -54.23 -52.21
CA GLN D 58 -43.13 -54.28 -53.67
C GLN D 58 -43.18 -52.86 -54.20
N TYR D 59 -42.23 -52.53 -55.07
CA TYR D 59 -42.15 -51.20 -55.66
C TYR D 59 -41.96 -51.30 -57.16
N TYR D 60 -42.50 -50.32 -57.87
CA TYR D 60 -42.52 -50.30 -59.32
C TYR D 60 -42.04 -48.94 -59.82
N ALA D 61 -41.96 -48.81 -61.14
CA ALA D 61 -41.57 -47.55 -61.75
C ALA D 61 -42.74 -46.56 -61.75
N ASP D 62 -42.44 -45.31 -62.11
CA ASP D 62 -43.47 -44.28 -62.13
C ASP D 62 -44.55 -44.61 -63.16
N SER D 63 -44.15 -45.07 -64.34
CA SER D 63 -45.08 -45.47 -65.38
C SER D 63 -45.48 -46.94 -65.29
N VAL D 64 -44.96 -47.66 -64.30
CA VAL D 64 -45.27 -49.07 -64.11
C VAL D 64 -46.19 -49.29 -62.92
N LYS D 65 -46.02 -48.52 -61.85
CA LYS D 65 -46.87 -48.67 -60.67
C LYS D 65 -48.31 -48.32 -61.01
N GLY D 66 -49.25 -49.05 -60.39
CA GLY D 66 -50.65 -48.86 -60.62
C GLY D 66 -51.26 -49.69 -61.73
N ARG D 67 -50.43 -50.38 -62.52
CA ARG D 67 -50.92 -51.21 -63.61
C ARG D 67 -50.33 -52.62 -63.65
N PHE D 68 -49.11 -52.83 -63.15
CA PHE D 68 -48.48 -54.14 -63.15
C PHE D 68 -48.40 -54.66 -61.72
N THR D 69 -48.13 -55.96 -61.60
CA THR D 69 -48.09 -56.59 -60.28
C THR D 69 -46.98 -57.63 -60.24
N ILE D 70 -46.48 -57.90 -59.03
CA ILE D 70 -45.48 -58.92 -58.78
C ILE D 70 -45.94 -59.80 -57.64
N SER D 71 -45.43 -61.03 -57.61
CA SER D 71 -45.74 -61.96 -56.53
C SER D 71 -44.69 -63.05 -56.51
N ARG D 72 -44.64 -63.79 -55.40
CA ARG D 72 -43.67 -64.87 -55.23
C ARG D 72 -44.29 -66.00 -54.43
N ASP D 73 -43.66 -67.18 -54.51
CA ASP D 73 -44.14 -68.36 -53.81
C ASP D 73 -42.95 -69.23 -53.46
N ASN D 74 -42.75 -69.47 -52.16
CA ASN D 74 -41.65 -70.28 -51.67
C ASN D 74 -41.92 -71.78 -51.71
N SER D 75 -43.18 -72.19 -51.87
CA SER D 75 -43.48 -73.61 -51.97
C SER D 75 -42.90 -74.19 -53.26
N LYS D 76 -43.14 -73.54 -54.39
CA LYS D 76 -42.57 -73.92 -55.67
C LYS D 76 -41.23 -73.25 -55.93
N ASN D 77 -40.79 -72.35 -55.05
CA ASN D 77 -39.57 -71.57 -55.26
C ASN D 77 -39.62 -70.82 -56.58
N THR D 78 -40.78 -70.22 -56.87
CA THR D 78 -41.01 -69.58 -58.16
C THR D 78 -41.80 -68.29 -57.93
N LEU D 79 -41.58 -67.30 -58.78
CA LEU D 79 -42.27 -66.03 -58.65
C LEU D 79 -42.86 -65.58 -59.98
N TYR D 80 -43.90 -64.77 -59.89
CA TYR D 80 -44.78 -64.44 -61.00
C TYR D 80 -44.88 -62.93 -61.16
N LEU D 81 -45.17 -62.52 -62.39
CA LEU D 81 -45.42 -61.13 -62.74
C LEU D 81 -46.73 -61.05 -63.50
N GLN D 82 -47.63 -60.19 -63.03
CA GLN D 82 -48.91 -59.94 -63.66
C GLN D 82 -48.83 -58.67 -64.50
N MET D 83 -49.20 -58.80 -65.78
CA MET D 83 -49.02 -57.76 -66.79
C MET D 83 -50.40 -57.42 -67.35
N ASN D 84 -50.90 -56.23 -67.01
CA ASN D 84 -52.21 -55.78 -67.44
C ASN D 84 -52.12 -54.34 -67.93
N SER D 85 -53.17 -53.90 -68.64
CA SER D 85 -53.22 -52.59 -69.27
C SER D 85 -52.05 -52.40 -70.23
N LEU D 86 -52.03 -53.26 -71.26
CA LEU D 86 -50.93 -53.31 -72.21
C LEU D 86 -51.17 -52.35 -73.36
N ARG D 87 -50.15 -51.55 -73.68
CA ARG D 87 -50.18 -50.64 -74.80
C ARG D 87 -49.41 -51.23 -75.97
N ALA D 88 -49.21 -50.43 -77.02
CA ALA D 88 -48.42 -50.86 -78.16
C ALA D 88 -46.94 -50.55 -78.01
N ASP D 89 -46.55 -49.87 -76.93
CA ASP D 89 -45.15 -49.51 -76.69
C ASP D 89 -44.56 -50.29 -75.52
N ASP D 90 -45.14 -51.45 -75.21
CA ASP D 90 -44.68 -52.28 -74.10
C ASP D 90 -43.74 -53.39 -74.54
N THR D 91 -43.27 -53.36 -75.78
CA THR D 91 -42.35 -54.38 -76.26
C THR D 91 -40.98 -54.19 -75.62
N ALA D 92 -40.51 -55.22 -74.90
CA ALA D 92 -39.23 -55.17 -74.21
C ALA D 92 -38.74 -56.60 -74.00
N VAL D 93 -37.61 -56.73 -73.30
CA VAL D 93 -37.02 -58.02 -72.96
C VAL D 93 -36.90 -58.04 -71.45
N TYR D 94 -37.80 -58.75 -70.78
CA TYR D 94 -37.86 -58.75 -69.33
C TYR D 94 -37.00 -59.87 -68.75
N TYR D 95 -36.26 -59.53 -67.69
CA TYR D 95 -35.36 -60.44 -67.01
C TYR D 95 -35.73 -60.54 -65.54
N CYS D 96 -35.43 -61.68 -64.94
CA CYS D 96 -35.72 -61.93 -63.52
C CYS D 96 -34.42 -62.17 -62.79
N ALA D 97 -34.05 -61.24 -61.91
CA ALA D 97 -32.71 -61.24 -61.32
C ALA D 97 -32.73 -61.20 -59.80
N ARG D 98 -31.54 -61.35 -59.20
CA ARG D 98 -31.40 -61.44 -57.75
C ARG D 98 -30.57 -60.26 -57.24
N ASP D 99 -30.87 -59.82 -56.02
CA ASP D 99 -30.11 -58.79 -55.35
C ASP D 99 -28.77 -59.32 -54.85
N LEU D 100 -27.99 -58.42 -54.26
CA LEU D 100 -26.77 -58.77 -53.55
C LEU D 100 -27.00 -58.58 -52.05
N ALA D 101 -26.73 -59.62 -51.27
CA ALA D 101 -26.84 -59.56 -49.81
C ALA D 101 -25.42 -59.58 -49.26
N ILE D 102 -24.98 -58.46 -48.72
CA ILE D 102 -23.62 -58.30 -48.20
C ILE D 102 -23.66 -58.42 -46.68
N ALA D 103 -22.82 -59.31 -46.14
CA ALA D 103 -22.78 -59.56 -44.70
C ALA D 103 -21.72 -58.67 -44.07
N VAL D 104 -22.15 -57.77 -43.21
CA VAL D 104 -21.25 -56.93 -42.41
C VAL D 104 -21.67 -57.06 -40.95
N ALA D 105 -20.75 -57.52 -40.11
CA ALA D 105 -20.98 -57.69 -38.68
C ALA D 105 -22.22 -58.55 -38.42
N GLY D 106 -22.43 -59.56 -39.25
CA GLY D 106 -23.57 -60.45 -39.10
C GLY D 106 -24.87 -59.93 -39.64
N THR D 107 -24.89 -58.74 -40.23
CA THR D 107 -26.11 -58.15 -40.78
C THR D 107 -26.06 -58.20 -42.30
N TRP D 108 -27.18 -58.59 -42.91
CA TRP D 108 -27.27 -58.71 -44.35
C TRP D 108 -27.89 -57.46 -44.95
N HIS D 109 -27.15 -56.81 -45.86
CA HIS D 109 -27.61 -55.62 -46.54
C HIS D 109 -28.04 -55.99 -47.95
N TYR D 110 -29.24 -55.57 -48.33
CA TYR D 110 -29.87 -55.86 -49.61
C TYR D 110 -29.95 -54.58 -50.44
N TYR D 111 -30.54 -54.73 -51.63
CA TYR D 111 -30.85 -53.62 -52.53
C TYR D 111 -29.60 -52.80 -52.86
N ASN D 112 -28.54 -53.52 -53.20
CA ASN D 112 -27.25 -52.90 -53.51
C ASN D 112 -26.76 -53.15 -54.92
N GLY D 113 -27.18 -54.22 -55.57
CA GLY D 113 -26.71 -54.50 -56.91
C GLY D 113 -27.29 -55.80 -57.43
N MET D 114 -26.84 -56.16 -58.63
CA MET D 114 -27.30 -57.35 -59.33
C MET D 114 -26.15 -58.33 -59.44
N ASP D 115 -26.42 -59.61 -59.18
CA ASP D 115 -25.39 -60.64 -59.24
C ASP D 115 -25.68 -61.71 -60.29
N VAL D 116 -26.87 -62.31 -60.27
CA VAL D 116 -27.20 -63.42 -61.15
C VAL D 116 -28.35 -62.99 -62.07
N TRP D 117 -28.17 -63.20 -63.37
CA TRP D 117 -29.16 -62.84 -64.38
C TRP D 117 -29.59 -64.09 -65.13
N GLY D 118 -30.89 -64.19 -65.39
CA GLY D 118 -31.42 -65.29 -66.17
C GLY D 118 -31.31 -65.05 -67.66
N GLN D 119 -31.80 -66.02 -68.43
CA GLN D 119 -31.82 -65.89 -69.89
C GLN D 119 -32.73 -64.76 -70.32
N GLY D 120 -33.91 -64.66 -69.71
CA GLY D 120 -34.84 -63.59 -70.00
C GLY D 120 -35.85 -64.00 -71.05
N THR D 121 -36.96 -63.27 -71.11
CA THR D 121 -38.02 -63.52 -72.09
C THR D 121 -38.38 -62.21 -72.76
N THR D 122 -38.46 -62.22 -74.09
CA THR D 122 -38.80 -61.04 -74.87
C THR D 122 -40.31 -61.00 -75.08
N VAL D 123 -40.97 -59.99 -74.51
CA VAL D 123 -42.41 -59.82 -74.64
C VAL D 123 -42.68 -58.66 -75.57
N THR D 124 -43.47 -58.91 -76.60
CA THR D 124 -43.75 -57.90 -77.62
C THR D 124 -45.25 -57.71 -77.79
N VAL D 125 -45.63 -56.58 -78.36
CA VAL D 125 -47.02 -56.23 -78.63
C VAL D 125 -47.11 -55.67 -80.03
N SER D 126 -48.32 -55.67 -80.58
CA SER D 126 -48.57 -55.16 -81.92
C SER D 126 -49.97 -54.57 -81.96
N SER D 127 -50.47 -54.31 -83.17
CA SER D 127 -51.78 -53.73 -83.36
C SER D 127 -52.74 -54.73 -84.00
N ASP E 1 -36.31 -37.57 -58.27
CA ASP E 1 -35.67 -38.63 -59.05
C ASP E 1 -34.18 -38.33 -59.23
N ILE E 2 -33.38 -39.39 -59.37
CA ILE E 2 -31.93 -39.26 -59.52
C ILE E 2 -31.56 -39.57 -60.96
N GLN E 3 -30.89 -38.63 -61.61
CA GLN E 3 -30.46 -38.78 -62.99
C GLN E 3 -28.94 -38.81 -63.04
N MET E 4 -28.39 -39.81 -63.72
CA MET E 4 -26.94 -39.99 -63.82
C MET E 4 -26.54 -40.12 -65.28
N THR E 5 -25.38 -39.55 -65.60
CA THR E 5 -24.83 -39.53 -66.95
C THR E 5 -23.54 -40.33 -66.99
N GLN E 6 -23.38 -41.12 -68.05
CA GLN E 6 -22.17 -41.93 -68.25
C GLN E 6 -21.46 -41.44 -69.49
N SER E 7 -20.16 -41.17 -69.36
CA SER E 7 -19.34 -40.64 -70.43
C SER E 7 -18.11 -41.51 -70.62
N PRO E 8 -17.57 -41.57 -71.84
CA PRO E 8 -18.05 -40.91 -73.06
C PRO E 8 -19.17 -41.69 -73.75
N SER E 9 -19.43 -41.36 -75.01
CA SER E 9 -20.45 -42.04 -75.81
C SER E 9 -19.93 -43.29 -76.49
N SER E 10 -18.87 -43.17 -77.30
CA SER E 10 -18.31 -44.33 -77.99
C SER E 10 -16.89 -43.98 -78.42
N VAL E 11 -15.92 -44.76 -77.96
CA VAL E 11 -14.51 -44.58 -78.30
C VAL E 11 -13.92 -45.93 -78.69
N SER E 12 -12.80 -45.88 -79.40
CA SER E 12 -12.13 -47.08 -79.90
C SER E 12 -10.78 -47.22 -79.22
N ALA E 13 -10.50 -48.42 -78.71
CA ALA E 13 -9.23 -48.70 -78.05
C ALA E 13 -9.04 -50.21 -77.97
N SER E 14 -7.81 -50.66 -78.23
CA SER E 14 -7.53 -52.09 -78.32
C SER E 14 -6.13 -52.37 -77.80
N VAL E 15 -5.90 -53.64 -77.45
CA VAL E 15 -4.62 -54.14 -76.96
C VAL E 15 -4.20 -53.33 -75.74
N GLY E 16 -3.10 -52.59 -75.85
CA GLY E 16 -2.57 -51.83 -74.73
C GLY E 16 -3.01 -50.38 -74.68
N ASP E 17 -4.31 -50.15 -74.54
CA ASP E 17 -4.85 -48.80 -74.44
C ASP E 17 -5.67 -48.65 -73.17
N ARG E 18 -5.40 -47.60 -72.42
CA ARG E 18 -6.09 -47.33 -71.16
C ARG E 18 -7.33 -46.48 -71.44
N VAL E 19 -8.46 -46.88 -70.84
CA VAL E 19 -9.71 -46.18 -71.02
C VAL E 19 -10.32 -45.83 -69.67
N ILE E 20 -11.02 -44.70 -69.64
CA ILE E 20 -11.66 -44.18 -68.44
C ILE E 20 -13.13 -43.93 -68.75
N ILE E 21 -14.02 -44.37 -67.87
CA ILE E 21 -15.45 -44.16 -68.00
C ILE E 21 -15.91 -43.41 -66.76
N THR E 22 -16.54 -42.25 -66.97
CA THR E 22 -16.96 -41.36 -65.90
C THR E 22 -18.46 -41.48 -65.68
N CYS E 23 -18.87 -41.52 -64.41
CA CYS E 23 -20.27 -41.65 -64.03
C CYS E 23 -20.61 -40.51 -63.08
N ARG E 24 -21.41 -39.56 -63.56
CA ARG E 24 -21.77 -38.37 -62.79
C ARG E 24 -23.23 -38.45 -62.36
N ALA E 25 -23.46 -38.42 -61.06
CA ALA E 25 -24.80 -38.52 -60.50
C ALA E 25 -25.30 -37.15 -60.08
N SER E 26 -26.60 -36.92 -60.23
CA SER E 26 -27.19 -35.64 -59.86
C SER E 26 -27.05 -35.37 -58.37
N GLN E 27 -27.31 -36.38 -57.56
CA GLN E 27 -27.17 -36.28 -56.11
C GLN E 27 -25.90 -36.99 -55.66
N GLY E 28 -25.54 -36.77 -54.39
CA GLY E 28 -24.38 -37.44 -53.82
C GLY E 28 -24.75 -38.81 -53.29
N ILE E 29 -24.46 -39.84 -54.08
CA ILE E 29 -24.86 -41.20 -53.75
C ILE E 29 -23.73 -41.97 -53.06
N SER E 30 -22.73 -41.27 -52.53
CA SER E 30 -21.68 -41.85 -51.69
C SER E 30 -21.02 -43.01 -52.42
N SER E 31 -20.62 -44.05 -51.68
CA SER E 31 -20.05 -45.25 -52.29
C SER E 31 -21.14 -46.30 -52.53
N TRP E 32 -22.20 -45.90 -53.22
CA TRP E 32 -23.31 -46.79 -53.55
C TRP E 32 -23.45 -46.79 -55.07
N LEU E 33 -22.68 -47.66 -55.73
CA LEU E 33 -22.73 -47.78 -57.17
C LEU E 33 -22.19 -49.16 -57.56
N ALA E 34 -22.69 -49.67 -58.68
CA ALA E 34 -22.23 -50.93 -59.23
C ALA E 34 -21.99 -50.77 -60.72
N TRP E 35 -20.84 -51.26 -61.18
CA TRP E 35 -20.46 -51.18 -62.59
C TRP E 35 -20.65 -52.55 -63.23
N TYR E 36 -21.39 -52.58 -64.33
CA TYR E 36 -21.72 -53.81 -65.03
C TYR E 36 -21.08 -53.82 -66.41
N GLN E 37 -20.93 -55.02 -66.97
CA GLN E 37 -20.46 -55.21 -68.34
C GLN E 37 -21.49 -56.08 -69.06
N GLN E 38 -22.34 -55.43 -69.85
CA GLN E 38 -23.38 -56.12 -70.60
C GLN E 38 -22.92 -56.32 -72.04
N LYS E 39 -22.89 -57.58 -72.48
CA LYS E 39 -22.55 -57.87 -73.85
C LYS E 39 -23.67 -57.39 -74.78
N PRO E 40 -23.38 -57.18 -76.07
CA PRO E 40 -24.43 -56.72 -77.00
C PRO E 40 -25.62 -57.67 -77.09
N GLY E 41 -25.42 -58.96 -76.84
CA GLY E 41 -26.52 -59.90 -76.88
C GLY E 41 -26.59 -60.83 -75.69
N LYS E 42 -26.07 -60.38 -74.55
CA LYS E 42 -26.08 -61.19 -73.34
C LYS E 42 -26.47 -60.34 -72.14
N ALA E 43 -26.92 -61.01 -71.09
CA ALA E 43 -27.37 -60.33 -69.89
C ALA E 43 -26.19 -59.64 -69.19
N PRO E 44 -26.43 -58.49 -68.56
CA PRO E 44 -25.34 -57.78 -67.87
C PRO E 44 -24.74 -58.61 -66.75
N LYS E 45 -23.43 -58.46 -66.56
CA LYS E 45 -22.70 -59.12 -65.50
C LYS E 45 -22.01 -58.07 -64.64
N VAL E 46 -22.08 -58.26 -63.31
CA VAL E 46 -21.53 -57.25 -62.41
C VAL E 46 -20.01 -57.36 -62.36
N LEU E 47 -19.36 -56.20 -62.45
CA LEU E 47 -17.90 -56.11 -62.34
C LEU E 47 -17.47 -55.38 -61.08
N ILE E 48 -18.22 -54.37 -60.66
CA ILE E 48 -17.87 -53.55 -59.50
C ILE E 48 -19.08 -53.47 -58.58
N TYR E 49 -18.87 -53.84 -57.31
CA TYR E 49 -19.86 -53.66 -56.27
C TYR E 49 -19.29 -52.73 -55.20
N ASP E 50 -20.18 -52.01 -54.53
CA ASP E 50 -19.85 -50.99 -53.52
C ASP E 50 -19.08 -49.81 -54.11
N ALA E 51 -18.96 -49.73 -55.43
CA ALA E 51 -18.36 -48.65 -56.20
C ALA E 51 -16.85 -48.55 -56.00
N SER E 52 -16.25 -49.36 -55.13
CA SER E 52 -14.81 -49.33 -54.93
C SER E 52 -14.24 -50.74 -54.91
N SER E 53 -15.06 -51.70 -54.54
CA SER E 53 -14.64 -53.09 -54.44
C SER E 53 -14.74 -53.79 -55.80
N LEU E 54 -14.13 -54.97 -55.88
CA LEU E 54 -14.12 -55.77 -57.09
C LEU E 54 -14.79 -57.11 -56.80
N GLN E 55 -15.83 -57.42 -57.57
CA GLN E 55 -16.58 -58.65 -57.39
C GLN E 55 -15.70 -59.87 -57.69
N SER E 56 -15.81 -60.89 -56.86
CA SER E 56 -15.01 -62.10 -57.02
C SER E 56 -15.29 -62.74 -58.38
N GLY E 57 -14.22 -63.11 -59.08
CA GLY E 57 -14.29 -63.67 -60.42
C GLY E 57 -14.01 -62.66 -61.52
N VAL E 58 -14.12 -61.37 -61.21
CA VAL E 58 -13.80 -60.33 -62.20
C VAL E 58 -12.28 -60.19 -62.30
N PRO E 59 -11.71 -60.08 -63.50
CA PRO E 59 -10.26 -59.86 -63.60
C PRO E 59 -9.85 -58.55 -62.96
N SER E 60 -8.61 -58.53 -62.45
CA SER E 60 -8.10 -57.39 -61.71
C SER E 60 -7.85 -56.17 -62.59
N ARG E 61 -7.91 -56.30 -63.92
CA ARG E 61 -7.62 -55.18 -64.80
C ARG E 61 -8.62 -54.05 -64.60
N PHE E 62 -9.90 -54.37 -64.50
CA PHE E 62 -10.92 -53.36 -64.25
C PHE E 62 -10.74 -52.79 -62.85
N SER E 63 -10.81 -51.46 -62.73
CA SER E 63 -10.71 -50.80 -61.44
C SER E 63 -11.82 -49.77 -61.31
N GLY E 64 -12.28 -49.57 -60.09
CA GLY E 64 -13.34 -48.60 -59.84
C GLY E 64 -13.01 -47.75 -58.65
N SER E 65 -13.31 -46.46 -58.76
CA SER E 65 -13.04 -45.53 -57.66
C SER E 65 -13.87 -44.27 -57.85
N GLY E 66 -14.42 -43.79 -56.76
CA GLY E 66 -15.23 -42.58 -56.78
C GLY E 66 -16.14 -42.50 -55.58
N TYR E 67 -16.86 -41.37 -55.49
CA TYR E 67 -17.71 -41.12 -54.34
C TYR E 67 -18.58 -39.91 -54.64
N GLY E 68 -19.80 -39.93 -54.10
CA GLY E 68 -20.71 -38.81 -54.25
C GLY E 68 -21.14 -38.55 -55.67
N THR E 69 -20.64 -37.47 -56.26
CA THR E 69 -21.07 -37.06 -57.59
C THR E 69 -20.37 -37.84 -58.69
N ASP E 70 -19.06 -38.07 -58.54
CA ASP E 70 -18.24 -38.61 -59.62
C ASP E 70 -17.74 -40.01 -59.27
N PHE E 71 -17.80 -40.90 -60.27
CA PHE E 71 -17.22 -42.24 -60.19
C PHE E 71 -16.45 -42.51 -61.47
N THR E 72 -15.49 -43.43 -61.38
CA THR E 72 -14.58 -43.72 -62.48
C THR E 72 -14.33 -45.21 -62.56
N LEU E 73 -14.50 -45.76 -63.77
CA LEU E 73 -14.11 -47.12 -64.10
C LEU E 73 -12.94 -47.05 -65.07
N THR E 74 -11.79 -47.59 -64.67
CA THR E 74 -10.56 -47.48 -65.43
C THR E 74 -10.11 -48.88 -65.85
N ILE E 75 -9.76 -49.02 -67.12
CA ILE E 75 -9.23 -50.27 -67.66
C ILE E 75 -7.89 -49.98 -68.30
N SER E 76 -6.82 -50.55 -67.75
CA SER E 76 -5.48 -50.32 -68.29
C SER E 76 -5.27 -51.10 -69.58
N SER E 77 -5.74 -52.35 -69.63
CA SER E 77 -5.55 -53.23 -70.78
C SER E 77 -6.90 -53.67 -71.30
N LEU E 78 -7.16 -53.41 -72.58
CA LEU E 78 -8.39 -53.86 -73.23
C LEU E 78 -8.05 -55.03 -74.16
N GLN E 79 -8.06 -56.24 -73.59
CA GLN E 79 -7.91 -57.42 -74.41
C GLN E 79 -9.16 -57.61 -75.28
N PRO E 80 -9.00 -58.20 -76.48
CA PRO E 80 -10.14 -58.25 -77.42
C PRO E 80 -11.25 -59.19 -76.98
N GLU E 81 -11.74 -59.02 -75.75
CA GLU E 81 -12.92 -59.74 -75.28
C GLU E 81 -13.89 -58.84 -74.52
N ASP E 82 -13.51 -57.59 -74.23
CA ASP E 82 -14.35 -56.67 -73.48
C ASP E 82 -15.21 -55.80 -74.41
N SER E 83 -15.46 -56.28 -75.63
CA SER E 83 -16.26 -55.55 -76.60
C SER E 83 -17.72 -55.63 -76.17
N ALA E 84 -18.07 -54.77 -75.21
CA ALA E 84 -19.42 -54.75 -74.64
C ALA E 84 -19.72 -53.34 -74.18
N THR E 85 -20.79 -53.19 -73.40
CA THR E 85 -21.21 -51.91 -72.87
C THR E 85 -21.08 -51.91 -71.35
N TYR E 86 -20.93 -50.72 -70.77
CA TYR E 86 -20.75 -50.57 -69.33
C TYR E 86 -21.84 -49.67 -68.77
N TYR E 87 -22.43 -50.09 -67.65
CA TYR E 87 -23.54 -49.39 -67.04
C TYR E 87 -23.28 -49.17 -65.54
N CYS E 88 -23.77 -48.03 -65.05
CA CYS E 88 -23.83 -47.74 -63.64
C CYS E 88 -25.17 -48.22 -63.07
N GLN E 89 -25.34 -48.00 -61.77
CA GLN E 89 -26.62 -48.28 -61.11
C GLN E 89 -26.66 -47.52 -59.78
N GLN E 90 -27.66 -46.65 -59.63
CA GLN E 90 -27.84 -45.89 -58.40
C GLN E 90 -28.99 -46.51 -57.60
N ALA E 91 -28.74 -46.74 -56.30
CA ALA E 91 -29.70 -47.42 -55.45
C ALA E 91 -29.86 -46.75 -54.10
N LYS E 92 -29.66 -45.42 -54.03
CA LYS E 92 -29.89 -44.71 -52.78
C LYS E 92 -31.34 -44.79 -52.34
N SER E 93 -32.26 -44.57 -53.28
CA SER E 93 -33.69 -44.62 -52.99
C SER E 93 -34.44 -44.94 -54.26
N PHE E 94 -35.66 -45.46 -54.09
CA PHE E 94 -36.49 -45.79 -55.23
C PHE E 94 -36.95 -44.52 -55.94
N PRO E 95 -37.17 -44.58 -57.26
CA PRO E 95 -36.98 -45.74 -58.14
C PRO E 95 -35.58 -45.83 -58.72
N ILE E 96 -35.30 -46.90 -59.47
CA ILE E 96 -33.99 -47.11 -60.06
C ILE E 96 -33.97 -46.59 -61.48
N THR E 97 -33.02 -45.71 -61.79
CA THR E 97 -32.86 -45.12 -63.10
C THR E 97 -31.45 -45.35 -63.61
N PHE E 98 -31.35 -45.81 -64.86
CA PHE E 98 -30.08 -46.17 -65.47
C PHE E 98 -29.67 -45.15 -66.52
N GLY E 99 -28.37 -45.17 -66.86
CA GLY E 99 -27.83 -44.26 -67.84
C GLY E 99 -27.84 -44.81 -69.25
N GLN E 100 -27.27 -44.03 -70.17
CA GLN E 100 -27.27 -44.41 -71.58
C GLN E 100 -26.39 -45.63 -71.84
N GLY E 101 -25.16 -45.61 -71.35
CA GLY E 101 -24.24 -46.69 -71.60
C GLY E 101 -23.10 -46.28 -72.51
N THR E 102 -21.94 -46.91 -72.31
CA THR E 102 -20.73 -46.61 -73.05
C THR E 102 -20.27 -47.84 -73.81
N ARG E 103 -19.91 -47.66 -75.08
CA ARG E 103 -19.48 -48.76 -75.94
C ARG E 103 -18.02 -48.57 -76.33
N LEU E 104 -17.29 -49.68 -76.40
CA LEU E 104 -15.88 -49.67 -76.75
C LEU E 104 -15.65 -50.40 -78.07
N GLU E 105 -14.79 -49.82 -78.90
CA GLU E 105 -14.46 -50.36 -80.21
C GLU E 105 -12.99 -50.77 -80.24
N ILE E 106 -12.61 -51.52 -81.27
CA ILE E 106 -11.28 -52.11 -81.39
C ILE E 106 -10.53 -51.37 -82.49
N LYS E 107 -9.33 -50.89 -82.15
CA LYS E 107 -8.49 -50.19 -83.12
C LYS E 107 -7.62 -51.17 -83.90
N VAL F 2 -29.22 -50.30 45.70
CA VAL F 2 -29.02 -50.73 44.32
C VAL F 2 -29.04 -52.25 44.24
N GLN F 3 -29.69 -52.78 43.21
CA GLN F 3 -29.80 -54.22 43.03
C GLN F 3 -30.26 -54.51 41.61
N LEU F 4 -29.83 -55.66 41.07
CA LEU F 4 -30.21 -56.12 39.75
C LEU F 4 -30.75 -57.53 39.85
N VAL F 5 -31.79 -57.82 39.07
CA VAL F 5 -32.41 -59.13 39.04
C VAL F 5 -32.38 -59.66 37.61
N GLU F 6 -32.12 -60.96 37.48
CA GLU F 6 -31.98 -61.60 36.17
C GLU F 6 -32.78 -62.89 36.14
N SER F 7 -33.37 -63.18 34.99
CA SER F 7 -34.16 -64.38 34.81
C SER F 7 -34.22 -64.74 33.34
N GLY F 8 -34.70 -65.94 33.04
CA GLY F 8 -34.85 -66.38 31.67
C GLY F 8 -34.01 -67.58 31.32
N GLY F 9 -33.71 -68.43 32.30
CA GLY F 9 -32.90 -69.61 32.05
C GLY F 9 -33.61 -70.61 31.16
N GLY F 10 -32.82 -71.48 30.56
CA GLY F 10 -33.33 -72.50 29.66
C GLY F 10 -32.71 -73.85 29.94
N VAL F 11 -33.57 -74.83 30.20
CA VAL F 11 -33.10 -76.19 30.49
C VAL F 11 -32.45 -76.79 29.25
N VAL F 12 -33.03 -76.58 28.07
CA VAL F 12 -32.42 -76.98 26.80
C VAL F 12 -33.08 -76.17 25.70
N GLN F 13 -32.26 -75.61 24.81
CA GLN F 13 -32.75 -74.77 23.72
C GLN F 13 -32.04 -75.16 22.42
N PRO F 14 -32.34 -76.34 21.87
CA PRO F 14 -31.78 -76.71 20.57
C PRO F 14 -32.58 -76.11 19.43
N GLY F 15 -32.00 -75.13 18.77
CA GLY F 15 -32.70 -74.47 17.67
C GLY F 15 -34.00 -73.82 18.08
N ARG F 16 -34.00 -73.12 19.22
CA ARG F 16 -35.18 -72.47 19.76
C ARG F 16 -34.88 -71.01 20.04
N SER F 17 -35.91 -70.29 20.45
CA SER F 17 -35.80 -68.87 20.81
C SER F 17 -35.96 -68.73 22.32
N LEU F 18 -35.16 -67.84 22.91
CA LEU F 18 -35.15 -67.64 24.35
C LEU F 18 -35.17 -66.16 24.65
N ARG F 19 -35.62 -65.80 25.85
CA ARG F 19 -35.65 -64.40 26.28
C ARG F 19 -35.06 -64.29 27.68
N LEU F 20 -34.00 -63.50 27.81
CA LEU F 20 -33.39 -63.16 29.08
C LEU F 20 -33.83 -61.77 29.49
N SER F 21 -34.19 -61.62 30.76
CA SER F 21 -34.70 -60.35 31.27
C SER F 21 -33.96 -59.96 32.53
N CYS F 22 -33.46 -58.71 32.57
CA CYS F 22 -32.82 -58.18 33.76
C CYS F 22 -33.42 -56.82 34.09
N ALA F 23 -33.81 -56.65 35.35
CA ALA F 23 -34.41 -55.43 35.84
C ALA F 23 -33.54 -54.84 36.95
N ALA F 24 -33.75 -53.55 37.21
CA ALA F 24 -32.95 -52.78 38.15
C ALA F 24 -33.83 -52.15 39.21
N SER F 25 -33.26 -51.98 40.41
CA SER F 25 -33.96 -51.30 41.48
C SER F 25 -32.93 -50.54 42.32
N GLY F 26 -33.39 -49.48 42.98
CA GLY F 26 -32.54 -48.68 43.84
C GLY F 26 -31.85 -47.52 43.17
N PHE F 27 -31.95 -47.40 41.84
CA PHE F 27 -31.32 -46.30 41.13
C PHE F 27 -32.10 -46.05 39.84
N THR F 28 -31.73 -44.99 39.14
CA THR F 28 -32.39 -44.62 37.90
C THR F 28 -31.94 -45.54 36.77
N PHE F 29 -32.90 -46.10 36.04
CA PHE F 29 -32.56 -47.03 34.97
C PHE F 29 -32.26 -46.31 33.66
N SER F 30 -32.74 -45.08 33.50
CA SER F 30 -32.60 -44.35 32.24
C SER F 30 -31.28 -43.61 32.11
N SER F 31 -30.59 -43.32 33.20
CA SER F 31 -29.41 -42.48 33.19
C SER F 31 -28.11 -43.26 33.07
N TYR F 32 -28.17 -44.51 32.62
CA TYR F 32 -26.98 -45.35 32.51
C TYR F 32 -27.14 -46.31 31.33
N ALA F 33 -26.02 -46.59 30.68
CA ALA F 33 -25.96 -47.61 29.64
C ALA F 33 -25.68 -48.97 30.29
N PHE F 34 -25.96 -50.04 29.55
CA PHE F 34 -25.90 -51.37 30.13
C PHE F 34 -25.19 -52.37 29.21
N HIS F 35 -24.70 -53.43 29.84
CA HIS F 35 -23.94 -54.48 29.19
C HIS F 35 -24.55 -55.83 29.54
N TRP F 36 -24.54 -56.73 28.56
CA TRP F 36 -24.81 -58.15 28.79
C TRP F 36 -23.49 -58.90 28.68
N VAL F 37 -23.23 -59.77 29.65
CA VAL F 37 -21.93 -60.41 29.81
C VAL F 37 -22.14 -61.93 29.82
N ARG F 38 -21.28 -62.64 29.12
CA ARG F 38 -21.35 -64.10 29.07
C ARG F 38 -20.14 -64.70 29.79
N GLN F 39 -20.37 -65.82 30.47
CA GLN F 39 -19.30 -66.54 31.14
C GLN F 39 -19.44 -68.03 30.84
N ALA F 40 -18.42 -68.59 30.18
CA ALA F 40 -18.42 -70.00 29.86
C ALA F 40 -18.21 -70.83 31.13
N PRO F 41 -18.58 -72.12 31.11
CA PRO F 41 -18.41 -72.94 32.31
C PRO F 41 -16.96 -73.21 32.64
N GLY F 42 -16.29 -72.22 33.23
CA GLY F 42 -14.91 -72.35 33.66
C GLY F 42 -13.90 -71.60 32.82
N LYS F 43 -14.33 -70.88 31.79
CA LYS F 43 -13.43 -70.14 30.92
C LYS F 43 -13.47 -68.65 31.27
N GLY F 44 -12.81 -67.84 30.45
CA GLY F 44 -12.75 -66.42 30.69
C GLY F 44 -14.09 -65.74 30.43
N LEU F 45 -14.22 -64.54 30.99
CA LEU F 45 -15.44 -63.77 30.90
C LEU F 45 -15.60 -63.20 29.50
N GLU F 46 -16.85 -63.12 29.03
CA GLU F 46 -17.13 -62.77 27.64
C GLU F 46 -18.19 -61.68 27.57
N TRP F 47 -18.20 -60.97 26.44
CA TRP F 47 -19.11 -59.87 26.18
C TRP F 47 -19.92 -60.17 24.93
N VAL F 48 -21.22 -59.87 24.98
CA VAL F 48 -22.10 -60.23 23.86
C VAL F 48 -22.79 -59.02 23.24
N ALA F 49 -23.08 -58.00 24.04
CA ALA F 49 -23.84 -56.86 23.52
C ALA F 49 -23.75 -55.69 24.50
N VAL F 50 -23.98 -54.50 23.96
CA VAL F 50 -24.04 -53.27 24.75
C VAL F 50 -25.18 -52.39 24.25
N ILE F 51 -25.92 -51.82 25.21
CA ILE F 51 -27.02 -50.90 24.94
C ILE F 51 -26.68 -49.56 25.58
N SER F 52 -26.99 -48.47 24.87
CA SER F 52 -26.68 -47.13 25.37
C SER F 52 -27.81 -46.61 26.24
N TYR F 53 -27.54 -45.47 26.89
CA TYR F 53 -28.54 -44.87 27.78
C TYR F 53 -29.77 -44.41 27.00
N ASP F 54 -29.56 -43.81 25.82
CA ASP F 54 -30.67 -43.39 24.98
C ASP F 54 -31.15 -44.47 24.03
N GLY F 55 -30.37 -45.53 23.83
CA GLY F 55 -30.72 -46.60 22.91
C GLY F 55 -30.41 -46.31 21.46
N SER F 56 -29.89 -45.13 21.13
CA SER F 56 -29.58 -44.81 19.74
C SER F 56 -28.52 -45.73 19.17
N ASN F 57 -27.50 -46.05 19.97
CA ASN F 57 -26.41 -46.91 19.54
C ASN F 57 -26.45 -48.22 20.33
N GLN F 58 -26.51 -49.33 19.61
CA GLN F 58 -26.44 -50.66 20.19
C GLN F 58 -25.38 -51.45 19.44
N TYR F 59 -24.60 -52.24 20.17
CA TYR F 59 -23.51 -52.97 19.53
C TYR F 59 -23.51 -54.43 19.97
N TYR F 60 -23.01 -55.28 19.08
CA TYR F 60 -22.99 -56.73 19.29
C TYR F 60 -21.57 -57.23 19.01
N ALA F 61 -21.40 -58.55 19.04
CA ALA F 61 -20.10 -59.17 18.82
C ALA F 61 -20.08 -59.89 17.47
N ASP F 62 -18.89 -60.41 17.13
CA ASP F 62 -18.71 -61.07 15.84
C ASP F 62 -19.57 -62.34 15.74
N SER F 63 -19.56 -63.17 16.78
CA SER F 63 -20.36 -64.38 16.82
C SER F 63 -21.78 -64.12 17.31
N VAL F 64 -22.04 -62.94 17.86
CA VAL F 64 -23.36 -62.59 18.37
C VAL F 64 -24.23 -61.95 17.29
N LYS F 65 -23.64 -61.10 16.44
CA LYS F 65 -24.41 -60.41 15.43
C LYS F 65 -24.99 -61.40 14.41
N GLY F 66 -26.25 -61.19 14.04
CA GLY F 66 -26.93 -62.01 13.08
C GLY F 66 -27.86 -63.04 13.68
N ARG F 67 -27.71 -63.36 14.96
CA ARG F 67 -28.56 -64.35 15.61
C ARG F 67 -29.13 -63.92 16.96
N PHE F 68 -28.49 -62.98 17.66
CA PHE F 68 -28.97 -62.50 18.95
C PHE F 68 -29.41 -61.05 18.84
N THR F 69 -30.24 -60.61 19.78
CA THR F 69 -30.76 -59.25 19.78
C THR F 69 -30.83 -58.74 21.21
N ILE F 70 -30.72 -57.43 21.38
CA ILE F 70 -30.83 -56.78 22.68
C ILE F 70 -31.85 -55.66 22.59
N SER F 71 -32.45 -55.32 23.74
CA SER F 71 -33.41 -54.24 23.80
C SER F 71 -33.55 -53.80 25.25
N ARG F 72 -34.18 -52.63 25.45
CA ARG F 72 -34.37 -52.08 26.77
C ARG F 72 -35.74 -51.41 26.86
N ASP F 73 -36.16 -51.15 28.10
CA ASP F 73 -37.40 -50.43 28.35
C ASP F 73 -37.28 -49.76 29.71
N ASN F 74 -37.37 -48.42 29.71
CA ASN F 74 -37.19 -47.65 30.93
C ASN F 74 -38.48 -47.49 31.72
N SER F 75 -39.64 -47.76 31.10
CA SER F 75 -40.89 -47.70 31.86
C SER F 75 -40.94 -48.78 32.93
N LYS F 76 -40.51 -49.99 32.59
CA LYS F 76 -40.46 -51.10 33.53
C LYS F 76 -39.09 -51.26 34.18
N ASN F 77 -38.12 -50.40 33.84
CA ASN F 77 -36.75 -50.49 34.34
C ASN F 77 -36.15 -51.86 34.04
N THR F 78 -36.41 -52.37 32.84
CA THR F 78 -36.03 -53.73 32.50
C THR F 78 -35.52 -53.79 31.07
N LEU F 79 -34.47 -54.57 30.85
CA LEU F 79 -33.95 -54.78 29.50
C LEU F 79 -33.76 -56.27 29.23
N TYR F 80 -33.87 -56.61 27.95
CA TYR F 80 -34.06 -57.99 27.52
C TYR F 80 -33.09 -58.34 26.41
N LEU F 81 -32.86 -59.65 26.28
CA LEU F 81 -32.01 -60.21 25.23
C LEU F 81 -32.77 -61.37 24.59
N GLN F 82 -32.92 -61.29 23.26
CA GLN F 82 -33.58 -62.34 22.49
C GLN F 82 -32.52 -63.25 21.86
N MET F 83 -32.77 -64.55 21.97
CA MET F 83 -31.81 -65.59 21.57
C MET F 83 -32.45 -66.40 20.45
N ASN F 84 -31.82 -66.42 19.29
CA ASN F 84 -32.34 -67.13 18.13
C ASN F 84 -31.24 -67.94 17.47
N SER F 85 -31.63 -69.09 16.90
CA SER F 85 -30.71 -70.01 16.22
C SER F 85 -29.53 -70.38 17.12
N LEU F 86 -29.87 -71.04 18.21
CA LEU F 86 -28.90 -71.36 19.27
C LEU F 86 -28.20 -72.67 18.97
N ARG F 87 -26.88 -72.63 18.89
CA ARG F 87 -26.09 -73.84 18.72
C ARG F 87 -25.86 -74.53 20.06
N ALA F 88 -25.35 -75.75 20.00
CA ALA F 88 -25.12 -76.54 21.21
C ALA F 88 -24.00 -75.98 22.08
N ASP F 89 -23.19 -75.07 21.57
CA ASP F 89 -22.07 -74.48 22.31
C ASP F 89 -22.46 -73.16 22.97
N ASP F 90 -23.74 -72.95 23.24
CA ASP F 90 -24.24 -71.70 23.81
C ASP F 90 -24.50 -71.80 25.31
N THR F 91 -24.12 -72.90 25.95
CA THR F 91 -24.33 -73.05 27.38
C THR F 91 -23.35 -72.18 28.14
N ALA F 92 -23.87 -71.31 29.00
CA ALA F 92 -23.04 -70.35 29.72
C ALA F 92 -23.88 -69.74 30.85
N VAL F 93 -23.32 -68.72 31.49
CA VAL F 93 -24.01 -67.93 32.53
C VAL F 93 -24.03 -66.48 32.07
N TYR F 94 -25.21 -65.89 32.07
CA TYR F 94 -25.40 -64.52 31.59
C TYR F 94 -25.55 -63.55 32.75
N TYR F 95 -25.01 -62.35 32.55
CA TYR F 95 -24.99 -61.31 33.56
C TYR F 95 -25.48 -60.01 32.94
N CYS F 96 -26.12 -59.18 33.76
CA CYS F 96 -26.60 -57.88 33.34
C CYS F 96 -25.91 -56.82 34.21
N ALA F 97 -25.14 -55.93 33.58
CA ALA F 97 -24.25 -55.05 34.31
C ALA F 97 -24.39 -53.61 33.83
N ARG F 98 -23.94 -52.68 34.66
CA ARG F 98 -24.07 -51.25 34.43
C ARG F 98 -22.71 -50.66 34.07
N ASP F 99 -22.73 -49.49 33.45
CA ASP F 99 -21.50 -48.87 32.96
C ASP F 99 -21.04 -47.73 33.88
N LEU F 100 -19.73 -47.68 34.10
CA LEU F 100 -19.14 -46.59 34.87
C LEU F 100 -19.22 -45.29 34.08
N ALA F 101 -19.69 -44.24 34.75
CA ALA F 101 -19.80 -42.91 34.16
C ALA F 101 -18.98 -41.95 35.02
N ILE F 102 -17.99 -41.30 34.40
CA ILE F 102 -17.12 -40.37 35.10
C ILE F 102 -17.61 -38.95 34.84
N ALA F 103 -17.71 -38.16 35.90
CA ALA F 103 -18.17 -36.78 35.80
C ALA F 103 -16.95 -35.86 35.85
N VAL F 104 -16.61 -35.29 34.71
CA VAL F 104 -15.51 -34.33 34.59
C VAL F 104 -16.10 -32.99 34.17
N ALA F 105 -15.96 -31.99 35.03
CA ALA F 105 -16.50 -30.66 34.79
C ALA F 105 -17.99 -30.71 34.49
N GLY F 106 -18.69 -31.63 35.16
CA GLY F 106 -20.12 -31.78 34.98
C GLY F 106 -20.53 -32.60 33.77
N THR F 107 -19.58 -33.07 32.98
CA THR F 107 -19.87 -33.87 31.79
C THR F 107 -19.67 -35.34 32.12
N TRP F 108 -20.65 -36.16 31.75
CA TRP F 108 -20.63 -37.58 32.07
C TRP F 108 -20.02 -38.37 30.92
N HIS F 109 -19.22 -39.37 31.26
CA HIS F 109 -18.53 -40.18 30.27
C HIS F 109 -18.82 -41.64 30.54
N TYR F 110 -19.28 -42.36 29.51
CA TYR F 110 -19.73 -43.74 29.64
C TYR F 110 -18.65 -44.70 29.11
N TYR F 111 -19.03 -45.98 29.05
CA TYR F 111 -18.23 -47.02 28.40
C TYR F 111 -16.85 -47.15 29.04
N ASN F 112 -16.79 -46.95 30.36
CA ASN F 112 -15.53 -46.97 31.08
C ASN F 112 -15.23 -48.27 31.81
N GLY F 113 -16.24 -48.97 32.30
CA GLY F 113 -16.02 -50.22 33.00
C GLY F 113 -17.28 -50.67 33.71
N MET F 114 -17.18 -51.85 34.32
CA MET F 114 -18.30 -52.48 35.00
C MET F 114 -18.25 -52.10 36.47
N ASP F 115 -19.41 -51.72 37.02
CA ASP F 115 -19.53 -51.39 38.43
C ASP F 115 -20.47 -52.32 39.19
N VAL F 116 -21.68 -52.52 38.68
CA VAL F 116 -22.71 -53.32 39.35
C VAL F 116 -22.93 -54.59 38.54
N TRP F 117 -22.92 -55.74 39.22
CA TRP F 117 -23.15 -57.03 38.60
C TRP F 117 -24.40 -57.68 39.17
N GLY F 118 -25.14 -58.38 38.30
CA GLY F 118 -26.28 -59.16 38.71
C GLY F 118 -25.88 -60.53 39.22
N GLN F 119 -26.88 -61.29 39.68
CA GLN F 119 -26.61 -62.62 40.20
C GLN F 119 -26.09 -63.56 39.11
N GLY F 120 -26.68 -63.49 37.93
CA GLY F 120 -26.27 -64.35 36.84
C GLY F 120 -27.20 -65.52 36.63
N THR F 121 -27.78 -65.63 35.44
CA THR F 121 -28.71 -66.71 35.11
C THR F 121 -28.01 -67.71 34.20
N THR F 122 -28.05 -68.98 34.58
CA THR F 122 -27.42 -70.02 33.80
C THR F 122 -28.36 -70.49 32.70
N VAL F 123 -27.88 -70.49 31.46
CA VAL F 123 -28.64 -71.00 30.32
C VAL F 123 -27.83 -72.13 29.69
N THR F 124 -28.44 -73.31 29.61
CA THR F 124 -27.77 -74.48 29.06
C THR F 124 -28.53 -74.99 27.84
N VAL F 125 -27.78 -75.44 26.84
CA VAL F 125 -28.34 -75.94 25.59
C VAL F 125 -27.77 -77.33 25.33
N SER F 126 -28.60 -78.21 24.78
CA SER F 126 -28.20 -79.58 24.50
C SER F 126 -28.93 -80.04 23.24
N SER F 127 -28.95 -81.35 23.02
CA SER F 127 -29.64 -81.93 21.87
C SER F 127 -30.88 -82.69 22.32
N ASP G 1 -9.45 -55.00 16.07
CA ASP G 1 -9.41 -56.13 17.00
C ASP G 1 -8.26 -55.99 17.99
N ILE G 2 -8.58 -56.07 19.27
CA ILE G 2 -7.59 -55.91 20.33
C ILE G 2 -7.48 -57.23 21.09
N GLN G 3 -6.26 -57.72 21.24
CA GLN G 3 -6.00 -58.97 21.97
C GLN G 3 -5.19 -58.66 23.23
N MET G 4 -5.64 -59.20 24.35
CA MET G 4 -5.03 -58.96 25.65
C MET G 4 -4.28 -60.19 26.13
N THR G 5 -3.32 -59.98 27.03
CA THR G 5 -2.60 -61.06 27.67
C THR G 5 -2.38 -60.71 29.13
N GLN G 6 -2.37 -61.71 30.00
CA GLN G 6 -2.18 -61.50 31.44
C GLN G 6 -1.32 -62.61 32.01
N SER G 7 -0.42 -62.25 32.92
CA SER G 7 0.47 -63.18 33.58
C SER G 7 0.52 -62.86 35.06
N PRO G 8 0.72 -63.88 35.92
CA PRO G 8 0.93 -65.29 35.59
C PRO G 8 -0.36 -66.07 35.42
N SER G 9 -0.27 -67.41 35.50
CA SER G 9 -1.42 -68.28 35.37
C SER G 9 -1.89 -68.86 36.69
N SER G 10 -0.97 -69.29 37.55
CA SER G 10 -1.34 -69.86 38.85
C SER G 10 -0.13 -69.82 39.77
N VAL G 11 -0.26 -69.16 40.91
CA VAL G 11 0.77 -69.09 41.93
C VAL G 11 0.11 -69.15 43.30
N SER G 12 0.93 -69.20 44.34
CA SER G 12 0.44 -69.27 45.71
C SER G 12 1.29 -68.38 46.61
N ALA G 13 0.67 -67.85 47.66
CA ALA G 13 1.37 -67.00 48.61
C ALA G 13 0.64 -67.07 49.94
N SER G 14 1.36 -66.70 51.01
CA SER G 14 0.82 -66.81 52.36
C SER G 14 0.90 -65.46 53.08
N VAL G 15 -0.26 -64.98 53.50
CA VAL G 15 -0.40 -63.81 54.38
C VAL G 15 0.31 -62.60 53.77
N GLY G 16 1.49 -62.26 54.30
CA GLY G 16 2.19 -61.06 53.90
C GLY G 16 3.18 -61.26 52.78
N ASP G 17 2.69 -61.50 51.57
CA ASP G 17 3.55 -61.70 50.41
C ASP G 17 3.19 -60.70 49.32
N ARG G 18 4.21 -60.12 48.71
CA ARG G 18 4.04 -59.18 47.61
C ARG G 18 4.00 -59.97 46.30
N VAL G 19 2.95 -59.76 45.52
CA VAL G 19 2.77 -60.46 44.25
C VAL G 19 2.51 -59.45 43.15
N ILE G 20 2.89 -59.82 41.93
CA ILE G 20 2.84 -58.95 40.77
C ILE G 20 2.05 -59.64 39.66
N ILE G 21 1.22 -58.87 38.96
CA ILE G 21 0.49 -59.34 37.79
C ILE G 21 0.77 -58.37 36.65
N THR G 22 1.21 -58.91 35.52
CA THR G 22 1.57 -58.10 34.35
C THR G 22 0.50 -58.28 33.28
N CYS G 23 -0.11 -57.16 32.87
CA CYS G 23 -1.16 -57.17 31.87
C CYS G 23 -0.66 -56.41 30.65
N ARG G 24 -0.73 -57.06 29.48
CA ARG G 24 -0.17 -56.52 28.26
C ARG G 24 -1.24 -56.45 27.17
N ALA G 25 -1.22 -55.36 26.42
CA ALA G 25 -2.18 -55.13 25.35
C ALA G 25 -1.50 -55.30 24.00
N SER G 26 -2.32 -55.54 22.97
CA SER G 26 -1.78 -55.62 21.61
C SER G 26 -1.30 -54.25 21.13
N GLN G 27 -2.05 -53.21 21.47
CA GLN G 27 -1.69 -51.84 21.08
C GLN G 27 -1.71 -50.92 22.29
N GLY G 28 -1.56 -49.62 22.06
CA GLY G 28 -1.65 -48.65 23.13
C GLY G 28 -3.10 -48.31 23.46
N ILE G 29 -3.46 -48.46 24.72
CA ILE G 29 -4.83 -48.23 25.18
C ILE G 29 -4.92 -47.09 26.17
N SER G 30 -3.86 -46.29 26.30
CA SER G 30 -3.82 -45.13 27.18
C SER G 30 -4.18 -45.55 28.60
N SER G 31 -4.81 -44.66 29.36
CA SER G 31 -5.24 -44.98 30.72
C SER G 31 -6.69 -45.46 30.75
N TRP G 32 -7.00 -46.47 29.94
CA TRP G 32 -8.34 -47.06 29.89
C TRP G 32 -8.21 -48.57 30.10
N LEU G 33 -8.19 -48.97 31.37
CA LEU G 33 -8.08 -50.37 31.74
C LEU G 33 -8.97 -50.62 32.95
N ALA G 34 -9.44 -51.85 33.08
CA ALA G 34 -10.27 -52.25 34.21
C ALA G 34 -9.80 -53.59 34.74
N TRP G 35 -9.84 -53.71 36.06
CA TRP G 35 -9.49 -54.95 36.75
C TRP G 35 -10.76 -55.57 37.34
N TYR G 36 -10.65 -56.82 37.76
CA TYR G 36 -11.76 -57.55 38.35
C TYR G 36 -11.26 -58.52 39.41
N GLN G 37 -12.17 -58.90 40.30
CA GLN G 37 -11.89 -59.88 41.35
C GLN G 37 -13.12 -60.77 41.48
N GLN G 38 -13.03 -61.99 40.95
CA GLN G 38 -14.15 -62.93 40.92
C GLN G 38 -13.87 -64.11 41.83
N LYS G 39 -14.64 -64.22 42.90
CA LYS G 39 -14.65 -65.45 43.69
C LYS G 39 -15.22 -66.58 42.85
N PRO G 40 -14.75 -67.82 43.06
CA PRO G 40 -15.10 -68.90 42.14
C PRO G 40 -16.59 -69.11 41.94
N GLY G 41 -17.38 -68.97 43.00
CA GLY G 41 -18.83 -69.15 42.88
C GLY G 41 -19.61 -67.86 42.95
N LYS G 42 -18.94 -66.73 42.76
CA LYS G 42 -19.58 -65.43 42.91
C LYS G 42 -19.22 -64.53 41.74
N ALA G 43 -20.06 -63.51 41.53
CA ALA G 43 -19.87 -62.58 40.43
C ALA G 43 -18.58 -61.78 40.60
N PRO G 44 -17.94 -61.40 39.49
CA PRO G 44 -16.70 -60.61 39.60
C PRO G 44 -16.94 -59.25 40.21
N LYS G 45 -15.92 -58.75 40.90
CA LYS G 45 -15.94 -57.44 41.52
C LYS G 45 -14.83 -56.58 40.93
N VAL G 46 -15.19 -55.40 40.44
CA VAL G 46 -14.21 -54.50 39.85
C VAL G 46 -13.31 -53.93 40.94
N LEU G 47 -12.01 -53.91 40.68
CA LEU G 47 -11.01 -53.48 41.66
C LEU G 47 -10.46 -52.08 41.37
N ILE G 48 -9.93 -51.86 40.18
CA ILE G 48 -9.30 -50.60 39.82
C ILE G 48 -9.81 -50.17 38.46
N TYR G 49 -10.30 -48.93 38.37
CA TYR G 49 -10.74 -48.33 37.12
C TYR G 49 -9.84 -47.14 36.80
N ASP G 50 -9.79 -46.79 35.52
CA ASP G 50 -8.95 -45.72 34.99
C ASP G 50 -7.47 -46.02 35.12
N ALA G 51 -7.11 -47.24 35.54
CA ALA G 51 -5.76 -47.78 35.64
C ALA G 51 -4.90 -47.09 36.70
N SER G 52 -5.41 -46.05 37.36
CA SER G 52 -4.64 -45.40 38.43
C SER G 52 -5.50 -45.18 39.66
N SER G 53 -6.81 -45.05 39.47
CA SER G 53 -7.72 -44.84 40.59
C SER G 53 -8.24 -46.18 41.10
N LEU G 54 -8.65 -46.19 42.37
CA LEU G 54 -9.08 -47.41 43.03
C LEU G 54 -10.58 -47.32 43.33
N GLN G 55 -11.29 -48.40 43.06
CA GLN G 55 -12.73 -48.44 43.29
C GLN G 55 -13.05 -48.26 44.77
N SER G 56 -13.99 -47.37 45.07
CA SER G 56 -14.33 -47.05 46.44
C SER G 56 -14.86 -48.27 47.18
N GLY G 57 -14.10 -48.77 48.15
CA GLY G 57 -14.46 -49.94 48.95
C GLY G 57 -13.42 -51.04 48.89
N VAL G 58 -12.62 -51.07 47.84
CA VAL G 58 -11.56 -52.08 47.73
C VAL G 58 -10.46 -51.78 48.76
N PRO G 59 -9.95 -52.79 49.46
CA PRO G 59 -8.89 -52.52 50.45
C PRO G 59 -7.65 -51.93 49.80
N SER G 60 -6.98 -51.05 50.54
CA SER G 60 -5.80 -50.36 50.05
C SER G 60 -4.58 -51.27 49.91
N ARG G 61 -4.72 -52.57 50.20
CA ARG G 61 -3.61 -53.49 50.01
C ARG G 61 -3.22 -53.60 48.54
N PHE G 62 -4.22 -53.64 47.66
CA PHE G 62 -3.94 -53.72 46.22
C PHE G 62 -3.47 -52.39 45.68
N SER G 63 -2.75 -52.43 44.56
CA SER G 63 -2.36 -51.21 43.86
C SER G 63 -2.12 -51.58 42.40
N GLY G 64 -2.11 -50.57 41.54
CA GLY G 64 -1.88 -50.82 40.13
C GLY G 64 -1.55 -49.54 39.40
N SER G 65 -0.78 -49.69 38.33
CA SER G 65 -0.37 -48.53 37.54
C SER G 65 0.12 -48.99 36.18
N GLY G 66 0.09 -48.06 35.23
CA GLY G 66 0.56 -48.32 33.88
C GLY G 66 -0.11 -47.41 32.90
N TYR G 67 0.52 -47.29 31.73
CA TYR G 67 -0.01 -46.47 30.66
C TYR G 67 0.49 -47.02 29.33
N GLY G 68 -0.33 -46.89 28.29
CA GLY G 68 0.04 -47.38 26.98
C GLY G 68 -0.33 -48.83 26.77
N THR G 69 0.65 -49.72 26.96
CA THR G 69 0.44 -51.15 26.81
C THR G 69 0.69 -51.93 28.09
N ASP G 70 1.80 -51.68 28.77
CA ASP G 70 2.15 -52.42 29.97
C ASP G 70 1.37 -51.90 31.16
N PHE G 71 0.85 -52.83 31.98
CA PHE G 71 0.19 -52.48 33.22
C PHE G 71 0.61 -53.47 34.30
N THR G 72 0.75 -53.00 35.53
CA THR G 72 1.20 -53.81 36.64
C THR G 72 0.21 -53.67 37.80
N LEU G 73 -0.25 -54.81 38.31
CA LEU G 73 -1.13 -54.87 39.48
C LEU G 73 -0.39 -55.61 40.58
N THR G 74 -0.07 -54.89 41.66
CA THR G 74 0.75 -55.44 42.73
C THR G 74 -0.07 -55.49 44.02
N ILE G 75 -0.02 -56.65 44.68
CA ILE G 75 -0.70 -56.86 45.96
C ILE G 75 0.37 -57.00 47.03
N SER G 76 0.27 -56.16 48.07
CA SER G 76 1.27 -56.18 49.14
C SER G 76 1.09 -57.39 50.05
N SER G 77 -0.16 -57.73 50.38
CA SER G 77 -0.46 -58.84 51.27
C SER G 77 -1.63 -59.63 50.72
N LEU G 78 -1.49 -60.96 50.68
CA LEU G 78 -2.55 -61.86 50.26
C LEU G 78 -3.10 -62.56 51.49
N GLN G 79 -4.14 -61.96 52.09
CA GLN G 79 -4.85 -62.60 53.18
C GLN G 79 -5.63 -63.79 52.65
N PRO G 80 -6.00 -64.76 53.53
CA PRO G 80 -6.72 -65.96 53.07
C PRO G 80 -8.19 -65.70 52.76
N GLU G 81 -8.45 -64.60 52.04
CA GLU G 81 -9.76 -64.33 51.48
C GLU G 81 -9.65 -63.70 50.09
N ASP G 82 -8.44 -63.52 49.57
CA ASP G 82 -8.22 -62.91 48.27
C ASP G 82 -7.95 -63.94 47.18
N SER G 83 -8.09 -65.23 47.50
CA SER G 83 -7.84 -66.30 46.53
C SER G 83 -9.02 -66.33 45.56
N ALA G 84 -8.92 -65.48 44.53
CA ALA G 84 -9.97 -65.32 43.54
C ALA G 84 -9.32 -65.20 42.17
N THR G 85 -10.10 -64.81 41.18
CA THR G 85 -9.63 -64.64 39.81
C THR G 85 -9.70 -63.18 39.40
N TYR G 86 -8.87 -62.81 38.42
CA TYR G 86 -8.77 -61.44 37.94
C TYR G 86 -8.85 -61.44 36.42
N TYR G 87 -9.38 -60.35 35.86
CA TYR G 87 -9.54 -60.21 34.41
C TYR G 87 -9.21 -58.79 33.98
N CYS G 88 -8.47 -58.66 32.88
CA CYS G 88 -8.17 -57.37 32.28
C CYS G 88 -9.28 -56.96 31.32
N GLN G 89 -9.64 -55.68 31.36
CA GLN G 89 -10.62 -55.13 30.44
C GLN G 89 -10.03 -53.92 29.74
N GLN G 90 -10.11 -53.89 28.42
CA GLN G 90 -9.73 -52.72 27.64
C GLN G 90 -10.98 -51.91 27.30
N ALA G 91 -10.79 -50.59 27.19
CA ALA G 91 -11.85 -49.68 26.80
C ALA G 91 -11.48 -48.91 25.54
N LYS G 92 -10.50 -49.42 24.79
CA LYS G 92 -10.03 -48.73 23.60
C LYS G 92 -11.11 -48.61 22.55
N SER G 93 -11.85 -49.69 22.31
CA SER G 93 -12.93 -49.70 21.32
C SER G 93 -13.72 -50.98 21.48
N PHE G 94 -14.86 -51.03 20.77
CA PHE G 94 -15.67 -52.24 20.73
C PHE G 94 -15.13 -53.21 19.69
N PRO G 95 -15.27 -54.53 19.92
CA PRO G 95 -15.91 -55.14 21.09
C PRO G 95 -14.99 -55.17 22.31
N ILE G 96 -15.59 -55.17 23.51
CA ILE G 96 -14.80 -55.25 24.72
C ILE G 96 -14.21 -56.65 24.86
N THR G 97 -12.89 -56.73 24.96
CA THR G 97 -12.18 -57.99 25.06
C THR G 97 -11.63 -58.15 26.47
N PHE G 98 -11.91 -59.30 27.08
CA PHE G 98 -11.50 -59.58 28.44
C PHE G 98 -10.25 -60.46 28.46
N GLY G 99 -9.55 -60.44 29.60
CA GLY G 99 -8.38 -61.27 29.78
C GLY G 99 -8.73 -62.72 30.04
N GLN G 100 -7.70 -63.58 29.87
CA GLN G 100 -7.91 -65.01 30.11
C GLN G 100 -8.22 -65.31 31.56
N GLY G 101 -7.50 -64.70 32.48
CA GLY G 101 -7.74 -64.93 33.89
C GLY G 101 -6.48 -65.34 34.63
N THR G 102 -6.40 -64.95 35.90
CA THR G 102 -5.28 -65.30 36.78
C THR G 102 -5.84 -65.91 38.06
N ARG G 103 -5.31 -67.06 38.45
CA ARG G 103 -5.78 -67.78 39.63
C ARG G 103 -4.72 -67.72 40.71
N LEU G 104 -5.14 -67.38 41.92
CA LEU G 104 -4.27 -67.31 43.09
C LEU G 104 -4.62 -68.41 44.08
N GLU G 105 -3.67 -68.73 44.95
CA GLU G 105 -3.83 -69.74 45.98
C GLU G 105 -3.33 -69.17 47.31
N ILE G 106 -3.49 -69.95 48.37
CA ILE G 106 -3.04 -69.56 49.71
C ILE G 106 -2.06 -70.61 50.18
N LYS G 107 -0.87 -70.18 50.56
CA LYS G 107 0.19 -71.09 50.98
C LYS G 107 0.12 -71.36 52.49
N MET H 2 -30.15 -64.03 -10.88
CA MET H 2 -30.34 -65.38 -10.34
C MET H 2 -31.76 -65.86 -10.59
N GLN H 3 -32.65 -64.93 -10.92
CA GLN H 3 -34.07 -65.22 -11.11
C GLN H 3 -34.45 -64.98 -12.56
N LEU H 4 -34.76 -66.06 -13.27
CA LEU H 4 -35.22 -65.98 -14.65
C LEU H 4 -36.65 -66.50 -14.71
N VAL H 5 -37.54 -65.70 -15.29
CA VAL H 5 -38.95 -66.03 -15.35
C VAL H 5 -39.39 -66.13 -16.80
N GLN H 6 -40.38 -66.99 -17.02
CA GLN H 6 -40.97 -67.21 -18.33
C GLN H 6 -42.46 -66.90 -18.28
N SER H 7 -42.99 -66.44 -19.41
CA SER H 7 -44.41 -66.12 -19.49
C SER H 7 -45.25 -67.38 -19.33
N GLY H 8 -46.54 -67.18 -19.05
CA GLY H 8 -47.45 -68.29 -18.85
C GLY H 8 -47.70 -69.06 -20.14
N PRO H 9 -48.14 -70.31 -20.00
CA PRO H 9 -48.46 -71.10 -21.20
C PRO H 9 -49.58 -70.45 -22.00
N GLU H 10 -49.48 -70.55 -23.32
CA GLU H 10 -50.40 -69.88 -24.23
C GLU H 10 -51.07 -70.91 -25.13
N VAL H 11 -52.35 -70.70 -25.40
CA VAL H 11 -53.12 -71.51 -26.33
C VAL H 11 -53.34 -70.69 -27.59
N LYS H 12 -52.84 -71.20 -28.72
CA LYS H 12 -52.91 -70.45 -29.97
C LYS H 12 -53.56 -71.29 -31.06
N LYS H 13 -53.58 -70.76 -32.29
CA LYS H 13 -54.15 -71.52 -33.40
C LYS H 13 -53.06 -72.29 -34.13
N PRO H 14 -53.41 -73.44 -34.72
CA PRO H 14 -52.39 -74.28 -35.36
C PRO H 14 -51.90 -73.70 -36.69
N GLY H 15 -50.95 -72.78 -36.65
CA GLY H 15 -50.34 -72.28 -37.86
C GLY H 15 -50.24 -70.78 -37.97
N THR H 16 -50.48 -70.05 -36.88
CA THR H 16 -50.41 -68.60 -36.92
C THR H 16 -49.03 -68.08 -36.50
N SER H 17 -48.66 -68.32 -35.24
CA SER H 17 -47.38 -67.88 -34.69
C SER H 17 -47.31 -68.32 -33.23
N VAL H 18 -46.08 -68.40 -32.71
CA VAL H 18 -45.84 -68.63 -31.29
C VAL H 18 -44.74 -67.68 -30.86
N LYS H 19 -44.94 -67.04 -29.70
CA LYS H 19 -43.97 -66.09 -29.15
C LYS H 19 -44.02 -66.17 -27.64
N VAL H 20 -42.88 -66.47 -27.03
CA VAL H 20 -42.77 -66.68 -25.59
C VAL H 20 -41.87 -65.60 -24.99
N SER H 21 -42.33 -65.00 -23.90
CA SER H 21 -41.63 -63.92 -23.23
C SER H 21 -40.78 -64.46 -22.09
N CYS H 22 -39.51 -64.06 -22.05
CA CYS H 22 -38.58 -64.43 -21.00
C CYS H 22 -37.96 -63.18 -20.41
N LYS H 23 -37.95 -63.08 -19.08
CA LYS H 23 -37.39 -61.94 -18.38
C LYS H 23 -36.34 -62.44 -17.40
N ALA H 24 -35.34 -61.60 -17.12
CA ALA H 24 -34.22 -61.95 -16.26
C ALA H 24 -34.01 -60.88 -15.20
N SER H 25 -33.49 -61.32 -14.05
CA SER H 25 -33.16 -60.41 -12.96
C SER H 25 -32.10 -61.08 -12.09
N GLY H 26 -31.28 -60.24 -11.44
CA GLY H 26 -30.21 -60.72 -10.59
C GLY H 26 -28.83 -60.70 -11.20
N PHE H 27 -28.71 -60.40 -12.49
CA PHE H 27 -27.41 -60.30 -13.14
C PHE H 27 -27.52 -59.40 -14.36
N THR H 28 -26.36 -58.97 -14.86
CA THR H 28 -26.31 -58.02 -15.96
C THR H 28 -26.78 -58.69 -17.24
N PHE H 29 -27.81 -58.13 -17.86
CA PHE H 29 -28.33 -58.62 -19.13
C PHE H 29 -27.64 -58.00 -20.34
N THR H 30 -26.90 -56.91 -20.16
CA THR H 30 -26.31 -56.21 -21.29
C THR H 30 -25.26 -57.06 -21.99
N SER H 31 -24.39 -57.71 -21.23
CA SER H 31 -23.31 -58.54 -21.77
C SER H 31 -23.58 -59.98 -21.35
N SER H 32 -24.36 -60.69 -22.16
CA SER H 32 -24.74 -62.07 -21.88
C SER H 32 -25.15 -62.73 -23.19
N ALA H 33 -25.76 -63.90 -23.08
CA ALA H 33 -26.22 -64.65 -24.23
C ALA H 33 -27.59 -65.25 -23.95
N VAL H 34 -28.34 -65.50 -25.02
CA VAL H 34 -29.68 -66.08 -24.93
C VAL H 34 -29.75 -67.25 -25.90
N GLN H 35 -30.29 -68.38 -25.43
CA GLN H 35 -30.45 -69.58 -26.23
C GLN H 35 -31.87 -70.12 -26.06
N TRP H 36 -32.22 -71.08 -26.90
CA TRP H 36 -33.55 -71.67 -26.85
C TRP H 36 -33.47 -73.18 -27.02
N VAL H 37 -34.39 -73.87 -26.34
CA VAL H 37 -34.36 -75.32 -26.17
C VAL H 37 -35.66 -75.89 -26.72
N ARG H 38 -35.61 -77.16 -27.11
CA ARG H 38 -36.81 -77.91 -27.48
C ARG H 38 -36.77 -79.23 -26.72
N GLN H 39 -37.78 -79.44 -25.87
CA GLN H 39 -37.91 -80.65 -25.06
C GLN H 39 -39.37 -81.08 -25.06
N ALA H 40 -39.58 -82.40 -24.97
CA ALA H 40 -40.91 -82.97 -24.91
C ALA H 40 -40.86 -84.21 -24.03
N ARG H 41 -42.03 -84.61 -23.54
CA ARG H 41 -42.11 -85.79 -22.67
C ARG H 41 -41.71 -87.04 -23.47
N GLY H 42 -40.85 -87.85 -22.86
CA GLY H 42 -40.31 -89.00 -23.57
C GLY H 42 -39.57 -88.64 -24.83
N GLN H 43 -38.81 -87.55 -24.81
CA GLN H 43 -38.15 -87.02 -26.00
C GLN H 43 -36.80 -86.45 -25.59
N ARG H 44 -35.93 -86.29 -26.57
CA ARG H 44 -34.58 -85.79 -26.33
C ARG H 44 -34.56 -84.26 -26.46
N LEU H 45 -33.39 -83.68 -26.16
CA LEU H 45 -33.23 -82.23 -26.16
C LEU H 45 -32.64 -81.77 -27.48
N GLU H 46 -33.22 -80.72 -28.05
CA GLU H 46 -32.73 -80.14 -29.31
C GLU H 46 -32.47 -78.66 -29.11
N TRP H 47 -31.24 -78.23 -29.42
CA TRP H 47 -30.89 -76.83 -29.30
C TRP H 47 -31.34 -76.06 -30.54
N ILE H 48 -32.15 -75.02 -30.34
CA ILE H 48 -32.78 -74.32 -31.45
C ILE H 48 -31.81 -73.31 -32.04
N GLY H 49 -31.41 -72.33 -31.23
CA GLY H 49 -30.52 -71.28 -31.72
C GLY H 49 -29.96 -70.48 -30.56
N TRP H 50 -29.09 -69.54 -30.92
CA TRP H 50 -28.41 -68.68 -29.95
C TRP H 50 -28.61 -67.23 -30.35
N ILE H 51 -28.98 -66.39 -29.38
CA ILE H 51 -29.27 -64.99 -29.61
C ILE H 51 -28.33 -64.15 -28.74
N VAL H 52 -27.68 -63.17 -29.35
CA VAL H 52 -26.82 -62.23 -28.64
C VAL H 52 -27.59 -60.92 -28.53
N VAL H 53 -27.92 -60.53 -27.29
CA VAL H 53 -28.72 -59.33 -27.09
C VAL H 53 -27.92 -58.08 -27.44
N GLY H 54 -26.62 -58.08 -27.13
CA GLY H 54 -25.81 -56.91 -27.42
C GLY H 54 -25.65 -56.63 -28.90
N SER H 55 -25.38 -57.68 -29.68
CA SER H 55 -25.18 -57.55 -31.11
C SER H 55 -26.06 -58.58 -31.81
N GLY H 56 -26.90 -58.12 -32.74
CA GLY H 56 -27.80 -59.02 -33.43
C GLY H 56 -27.09 -60.06 -34.26
N ASN H 57 -27.08 -61.30 -33.76
CA ASN H 57 -26.43 -62.43 -34.43
C ASN H 57 -27.12 -63.71 -33.97
N THR H 58 -27.58 -64.50 -34.94
CA THR H 58 -28.23 -65.77 -34.62
C THR H 58 -28.05 -66.74 -35.77
N ASN H 59 -28.04 -68.03 -35.43
CA ASN H 59 -27.94 -69.10 -36.41
C ASN H 59 -28.94 -70.19 -36.07
N TYR H 60 -29.44 -70.85 -37.11
CA TYR H 60 -30.48 -71.85 -36.96
C TYR H 60 -29.96 -73.23 -37.36
N ALA H 61 -30.55 -74.26 -36.78
CA ALA H 61 -30.21 -75.63 -37.11
C ALA H 61 -30.92 -76.03 -38.41
N GLN H 62 -30.90 -77.33 -38.70
CA GLN H 62 -31.48 -77.84 -39.94
C GLN H 62 -33.00 -77.69 -40.02
N LYS H 63 -33.64 -77.16 -38.97
CA LYS H 63 -35.09 -77.06 -38.92
C LYS H 63 -35.61 -75.63 -38.91
N PHE H 64 -34.81 -74.65 -38.48
CA PHE H 64 -35.32 -73.32 -38.16
C PHE H 64 -34.85 -72.24 -39.12
N GLN H 65 -34.45 -72.62 -40.34
CA GLN H 65 -34.01 -71.61 -41.31
C GLN H 65 -35.14 -70.64 -41.66
N GLU H 66 -36.35 -71.14 -41.83
CA GLU H 66 -37.49 -70.33 -42.21
C GLU H 66 -38.49 -70.26 -41.06
N ARG H 67 -39.44 -69.33 -41.21
CA ARG H 67 -40.60 -69.19 -40.34
C ARG H 67 -40.23 -68.79 -38.91
N VAL H 68 -38.99 -68.39 -38.66
CA VAL H 68 -38.52 -68.03 -37.33
C VAL H 68 -37.78 -66.70 -37.43
N THR H 69 -38.12 -65.76 -36.55
CA THR H 69 -37.32 -64.53 -36.48
C THR H 69 -37.31 -63.99 -35.06
N ILE H 70 -36.21 -63.33 -34.71
CA ILE H 70 -35.99 -62.84 -33.35
C ILE H 70 -36.29 -61.35 -33.28
N THR H 71 -36.45 -60.86 -32.07
CA THR H 71 -36.66 -59.45 -31.79
C THR H 71 -35.89 -59.09 -30.53
N ARG H 72 -35.17 -57.97 -30.59
CA ARG H 72 -34.24 -57.60 -29.53
C ARG H 72 -34.96 -57.42 -28.20
N ASP H 73 -35.96 -56.55 -28.18
CA ASP H 73 -36.72 -56.22 -26.97
C ASP H 73 -35.77 -55.84 -25.83
N MET H 74 -34.79 -55.00 -26.15
CA MET H 74 -33.76 -54.63 -25.18
C MET H 74 -34.35 -53.94 -23.97
N SER H 75 -35.49 -53.26 -24.12
CA SER H 75 -36.16 -52.65 -22.99
C SER H 75 -36.68 -53.72 -22.03
N THR H 76 -36.66 -53.40 -20.74
CA THR H 76 -37.09 -54.26 -19.65
C THR H 76 -36.28 -55.56 -19.56
N SER H 77 -35.11 -55.61 -20.21
CA SER H 77 -34.23 -56.79 -20.18
C SER H 77 -34.95 -58.04 -20.68
N THR H 78 -35.32 -58.01 -21.97
CA THR H 78 -36.06 -59.09 -22.59
C THR H 78 -35.50 -59.38 -23.98
N ALA H 79 -36.05 -60.41 -24.60
CA ALA H 79 -35.73 -60.79 -25.98
C ALA H 79 -36.76 -61.81 -26.43
N TYR H 80 -37.28 -61.65 -27.65
CA TYR H 80 -38.36 -62.49 -28.14
C TYR H 80 -37.92 -63.26 -29.38
N MET H 81 -38.59 -64.38 -29.64
CA MET H 81 -38.48 -65.09 -30.90
C MET H 81 -39.87 -65.54 -31.30
N GLU H 82 -40.24 -65.30 -32.57
CA GLU H 82 -41.55 -65.68 -33.06
C GLU H 82 -41.40 -66.74 -34.14
N LEU H 83 -42.30 -67.73 -34.07
CA LEU H 83 -42.34 -68.86 -34.99
C LEU H 83 -43.63 -68.80 -35.78
N SER H 84 -43.56 -69.08 -37.08
CA SER H 84 -44.72 -69.12 -37.94
C SER H 84 -44.84 -70.49 -38.59
N SER H 85 -45.99 -70.73 -39.22
CA SER H 85 -46.29 -71.98 -39.91
C SER H 85 -46.15 -73.17 -38.97
N LEU H 86 -47.02 -73.18 -37.95
CA LEU H 86 -47.01 -74.26 -36.96
C LEU H 86 -47.44 -75.58 -37.59
N ARG H 87 -46.87 -76.67 -37.08
CA ARG H 87 -47.21 -78.02 -37.49
C ARG H 87 -47.84 -78.77 -36.32
N SER H 88 -48.22 -80.02 -36.57
CA SER H 88 -48.86 -80.83 -35.54
C SER H 88 -47.91 -81.11 -34.38
N GLU H 89 -46.65 -81.40 -34.70
CA GLU H 89 -45.66 -81.75 -33.67
C GLU H 89 -44.91 -80.52 -33.16
N ASP H 90 -45.66 -79.52 -32.69
CA ASP H 90 -45.07 -78.31 -32.12
C ASP H 90 -45.43 -78.15 -30.65
N THR H 91 -45.87 -79.21 -29.97
CA THR H 91 -46.17 -79.18 -28.55
C THR H 91 -44.91 -79.53 -27.78
N ALA H 92 -44.21 -78.50 -27.32
CA ALA H 92 -42.95 -78.68 -26.61
C ALA H 92 -42.74 -77.53 -25.64
N VAL H 93 -41.84 -77.75 -24.68
CA VAL H 93 -41.48 -76.72 -23.71
C VAL H 93 -40.22 -76.04 -24.21
N TYR H 94 -40.32 -74.74 -24.48
CA TYR H 94 -39.21 -74.02 -25.14
C TYR H 94 -38.08 -73.73 -24.17
N TYR H 95 -38.40 -73.31 -22.95
CA TYR H 95 -37.41 -72.90 -21.95
C TYR H 95 -36.57 -71.72 -22.43
N CYS H 96 -35.73 -71.18 -21.57
CA CYS H 96 -34.81 -70.11 -21.93
C CYS H 96 -33.82 -69.91 -20.78
N ALA H 97 -32.60 -69.54 -21.15
CA ALA H 97 -31.51 -69.42 -20.18
C ALA H 97 -30.57 -68.29 -20.59
N ALA H 98 -29.75 -67.87 -19.63
CA ALA H 98 -28.74 -66.83 -19.86
C ALA H 98 -27.62 -66.98 -18.83
N PRO H 99 -26.36 -66.93 -19.27
CA PRO H 99 -25.25 -67.12 -18.33
C PRO H 99 -25.13 -65.96 -17.34
N TYR H 100 -24.61 -66.28 -16.17
CA TYR H 100 -24.40 -65.30 -15.10
C TYR H 100 -23.10 -64.55 -15.38
N CYS H 101 -23.22 -63.37 -15.97
CA CYS H 101 -22.05 -62.60 -16.41
C CYS H 101 -22.11 -61.19 -15.88
N SER H 102 -21.00 -60.73 -15.31
CA SER H 102 -20.89 -59.36 -14.81
C SER H 102 -19.40 -59.01 -14.71
N GLY H 103 -18.96 -58.08 -15.55
CA GLY H 103 -17.58 -57.63 -15.51
C GLY H 103 -16.89 -57.64 -16.86
N GLY H 104 -17.28 -58.56 -17.74
CA GLY H 104 -16.65 -58.68 -19.04
C GLY H 104 -16.27 -60.12 -19.36
N SER H 105 -15.84 -60.87 -18.36
CA SER H 105 -15.56 -62.29 -18.47
C SER H 105 -16.34 -63.03 -17.40
N CYS H 106 -16.84 -64.21 -17.74
CA CYS H 106 -17.74 -64.93 -16.84
C CYS H 106 -17.60 -66.42 -17.07
N PHE H 107 -18.56 -67.17 -16.54
CA PHE H 107 -18.63 -68.62 -16.65
C PHE H 107 -18.94 -69.02 -18.09
N ASP H 108 -18.54 -70.24 -18.45
CA ASP H 108 -18.77 -70.76 -19.79
C ASP H 108 -20.13 -71.44 -19.90
N GLY H 109 -20.52 -72.22 -18.88
CA GLY H 109 -21.73 -73.00 -18.98
C GLY H 109 -22.98 -72.18 -18.75
N PHE H 110 -24.12 -72.87 -18.86
CA PHE H 110 -25.44 -72.25 -18.72
C PHE H 110 -26.01 -72.70 -17.37
N ASP H 111 -26.07 -71.77 -16.42
CA ASP H 111 -26.45 -72.10 -15.05
C ASP H 111 -27.89 -71.73 -14.73
N ILE H 112 -28.29 -70.49 -15.00
CA ILE H 112 -29.63 -70.01 -14.66
C ILE H 112 -30.59 -70.44 -15.77
N TRP H 113 -31.61 -71.22 -15.40
CA TRP H 113 -32.56 -71.76 -16.35
C TRP H 113 -33.96 -71.29 -15.99
N GLY H 114 -34.84 -71.31 -16.99
CA GLY H 114 -36.23 -70.92 -16.80
C GLY H 114 -37.11 -72.07 -16.36
N GLN H 115 -38.41 -71.82 -16.33
CA GLN H 115 -39.39 -72.83 -16.01
C GLN H 115 -40.15 -73.35 -17.22
N GLY H 116 -40.05 -72.66 -18.36
CA GLY H 116 -40.70 -73.11 -19.58
C GLY H 116 -42.18 -72.81 -19.62
N THR H 117 -42.80 -73.19 -20.73
CA THR H 117 -44.22 -73.03 -20.95
C THR H 117 -44.83 -74.39 -21.32
N MET H 118 -46.15 -74.40 -21.51
CA MET H 118 -46.88 -75.59 -21.93
C MET H 118 -47.81 -75.18 -23.07
N VAL H 119 -47.29 -75.22 -24.29
CA VAL H 119 -48.05 -74.85 -25.48
C VAL H 119 -48.49 -76.13 -26.17
N THR H 120 -49.78 -76.44 -26.11
CA THR H 120 -50.35 -77.59 -26.79
C THR H 120 -51.06 -77.11 -28.05
N VAL H 121 -50.52 -77.48 -29.21
CA VAL H 121 -51.07 -77.03 -30.47
C VAL H 121 -52.37 -77.78 -30.75
N SER H 122 -53.50 -77.13 -30.47
CA SER H 122 -54.80 -77.76 -30.65
C SER H 122 -55.81 -76.76 -31.20
N SER H 123 -57.09 -77.11 -31.17
CA SER H 123 -58.14 -76.25 -31.67
C SER H 123 -58.31 -75.02 -30.77
N GLU I 1 -21.98 -85.47 -37.97
CA GLU I 1 -21.87 -84.52 -36.86
C GLU I 1 -22.58 -85.05 -35.61
N ILE I 2 -23.64 -85.83 -35.82
CA ILE I 2 -24.41 -86.42 -34.73
C ILE I 2 -24.41 -87.93 -34.92
N VAL I 3 -23.43 -88.60 -34.32
CA VAL I 3 -23.33 -90.06 -34.37
C VAL I 3 -23.01 -90.57 -32.98
N LEU I 4 -23.32 -89.76 -31.96
CA LEU I 4 -22.83 -89.96 -30.60
C LEU I 4 -23.18 -91.35 -30.07
N THR I 5 -24.47 -91.62 -29.86
CA THR I 5 -24.95 -92.92 -29.39
C THR I 5 -24.14 -93.40 -28.19
N GLN I 6 -24.28 -92.67 -27.09
CA GLN I 6 -23.49 -92.91 -25.89
C GLN I 6 -23.60 -94.36 -25.44
N SER I 7 -22.46 -94.94 -25.07
CA SER I 7 -22.38 -96.38 -24.80
C SER I 7 -23.30 -96.84 -23.68
N PRO I 8 -23.30 -96.22 -22.49
CA PRO I 8 -24.17 -96.72 -21.42
C PRO I 8 -25.64 -96.58 -21.75
N GLY I 9 -26.44 -97.53 -21.27
CA GLY I 9 -27.87 -97.50 -21.47
C GLY I 9 -28.64 -97.19 -20.21
N THR I 10 -29.24 -98.20 -19.61
CA THR I 10 -29.95 -98.07 -18.34
C THR I 10 -29.19 -98.84 -17.26
N LEU I 11 -28.80 -98.14 -16.21
CA LEU I 11 -28.03 -98.72 -15.11
C LEU I 11 -28.92 -98.86 -13.89
N SER I 12 -28.90 -100.05 -13.28
CA SER I 12 -29.73 -100.37 -12.11
C SER I 12 -28.86 -101.06 -11.08
N LEU I 13 -28.23 -100.27 -10.21
CA LEU I 13 -27.41 -100.80 -9.13
C LEU I 13 -27.70 -100.02 -7.85
N SER I 14 -27.45 -100.67 -6.72
CA SER I 14 -27.61 -100.04 -5.43
C SER I 14 -26.54 -98.96 -5.24
N PRO I 15 -26.77 -98.01 -4.33
CA PRO I 15 -25.74 -97.00 -4.05
C PRO I 15 -24.42 -97.64 -3.68
N GLY I 16 -23.34 -97.13 -4.25
CA GLY I 16 -22.06 -97.77 -4.19
C GLY I 16 -21.56 -98.12 -5.58
N GLU I 17 -22.13 -97.44 -6.58
CA GLU I 17 -21.79 -97.70 -7.97
C GLU I 17 -20.40 -97.19 -8.29
N ARG I 18 -19.69 -97.91 -9.14
CA ARG I 18 -18.38 -97.50 -9.63
C ARG I 18 -18.32 -97.47 -11.16
N ALA I 19 -19.47 -97.50 -11.82
CA ALA I 19 -19.51 -97.51 -13.27
C ALA I 19 -19.14 -96.14 -13.84
N THR I 20 -18.92 -96.10 -15.15
CA THR I 20 -18.50 -94.90 -15.83
C THR I 20 -19.34 -94.70 -17.09
N LEU I 21 -19.44 -93.46 -17.52
CA LEU I 21 -20.17 -93.09 -18.73
C LEU I 21 -19.22 -92.51 -19.76
N SER I 22 -19.62 -92.54 -21.02
CA SER I 22 -18.78 -92.09 -22.12
C SER I 22 -19.64 -91.39 -23.16
N CYS I 23 -19.11 -90.29 -23.70
CA CYS I 23 -19.74 -89.54 -24.78
C CYS I 23 -18.88 -89.68 -26.02
N ARG I 24 -19.48 -90.12 -27.12
CA ARG I 24 -18.77 -90.31 -28.37
C ARG I 24 -18.93 -89.09 -29.27
N ALA I 25 -17.93 -88.86 -30.12
CA ALA I 25 -17.95 -87.76 -31.07
C ALA I 25 -17.52 -88.28 -32.44
N SER I 26 -18.13 -87.72 -33.49
CA SER I 26 -17.75 -88.09 -34.86
C SER I 26 -16.31 -87.67 -35.15
N GLN I 27 -15.94 -86.46 -34.75
CA GLN I 27 -14.61 -85.93 -35.00
C GLN I 27 -14.05 -85.36 -33.70
N SER I 28 -12.72 -85.27 -33.63
CA SER I 28 -12.04 -84.78 -32.45
C SER I 28 -12.40 -83.33 -32.17
N VAL I 29 -13.05 -83.08 -31.04
CA VAL I 29 -13.45 -81.73 -30.64
C VAL I 29 -12.45 -81.20 -29.63
N SER I 30 -12.02 -79.95 -29.83
CA SER I 30 -11.07 -79.34 -28.92
C SER I 30 -11.65 -79.25 -27.51
N SER I 31 -10.78 -79.41 -26.52
CA SER I 31 -11.21 -79.44 -25.13
C SER I 31 -11.72 -78.07 -24.68
N SER I 32 -12.21 -78.02 -23.44
CA SER I 32 -12.77 -76.84 -22.79
C SER I 32 -14.05 -76.36 -23.45
N TYR I 33 -14.65 -77.15 -24.34
CA TYR I 33 -15.89 -76.79 -25.01
C TYR I 33 -16.90 -77.94 -24.96
N LEU I 34 -16.95 -78.65 -23.83
CA LEU I 34 -17.87 -79.76 -23.65
C LEU I 34 -18.76 -79.49 -22.43
N ALA I 35 -19.90 -80.17 -22.39
CA ALA I 35 -20.81 -80.01 -21.27
C ALA I 35 -21.58 -81.30 -21.04
N TRP I 36 -22.03 -81.49 -19.80
CA TRP I 36 -22.86 -82.64 -19.41
C TRP I 36 -23.97 -82.11 -18.51
N TYR I 37 -25.09 -81.72 -19.13
CA TYR I 37 -26.21 -81.19 -18.39
C TYR I 37 -26.93 -82.31 -17.63
N GLN I 38 -27.52 -81.95 -16.50
CA GLN I 38 -28.19 -82.90 -15.61
C GLN I 38 -29.68 -82.56 -15.60
N GLN I 39 -30.42 -83.13 -16.55
CA GLN I 39 -31.85 -82.88 -16.61
C GLN I 39 -32.58 -83.70 -15.55
N LYS I 40 -33.70 -83.17 -15.08
CA LYS I 40 -34.44 -83.83 -14.01
C LYS I 40 -35.89 -84.05 -14.44
N PRO I 41 -36.54 -85.11 -13.93
CA PRO I 41 -37.95 -85.34 -14.26
C PRO I 41 -38.86 -84.28 -13.67
N GLY I 42 -39.49 -83.49 -14.54
CA GLY I 42 -40.38 -82.44 -14.09
C GLY I 42 -39.70 -81.20 -13.55
N GLN I 43 -38.38 -81.07 -13.71
CA GLN I 43 -37.62 -79.93 -13.21
C GLN I 43 -36.66 -79.45 -14.28
N ALA I 44 -36.26 -78.19 -14.17
CA ALA I 44 -35.33 -77.60 -15.11
C ALA I 44 -33.95 -78.25 -14.98
N PRO I 45 -33.25 -78.45 -16.10
CA PRO I 45 -31.93 -79.09 -16.03
C PRO I 45 -30.90 -78.20 -15.37
N ARG I 46 -29.85 -78.83 -14.89
CA ARG I 46 -28.71 -78.15 -14.26
C ARG I 46 -27.45 -78.42 -15.07
N LEU I 47 -26.31 -77.96 -14.53
CA LEU I 47 -25.01 -78.22 -15.13
C LEU I 47 -24.02 -78.55 -14.03
N LEU I 48 -23.18 -79.55 -14.27
CA LEU I 48 -22.21 -80.02 -13.29
C LEU I 48 -20.77 -79.82 -13.73
N ILE I 49 -20.43 -80.23 -14.95
CA ILE I 49 -19.07 -80.09 -15.47
C ILE I 49 -19.13 -79.38 -16.81
N TYR I 50 -18.20 -78.46 -17.04
CA TYR I 50 -18.10 -77.70 -18.28
C TYR I 50 -16.70 -77.83 -18.83
N GLY I 51 -16.59 -78.27 -20.08
CA GLY I 51 -15.31 -78.38 -20.74
C GLY I 51 -14.50 -79.60 -20.37
N ALA I 52 -15.00 -80.44 -19.46
CA ALA I 52 -14.31 -81.66 -19.02
C ALA I 52 -12.91 -81.36 -18.51
N SER I 53 -12.75 -80.18 -17.88
CA SER I 53 -11.45 -79.80 -17.32
C SER I 53 -11.56 -79.14 -15.94
N SER I 54 -12.76 -78.91 -15.43
CA SER I 54 -12.93 -78.23 -14.15
C SER I 54 -14.35 -78.49 -13.65
N ARG I 55 -14.77 -77.75 -12.63
CA ARG I 55 -16.10 -77.87 -12.06
C ARG I 55 -16.68 -76.49 -11.83
N ALA I 56 -18.00 -76.44 -11.69
CA ALA I 56 -18.68 -75.18 -11.39
C ALA I 56 -18.39 -74.78 -9.94
N THR I 57 -18.91 -73.61 -9.55
CA THR I 57 -18.61 -73.05 -8.24
C THR I 57 -19.13 -73.95 -7.12
N GLY I 58 -20.45 -74.12 -7.05
CA GLY I 58 -21.04 -74.95 -6.01
C GLY I 58 -22.01 -75.97 -6.52
N PHE I 59 -21.67 -77.25 -6.37
CA PHE I 59 -22.50 -78.36 -6.83
C PHE I 59 -22.06 -79.62 -6.10
N PRO I 60 -22.88 -80.68 -6.10
CA PRO I 60 -22.51 -81.90 -5.38
C PRO I 60 -21.18 -82.47 -5.85
N ASP I 61 -20.40 -82.96 -4.90
CA ASP I 61 -19.07 -83.51 -5.15
C ASP I 61 -19.15 -85.02 -5.35
N ARG I 62 -17.99 -85.68 -5.28
CA ARG I 62 -17.82 -87.14 -5.33
C ARG I 62 -18.01 -87.72 -6.72
N PHE I 63 -17.87 -86.91 -7.77
CA PHE I 63 -17.82 -87.43 -9.13
C PHE I 63 -17.11 -86.41 -10.01
N SER I 64 -16.15 -86.89 -10.79
CA SER I 64 -15.38 -86.02 -11.68
C SER I 64 -14.68 -86.90 -12.72
N GLY I 65 -14.94 -86.62 -13.99
CA GLY I 65 -14.34 -87.40 -15.06
C GLY I 65 -14.06 -86.55 -16.27
N SER I 66 -13.14 -87.03 -17.10
CA SER I 66 -12.75 -86.34 -18.32
C SER I 66 -12.26 -87.37 -19.33
N GLY I 67 -12.25 -86.97 -20.59
CA GLY I 67 -11.83 -87.87 -21.66
C GLY I 67 -11.24 -87.17 -22.87
N SER I 68 -10.98 -87.93 -23.92
CA SER I 68 -10.41 -87.38 -25.15
C SER I 68 -11.53 -86.96 -26.09
N GLY I 69 -11.14 -86.38 -27.24
CA GLY I 69 -12.13 -85.89 -28.18
C GLY I 69 -13.00 -86.99 -28.75
N THR I 70 -12.39 -88.10 -29.14
CA THR I 70 -13.14 -89.22 -29.71
C THR I 70 -14.04 -89.85 -28.65
N ASP I 71 -13.55 -90.00 -27.43
CA ASP I 71 -14.30 -90.64 -26.35
C ASP I 71 -14.09 -89.83 -25.08
N PHE I 72 -15.10 -89.07 -24.67
CA PHE I 72 -15.05 -88.28 -23.45
C PHE I 72 -15.60 -89.13 -22.31
N THR I 73 -14.71 -89.62 -21.45
CA THR I 73 -15.10 -90.46 -20.34
C THR I 73 -15.48 -89.61 -19.12
N LEU I 74 -16.22 -90.22 -18.21
CA LEU I 74 -16.57 -89.60 -16.94
C LEU I 74 -16.88 -90.69 -15.94
N THR I 75 -16.47 -90.49 -14.69
CA THR I 75 -16.64 -91.48 -13.65
C THR I 75 -17.39 -90.87 -12.47
N ILE I 76 -18.11 -91.72 -11.75
CA ILE I 76 -18.89 -91.31 -10.58
C ILE I 76 -18.47 -92.19 -9.41
N SER I 77 -18.22 -91.55 -8.26
CA SER I 77 -17.76 -92.24 -7.06
C SER I 77 -18.80 -92.04 -5.97
N ARG I 78 -19.81 -92.91 -5.94
CA ARG I 78 -20.83 -92.94 -4.90
C ARG I 78 -21.57 -91.60 -4.81
N LEU I 79 -22.25 -91.25 -5.90
CA LEU I 79 -23.08 -90.05 -5.91
C LEU I 79 -24.34 -90.26 -5.08
N GLU I 80 -24.89 -89.16 -4.60
CA GLU I 80 -26.05 -89.23 -3.71
C GLU I 80 -27.26 -89.80 -4.44
N PRO I 81 -28.10 -90.59 -3.75
CA PRO I 81 -29.21 -91.27 -4.42
C PRO I 81 -30.18 -90.35 -5.12
N GLU I 82 -30.40 -89.14 -4.60
CA GLU I 82 -31.33 -88.22 -5.24
C GLU I 82 -30.85 -87.76 -6.62
N ASP I 83 -29.56 -87.89 -6.91
CA ASP I 83 -29.01 -87.49 -8.21
C ASP I 83 -29.06 -88.65 -9.20
N PHE I 84 -30.26 -89.21 -9.34
CA PHE I 84 -30.53 -90.31 -10.27
C PHE I 84 -31.49 -89.77 -11.33
N ALA I 85 -30.93 -89.21 -12.40
CA ALA I 85 -31.73 -88.56 -13.42
C ALA I 85 -31.02 -88.71 -14.77
N VAL I 86 -31.44 -87.91 -15.74
CA VAL I 86 -30.96 -88.03 -17.12
C VAL I 86 -29.76 -87.10 -17.32
N TYR I 87 -28.74 -87.60 -18.00
CA TYR I 87 -27.57 -86.82 -18.36
C TYR I 87 -27.55 -86.58 -19.87
N TYR I 88 -27.23 -85.34 -20.24
CA TYR I 88 -27.23 -84.94 -21.65
C TYR I 88 -25.86 -84.40 -22.03
N CYS I 89 -25.18 -85.09 -22.93
CA CYS I 89 -23.93 -84.59 -23.46
C CYS I 89 -24.17 -83.36 -24.33
N GLN I 90 -23.12 -82.54 -24.50
CA GLN I 90 -23.25 -81.36 -25.32
C GLN I 90 -21.88 -80.91 -25.80
N GLN I 91 -21.81 -80.55 -27.08
CA GLN I 91 -20.58 -80.09 -27.71
C GLN I 91 -20.72 -78.62 -28.07
N TYR I 92 -19.62 -77.89 -27.97
CA TYR I 92 -19.56 -76.47 -28.27
C TYR I 92 -18.56 -76.22 -29.40
N GLY I 93 -18.39 -74.95 -29.73
CA GLY I 93 -17.42 -74.56 -30.75
C GLY I 93 -18.01 -74.41 -32.14
N ASN I 94 -18.50 -75.50 -32.71
CA ASN I 94 -19.00 -75.52 -34.08
C ASN I 94 -20.52 -75.58 -34.06
N SER I 95 -21.15 -74.62 -34.73
CA SER I 95 -22.59 -74.62 -34.85
C SER I 95 -23.05 -75.72 -35.81
N PRO I 96 -24.20 -76.35 -35.57
CA PRO I 96 -25.11 -76.10 -34.44
C PRO I 96 -24.59 -76.71 -33.15
N TRP I 97 -24.96 -76.12 -32.01
CA TRP I 97 -24.47 -76.57 -30.71
C TRP I 97 -25.35 -77.70 -30.21
N THR I 98 -25.29 -78.82 -30.94
CA THR I 98 -26.18 -79.94 -30.68
C THR I 98 -25.86 -80.58 -29.32
N PHE I 99 -26.90 -81.14 -28.70
CA PHE I 99 -26.78 -81.78 -27.41
C PHE I 99 -26.50 -83.27 -27.61
N GLY I 100 -26.55 -84.04 -26.53
CA GLY I 100 -26.39 -85.47 -26.59
C GLY I 100 -27.73 -86.20 -26.61
N GLN I 101 -27.65 -87.51 -26.84
CA GLN I 101 -28.86 -88.32 -26.90
C GLN I 101 -29.52 -88.43 -25.54
N GLY I 102 -28.75 -88.76 -24.52
CA GLY I 102 -29.32 -88.90 -23.19
C GLY I 102 -29.17 -90.32 -22.66
N THR I 103 -29.11 -90.42 -21.33
CA THR I 103 -28.91 -91.69 -20.65
C THR I 103 -29.91 -91.82 -19.50
N LYS I 104 -30.43 -93.02 -19.31
CA LYS I 104 -31.38 -93.32 -18.24
C LYS I 104 -30.69 -94.11 -17.13
N VAL I 105 -31.19 -93.93 -15.91
CA VAL I 105 -30.63 -94.59 -14.73
C VAL I 105 -31.77 -95.20 -13.92
N GLU I 106 -31.39 -96.14 -13.06
CA GLU I 106 -32.33 -96.80 -12.15
C GLU I 106 -31.64 -97.04 -10.82
N ILE I 107 -32.43 -97.03 -9.75
CA ILE I 107 -31.90 -97.23 -8.40
C ILE I 107 -31.26 -98.61 -8.26
N VAL J 2 -82.31 -35.71 31.04
CA VAL J 2 -81.84 -34.90 32.15
C VAL J 2 -83.00 -34.39 32.99
N GLN J 3 -83.00 -34.74 34.28
CA GLN J 3 -84.05 -34.30 35.18
C GLN J 3 -83.53 -34.40 36.61
N LEU J 4 -83.76 -33.35 37.40
CA LEU J 4 -83.36 -33.30 38.79
C LEU J 4 -84.59 -33.07 39.66
N VAL J 5 -84.79 -33.95 40.64
CA VAL J 5 -85.91 -33.87 41.54
C VAL J 5 -85.40 -33.45 42.93
N GLU J 6 -86.21 -32.66 43.63
CA GLU J 6 -85.81 -32.13 44.93
C GLU J 6 -86.92 -32.38 45.95
N SER J 7 -86.51 -32.58 47.19
CA SER J 7 -87.46 -32.81 48.29
C SER J 7 -86.78 -32.48 49.60
N GLY J 8 -87.58 -32.27 50.63
CA GLY J 8 -87.06 -32.00 51.96
C GLY J 8 -87.49 -30.67 52.55
N GLY J 9 -88.61 -30.14 52.07
CA GLY J 9 -89.09 -28.86 52.57
C GLY J 9 -89.59 -28.96 54.00
N GLY J 10 -89.56 -27.82 54.69
CA GLY J 10 -90.05 -27.74 56.05
C GLY J 10 -90.68 -26.40 56.32
N VAL J 11 -91.86 -26.44 56.94
CA VAL J 11 -92.61 -25.21 57.21
C VAL J 11 -91.91 -24.36 58.26
N VAL J 12 -91.42 -25.00 59.33
CA VAL J 12 -90.72 -24.32 60.41
C VAL J 12 -89.54 -25.19 60.83
N GLN J 13 -88.38 -24.56 61.03
CA GLN J 13 -87.15 -25.25 61.42
C GLN J 13 -86.29 -24.33 62.26
N PRO J 14 -86.64 -24.14 63.54
CA PRO J 14 -85.81 -23.33 64.43
C PRO J 14 -84.67 -24.12 65.03
N GLY J 15 -83.45 -23.85 64.55
CA GLY J 15 -82.25 -24.43 65.13
C GLY J 15 -82.21 -25.95 65.18
N ARG J 16 -82.56 -26.60 64.07
CA ARG J 16 -82.66 -28.05 64.00
C ARG J 16 -81.81 -28.59 62.86
N SER J 17 -82.00 -29.87 62.57
CA SER J 17 -81.27 -30.56 61.51
C SER J 17 -82.22 -30.90 60.36
N LEU J 18 -81.77 -30.65 59.13
CA LEU J 18 -82.53 -31.03 57.95
C LEU J 18 -81.61 -31.70 56.95
N ARG J 19 -82.16 -32.55 56.09
CA ARG J 19 -81.40 -33.26 55.08
C ARG J 19 -82.15 -33.20 53.75
N LEU J 20 -81.69 -32.33 52.86
CA LEU J 20 -82.24 -32.24 51.51
C LEU J 20 -81.60 -33.32 50.66
N SER J 21 -82.29 -33.70 49.57
CA SER J 21 -81.76 -34.68 48.64
C SER J 21 -82.20 -34.33 47.23
N CYS J 22 -81.26 -34.29 46.30
CA CYS J 22 -81.59 -34.09 44.89
C CYS J 22 -81.01 -35.25 44.09
N ALA J 23 -81.86 -35.88 43.28
CA ALA J 23 -81.46 -37.04 42.49
C ALA J 23 -81.20 -36.62 41.04
N ALA J 24 -80.59 -37.53 40.30
CA ALA J 24 -80.29 -37.33 38.89
C ALA J 24 -80.76 -38.53 38.08
N SER J 25 -81.29 -38.25 36.89
CA SER J 25 -81.72 -39.29 35.98
C SER J 25 -81.67 -38.80 34.54
N GLY J 26 -81.45 -39.71 33.59
CA GLY J 26 -81.33 -39.36 32.20
C GLY J 26 -79.91 -39.22 31.69
N PHE J 27 -78.91 -39.50 32.51
CA PHE J 27 -77.52 -39.44 32.10
C PHE J 27 -76.69 -40.24 33.11
N THR J 28 -75.38 -40.30 32.88
CA THR J 28 -74.46 -41.03 33.75
C THR J 28 -74.22 -40.20 35.01
N PHE J 29 -74.58 -40.75 36.17
CA PHE J 29 -74.41 -40.01 37.41
C PHE J 29 -72.97 -40.02 37.89
N SER J 30 -72.17 -40.97 37.41
CA SER J 30 -70.81 -41.18 37.91
C SER J 30 -69.75 -40.42 37.12
N SER J 31 -70.14 -39.68 36.09
CA SER J 31 -69.18 -38.92 35.28
C SER J 31 -69.50 -37.42 35.27
N TYR J 32 -70.11 -36.90 36.34
CA TYR J 32 -70.44 -35.49 36.42
C TYR J 32 -70.40 -35.05 37.89
N ALA J 33 -70.26 -33.74 38.08
CA ALA J 33 -70.27 -33.14 39.41
C ALA J 33 -71.55 -32.32 39.58
N PHE J 34 -71.87 -32.04 40.85
CA PHE J 34 -73.14 -31.39 41.16
C PHE J 34 -72.94 -30.10 41.94
N HIS J 35 -74.05 -29.46 42.32
CA HIS J 35 -74.01 -28.16 42.98
C HIS J 35 -75.27 -27.96 43.82
N TRP J 36 -75.25 -26.89 44.61
CA TRP J 36 -76.40 -26.41 45.34
C TRP J 36 -76.40 -24.90 45.28
N VAL J 37 -77.42 -24.34 44.63
CA VAL J 37 -77.49 -22.90 44.42
C VAL J 37 -78.80 -22.38 45.00
N ARG J 38 -78.70 -21.55 46.04
CA ARG J 38 -79.86 -21.02 46.73
C ARG J 38 -80.30 -19.69 46.12
N GLN J 39 -81.47 -19.24 46.54
CA GLN J 39 -82.04 -17.99 46.06
C GLN J 39 -83.03 -17.47 47.09
N ALA J 40 -82.75 -16.28 47.63
CA ALA J 40 -83.66 -15.66 48.58
C ALA J 40 -84.93 -15.24 47.85
N PRO J 41 -86.06 -15.05 48.56
CA PRO J 41 -87.32 -14.77 47.87
C PRO J 41 -87.35 -13.39 47.23
N GLY J 42 -86.76 -13.28 46.04
CA GLY J 42 -86.71 -12.02 45.31
C GLY J 42 -85.34 -11.40 45.19
N LYS J 43 -84.35 -11.90 45.92
CA LYS J 43 -83.00 -11.39 45.88
C LYS J 43 -82.26 -12.00 44.68
N GLY J 44 -80.94 -11.83 44.66
CA GLY J 44 -80.12 -12.41 43.62
C GLY J 44 -79.98 -13.92 43.72
N LEU J 45 -78.93 -14.47 43.11
CA LEU J 45 -78.68 -15.90 43.10
C LEU J 45 -77.37 -16.18 43.83
N GLU J 46 -77.38 -17.18 44.71
CA GLU J 46 -76.25 -17.46 45.57
C GLU J 46 -75.93 -18.95 45.59
N TRP J 47 -74.64 -19.27 45.60
CA TRP J 47 -74.14 -20.64 45.66
C TRP J 47 -73.65 -20.96 47.07
N VAL J 48 -73.87 -22.19 47.52
CA VAL J 48 -73.60 -22.54 48.91
C VAL J 48 -72.63 -23.70 49.08
N ALA J 49 -72.60 -24.64 48.13
CA ALA J 49 -71.82 -25.85 48.33
C ALA J 49 -71.62 -26.53 46.97
N VAL J 50 -70.61 -27.39 46.90
CA VAL J 50 -70.31 -28.14 45.68
C VAL J 50 -69.73 -29.49 46.09
N ILE J 51 -69.96 -30.50 45.25
CA ILE J 51 -69.34 -31.81 45.40
C ILE J 51 -68.65 -32.17 44.08
N SER J 52 -67.43 -32.69 44.19
CA SER J 52 -66.68 -33.10 43.01
C SER J 52 -67.28 -34.37 42.42
N TYR J 53 -66.96 -34.63 41.16
CA TYR J 53 -67.54 -35.78 40.47
C TYR J 53 -67.10 -37.10 41.07
N ASP J 54 -65.94 -37.14 41.71
CA ASP J 54 -65.48 -38.32 42.44
C ASP J 54 -65.97 -38.34 43.87
N GLY J 55 -66.26 -37.18 44.46
CA GLY J 55 -66.74 -37.10 45.82
C GLY J 55 -65.68 -37.07 46.89
N SER J 56 -64.40 -37.04 46.53
CA SER J 56 -63.34 -37.00 47.53
C SER J 56 -63.11 -35.57 48.04
N ASN J 57 -63.44 -34.58 47.23
CA ASN J 57 -63.19 -33.18 47.56
C ASN J 57 -64.50 -32.40 47.60
N GLN J 58 -64.63 -31.52 48.60
CA GLN J 58 -65.83 -30.73 48.80
C GLN J 58 -65.44 -29.29 49.06
N TYR J 59 -66.31 -28.36 48.66
CA TYR J 59 -66.13 -26.94 48.94
C TYR J 59 -67.46 -26.31 49.33
N TYR J 60 -67.39 -25.29 50.18
CA TYR J 60 -68.54 -24.55 50.65
C TYR J 60 -68.31 -23.05 50.44
N ALA J 61 -69.21 -22.25 51.02
CA ALA J 61 -69.12 -20.79 50.91
C ALA J 61 -68.57 -20.20 52.21
N ASP J 62 -68.49 -18.87 52.26
CA ASP J 62 -68.00 -18.18 53.45
C ASP J 62 -68.95 -18.27 54.62
N SER J 63 -70.24 -18.01 54.40
CA SER J 63 -71.25 -18.09 55.45
C SER J 63 -71.89 -19.47 55.53
N VAL J 64 -71.42 -20.43 54.74
CA VAL J 64 -72.00 -21.76 54.69
C VAL J 64 -71.09 -22.75 55.43
N LYS J 65 -69.79 -22.55 55.30
CA LYS J 65 -68.82 -23.47 55.90
C LYS J 65 -68.97 -23.50 57.42
N GLY J 66 -68.76 -24.68 58.00
CA GLY J 66 -68.90 -24.88 59.42
C GLY J 66 -70.24 -25.42 59.88
N ARG J 67 -71.27 -25.32 59.05
CA ARG J 67 -72.59 -25.81 59.42
C ARG J 67 -73.24 -26.72 58.38
N PHE J 68 -72.96 -26.55 57.09
CA PHE J 68 -73.59 -27.36 56.04
C PHE J 68 -72.62 -28.44 55.58
N THR J 69 -73.15 -29.64 55.38
CA THR J 69 -72.34 -30.78 54.95
C THR J 69 -72.97 -31.36 53.68
N ILE J 70 -72.13 -31.91 52.81
CA ILE J 70 -72.60 -32.50 51.57
C ILE J 70 -72.27 -33.98 51.57
N SER J 71 -73.03 -34.75 50.81
CA SER J 71 -72.78 -36.17 50.65
C SER J 71 -73.40 -36.64 49.35
N ARG J 72 -72.94 -37.78 48.85
CA ARG J 72 -73.45 -38.33 47.60
C ARG J 72 -73.32 -39.84 47.63
N ASP J 73 -74.04 -40.49 46.71
CA ASP J 73 -74.03 -41.94 46.60
C ASP J 73 -74.29 -42.34 45.16
N ASN J 74 -73.39 -43.17 44.61
CA ASN J 74 -73.50 -43.68 43.25
C ASN J 74 -74.41 -44.90 43.15
N SER J 75 -74.63 -45.62 44.25
CA SER J 75 -75.53 -46.77 44.20
C SER J 75 -76.96 -46.33 43.93
N LYS J 76 -77.39 -45.22 44.52
CA LYS J 76 -78.72 -44.67 44.32
C LYS J 76 -78.72 -43.48 43.37
N ASN J 77 -77.55 -43.07 42.85
CA ASN J 77 -77.44 -41.93 41.93
C ASN J 77 -78.04 -40.67 42.55
N THR J 78 -77.76 -40.45 43.83
CA THR J 78 -78.41 -39.36 44.55
C THR J 78 -77.44 -38.72 45.55
N LEU J 79 -77.55 -37.40 45.69
CA LEU J 79 -76.76 -36.68 46.67
C LEU J 79 -77.67 -35.93 47.64
N TYR J 80 -77.13 -35.70 48.84
CA TYR J 80 -77.82 -35.15 49.99
C TYR J 80 -77.03 -33.97 50.55
N LEU J 81 -77.75 -33.07 51.23
CA LEU J 81 -77.14 -31.93 51.90
C LEU J 81 -77.70 -31.87 53.32
N GLN J 82 -76.82 -32.07 54.29
CA GLN J 82 -77.16 -31.85 55.69
C GLN J 82 -77.03 -30.36 56.02
N MET J 83 -78.05 -29.84 56.71
CA MET J 83 -78.22 -28.40 56.86
C MET J 83 -78.65 -28.13 58.31
N ASN J 84 -77.79 -27.43 59.05
CA ASN J 84 -77.88 -27.32 60.50
C ASN J 84 -77.57 -25.90 60.97
N SER J 85 -77.72 -25.68 62.28
CA SER J 85 -77.47 -24.39 62.93
C SER J 85 -78.33 -23.29 62.31
N LEU J 86 -79.64 -23.41 62.51
CA LEU J 86 -80.60 -22.65 61.74
C LEU J 86 -80.85 -21.29 62.36
N ARG J 87 -80.52 -20.23 61.62
CA ARG J 87 -80.82 -18.87 62.04
C ARG J 87 -82.14 -18.41 61.42
N ALA J 88 -82.60 -17.24 61.86
CA ALA J 88 -83.88 -16.72 61.42
C ALA J 88 -83.81 -16.05 60.04
N ASP J 89 -82.62 -15.84 59.49
CA ASP J 89 -82.45 -15.18 58.20
C ASP J 89 -81.92 -16.11 57.13
N ASP J 90 -82.29 -17.40 57.18
CA ASP J 90 -81.80 -18.39 56.24
C ASP J 90 -82.87 -18.83 55.24
N THR J 91 -84.02 -18.14 55.22
CA THR J 91 -85.07 -18.49 54.26
C THR J 91 -84.65 -18.13 52.85
N ALA J 92 -84.78 -19.09 51.94
CA ALA J 92 -84.39 -18.91 50.55
C ALA J 92 -85.09 -19.97 49.70
N VAL J 93 -84.69 -20.05 48.44
CA VAL J 93 -85.19 -21.06 47.50
C VAL J 93 -83.97 -21.78 46.93
N TYR J 94 -83.78 -23.03 47.35
CA TYR J 94 -82.61 -23.80 46.96
C TYR J 94 -82.86 -24.57 45.67
N TYR J 95 -81.79 -24.83 44.93
CA TYR J 95 -81.83 -25.54 43.66
C TYR J 95 -80.65 -26.49 43.58
N CYS J 96 -80.84 -27.62 42.89
CA CYS J 96 -79.75 -28.54 42.64
C CYS J 96 -79.29 -28.42 41.19
N ALA J 97 -77.98 -28.28 41.00
CA ALA J 97 -77.43 -27.90 39.69
C ALA J 97 -76.42 -28.95 39.26
N ARG J 98 -75.78 -28.71 38.11
CA ARG J 98 -74.82 -29.63 37.54
C ARG J 98 -73.75 -28.82 36.80
N ASP J 99 -72.51 -29.30 36.84
CA ASP J 99 -71.42 -28.65 36.12
C ASP J 99 -71.42 -29.00 34.64
N LEU J 100 -71.00 -28.03 33.82
CA LEU J 100 -70.69 -28.29 32.43
C LEU J 100 -69.37 -29.03 32.33
N ALA J 101 -69.28 -29.97 31.38
CA ALA J 101 -68.08 -30.73 31.13
C ALA J 101 -67.59 -30.41 29.73
N ILE J 102 -66.46 -29.72 29.63
CA ILE J 102 -65.92 -29.34 28.34
C ILE J 102 -64.92 -30.40 27.90
N ALA J 103 -65.07 -30.90 26.68
CA ALA J 103 -64.20 -31.93 26.12
C ALA J 103 -63.30 -31.31 25.07
N VAL J 104 -62.01 -31.25 25.36
CA VAL J 104 -61.02 -30.72 24.44
C VAL J 104 -59.88 -31.72 24.32
N ALA J 105 -59.57 -32.12 23.07
CA ALA J 105 -58.47 -33.03 22.79
C ALA J 105 -58.60 -34.34 23.56
N GLY J 106 -59.82 -34.81 23.76
CA GLY J 106 -60.07 -36.03 24.49
C GLY J 106 -60.02 -35.91 26.00
N THR J 107 -59.92 -34.69 26.53
CA THR J 107 -59.85 -34.46 27.96
C THR J 107 -61.11 -33.73 28.43
N TRP J 108 -61.70 -34.22 29.52
CA TRP J 108 -62.89 -33.63 30.10
C TRP J 108 -62.50 -32.69 31.23
N HIS J 109 -63.20 -31.56 31.33
CA HIS J 109 -62.93 -30.55 32.34
C HIS J 109 -64.25 -30.07 32.95
N TYR J 110 -64.18 -29.61 34.19
CA TYR J 110 -65.33 -29.14 34.94
C TYR J 110 -65.16 -27.67 35.31
N TYR J 111 -66.08 -27.19 36.14
CA TYR J 111 -66.06 -25.82 36.68
C TYR J 111 -66.11 -24.80 35.53
N ASN J 112 -67.19 -24.88 34.75
CA ASN J 112 -67.35 -24.03 33.57
C ASN J 112 -68.73 -23.39 33.47
N GLY J 113 -69.64 -23.68 34.39
CA GLY J 113 -70.96 -23.08 34.36
C GLY J 113 -71.98 -24.05 34.93
N MET J 114 -73.25 -23.69 34.74
CA MET J 114 -74.37 -24.49 35.21
C MET J 114 -75.27 -24.79 34.02
N ASP J 115 -75.66 -26.06 33.85
CA ASP J 115 -76.50 -26.47 32.74
C ASP J 115 -77.87 -26.97 33.16
N VAL J 116 -77.93 -27.96 34.06
CA VAL J 116 -79.18 -28.62 34.42
C VAL J 116 -79.63 -28.10 35.78
N TRP J 117 -80.89 -27.68 35.85
CA TRP J 117 -81.48 -27.17 37.08
C TRP J 117 -82.76 -27.93 37.40
N GLY J 118 -83.00 -28.14 38.69
CA GLY J 118 -84.17 -28.84 39.16
C GLY J 118 -85.36 -27.91 39.36
N GLN J 119 -86.44 -28.48 39.90
CA GLN J 119 -87.65 -27.72 40.17
C GLN J 119 -87.41 -26.62 41.20
N GLY J 120 -86.79 -26.94 42.33
CA GLY J 120 -86.52 -25.96 43.36
C GLY J 120 -87.33 -26.19 44.62
N THR J 121 -86.71 -25.97 45.78
CA THR J 121 -87.37 -26.15 47.07
C THR J 121 -87.32 -24.84 47.85
N THR J 122 -88.48 -24.34 48.26
CA THR J 122 -88.55 -23.11 49.05
C THR J 122 -88.37 -23.49 50.51
N VAL J 123 -87.20 -23.20 51.05
CA VAL J 123 -86.85 -23.55 52.43
C VAL J 123 -87.00 -22.31 53.29
N THR J 124 -87.80 -22.41 54.34
CA THR J 124 -88.12 -21.28 55.18
C THR J 124 -87.93 -21.64 56.65
N VAL J 125 -87.62 -20.63 57.45
CA VAL J 125 -87.44 -20.77 58.89
C VAL J 125 -88.21 -19.66 59.58
N SER J 126 -88.83 -19.98 60.72
CA SER J 126 -89.62 -19.00 61.46
C SER J 126 -89.56 -19.36 62.94
N SER J 127 -90.26 -18.59 63.77
CA SER J 127 -90.27 -18.81 65.20
C SER J 127 -91.69 -18.80 65.74
N ASP K 1 -61.62 -12.77 47.11
CA ASP K 1 -63.04 -12.88 46.85
C ASP K 1 -63.48 -11.79 45.87
N ILE K 2 -63.62 -12.16 44.59
CA ILE K 2 -63.94 -11.19 43.56
C ILE K 2 -65.37 -10.70 43.73
N GLN K 3 -65.54 -9.38 43.72
CA GLN K 3 -66.85 -8.75 43.71
C GLN K 3 -67.21 -8.46 42.25
N MET K 4 -68.35 -8.97 41.81
CA MET K 4 -68.64 -9.12 40.39
C MET K 4 -69.94 -8.40 40.08
N THR K 5 -69.89 -7.41 39.18
CA THR K 5 -70.97 -6.43 39.03
C THR K 5 -71.60 -6.55 37.65
N GLN K 6 -72.89 -6.20 37.56
CA GLN K 6 -73.64 -6.20 36.31
C GLN K 6 -74.47 -4.92 36.23
N SER K 7 -74.58 -4.36 35.02
CA SER K 7 -75.37 -3.16 34.77
C SER K 7 -76.03 -3.25 33.42
N PRO K 8 -77.17 -2.57 33.22
CA PRO K 8 -77.92 -1.76 34.19
C PRO K 8 -78.93 -2.57 35.00
N SER K 9 -79.89 -1.89 35.61
CA SER K 9 -80.90 -2.54 36.43
C SER K 9 -82.32 -2.42 35.89
N SER K 10 -82.57 -1.55 34.92
CA SER K 10 -83.92 -1.38 34.40
C SER K 10 -83.86 -0.78 33.01
N VAL K 11 -84.22 -1.57 32.00
CA VAL K 11 -84.35 -1.11 30.61
C VAL K 11 -85.64 -1.69 30.05
N SER K 12 -86.15 -1.04 29.01
CA SER K 12 -87.41 -1.47 28.40
C SER K 12 -87.32 -1.35 26.89
N ALA K 13 -87.84 -2.35 26.19
CA ALA K 13 -87.87 -2.37 24.73
C ALA K 13 -88.83 -3.48 24.30
N SER K 14 -89.30 -3.39 23.06
CA SER K 14 -90.28 -4.33 22.54
C SER K 14 -89.97 -4.73 21.11
N VAL K 15 -90.09 -6.03 20.84
CA VAL K 15 -89.98 -6.61 19.50
C VAL K 15 -88.65 -6.23 18.86
N GLY K 16 -88.69 -5.28 17.93
CA GLY K 16 -87.53 -4.94 17.14
C GLY K 16 -86.63 -3.88 17.74
N ASP K 17 -85.92 -4.22 18.81
CA ASP K 17 -84.99 -3.31 19.45
C ASP K 17 -83.74 -4.08 19.86
N ARG K 18 -82.59 -3.39 19.81
CA ARG K 18 -81.32 -3.97 20.19
C ARG K 18 -80.86 -3.34 21.50
N VAL K 19 -80.49 -4.18 22.47
CA VAL K 19 -80.12 -3.71 23.80
C VAL K 19 -78.75 -4.24 24.16
N ILE K 20 -78.11 -3.56 25.11
CA ILE K 20 -76.74 -3.82 25.52
C ILE K 20 -76.68 -3.89 27.04
N ILE K 21 -75.99 -4.91 27.56
CA ILE K 21 -75.80 -5.09 28.99
C ILE K 21 -74.30 -5.19 29.26
N THR K 22 -73.81 -4.39 30.20
CA THR K 22 -72.40 -4.37 30.56
C THR K 22 -72.21 -5.18 31.85
N CYS K 23 -71.06 -5.83 31.97
CA CYS K 23 -70.81 -6.64 33.16
C CYS K 23 -69.32 -6.65 33.45
N ARG K 24 -68.95 -6.40 34.71
CA ARG K 24 -67.58 -6.12 35.10
C ARG K 24 -67.12 -7.07 36.18
N ALA K 25 -65.85 -7.48 36.11
CA ALA K 25 -65.20 -8.28 37.13
C ALA K 25 -64.10 -7.47 37.81
N SER K 26 -63.99 -7.63 39.13
CA SER K 26 -62.98 -6.90 39.89
C SER K 26 -61.56 -7.27 39.46
N GLN K 27 -61.28 -8.57 39.26
CA GLN K 27 -59.97 -9.00 38.80
C GLN K 27 -60.03 -9.39 37.32
N GLY K 28 -58.91 -9.91 36.80
CA GLY K 28 -58.90 -10.41 35.44
C GLY K 28 -59.29 -11.87 35.37
N ILE K 29 -60.55 -12.14 35.04
CA ILE K 29 -61.06 -13.51 34.97
C ILE K 29 -60.94 -14.08 33.57
N SER K 30 -60.34 -13.33 32.64
CA SER K 30 -60.24 -13.73 31.23
C SER K 30 -61.62 -14.02 30.66
N SER K 31 -61.71 -15.00 29.77
CA SER K 31 -62.96 -15.32 29.08
C SER K 31 -63.70 -16.44 29.80
N TRP K 32 -64.02 -16.20 31.06
CA TRP K 32 -64.82 -17.13 31.87
C TRP K 32 -66.01 -16.35 32.44
N LEU K 33 -67.08 -16.27 31.66
CA LEU K 33 -68.31 -15.64 32.14
C LEU K 33 -69.49 -16.48 31.68
N ALA K 34 -70.52 -16.54 32.53
CA ALA K 34 -71.73 -17.28 32.22
C ALA K 34 -72.92 -16.34 32.32
N TRP K 35 -73.73 -16.34 31.26
CA TRP K 35 -74.93 -15.52 31.19
C TRP K 35 -76.16 -16.41 31.34
N TYR K 36 -77.11 -15.93 32.14
CA TYR K 36 -78.34 -16.67 32.43
C TYR K 36 -79.54 -15.78 32.16
N GLN K 37 -80.72 -16.39 32.16
CA GLN K 37 -81.97 -15.67 31.97
C GLN K 37 -83.03 -16.34 32.82
N GLN K 38 -83.40 -15.70 33.93
CA GLN K 38 -84.25 -16.32 34.94
C GLN K 38 -85.64 -15.70 34.87
N LYS K 39 -86.64 -16.55 34.64
CA LYS K 39 -88.03 -16.12 34.70
C LYS K 39 -88.45 -15.95 36.15
N PRO K 40 -89.46 -15.11 36.41
CA PRO K 40 -89.89 -14.88 37.81
C PRO K 40 -90.33 -16.14 38.53
N GLY K 41 -90.94 -17.09 37.84
CA GLY K 41 -91.42 -18.30 38.49
C GLY K 41 -90.78 -19.57 37.98
N LYS K 42 -89.62 -19.46 37.33
CA LYS K 42 -88.92 -20.60 36.78
C LYS K 42 -87.44 -20.47 37.09
N ALA K 43 -86.75 -21.61 37.10
CA ALA K 43 -85.33 -21.63 37.42
C ALA K 43 -84.51 -20.99 36.31
N PRO K 44 -83.36 -20.41 36.63
CA PRO K 44 -82.52 -19.80 35.60
C PRO K 44 -81.95 -20.84 34.64
N LYS K 45 -81.69 -20.39 33.41
CA LYS K 45 -81.14 -21.24 32.37
C LYS K 45 -79.93 -20.55 31.75
N VAL K 46 -78.90 -21.33 31.42
CA VAL K 46 -77.67 -20.77 30.87
C VAL K 46 -77.88 -20.43 29.40
N LEU K 47 -77.29 -19.33 28.96
CA LEU K 47 -77.33 -18.89 27.57
C LEU K 47 -75.95 -18.88 26.92
N ILE K 48 -74.96 -18.26 27.56
CA ILE K 48 -73.61 -18.12 27.03
C ILE K 48 -72.64 -18.60 28.09
N TYR K 49 -71.76 -19.53 27.73
CA TYR K 49 -70.71 -20.02 28.61
C TYR K 49 -69.35 -19.86 27.91
N ASP K 50 -68.30 -19.79 28.73
CA ASP K 50 -66.94 -19.53 28.30
C ASP K 50 -66.78 -18.16 27.64
N ALA K 51 -67.75 -17.26 27.85
CA ALA K 51 -67.72 -15.87 27.40
C ALA K 51 -67.80 -15.72 25.88
N SER K 52 -67.79 -16.84 25.15
CA SER K 52 -67.96 -16.79 23.70
C SER K 52 -68.93 -17.82 23.16
N SER K 53 -69.12 -18.97 23.81
CA SER K 53 -69.96 -20.02 23.27
C SER K 53 -71.44 -19.75 23.58
N LEU K 54 -72.30 -20.45 22.85
CA LEU K 54 -73.75 -20.39 23.05
C LEU K 54 -74.27 -21.81 23.17
N GLN K 55 -75.09 -22.06 24.20
CA GLN K 55 -75.57 -23.40 24.47
C GLN K 55 -76.42 -23.93 23.33
N SER K 56 -76.22 -25.20 22.97
CA SER K 56 -76.95 -25.82 21.88
C SER K 56 -78.44 -25.85 22.16
N GLY K 57 -79.21 -25.08 21.38
CA GLY K 57 -80.64 -24.95 21.56
C GLY K 57 -81.12 -23.54 21.78
N VAL K 58 -80.30 -22.69 22.41
CA VAL K 58 -80.66 -21.29 22.62
C VAL K 58 -80.76 -20.58 21.27
N PRO K 59 -81.75 -19.73 21.04
CA PRO K 59 -81.81 -18.98 19.78
C PRO K 59 -80.59 -18.09 19.61
N SER K 60 -80.14 -17.96 18.36
CA SER K 60 -78.93 -17.22 18.03
C SER K 60 -79.10 -15.71 18.13
N ARG K 61 -80.25 -15.22 18.60
CA ARG K 61 -80.46 -13.79 18.74
C ARG K 61 -79.48 -13.18 19.74
N PHE K 62 -79.27 -13.84 20.88
CA PHE K 62 -78.31 -13.36 21.86
C PHE K 62 -76.88 -13.51 21.34
N SER K 63 -76.05 -12.52 21.67
CA SER K 63 -74.65 -12.54 21.26
C SER K 63 -73.85 -11.75 22.28
N GLY K 64 -72.75 -12.35 22.75
CA GLY K 64 -71.91 -11.71 23.74
C GLY K 64 -70.46 -12.13 23.57
N SER K 65 -69.56 -11.23 23.94
CA SER K 65 -68.13 -11.49 23.84
C SER K 65 -67.41 -10.68 24.90
N GLY K 66 -66.20 -11.12 25.23
CA GLY K 66 -65.40 -10.42 26.21
C GLY K 66 -64.21 -11.25 26.63
N TYR K 67 -63.21 -10.54 27.18
CA TYR K 67 -62.00 -11.18 27.68
C TYR K 67 -61.38 -10.26 28.71
N GLY K 68 -61.19 -10.76 29.92
CA GLY K 68 -60.56 -9.99 30.96
C GLY K 68 -61.51 -9.39 31.98
N THR K 69 -61.76 -8.09 31.88
CA THR K 69 -62.53 -7.35 32.87
C THR K 69 -63.95 -7.02 32.42
N ASP K 70 -64.11 -6.37 31.27
CA ASP K 70 -65.41 -5.93 30.80
C ASP K 70 -66.02 -6.94 29.85
N PHE K 71 -67.34 -7.10 29.91
CA PHE K 71 -68.07 -8.01 29.06
C PHE K 71 -69.35 -7.35 28.61
N THR K 72 -69.76 -7.64 27.39
CA THR K 72 -70.93 -7.01 26.79
C THR K 72 -71.84 -8.09 26.22
N LEU K 73 -73.12 -8.00 26.58
CA LEU K 73 -74.15 -8.87 26.02
C LEU K 73 -75.07 -8.02 25.15
N THR K 74 -75.18 -8.39 23.87
CA THR K 74 -75.97 -7.66 22.90
C THR K 74 -77.14 -8.52 22.43
N ILE K 75 -78.34 -7.97 22.54
CA ILE K 75 -79.56 -8.64 22.06
C ILE K 75 -80.09 -7.85 20.87
N SER K 76 -80.07 -8.48 19.70
CA SER K 76 -80.47 -7.80 18.47
C SER K 76 -81.96 -7.49 18.46
N SER K 77 -82.79 -8.45 18.86
CA SER K 77 -84.23 -8.28 18.87
C SER K 77 -84.77 -8.77 20.20
N LEU K 78 -85.52 -7.90 20.89
CA LEU K 78 -86.14 -8.26 22.16
C LEU K 78 -87.57 -8.72 21.90
N GLN K 79 -87.69 -9.97 21.47
CA GLN K 79 -89.00 -10.56 21.25
C GLN K 79 -89.74 -10.68 22.58
N PRO K 80 -91.08 -10.61 22.55
CA PRO K 80 -91.83 -10.55 23.81
C PRO K 80 -91.91 -11.89 24.54
N GLU K 81 -90.76 -12.56 24.69
CA GLU K 81 -90.66 -13.75 25.53
C GLU K 81 -89.35 -13.76 26.32
N ASP K 82 -88.64 -12.63 26.37
CA ASP K 82 -87.35 -12.55 27.03
C ASP K 82 -87.39 -11.54 28.17
N SER K 83 -88.58 -11.23 28.66
CA SER K 83 -88.76 -10.29 29.75
C SER K 83 -88.44 -11.02 31.06
N ALA K 84 -87.15 -11.22 31.30
CA ALA K 84 -86.69 -11.97 32.46
C ALA K 84 -85.47 -11.26 33.03
N THR K 85 -84.77 -11.94 33.94
CA THR K 85 -83.63 -11.38 34.66
C THR K 85 -82.34 -12.09 34.24
N TYR K 86 -81.25 -11.33 34.18
CA TYR K 86 -79.96 -11.83 33.74
C TYR K 86 -78.94 -11.72 34.87
N TYR K 87 -78.16 -12.77 35.05
CA TYR K 87 -77.10 -12.82 36.06
C TYR K 87 -75.78 -13.23 35.43
N CYS K 88 -74.72 -12.56 35.84
CA CYS K 88 -73.36 -12.94 35.45
C CYS K 88 -72.81 -13.95 36.45
N GLN K 89 -71.66 -14.55 36.10
CA GLN K 89 -71.00 -15.50 36.99
C GLN K 89 -69.58 -15.70 36.52
N GLN K 90 -68.62 -15.50 37.41
CA GLN K 90 -67.21 -15.72 37.13
C GLN K 90 -66.78 -17.10 37.63
N ALA K 91 -66.04 -17.82 36.78
CA ALA K 91 -65.63 -19.18 37.08
C ALA K 91 -64.12 -19.30 37.26
N LYS K 92 -63.48 -18.25 37.78
CA LYS K 92 -62.03 -18.33 38.01
C LYS K 92 -61.70 -19.34 39.10
N SER K 93 -62.37 -19.24 40.25
CA SER K 93 -62.16 -20.17 41.35
C SER K 93 -63.27 -19.98 42.36
N PHE K 94 -63.20 -20.76 43.44
CA PHE K 94 -64.13 -20.69 44.56
C PHE K 94 -63.83 -19.45 45.42
N PRO K 95 -64.87 -18.79 45.97
CA PRO K 95 -66.27 -19.15 45.78
C PRO K 95 -66.87 -18.59 44.48
N ILE K 96 -67.89 -19.26 43.94
CA ILE K 96 -68.57 -18.77 42.76
C ILE K 96 -69.44 -17.58 43.14
N THR K 97 -69.33 -16.50 42.37
CA THR K 97 -70.07 -15.27 42.62
C THR K 97 -71.00 -14.99 41.45
N PHE K 98 -72.25 -14.67 41.75
CA PHE K 98 -73.22 -14.28 40.75
C PHE K 98 -73.32 -12.75 40.68
N GLY K 99 -74.04 -12.27 39.66
CA GLY K 99 -74.25 -10.85 39.49
C GLY K 99 -75.37 -10.32 40.38
N GLN K 100 -75.50 -8.99 40.37
CA GLN K 100 -76.57 -8.35 41.14
C GLN K 100 -77.94 -8.51 40.50
N GLY K 101 -78.00 -8.65 39.17
CA GLY K 101 -79.25 -8.86 38.49
C GLY K 101 -79.63 -7.67 37.60
N THR K 102 -80.23 -7.99 36.46
CA THR K 102 -80.72 -6.99 35.52
C THR K 102 -82.13 -7.40 35.10
N ARG K 103 -83.07 -6.47 35.19
CA ARG K 103 -84.47 -6.74 34.89
C ARG K 103 -84.85 -6.10 33.56
N LEU K 104 -85.54 -6.87 32.72
CA LEU K 104 -85.99 -6.41 31.42
C LEU K 104 -87.49 -6.12 31.45
N GLU K 105 -87.90 -5.21 30.58
CA GLU K 105 -89.31 -4.81 30.47
C GLU K 105 -89.67 -4.74 28.99
N ILE K 106 -90.95 -4.51 28.71
CA ILE K 106 -91.46 -4.40 27.35
C ILE K 106 -92.08 -3.01 27.22
N LYS K 107 -91.64 -2.26 26.20
CA LYS K 107 -92.14 -0.91 25.99
C LYS K 107 -93.29 -0.90 24.99
#